data_8XGF
#
_entry.id   8XGF
#
_cell.length_a   1.00
_cell.length_b   1.00
_cell.length_c   1.00
_cell.angle_alpha   90.00
_cell.angle_beta   90.00
_cell.angle_gamma   90.00
#
_symmetry.space_group_name_H-M   'P 1'
#
loop_
_entity.id
_entity.type
_entity.pdbx_description
1 polymer 'Gap junction delta-2 protein'
2 non-polymer 1,2-DIMYRISTOYL-RAC-GLYCERO-3-PHOSPHOCHOLINE
3 non-polymer 'ARACHIDONIC ACID'
#
_entity_poly.entity_id   1
_entity_poly.type   'polypeptide(L)'
_entity_poly.pdbx_seq_one_letter_code
;MGEWTILERLLEAAVQQHSTMIGRILLTVVVIFRILIVAIVGETVYDDEQTMFVCNTLQPGCNQACYDRAFPISHIRYWV
FQIIMVCTPSLCFITYSVHQSAKQRERRYSTVFLALDRDPPESIGGPGGTGGGGSGGGKREDKKLQNAIVNGVLQNTENT
SKETEPDCLEVKELTPHPSGLRTASKSKLRRQEGISRFYIIQVVFRNALEIGFLVGQYFLYGFSVPGLYECNRYPCIKEV
ECYVSRPTEKTVFLVFMFAVSGICVVLNLAELNHLGWRKIKLAVRGAQAKRKSIYEIRNKDLPRVSVPNFGRTQSSDSAY
VSRDYKDDDDK
;
_entity_poly.pdbx_strand_id   A,J,B,C,D,E,F,G,H,I,K,L
#
loop_
_chem_comp.id
_chem_comp.type
_chem_comp.name
_chem_comp.formula
ACD non-polymer 'ARACHIDONIC ACID' 'C20 H32 O2'
MC3 non-polymer 1,2-DIMYRISTOYL-RAC-GLYCERO-3-PHOSPHOCHOLINE 'C36 H72 N O8 P'
#
# COMPACT_ATOMS: atom_id res chain seq x y z
N MET A 21 33.91 2.45 58.48
CA MET A 21 34.85 3.23 57.68
C MET A 21 34.73 2.85 56.21
N ILE A 22 34.97 1.58 55.91
CA ILE A 22 34.85 1.11 54.53
C ILE A 22 33.41 1.22 54.04
N GLY A 23 32.45 1.21 54.96
CA GLY A 23 31.06 1.28 54.55
C GLY A 23 30.73 2.55 53.78
N ARG A 24 31.25 3.68 54.23
CA ARG A 24 31.01 4.94 53.53
C ARG A 24 31.58 4.90 52.12
N ILE A 25 32.80 4.37 51.97
CA ILE A 25 33.43 4.28 50.67
C ILE A 25 32.60 3.39 49.74
N LEU A 26 32.18 2.23 50.25
CA LEU A 26 31.36 1.34 49.44
C LEU A 26 30.04 1.99 49.05
N LEU A 27 29.40 2.71 49.97
CA LEU A 27 28.13 3.36 49.66
C LEU A 27 28.32 4.40 48.56
N THR A 28 29.37 5.22 48.67
CA THR A 28 29.61 6.24 47.65
C THR A 28 29.89 5.59 46.30
N VAL A 29 30.71 4.53 46.30
CA VAL A 29 31.03 3.85 45.05
C VAL A 29 29.78 3.28 44.41
N VAL A 30 28.91 2.66 45.22
CA VAL A 30 27.69 2.06 44.69
C VAL A 30 26.78 3.13 44.12
N VAL A 31 26.65 4.27 44.82
CA VAL A 31 25.78 5.33 44.35
C VAL A 31 26.27 5.87 43.01
N ILE A 32 27.58 6.12 42.91
CA ILE A 32 28.12 6.66 41.66
C ILE A 32 27.99 5.64 40.54
N PHE A 33 28.22 4.36 40.84
CA PHE A 33 28.07 3.31 39.84
C PHE A 33 26.64 3.24 39.32
N ARG A 34 25.66 3.30 40.23
CA ARG A 34 24.26 3.26 39.82
C ARG A 34 23.93 4.46 38.93
N ILE A 35 24.39 5.65 39.34
CA ILE A 35 24.08 6.86 38.58
C ILE A 35 24.67 6.75 37.17
N LEU A 36 25.93 6.32 37.08
CA LEU A 36 26.57 6.21 35.77
C LEU A 36 25.87 5.18 34.89
N ILE A 37 25.53 4.02 35.46
CA ILE A 37 24.88 2.97 34.68
C ILE A 37 23.54 3.47 34.15
N VAL A 38 22.76 4.14 35.00
CA VAL A 38 21.46 4.64 34.55
C VAL A 38 21.64 5.70 33.47
N ALA A 39 22.61 6.61 33.66
CA ALA A 39 22.74 7.74 32.75
C ALA A 39 23.24 7.33 31.37
N ILE A 40 24.32 6.53 31.33
CA ILE A 40 25.01 6.31 30.06
C ILE A 40 24.21 5.42 29.12
N VAL A 41 23.72 4.28 29.60
CA VAL A 41 23.20 3.24 28.72
C VAL A 41 21.69 3.04 28.85
N GLY A 42 21.08 3.49 29.95
CA GLY A 42 19.67 3.22 30.18
C GLY A 42 18.73 3.84 29.17
N GLU A 43 19.05 5.02 28.66
CA GLU A 43 18.13 5.80 27.84
C GLU A 43 18.13 5.38 26.37
N THR A 44 18.68 4.21 26.05
CA THR A 44 18.68 3.71 24.67
C THR A 44 17.92 2.41 24.50
N VAL A 45 17.79 1.59 25.54
CA VAL A 45 16.99 0.37 25.43
C VAL A 45 15.53 0.70 25.20
N TYR A 46 15.02 1.73 25.87
CA TYR A 46 13.62 2.10 25.82
C TYR A 46 13.31 3.15 24.76
N ASP A 47 14.24 3.42 23.84
CA ASP A 47 14.03 4.47 22.85
C ASP A 47 12.85 4.14 21.94
N ASP A 48 12.75 2.90 21.47
CA ASP A 48 11.69 2.47 20.57
C ASP A 48 10.63 1.62 21.28
N GLU A 49 10.31 1.96 22.52
CA GLU A 49 9.37 1.15 23.28
C GLU A 49 8.01 1.07 22.61
N GLN A 50 7.50 2.21 22.12
CA GLN A 50 6.16 2.26 21.56
C GLN A 50 6.13 2.09 20.05
N THR A 51 7.23 2.39 19.36
CA THR A 51 7.24 2.26 17.91
C THR A 51 7.22 0.81 17.48
N MET A 52 7.79 -0.09 18.29
CA MET A 52 7.87 -1.51 17.96
C MET A 52 6.83 -2.34 18.69
N PHE A 53 5.85 -1.69 19.33
CA PHE A 53 4.76 -2.39 20.00
C PHE A 53 3.63 -2.62 18.99
N VAL A 54 3.29 -3.88 18.76
CA VAL A 54 2.33 -4.25 17.73
C VAL A 54 1.25 -5.14 18.34
N CYS A 55 0.01 -4.93 17.92
CA CYS A 55 -1.12 -5.75 18.32
C CYS A 55 -1.77 -6.35 17.09
N ASN A 56 -2.42 -7.50 17.28
CA ASN A 56 -3.03 -8.25 16.18
C ASN A 56 -4.49 -7.81 16.05
N THR A 57 -4.70 -6.76 15.27
CA THR A 57 -6.03 -6.22 15.07
C THR A 57 -6.01 -5.21 13.93
N LEU A 58 -7.20 -4.79 13.51
CA LEU A 58 -7.37 -3.77 12.48
C LEU A 58 -8.01 -2.50 13.02
N GLN A 59 -8.46 -2.51 14.28
CA GLN A 59 -9.18 -1.39 14.86
C GLN A 59 -8.24 -0.23 15.14
N PRO A 60 -8.50 0.96 14.61
CA PRO A 60 -7.67 2.12 14.99
C PRO A 60 -7.80 2.43 16.47
N GLY A 61 -6.69 2.84 17.07
CA GLY A 61 -6.67 3.25 18.46
C GLY A 61 -6.47 2.14 19.47
N CYS A 62 -6.39 0.88 19.02
CA CYS A 62 -6.18 -0.22 19.95
C CYS A 62 -4.73 -0.27 20.42
N ASN A 63 -3.79 0.09 19.55
CA ASN A 63 -2.38 0.05 19.93
C ASN A 63 -2.08 1.01 21.07
N GLN A 64 -2.59 2.24 20.98
CA GLN A 64 -2.33 3.23 22.02
C GLN A 64 -2.89 2.78 23.36
N ALA A 65 -4.16 2.34 23.37
CA ALA A 65 -4.79 1.91 24.61
C ALA A 65 -4.06 0.72 25.22
N CYS A 66 -3.70 -0.27 24.39
CA CYS A 66 -3.06 -1.46 24.91
C CYS A 66 -1.66 -1.16 25.42
N TYR A 67 -0.91 -0.29 24.73
CA TYR A 67 0.40 0.10 25.22
C TYR A 67 0.29 0.86 26.54
N ASP A 68 -0.70 1.75 26.66
CA ASP A 68 -0.84 2.51 27.90
C ASP A 68 -1.26 1.60 29.05
N ARG A 69 -2.07 0.58 28.77
CA ARG A 69 -2.45 -0.35 29.83
C ARG A 69 -1.30 -1.26 30.23
N ALA A 70 -0.48 -1.70 29.26
CA ALA A 70 0.63 -2.60 29.58
C ALA A 70 1.71 -1.87 30.36
N PHE A 71 2.07 -0.65 29.95
CA PHE A 71 3.19 0.09 30.52
C PHE A 71 2.71 1.49 30.91
N PRO A 72 2.05 1.63 32.06
CA PRO A 72 1.59 2.96 32.48
C PRO A 72 2.71 3.96 32.63
N ILE A 73 3.83 3.52 33.22
CA ILE A 73 5.00 4.36 33.42
C ILE A 73 6.23 3.56 33.02
N SER A 74 7.13 4.20 32.27
CA SER A 74 8.36 3.52 31.85
C SER A 74 9.31 3.33 33.02
N HIS A 75 10.13 2.29 32.92
CA HIS A 75 11.07 2.00 34.01
C HIS A 75 12.09 3.11 34.19
N ILE A 76 12.59 3.66 33.08
CA ILE A 76 13.66 4.65 33.16
C ILE A 76 13.18 5.91 33.88
N ARG A 77 11.93 6.32 33.64
CA ARG A 77 11.38 7.47 34.33
C ARG A 77 11.37 7.24 35.84
N TYR A 78 10.90 6.07 36.27
CA TYR A 78 10.87 5.74 37.68
C TYR A 78 12.28 5.74 38.28
N TRP A 79 13.25 5.16 37.58
CA TRP A 79 14.60 5.09 38.11
C TRP A 79 15.23 6.47 38.21
N VAL A 80 14.98 7.34 37.22
CA VAL A 80 15.52 8.70 37.28
C VAL A 80 14.92 9.45 38.46
N PHE A 81 13.60 9.32 38.64
CA PHE A 81 12.95 10.00 39.76
C PHE A 81 13.51 9.49 41.08
N GLN A 82 13.71 8.18 41.22
CA GLN A 82 14.25 7.63 42.44
C GLN A 82 15.66 8.15 42.71
N ILE A 83 16.49 8.18 41.66
CA ILE A 83 17.86 8.65 41.81
C ILE A 83 17.87 10.10 42.29
N ILE A 84 17.04 10.94 41.69
CA ILE A 84 17.03 12.35 42.08
C ILE A 84 16.48 12.52 43.48
N MET A 85 15.47 11.72 43.85
CA MET A 85 14.82 11.90 45.14
C MET A 85 15.69 11.42 46.30
N VAL A 86 16.47 10.35 46.10
CA VAL A 86 17.25 9.79 47.21
C VAL A 86 18.48 10.61 47.55
N CYS A 87 18.70 11.75 46.91
CA CYS A 87 19.89 12.58 47.16
C CYS A 87 19.53 14.00 47.59
N THR A 88 18.32 14.22 48.10
CA THR A 88 17.91 15.55 48.56
C THR A 88 18.50 15.89 49.93
N PRO A 89 18.51 14.96 50.88
CA PRO A 89 19.03 15.30 52.22
C PRO A 89 20.47 15.80 52.19
N SER A 90 21.31 15.24 51.32
CA SER A 90 22.67 15.74 51.21
C SER A 90 22.70 17.20 50.77
N LEU A 91 21.85 17.55 49.79
CA LEU A 91 21.77 18.94 49.36
C LEU A 91 21.30 19.84 50.48
N CYS A 92 20.30 19.40 51.25
CA CYS A 92 19.81 20.20 52.37
C CYS A 92 20.92 20.43 53.39
N PHE A 93 21.66 19.37 53.72
CA PHE A 93 22.75 19.50 54.69
C PHE A 93 23.82 20.45 54.18
N ILE A 94 24.18 20.33 52.90
CA ILE A 94 25.21 21.20 52.34
C ILE A 94 24.76 22.65 52.38
N THR A 95 23.49 22.91 52.03
CA THR A 95 22.99 24.28 52.06
C THR A 95 22.99 24.83 53.47
N TYR A 96 22.57 24.03 54.45
CA TYR A 96 22.60 24.49 55.84
C TYR A 96 24.02 24.79 56.28
N SER A 97 24.97 23.93 55.92
CA SER A 97 26.36 24.16 56.29
C SER A 97 26.89 25.45 55.66
N VAL A 98 26.56 25.69 54.39
CA VAL A 98 27.02 26.90 53.72
C VAL A 98 26.43 28.13 54.40
N HIS A 99 25.14 28.08 54.75
CA HIS A 99 24.53 29.20 55.45
C HIS A 99 25.17 29.42 56.82
N GLN A 100 25.48 28.35 57.53
CA GLN A 100 26.13 28.44 58.84
C GLN A 100 27.42 29.24 58.74
N SER A 196 24.87 17.69 65.19
CA SER A 196 24.85 16.26 64.92
C SER A 196 23.42 15.76 64.74
N ARG A 197 22.46 16.56 65.21
CA ARG A 197 21.05 16.20 65.05
C ARG A 197 20.67 16.09 63.57
N PHE A 198 21.13 17.04 62.76
CA PHE A 198 20.84 17.01 61.33
C PHE A 198 21.33 15.71 60.71
N TYR A 199 22.49 15.22 61.15
CA TYR A 199 23.03 13.97 60.63
C TYR A 199 22.06 12.82 60.87
N ILE A 200 21.57 12.70 62.10
CA ILE A 200 20.66 11.61 62.45
C ILE A 200 19.37 11.73 61.64
N ILE A 201 18.82 12.94 61.56
CA ILE A 201 17.56 13.12 60.85
C ILE A 201 17.71 12.76 59.39
N GLN A 202 18.80 13.23 58.75
CA GLN A 202 18.98 12.94 57.33
C GLN A 202 19.25 11.46 57.10
N VAL A 203 19.96 10.79 58.00
CA VAL A 203 20.18 9.35 57.85
C VAL A 203 18.85 8.61 57.90
N VAL A 204 18.00 8.96 58.86
CA VAL A 204 16.70 8.31 58.99
C VAL A 204 15.86 8.56 57.73
N PHE A 205 15.86 9.81 57.25
CA PHE A 205 15.09 10.13 56.05
C PHE A 205 15.58 9.34 54.84
N ARG A 206 16.91 9.24 54.68
CA ARG A 206 17.46 8.48 53.56
C ARG A 206 17.06 7.01 53.64
N ASN A 207 17.16 6.42 54.83
CA ASN A 207 16.78 5.01 54.97
C ASN A 207 15.32 4.80 54.60
N ALA A 208 14.43 5.67 55.11
CA ALA A 208 13.02 5.53 54.81
C ALA A 208 12.75 5.67 53.32
N LEU A 209 13.39 6.66 52.68
CA LEU A 209 13.18 6.87 51.25
C LEU A 209 13.62 5.65 50.44
N GLU A 210 14.80 5.11 50.76
CA GLU A 210 15.30 3.96 50.02
C GLU A 210 14.39 2.76 50.18
N ILE A 211 13.96 2.47 51.42
CA ILE A 211 13.09 1.32 51.63
C ILE A 211 11.78 1.50 50.89
N GLY A 212 11.18 2.69 50.97
CA GLY A 212 9.93 2.93 50.28
C GLY A 212 10.05 2.76 48.79
N PHE A 213 11.13 3.29 48.21
CA PHE A 213 11.30 3.19 46.76
C PHE A 213 11.51 1.73 46.33
N LEU A 214 12.27 0.96 47.12
CA LEU A 214 12.46 -0.45 46.77
C LEU A 214 11.13 -1.19 46.80
N VAL A 215 10.34 -1.02 47.85
CA VAL A 215 9.05 -1.71 47.94
C VAL A 215 8.13 -1.27 46.81
N GLY A 216 8.14 0.04 46.50
CA GLY A 216 7.30 0.51 45.41
C GLY A 216 7.68 -0.07 44.07
N GLN A 217 8.99 -0.17 43.79
CA GLN A 217 9.43 -0.80 42.55
C GLN A 217 8.94 -2.25 42.48
N TYR A 218 9.10 -2.99 43.59
CA TYR A 218 8.67 -4.38 43.59
C TYR A 218 7.18 -4.48 43.30
N PHE A 219 6.37 -3.67 43.98
CA PHE A 219 4.93 -3.75 43.79
C PHE A 219 4.48 -3.26 42.42
N LEU A 220 5.27 -2.37 41.80
CA LEU A 220 4.86 -1.83 40.49
C LEU A 220 5.21 -2.78 39.35
N TYR A 221 6.46 -3.25 39.30
CA TYR A 221 6.95 -3.94 38.10
C TYR A 221 7.12 -5.44 38.26
N GLY A 222 7.61 -5.92 39.39
CA GLY A 222 7.83 -7.34 39.56
C GLY A 222 9.26 -7.75 39.27
N PHE A 223 9.45 -8.91 38.63
CA PHE A 223 10.77 -9.45 38.38
C PHE A 223 11.01 -9.83 36.92
N SER A 224 10.01 -9.76 36.06
CA SER A 224 10.19 -10.16 34.67
C SER A 224 9.23 -9.36 33.78
N VAL A 225 9.60 -9.27 32.51
CA VAL A 225 8.79 -8.61 31.49
C VAL A 225 8.36 -9.67 30.46
N PRO A 226 7.10 -10.10 30.45
CA PRO A 226 6.68 -11.13 29.49
C PRO A 226 6.65 -10.60 28.07
N GLY A 227 6.77 -11.53 27.12
CA GLY A 227 6.76 -11.18 25.72
C GLY A 227 5.40 -11.07 25.09
N LEU A 228 4.35 -11.43 25.82
CA LEU A 228 2.98 -11.36 25.33
C LEU A 228 2.09 -10.65 26.34
N TYR A 229 1.08 -9.96 25.82
CA TYR A 229 0.11 -9.25 26.64
C TYR A 229 -1.29 -9.50 26.10
N GLU A 230 -2.25 -9.61 27.01
CA GLU A 230 -3.66 -9.77 26.66
C GLU A 230 -4.39 -8.48 27.01
N CYS A 231 -5.03 -7.89 26.00
CA CYS A 231 -5.59 -6.54 26.09
C CYS A 231 -7.08 -6.59 25.82
N ASN A 232 -7.87 -6.02 26.72
CA ASN A 232 -9.33 -6.02 26.62
C ASN A 232 -9.87 -4.64 26.98
N ARG A 233 -9.24 -3.59 26.43
CA ARG A 233 -9.64 -2.21 26.68
C ARG A 233 -10.28 -1.62 25.43
N TYR A 234 -11.31 -0.80 25.63
CA TYR A 234 -11.93 -0.10 24.51
C TYR A 234 -10.89 0.78 23.82
N PRO A 235 -10.89 0.86 22.48
CA PRO A 235 -11.85 0.32 21.51
C PRO A 235 -11.58 -1.12 21.07
N CYS A 236 -10.59 -1.80 21.65
CA CYS A 236 -10.30 -3.16 21.24
C CYS A 236 -11.49 -4.07 21.52
N ILE A 237 -11.85 -4.88 20.54
CA ILE A 237 -13.02 -5.74 20.65
C ILE A 237 -12.63 -7.03 21.35
N LYS A 238 -13.42 -7.40 22.37
CA LYS A 238 -13.09 -8.55 23.22
C LYS A 238 -11.62 -8.47 23.64
N GLU A 239 -10.91 -9.60 23.61
CA GLU A 239 -9.52 -9.66 24.05
C GLU A 239 -8.62 -9.90 22.85
N VAL A 240 -7.56 -9.10 22.76
CA VAL A 240 -6.58 -9.20 21.68
C VAL A 240 -5.22 -9.52 22.28
N GLU A 241 -4.25 -9.78 21.42
CA GLU A 241 -2.89 -10.12 21.82
C GLU A 241 -1.92 -9.10 21.25
N CYS A 242 -0.99 -8.65 22.09
CA CYS A 242 0.02 -7.68 21.70
C CYS A 242 1.40 -8.23 22.06
N TYR A 243 2.41 -7.74 21.34
CA TYR A 243 3.76 -8.28 21.42
C TYR A 243 4.74 -7.19 21.83
N VAL A 244 5.56 -7.50 22.84
CA VAL A 244 6.47 -6.54 23.45
C VAL A 244 7.82 -6.63 22.75
N SER A 245 8.62 -5.57 22.89
CA SER A 245 9.93 -5.47 22.28
C SER A 245 11.02 -5.52 23.34
N ARG A 246 12.01 -6.38 23.12
CA ARG A 246 13.16 -6.51 24.02
C ARG A 246 12.76 -6.88 25.44
N PRO A 247 12.18 -8.07 25.65
CA PRO A 247 11.87 -8.47 27.04
C PRO A 247 13.10 -8.85 27.84
N THR A 248 14.09 -9.49 27.22
CA THR A 248 15.22 -10.02 27.97
C THR A 248 16.10 -8.92 28.53
N GLU A 249 16.41 -7.91 27.71
CA GLU A 249 17.24 -6.80 28.21
C GLU A 249 16.56 -6.09 29.37
N LYS A 250 15.25 -5.88 29.26
CA LYS A 250 14.52 -5.19 30.31
C LYS A 250 14.45 -6.03 31.58
N THR A 251 14.32 -7.35 31.44
CA THR A 251 14.36 -8.22 32.62
C THR A 251 15.72 -8.13 33.31
N VAL A 252 16.80 -8.15 32.52
CA VAL A 252 18.14 -8.06 33.09
C VAL A 252 18.31 -6.74 33.82
N PHE A 253 17.84 -5.65 33.20
CA PHE A 253 17.91 -4.34 33.84
C PHE A 253 17.14 -4.32 35.15
N LEU A 254 15.94 -4.91 35.16
CA LEU A 254 15.14 -4.96 36.37
C LEU A 254 15.91 -5.67 37.49
N VAL A 255 16.46 -6.84 37.19
CA VAL A 255 17.15 -7.61 38.21
C VAL A 255 18.38 -6.84 38.72
N PHE A 256 19.14 -6.24 37.80
CA PHE A 256 20.34 -5.51 38.21
C PHE A 256 20.00 -4.34 39.12
N MET A 257 18.97 -3.57 38.75
CA MET A 257 18.58 -2.43 39.57
C MET A 257 18.08 -2.88 40.93
N PHE A 258 17.32 -3.97 40.97
CA PHE A 258 16.85 -4.48 42.26
C PHE A 258 18.02 -4.88 43.14
N ALA A 259 19.02 -5.56 42.57
CA ALA A 259 20.17 -5.97 43.37
C ALA A 259 20.92 -4.77 43.91
N VAL A 260 21.15 -3.75 43.08
CA VAL A 260 21.87 -2.56 43.52
C VAL A 260 21.11 -1.86 44.63
N SER A 261 19.80 -1.73 44.48
CA SER A 261 19.00 -1.07 45.51
C SER A 261 19.02 -1.85 46.82
N GLY A 262 18.98 -3.19 46.73
CA GLY A 262 19.07 -4.00 47.93
C GLY A 262 20.39 -3.80 48.65
N ILE A 263 21.49 -3.76 47.89
CA ILE A 263 22.80 -3.52 48.51
C ILE A 263 22.81 -2.16 49.20
N CYS A 264 22.27 -1.14 48.53
CA CYS A 264 22.22 0.18 49.13
C CYS A 264 21.43 0.17 50.43
N VAL A 265 20.28 -0.51 50.45
CA VAL A 265 19.46 -0.58 51.64
C VAL A 265 20.21 -1.27 52.77
N VAL A 266 20.91 -2.36 52.45
CA VAL A 266 21.66 -3.09 53.47
C VAL A 266 22.73 -2.19 54.08
N LEU A 267 23.47 -1.46 53.23
CA LEU A 267 24.52 -0.58 53.75
C LEU A 267 23.93 0.53 54.60
N ASN A 268 22.81 1.11 54.17
CA ASN A 268 22.18 2.17 54.96
C ASN A 268 21.74 1.65 56.33
N LEU A 269 21.16 0.45 56.37
CA LEU A 269 20.74 -0.12 57.65
C LEU A 269 21.95 -0.39 58.54
N ALA A 270 23.04 -0.88 57.96
CA ALA A 270 24.24 -1.12 58.76
C ALA A 270 24.76 0.18 59.35
N GLU A 271 24.81 1.25 58.55
CA GLU A 271 25.27 2.53 59.07
C GLU A 271 24.34 3.05 60.16
N LEU A 272 23.03 2.89 59.97
CA LEU A 272 22.08 3.33 60.99
C LEU A 272 22.30 2.58 62.30
N ASN A 273 22.52 1.26 62.21
CA ASN A 273 22.71 0.47 63.41
C ASN A 273 24.07 0.70 64.05
N HIS A 274 25.04 1.24 63.30
CA HIS A 274 26.35 1.50 63.88
C HIS A 274 26.26 2.46 65.05
N LEU A 275 25.48 3.52 64.91
CA LEU A 275 25.30 4.50 65.98
C LEU A 275 24.12 4.12 66.87
N MET B 21 -17.46 -22.47 -61.37
CA MET B 21 -18.29 -23.38 -60.59
C MET B 21 -17.70 -23.58 -59.20
N ILE B 22 -16.46 -24.09 -59.16
CA ILE B 22 -15.79 -24.30 -57.88
C ILE B 22 -15.53 -22.96 -57.18
N GLY B 23 -15.46 -21.88 -57.94
CA GLY B 23 -15.19 -20.58 -57.34
C GLY B 23 -16.24 -20.17 -56.32
N ARG B 24 -17.52 -20.40 -56.64
CA ARG B 24 -18.59 -20.06 -55.71
C ARG B 24 -18.46 -20.87 -54.42
N ILE B 25 -18.18 -22.16 -54.54
CA ILE B 25 -18.03 -23.01 -53.36
C ILE B 25 -16.87 -22.53 -52.50
N LEU B 26 -15.74 -22.22 -53.13
CA LEU B 26 -14.59 -21.73 -52.38
C LEU B 26 -14.89 -20.40 -51.70
N LEU B 27 -15.59 -19.50 -52.39
CA LEU B 27 -15.94 -18.21 -51.80
C LEU B 27 -16.82 -18.39 -50.58
N THR B 28 -17.84 -19.24 -50.69
CA THR B 28 -18.73 -19.47 -49.55
C THR B 28 -17.97 -20.10 -48.39
N VAL B 29 -17.10 -21.08 -48.68
CA VAL B 29 -16.34 -21.72 -47.62
C VAL B 29 -15.44 -20.71 -46.93
N VAL B 30 -14.77 -19.85 -47.70
CA VAL B 30 -13.87 -18.85 -47.11
C VAL B 30 -14.66 -17.87 -46.25
N VAL B 31 -15.82 -17.43 -46.72
CA VAL B 31 -16.61 -16.48 -45.95
C VAL B 31 -17.04 -17.09 -44.62
N ILE B 32 -17.54 -18.33 -44.67
CA ILE B 32 -17.99 -18.98 -43.44
C ILE B 32 -16.82 -19.21 -42.49
N PHE B 33 -15.67 -19.61 -43.04
CA PHE B 33 -14.48 -19.83 -42.22
C PHE B 33 -14.05 -18.55 -41.53
N ARG B 34 -14.04 -17.43 -42.26
CA ARG B 34 -13.67 -16.15 -41.67
C ARG B 34 -14.64 -15.76 -40.56
N ILE B 35 -15.94 -15.92 -40.82
CA ILE B 35 -16.93 -15.54 -39.82
C ILE B 35 -16.75 -16.37 -38.55
N LEU B 36 -16.58 -17.69 -38.71
CA LEU B 36 -16.42 -18.56 -37.55
C LEU B 36 -15.15 -18.20 -36.77
N ILE B 37 -14.04 -17.99 -37.48
CA ILE B 37 -12.79 -17.68 -36.81
C ILE B 37 -12.92 -16.38 -36.01
N VAL B 38 -13.53 -15.36 -36.62
CA VAL B 38 -13.69 -14.09 -35.92
C VAL B 38 -14.60 -14.26 -34.70
N ALA B 39 -15.71 -14.99 -34.86
CA ALA B 39 -16.70 -15.08 -33.80
C ALA B 39 -16.21 -15.88 -32.61
N ILE B 40 -15.64 -17.06 -32.84
CA ILE B 40 -15.40 -17.99 -31.74
C ILE B 40 -14.23 -17.54 -30.86
N VAL B 41 -13.09 -17.18 -31.45
CA VAL B 41 -11.86 -17.01 -30.71
C VAL B 41 -11.39 -15.56 -30.66
N GLY B 42 -11.85 -14.70 -31.57
CA GLY B 42 -11.33 -13.34 -31.64
C GLY B 42 -11.60 -12.50 -30.42
N GLU B 43 -12.74 -12.69 -29.77
CA GLU B 43 -13.20 -11.80 -28.70
C GLU B 43 -12.58 -12.12 -27.34
N THR B 44 -11.52 -12.92 -27.31
CA THR B 44 -10.84 -13.24 -26.06
C THR B 44 -9.40 -12.75 -25.99
N VAL B 45 -8.72 -12.60 -27.13
CA VAL B 45 -7.36 -12.07 -27.11
C VAL B 45 -7.35 -10.63 -26.63
N TYR B 46 -8.34 -9.85 -27.04
CA TYR B 46 -8.40 -8.42 -26.73
C TYR B 46 -9.22 -8.12 -25.47
N ASP B 47 -9.53 -9.13 -24.67
CA ASP B 47 -10.37 -8.91 -23.49
C ASP B 47 -9.68 -7.97 -22.50
N ASP B 48 -8.39 -8.19 -22.24
CA ASP B 48 -7.64 -7.39 -21.28
C ASP B 48 -6.70 -6.40 -21.97
N GLU B 49 -7.14 -5.81 -23.08
CA GLU B 49 -6.27 -4.91 -23.83
C GLU B 49 -5.83 -3.72 -22.99
N GLN B 50 -6.76 -3.11 -22.25
CA GLN B 50 -6.46 -1.89 -21.51
C GLN B 50 -6.07 -2.15 -20.06
N THR B 51 -6.49 -3.28 -19.50
CA THR B 51 -6.16 -3.57 -18.10
C THR B 51 -4.68 -3.88 -17.92
N MET B 52 -4.04 -4.45 -18.94
CA MET B 52 -2.65 -4.83 -18.87
C MET B 52 -1.74 -3.85 -19.59
N PHE B 53 -2.24 -2.67 -19.96
CA PHE B 53 -1.44 -1.63 -20.57
C PHE B 53 -0.86 -0.75 -19.48
N VAL B 54 0.46 -0.68 -19.42
CA VAL B 54 1.17 0.01 -18.35
C VAL B 54 2.16 0.99 -18.94
N CYS B 55 2.27 2.16 -18.32
CA CYS B 55 3.24 3.18 -18.70
C CYS B 55 4.13 3.50 -17.51
N ASN B 56 5.35 3.95 -17.80
CA ASN B 56 6.35 4.22 -16.77
C ASN B 56 6.24 5.69 -16.36
N THR B 57 5.37 5.96 -15.39
CA THR B 57 5.15 7.32 -14.92
C THR B 57 4.32 7.27 -13.63
N LEU B 58 4.22 8.43 -12.99
CA LEU B 58 3.40 8.60 -11.79
C LEU B 58 2.23 9.54 -12.01
N GLN B 59 2.15 10.19 -13.16
CA GLN B 59 1.14 11.19 -13.44
C GLN B 59 -0.22 10.52 -13.66
N PRO B 60 -1.25 10.89 -12.90
CA PRO B 60 -2.60 10.36 -13.19
C PRO B 60 -3.08 10.80 -14.57
N GLY B 61 -3.79 9.90 -15.23
CA GLY B 61 -4.39 10.19 -16.52
C GLY B 61 -3.49 9.97 -17.72
N CYS B 62 -2.22 9.60 -17.51
CA CYS B 62 -1.33 9.34 -18.63
C CYS B 62 -1.63 8.01 -19.31
N ASN B 63 -2.05 7.01 -18.52
CA ASN B 63 -2.35 5.70 -19.10
C ASN B 63 -3.50 5.79 -20.09
N GLN B 64 -4.58 6.49 -19.72
CA GLN B 64 -5.73 6.58 -20.60
C GLN B 64 -5.37 7.29 -21.91
N ALA B 65 -4.69 8.43 -21.81
CA ALA B 65 -4.33 9.17 -23.01
C ALA B 65 -3.40 8.36 -23.90
N CYS B 66 -2.41 7.69 -23.32
CA CYS B 66 -1.45 6.95 -24.12
C CYS B 66 -2.10 5.73 -24.76
N TYR B 67 -3.00 5.05 -24.04
CA TYR B 67 -3.71 3.93 -24.65
C TYR B 67 -4.60 4.39 -25.79
N ASP B 68 -5.29 5.53 -25.61
CA ASP B 68 -6.17 6.02 -26.67
C ASP B 68 -5.37 6.45 -27.89
N ARG B 69 -4.17 7.01 -27.68
CA ARG B 69 -3.35 7.39 -28.82
C ARG B 69 -2.75 6.18 -29.52
N ALA B 70 -2.36 5.15 -28.76
CA ALA B 70 -1.76 3.97 -29.38
C ALA B 70 -2.79 3.18 -30.18
N PHE B 71 -3.98 2.98 -29.61
CA PHE B 71 -5.02 2.13 -30.20
C PHE B 71 -6.33 2.91 -30.27
N PRO B 72 -6.49 3.76 -31.28
CA PRO B 72 -7.74 4.52 -31.39
C PRO B 72 -8.96 3.63 -31.53
N ILE B 73 -8.85 2.58 -32.34
CA ILE B 73 -9.93 1.62 -32.55
C ILE B 73 -9.34 0.22 -32.47
N SER B 74 -10.04 -0.67 -31.76
CA SER B 74 -9.58 -2.04 -31.63
C SER B 74 -9.75 -2.80 -32.94
N HIS B 75 -8.89 -3.81 -33.14
CA HIS B 75 -8.94 -4.58 -34.38
C HIS B 75 -10.26 -5.34 -34.51
N ILE B 76 -10.74 -5.91 -33.41
CA ILE B 76 -11.93 -6.76 -33.47
C ILE B 76 -13.14 -5.95 -33.88
N ARG B 77 -13.25 -4.71 -33.40
CA ARG B 77 -14.36 -3.85 -33.81
C ARG B 77 -14.34 -3.63 -35.32
N TYR B 78 -13.18 -3.31 -35.86
CA TYR B 78 -13.04 -3.09 -37.30
C TYR B 78 -13.42 -4.36 -38.07
N TRP B 79 -12.95 -5.52 -37.63
CA TRP B 79 -13.23 -6.75 -38.35
C TRP B 79 -14.73 -7.09 -38.30
N VAL B 80 -15.36 -6.88 -37.15
CA VAL B 80 -16.80 -7.15 -37.05
C VAL B 80 -17.57 -6.23 -37.98
N PHE B 81 -17.20 -4.94 -38.01
CA PHE B 81 -17.88 -4.00 -38.89
C PHE B 81 -17.70 -4.40 -40.35
N GLN B 82 -16.49 -4.81 -40.73
CA GLN B 82 -16.23 -5.23 -42.10
C GLN B 82 -17.06 -6.45 -42.45
N ILE B 83 -17.12 -7.43 -41.54
CA ILE B 83 -17.87 -8.65 -41.81
C ILE B 83 -19.34 -8.32 -42.03
N ILE B 84 -19.91 -7.47 -41.18
CA ILE B 84 -21.32 -7.15 -41.31
C ILE B 84 -21.57 -6.34 -42.59
N MET B 85 -20.65 -5.44 -42.94
CA MET B 85 -20.87 -4.56 -44.07
C MET B 85 -20.74 -5.28 -45.40
N VAL B 86 -19.84 -6.27 -45.50
CA VAL B 86 -19.61 -6.94 -46.79
C VAL B 86 -20.69 -7.93 -47.16
N CYS B 87 -21.76 -8.05 -46.36
CA CYS B 87 -22.83 -8.99 -46.63
C CYS B 87 -24.20 -8.33 -46.76
N THR B 88 -24.24 -7.03 -47.06
CA THR B 88 -25.51 -6.32 -47.21
C THR B 88 -26.15 -6.60 -48.57
N PRO B 89 -25.38 -6.61 -49.67
CA PRO B 89 -26.01 -6.83 -50.99
C PRO B 89 -26.78 -8.13 -51.08
N SER B 90 -26.30 -9.20 -50.43
CA SER B 90 -27.04 -10.45 -50.43
C SER B 90 -28.39 -10.29 -49.76
N LEU B 91 -28.42 -9.58 -48.63
CA LEU B 91 -29.69 -9.33 -47.96
C LEU B 91 -30.63 -8.52 -48.83
N CYS B 92 -30.11 -7.50 -49.51
CA CYS B 92 -30.94 -6.69 -50.39
C CYS B 92 -31.53 -7.54 -51.51
N PHE B 93 -30.70 -8.40 -52.13
CA PHE B 93 -31.18 -9.26 -53.20
C PHE B 93 -32.25 -10.22 -52.69
N ILE B 94 -32.03 -10.80 -51.50
CA ILE B 94 -33.00 -11.74 -50.95
C ILE B 94 -34.32 -11.04 -50.68
N THR B 95 -34.26 -9.84 -50.12
CA THR B 95 -35.48 -9.09 -49.84
C THR B 95 -36.23 -8.77 -51.13
N TYR B 96 -35.50 -8.33 -52.17
CA TYR B 96 -36.14 -8.03 -53.44
C TYR B 96 -36.79 -9.29 -54.02
N SER B 97 -36.10 -10.43 -53.95
CA SER B 97 -36.66 -11.67 -54.46
C SER B 97 -37.93 -12.06 -53.71
N VAL B 98 -37.91 -11.91 -52.38
CA VAL B 98 -39.08 -12.24 -51.58
C VAL B 98 -40.25 -11.34 -51.96
N HIS B 99 -39.99 -10.04 -52.11
CA HIS B 99 -41.06 -9.13 -52.53
C HIS B 99 -41.59 -9.49 -53.91
N GLN B 100 -40.71 -9.85 -54.85
CA GLN B 100 -41.12 -10.24 -56.19
C GLN B 100 -42.15 -11.37 -56.13
N SER B 196 -31.34 -9.86 -64.05
CA SER B 196 -29.91 -10.13 -64.02
C SER B 196 -29.11 -8.86 -63.74
N ARG B 197 -29.75 -7.71 -63.91
CA ARG B 197 -29.10 -6.44 -63.63
C ARG B 197 -28.71 -6.35 -62.15
N PHE B 198 -29.61 -6.76 -61.26
CA PHE B 198 -29.31 -6.72 -59.83
C PHE B 198 -28.06 -7.53 -59.51
N TYR B 199 -27.89 -8.67 -60.19
CA TYR B 199 -26.72 -9.51 -59.96
C TYR B 199 -25.44 -8.74 -60.27
N ILE B 200 -25.40 -8.08 -61.42
CA ILE B 200 -24.20 -7.33 -61.81
C ILE B 200 -23.95 -6.20 -60.83
N ILE B 201 -24.99 -5.46 -60.47
CA ILE B 201 -24.83 -4.32 -59.57
C ILE B 201 -24.30 -4.78 -58.23
N GLN B 202 -24.87 -5.85 -57.68
CA GLN B 202 -24.43 -6.33 -56.37
C GLN B 202 -23.02 -6.89 -56.42
N VAL B 203 -22.64 -7.55 -57.53
CA VAL B 203 -21.28 -8.04 -57.65
C VAL B 203 -20.29 -6.87 -57.64
N VAL B 204 -20.60 -5.82 -58.40
CA VAL B 204 -19.73 -4.66 -58.45
C VAL B 204 -19.62 -4.02 -57.06
N PHE B 205 -20.74 -3.88 -56.38
CA PHE B 205 -20.73 -3.27 -55.05
C PHE B 205 -19.90 -4.10 -54.08
N ARG B 206 -20.05 -5.42 -54.12
CA ARG B 206 -19.27 -6.28 -53.24
C ARG B 206 -17.78 -6.16 -53.51
N ASN B 207 -17.39 -6.15 -54.78
CA ASN B 207 -15.98 -6.00 -55.11
C ASN B 207 -15.43 -4.69 -54.58
N ALA B 208 -16.16 -3.60 -54.81
CA ALA B 208 -15.69 -2.30 -54.34
C ALA B 208 -15.57 -2.27 -52.82
N LEU B 209 -16.56 -2.82 -52.11
CA LEU B 209 -16.52 -2.82 -50.66
C LEU B 209 -15.32 -3.61 -50.15
N GLU B 210 -15.07 -4.79 -50.71
CA GLU B 210 -13.96 -5.60 -50.25
C GLU B 210 -12.63 -4.90 -50.49
N ILE B 211 -12.44 -4.33 -51.67
CA ILE B 211 -11.18 -3.66 -51.97
C ILE B 211 -10.97 -2.48 -51.03
N GLY B 212 -12.03 -1.68 -50.82
CA GLY B 212 -11.91 -0.54 -49.94
C GLY B 212 -11.57 -0.94 -48.52
N PHE B 213 -12.21 -1.98 -48.01
CA PHE B 213 -11.93 -2.42 -46.64
C PHE B 213 -10.51 -2.96 -46.51
N LEU B 214 -10.03 -3.70 -47.51
CA LEU B 214 -8.65 -4.18 -47.45
C LEU B 214 -7.66 -3.02 -47.40
N VAL B 215 -7.83 -2.05 -48.30
CA VAL B 215 -6.91 -0.92 -48.32
C VAL B 215 -6.99 -0.14 -47.02
N GLY B 216 -8.20 0.04 -46.48
CA GLY B 216 -8.36 0.75 -45.23
C GLY B 216 -7.66 0.05 -44.07
N GLN B 217 -7.79 -1.28 -44.00
CA GLN B 217 -7.10 -2.02 -42.96
C GLN B 217 -5.60 -1.83 -43.08
N TYR B 218 -5.07 -1.94 -44.30
CA TYR B 218 -3.62 -1.76 -44.48
C TYR B 218 -3.18 -0.38 -44.01
N PHE B 219 -3.90 0.66 -44.41
CA PHE B 219 -3.51 2.02 -44.04
C PHE B 219 -3.71 2.30 -42.56
N LEU B 220 -4.63 1.59 -41.90
CA LEU B 220 -4.89 1.86 -40.49
C LEU B 220 -3.89 1.15 -39.59
N TYR B 221 -3.66 -0.14 -39.79
CA TYR B 221 -2.94 -0.94 -38.81
C TYR B 221 -1.53 -1.35 -39.24
N GLY B 222 -1.33 -1.72 -40.50
CA GLY B 222 -0.01 -2.16 -40.94
C GLY B 222 0.14 -3.67 -40.92
N PHE B 223 1.31 -4.16 -40.52
CA PHE B 223 1.60 -5.59 -40.55
C PHE B 223 2.11 -6.13 -39.23
N SER B 224 2.37 -5.29 -38.24
CA SER B 224 2.92 -5.78 -36.97
C SER B 224 2.47 -4.86 -35.84
N VAL B 225 2.49 -5.42 -34.63
CA VAL B 225 2.15 -4.69 -33.41
C VAL B 225 3.40 -4.63 -32.54
N PRO B 226 4.09 -3.49 -32.43
CA PRO B 226 5.30 -3.44 -31.61
C PRO B 226 4.99 -3.55 -30.13
N GLY B 227 6.00 -4.00 -29.38
CA GLY B 227 5.85 -4.17 -27.95
C GLY B 227 6.13 -2.93 -27.12
N LEU B 228 6.58 -1.85 -27.75
CA LEU B 228 6.86 -0.60 -27.07
C LEU B 228 6.21 0.56 -27.80
N TYR B 229 5.82 1.58 -27.04
CA TYR B 229 5.22 2.78 -27.58
C TYR B 229 5.81 4.00 -26.91
N GLU B 230 5.99 5.08 -27.68
CA GLU B 230 6.48 6.35 -27.17
C GLU B 230 5.33 7.35 -27.17
N CYS B 231 5.01 7.89 -26.00
CA CYS B 231 3.82 8.70 -25.79
C CYS B 231 4.21 10.09 -25.32
N ASN B 232 3.68 11.11 -26.00
CA ASN B 232 3.98 12.50 -25.69
C ASN B 232 2.72 13.34 -25.72
N ARG B 233 1.65 12.82 -25.11
CA ARG B 233 0.36 13.50 -25.05
C ARG B 233 0.09 14.01 -23.64
N TYR B 234 -0.52 15.18 -23.55
CA TYR B 234 -0.92 15.72 -22.26
C TYR B 234 -1.87 14.75 -21.58
N PRO B 235 -1.77 14.54 -20.25
CA PRO B 235 -0.91 15.21 -19.27
C PRO B 235 0.49 14.61 -19.12
N CYS B 236 0.86 13.63 -19.94
CA CYS B 236 2.18 13.03 -19.82
C CYS B 236 3.26 14.07 -20.08
N ILE B 237 4.26 14.11 -19.21
CA ILE B 237 5.31 15.12 -19.30
C ILE B 237 6.38 14.63 -20.26
N LYS B 238 6.76 15.49 -21.22
CA LYS B 238 7.69 15.12 -22.27
C LYS B 238 7.26 13.78 -22.88
N GLU B 239 8.21 12.89 -23.15
CA GLU B 239 7.93 11.61 -23.78
C GLU B 239 8.14 10.48 -22.78
N VAL B 240 7.17 9.58 -22.69
CA VAL B 240 7.21 8.43 -21.80
C VAL B 240 7.16 7.16 -22.63
N GLU B 241 7.34 6.03 -21.96
CA GLU B 241 7.34 4.72 -22.60
C GLU B 241 6.24 3.86 -22.01
N CYS B 242 5.50 3.19 -22.89
CA CYS B 242 4.41 2.31 -22.49
C CYS B 242 4.61 0.93 -23.12
N TYR B 243 4.03 -0.07 -22.48
CA TYR B 243 4.27 -1.47 -22.83
C TYR B 243 2.96 -2.15 -23.19
N VAL B 244 2.95 -2.83 -24.34
CA VAL B 244 1.76 -3.44 -24.90
C VAL B 244 1.65 -4.88 -24.42
N SER B 245 0.45 -5.44 -24.49
CA SER B 245 0.17 -6.80 -24.05
C SER B 245 -0.15 -7.68 -25.26
N ARG B 246 0.51 -8.83 -25.32
CA ARG B 246 0.29 -9.81 -26.38
C ARG B 246 0.52 -9.26 -27.78
N PRO B 247 1.75 -8.87 -28.10
CA PRO B 247 2.01 -8.40 -29.48
C PRO B 247 2.02 -9.53 -30.50
N THR B 248 2.53 -10.71 -30.14
CA THR B 248 2.71 -11.77 -31.13
C THR B 248 1.39 -12.33 -31.61
N GLU B 249 0.46 -12.59 -30.69
CA GLU B 249 -0.85 -13.12 -31.09
C GLU B 249 -1.57 -12.13 -32.00
N LYS B 250 -1.49 -10.84 -31.68
CA LYS B 250 -2.16 -9.83 -32.48
C LYS B 250 -1.51 -9.70 -33.86
N THR B 251 -0.19 -9.82 -33.93
CA THR B 251 0.48 -9.83 -35.23
C THR B 251 0.03 -11.01 -36.08
N VAL B 252 -0.06 -12.19 -35.46
CA VAL B 252 -0.50 -13.38 -36.19
C VAL B 252 -1.92 -13.19 -36.69
N PHE B 253 -2.79 -12.63 -35.84
CA PHE B 253 -4.17 -12.37 -36.25
C PHE B 253 -4.22 -11.40 -37.42
N LEU B 254 -3.41 -10.33 -37.36
CA LEU B 254 -3.36 -9.36 -38.45
C LEU B 254 -2.98 -10.04 -39.76
N VAL B 255 -1.92 -10.83 -39.75
CA VAL B 255 -1.46 -11.47 -40.98
C VAL B 255 -2.52 -12.43 -41.51
N PHE B 256 -3.13 -13.22 -40.62
CA PHE B 256 -4.14 -14.18 -41.06
C PHE B 256 -5.33 -13.49 -41.70
N MET B 257 -5.83 -12.42 -41.06
CA MET B 257 -6.97 -11.70 -41.61
C MET B 257 -6.61 -11.07 -42.95
N PHE B 258 -5.41 -10.51 -43.06
CA PHE B 258 -5.00 -9.93 -44.34
C PHE B 258 -4.98 -10.99 -45.44
N ALA B 259 -4.45 -12.17 -45.14
CA ALA B 259 -4.38 -13.22 -46.14
C ALA B 259 -5.79 -13.65 -46.57
N VAL B 260 -6.69 -13.82 -45.61
CA VAL B 260 -8.05 -14.25 -45.95
C VAL B 260 -8.74 -13.20 -46.82
N SER B 261 -8.57 -11.92 -46.44
CA SER B 261 -9.20 -10.85 -47.23
C SER B 261 -8.62 -10.80 -48.64
N GLY B 262 -7.31 -11.00 -48.77
CA GLY B 262 -6.72 -11.04 -50.11
C GLY B 262 -7.28 -12.16 -50.96
N ILE B 263 -7.43 -13.34 -50.37
CA ILE B 263 -8.02 -14.46 -51.11
C ILE B 263 -9.43 -14.12 -51.55
N CYS B 264 -10.21 -13.52 -50.65
CA CYS B 264 -11.57 -13.13 -51.00
C CYS B 264 -11.58 -12.14 -52.16
N VAL B 265 -10.68 -11.16 -52.13
CA VAL B 265 -10.63 -10.16 -53.20
C VAL B 265 -10.28 -10.83 -54.52
N VAL B 266 -9.31 -11.76 -54.49
CA VAL B 266 -8.90 -12.44 -55.72
C VAL B 266 -10.08 -13.21 -56.30
N LEU B 267 -10.81 -13.94 -55.46
CA LEU B 267 -11.95 -14.72 -55.96
C LEU B 267 -13.02 -13.80 -56.52
N ASN B 268 -13.30 -12.68 -55.84
CA ASN B 268 -14.31 -11.76 -56.35
C ASN B 268 -13.90 -11.18 -57.70
N LEU B 269 -12.63 -10.82 -57.86
CA LEU B 269 -12.19 -10.30 -59.15
C LEU B 269 -12.29 -11.37 -60.23
N ALA B 270 -11.95 -12.62 -59.91
CA ALA B 270 -12.07 -13.69 -60.89
C ALA B 270 -13.53 -13.86 -61.33
N GLU B 271 -14.45 -13.86 -60.36
CA GLU B 271 -15.86 -13.98 -60.71
C GLU B 271 -16.34 -12.81 -61.56
N LEU B 272 -15.89 -11.59 -61.22
CA LEU B 272 -16.26 -10.42 -62.01
C LEU B 272 -15.77 -10.55 -63.44
N ASN B 273 -14.52 -10.99 -63.61
CA ASN B 273 -13.96 -11.13 -64.95
C ASN B 273 -14.55 -12.30 -65.71
N HIS B 274 -15.16 -13.27 -65.03
CA HIS B 274 -15.75 -14.40 -65.74
C HIS B 274 -16.83 -13.93 -66.71
N LEU B 275 -17.68 -13.00 -66.27
CA LEU B 275 -18.75 -12.49 -67.12
C LEU B 275 -18.27 -11.26 -67.89
N MET C 21 58.07 -1.30 34.68
CA MET C 21 57.98 0.14 34.51
C MET C 21 57.16 0.47 33.26
N ILE C 22 57.62 -0.01 32.11
CA ILE C 22 56.89 0.23 30.86
C ILE C 22 55.53 -0.45 30.88
N GLY C 23 55.39 -1.50 31.70
CA GLY C 23 54.12 -2.21 31.75
C GLY C 23 52.96 -1.33 32.18
N ARG C 24 53.19 -0.49 33.20
CA ARG C 24 52.14 0.41 33.65
C ARG C 24 51.73 1.38 32.55
N ILE C 25 52.71 1.94 31.84
CA ILE C 25 52.42 2.88 30.76
C ILE C 25 51.61 2.19 29.67
N LEU C 26 52.02 0.98 29.28
CA LEU C 26 51.28 0.25 28.26
C LEU C 26 49.87 -0.08 28.72
N LEU C 27 49.70 -0.47 29.98
CA LEU C 27 48.36 -0.78 30.48
C LEU C 27 47.46 0.45 30.44
N THR C 28 47.98 1.59 30.89
CA THR C 28 47.17 2.81 30.86
C THR C 28 46.82 3.20 29.43
N VAL C 29 47.78 3.11 28.52
CA VAL C 29 47.53 3.46 27.12
C VAL C 29 46.46 2.54 26.54
N VAL C 30 46.55 1.24 26.82
CA VAL C 30 45.58 0.29 26.28
C VAL C 30 44.19 0.58 26.84
N VAL C 31 44.10 0.87 28.14
CA VAL C 31 42.80 1.14 28.75
C VAL C 31 42.17 2.38 28.11
N ILE C 32 42.95 3.45 27.97
CA ILE C 32 42.41 4.68 27.39
C ILE C 32 42.02 4.46 25.94
N PHE C 33 42.83 3.72 25.19
CA PHE C 33 42.51 3.41 23.79
C PHE C 33 41.21 2.65 23.68
N ARG C 34 41.03 1.63 24.52
CA ARG C 34 39.79 0.86 24.50
C ARG C 34 38.59 1.73 24.82
N ILE C 35 38.72 2.59 25.85
CA ILE C 35 37.60 3.45 26.23
C ILE C 35 37.24 4.38 25.09
N LEU C 36 38.24 5.01 24.48
CA LEU C 36 37.97 5.93 23.39
C LEU C 36 37.32 5.22 22.20
N ILE C 37 37.84 4.05 21.83
CA ILE C 37 37.29 3.32 20.69
C ILE C 37 35.84 2.96 20.95
N VAL C 38 35.53 2.47 22.16
CA VAL C 38 34.16 2.10 22.47
C VAL C 38 33.25 3.33 22.44
N ALA C 39 33.72 4.45 23.02
CA ALA C 39 32.86 5.61 23.18
C ALA C 39 32.57 6.30 21.85
N ILE C 40 33.60 6.55 21.04
CA ILE C 40 33.43 7.43 19.89
C ILE C 40 32.63 6.77 18.78
N VAL C 41 32.98 5.54 18.40
CA VAL C 41 32.46 4.95 17.17
C VAL C 41 31.53 3.77 17.42
N GLY C 42 31.58 3.15 18.61
CA GLY C 42 30.81 1.95 18.85
C GLY C 42 29.30 2.13 18.78
N GLU C 43 28.80 3.29 19.21
CA GLU C 43 27.36 3.50 19.39
C GLU C 43 26.65 3.88 18.10
N THR C 44 27.29 3.69 16.94
CA THR C 44 26.66 3.98 15.66
C THR C 44 26.48 2.76 14.77
N VAL C 45 27.29 1.72 14.92
CA VAL C 45 27.12 0.50 14.13
C VAL C 45 25.80 -0.17 14.50
N TYR C 46 25.46 -0.18 15.79
CA TYR C 46 24.29 -0.88 16.29
C TYR C 46 23.06 0.01 16.38
N ASP C 47 23.08 1.20 15.77
CA ASP C 47 21.95 2.12 15.87
C ASP C 47 20.70 1.54 15.26
N ASP C 48 20.80 0.92 14.09
CA ASP C 48 19.67 0.34 13.38
C ASP C 48 19.64 -1.18 13.47
N GLU C 49 20.01 -1.73 14.62
CA GLU C 49 20.10 -3.19 14.75
C GLU C 49 18.74 -3.84 14.50
N GLN C 50 17.67 -3.28 15.08
CA GLN C 50 16.35 -3.90 15.01
C GLN C 50 15.51 -3.38 13.87
N THR C 51 15.78 -2.15 13.39
CA THR C 51 14.97 -1.59 12.31
C THR C 51 15.23 -2.30 10.99
N MET C 52 16.45 -2.81 10.79
CA MET C 52 16.83 -3.47 9.55
C MET C 52 16.83 -4.99 9.67
N PHE C 53 16.26 -5.53 10.74
CA PHE C 53 16.13 -6.97 10.92
C PHE C 53 14.81 -7.42 10.31
N VAL C 54 14.89 -8.31 9.33
CA VAL C 54 13.73 -8.73 8.55
C VAL C 54 13.65 -10.25 8.55
N CYS C 55 12.43 -10.76 8.66
CA CYS C 55 12.17 -12.20 8.58
C CYS C 55 11.18 -12.46 7.45
N ASN C 56 11.25 -13.67 6.90
CA ASN C 56 10.44 -14.05 5.74
C ASN C 56 9.15 -14.70 6.25
N THR C 57 8.14 -13.87 6.51
CA THR C 57 6.88 -14.35 7.02
C THR C 57 5.85 -13.22 6.95
N LEU C 58 4.59 -13.58 7.20
CA LEU C 58 3.49 -12.63 7.25
C LEU C 58 2.88 -12.53 8.65
N GLN C 59 3.31 -13.37 9.58
CA GLN C 59 2.72 -13.44 10.91
C GLN C 59 3.14 -12.23 11.73
N PRO C 60 2.21 -11.45 12.27
CA PRO C 60 2.60 -10.37 13.19
C PRO C 60 3.27 -10.91 14.44
N GLY C 61 4.27 -10.18 14.92
CA GLY C 61 4.96 -10.52 16.14
C GLY C 61 6.10 -11.50 16.00
N CYS C 62 6.35 -12.01 14.79
CA CYS C 62 7.46 -12.94 14.60
C CYS C 62 8.80 -12.21 14.59
N ASN C 63 8.83 -10.99 14.07
CA ASN C 63 10.08 -10.23 14.02
C ASN C 63 10.61 -9.96 15.41
N GLN C 64 9.75 -9.51 16.33
CA GLN C 64 10.19 -9.18 17.68
C GLN C 64 10.74 -10.42 18.38
N ALA C 65 10.00 -11.54 18.32
CA ALA C 65 10.44 -12.75 18.99
C ALA C 65 11.76 -13.25 18.41
N CYS C 66 11.88 -13.24 17.08
CA CYS C 66 13.10 -13.77 16.46
C CYS C 66 14.29 -12.86 16.75
N TYR C 67 14.09 -11.54 16.75
CA TYR C 67 15.19 -10.65 17.11
C TYR C 67 15.61 -10.84 18.55
N ASP C 68 14.65 -11.01 19.46
CA ASP C 68 15.00 -11.18 20.86
C ASP C 68 15.71 -12.51 21.09
N ARG C 69 15.35 -13.55 20.33
CA ARG C 69 16.04 -14.82 20.47
C ARG C 69 17.44 -14.78 19.86
N ALA C 70 17.61 -14.08 18.74
CA ALA C 70 18.91 -14.02 18.10
C ALA C 70 19.90 -13.20 18.94
N PHE C 71 19.46 -12.04 19.43
CA PHE C 71 20.33 -11.10 20.14
C PHE C 71 19.70 -10.74 21.48
N PRO C 72 19.86 -11.59 22.49
CA PRO C 72 19.28 -11.28 23.81
C PRO C 72 19.82 -9.99 24.39
N ILE C 73 21.13 -9.77 24.27
CA ILE C 73 21.78 -8.56 24.76
C ILE C 73 22.72 -8.05 23.67
N SER C 74 22.69 -6.74 23.44
CA SER C 74 23.55 -6.14 22.43
C SER C 74 25.01 -6.14 22.91
N HIS C 75 25.93 -6.17 21.94
CA HIS C 75 27.35 -6.19 22.28
C HIS C 75 27.78 -4.92 22.99
N ILE C 76 27.28 -3.77 22.53
CA ILE C 76 27.74 -2.49 23.07
C ILE C 76 27.35 -2.36 24.54
N ARG C 77 26.16 -2.85 24.92
CA ARG C 77 25.76 -2.82 26.32
C ARG C 77 26.74 -3.63 27.18
N TYR C 78 27.08 -4.83 26.73
CA TYR C 78 28.01 -5.67 27.46
C TYR C 78 29.37 -4.98 27.60
N TRP C 79 29.86 -4.39 26.51
CA TRP C 79 31.18 -3.75 26.56
C TRP C 79 31.18 -2.54 27.48
N VAL C 80 30.10 -1.75 27.46
CA VAL C 80 30.03 -0.60 28.36
C VAL C 80 30.02 -1.05 29.81
N PHE C 81 29.22 -2.10 30.11
CA PHE C 81 29.18 -2.61 31.48
C PHE C 81 30.54 -3.11 31.91
N GLN C 82 31.24 -3.83 31.03
CA GLN C 82 32.57 -4.34 31.36
C GLN C 82 33.54 -3.20 31.62
N ILE C 83 33.51 -2.17 30.78
CA ILE C 83 34.41 -1.04 30.94
C ILE C 83 34.16 -0.36 32.28
N ILE C 84 32.90 -0.14 32.64
CA ILE C 84 32.62 0.53 33.90
C ILE C 84 32.99 -0.35 35.08
N MET C 85 32.78 -1.66 34.96
CA MET C 85 33.00 -2.55 36.10
C MET C 85 34.49 -2.76 36.37
N VAL C 86 35.32 -2.80 35.32
CA VAL C 86 36.74 -3.10 35.53
C VAL C 86 37.53 -1.93 36.09
N CYS C 87 36.88 -0.81 36.42
CA CYS C 87 37.58 0.37 36.95
C CYS C 87 37.06 0.80 38.31
N THR C 88 36.42 -0.10 39.06
CA THR C 88 35.91 0.23 40.38
C THR C 88 37.02 0.24 41.43
N PRO C 89 37.93 -0.74 41.42
CA PRO C 89 38.97 -0.76 42.47
C PRO C 89 39.80 0.51 42.52
N SER C 90 40.08 1.12 41.37
CA SER C 90 40.82 2.37 41.38
C SER C 90 40.05 3.47 42.10
N LEU C 91 38.73 3.54 41.86
CA LEU C 91 37.91 4.51 42.55
C LEU C 91 37.90 4.25 44.06
N CYS C 92 37.80 2.99 44.46
CA CYS C 92 37.82 2.66 45.88
C CYS C 92 39.13 3.09 46.52
N PHE C 93 40.25 2.80 45.85
CA PHE C 93 41.55 3.18 46.38
C PHE C 93 41.69 4.69 46.49
N ILE C 94 41.21 5.42 45.46
CA ILE C 94 41.30 6.88 45.50
C ILE C 94 40.47 7.43 46.64
N THR C 95 39.27 6.90 46.83
CA THR C 95 38.41 7.38 47.92
C THR C 95 39.06 7.10 49.27
N TYR C 96 39.63 5.91 49.45
CA TYR C 96 40.31 5.60 50.72
C TYR C 96 41.47 6.55 50.95
N SER C 97 42.26 6.81 49.90
CA SER C 97 43.39 7.72 50.05
C SER C 97 42.93 9.12 50.42
N VAL C 98 41.85 9.60 49.80
CA VAL C 98 41.33 10.93 50.11
C VAL C 98 40.86 10.98 51.56
N HIS C 99 40.16 9.94 52.02
CA HIS C 99 39.73 9.91 53.41
C HIS C 99 40.92 9.88 54.36
N GLN C 100 41.96 9.12 54.02
CA GLN C 100 43.15 9.05 54.85
C GLN C 100 43.73 10.44 55.10
N SER C 196 49.96 -1.05 51.80
CA SER C 196 50.31 -1.82 50.61
C SER C 196 49.36 -3.00 50.42
N ARG C 197 48.65 -3.36 51.49
CA ARG C 197 47.69 -4.44 51.41
C ARG C 197 46.58 -4.12 50.40
N PHE C 198 46.07 -2.89 50.44
CA PHE C 198 45.04 -2.49 49.50
C PHE C 198 45.49 -2.67 48.06
N TYR C 199 46.77 -2.37 47.78
CA TYR C 199 47.30 -2.54 46.44
C TYR C 199 47.18 -3.99 45.99
N ILE C 200 47.60 -4.93 46.84
CA ILE C 200 47.55 -6.35 46.47
C ILE C 200 46.10 -6.79 46.26
N ILE C 201 45.22 -6.39 47.18
CA ILE C 201 43.82 -6.81 47.08
C ILE C 201 43.20 -6.29 45.79
N GLN C 202 43.43 -5.01 45.48
CA GLN C 202 42.82 -4.44 44.27
C GLN C 202 43.42 -5.05 43.01
N VAL C 203 44.71 -5.39 43.02
CA VAL C 203 45.30 -6.04 41.85
C VAL C 203 44.65 -7.39 41.63
N VAL C 204 44.48 -8.16 42.71
CA VAL C 204 43.86 -9.48 42.58
C VAL C 204 42.43 -9.34 42.07
N PHE C 205 41.68 -8.38 42.62
CA PHE C 205 40.30 -8.19 42.19
C PHE C 205 40.23 -7.81 40.72
N ARG C 206 41.12 -6.91 40.27
CA ARG C 206 41.13 -6.52 38.87
C ARG C 206 41.43 -7.70 37.96
N ASN C 207 42.42 -8.51 38.33
CA ASN C 207 42.76 -9.68 37.51
C ASN C 207 41.56 -10.61 37.40
N ALA C 208 40.92 -10.91 38.53
CA ALA C 208 39.77 -11.81 38.51
C ALA C 208 38.65 -11.24 37.65
N LEU C 209 38.36 -9.95 37.79
CA LEU C 209 37.29 -9.33 37.01
C LEU C 209 37.57 -9.43 35.52
N GLU C 210 38.81 -9.11 35.11
CA GLU C 210 39.15 -9.15 33.69
C GLU C 210 39.04 -10.56 33.14
N ILE C 211 39.56 -11.55 33.85
CA ILE C 211 39.49 -12.91 33.36
C ILE C 211 38.04 -13.37 33.24
N GLY C 212 37.23 -13.08 34.26
CA GLY C 212 35.83 -13.48 34.21
C GLY C 212 35.09 -12.83 33.05
N PHE C 213 35.32 -11.54 32.82
CA PHE C 213 34.63 -10.87 31.73
C PHE C 213 35.06 -11.42 30.37
N LEU C 214 36.35 -11.72 30.20
CA LEU C 214 36.81 -12.30 28.94
C LEU C 214 36.13 -13.64 28.69
N VAL C 215 36.13 -14.53 29.70
CA VAL C 215 35.52 -15.83 29.51
C VAL C 215 34.02 -15.70 29.24
N GLY C 216 33.36 -14.77 29.95
CA GLY C 216 31.95 -14.56 29.72
C GLY C 216 31.64 -14.08 28.31
N GLN C 217 32.44 -13.15 27.80
CA GLN C 217 32.25 -12.70 26.43
C GLN C 217 32.41 -13.87 25.45
N TYR C 218 33.45 -14.68 25.64
CA TYR C 218 33.64 -15.81 24.74
C TYR C 218 32.44 -16.75 24.77
N PHE C 219 31.96 -17.09 25.97
CA PHE C 219 30.85 -18.03 26.07
C PHE C 219 29.53 -17.42 25.58
N LEU C 220 29.39 -16.09 25.63
CA LEU C 220 28.14 -15.47 25.20
C LEU C 220 28.06 -15.30 23.70
N TYR C 221 29.10 -14.75 23.07
CA TYR C 221 28.99 -14.31 21.68
C TYR C 221 29.76 -15.18 20.69
N GLY C 222 30.96 -15.63 21.02
CA GLY C 222 31.74 -16.41 20.08
C GLY C 222 32.74 -15.58 19.31
N PHE C 223 32.92 -15.88 18.02
CA PHE C 223 33.92 -15.21 17.20
C PHE C 223 33.37 -14.64 15.90
N SER C 224 32.11 -14.90 15.57
CA SER C 224 31.57 -14.41 14.31
C SER C 224 30.07 -14.19 14.45
N VAL C 225 29.54 -13.34 13.58
CA VAL C 225 28.11 -13.04 13.53
C VAL C 225 27.59 -13.51 12.17
N PRO C 226 26.83 -14.61 12.11
CA PRO C 226 26.35 -15.09 10.81
C PRO C 226 25.27 -14.17 10.22
N GLY C 227 25.15 -14.25 8.90
CA GLY C 227 24.18 -13.42 8.20
C GLY C 227 22.79 -14.00 8.11
N LEU C 228 22.60 -15.24 8.56
CA LEU C 228 21.31 -15.90 8.55
C LEU C 228 21.01 -16.50 9.92
N TYR C 229 19.72 -16.53 10.25
CA TYR C 229 19.25 -17.11 11.50
C TYR C 229 18.02 -17.96 11.24
N GLU C 230 17.90 -19.06 11.97
CA GLU C 230 16.75 -19.95 11.90
C GLU C 230 15.96 -19.81 13.19
N CYS C 231 14.69 -19.43 13.06
CA CYS C 231 13.85 -19.04 14.18
C CYS C 231 12.63 -19.94 14.25
N ASN C 232 12.39 -20.51 15.44
CA ASN C 232 11.28 -21.44 15.65
C ASN C 232 10.59 -21.13 16.97
N ARG C 233 10.34 -19.84 17.23
CA ARG C 233 9.69 -19.39 18.45
C ARG C 233 8.28 -18.90 18.14
N TYR C 234 7.36 -19.18 19.06
CA TYR C 234 6.00 -18.70 18.92
C TYR C 234 6.01 -17.17 18.86
N PRO C 235 5.18 -16.53 18.01
CA PRO C 235 4.12 -17.08 17.16
C PRO C 235 4.58 -17.58 15.79
N CYS C 236 5.88 -17.58 15.51
CA CYS C 236 6.35 -18.03 14.21
C CYS C 236 6.00 -19.50 14.00
N ILE C 237 5.45 -19.80 12.83
CA ILE C 237 4.99 -21.15 12.53
C ILE C 237 6.16 -21.98 12.02
N LYS C 238 6.35 -23.16 12.60
CA LYS C 238 7.49 -24.00 12.29
C LYS C 238 8.77 -23.17 12.34
N GLU C 239 9.68 -23.37 11.39
CA GLU C 239 10.95 -22.67 11.37
C GLU C 239 10.98 -21.68 10.20
N VAL C 240 11.39 -20.45 10.49
CA VAL C 240 11.50 -19.39 9.50
C VAL C 240 12.94 -18.94 9.42
N GLU C 241 13.21 -18.06 8.45
CA GLU C 241 14.56 -17.55 8.21
C GLU C 241 14.55 -16.03 8.35
N CYS C 242 15.55 -15.51 9.06
CA CYS C 242 15.69 -14.07 9.28
C CYS C 242 17.09 -13.63 8.86
N TYR C 243 17.21 -12.35 8.51
CA TYR C 243 18.42 -11.81 7.91
C TYR C 243 18.97 -10.69 8.78
N VAL C 244 20.26 -10.76 9.08
CA VAL C 244 20.93 -9.84 9.98
C VAL C 244 21.52 -8.68 9.19
N SER C 245 21.78 -7.57 9.88
CA SER C 245 22.32 -6.37 9.26
C SER C 245 23.75 -6.13 9.74
N ARG C 246 24.65 -5.90 8.79
CA ARG C 246 26.05 -5.60 9.07
C ARG C 246 26.74 -6.71 9.86
N PRO C 247 26.89 -7.90 9.28
CA PRO C 247 27.63 -8.95 9.99
C PRO C 247 29.13 -8.71 10.03
N THR C 248 29.71 -8.16 8.95
CA THR C 248 31.16 -8.06 8.86
C THR C 248 31.73 -7.05 9.85
N GLU C 249 31.09 -5.88 9.95
CA GLU C 249 31.57 -4.88 10.90
C GLU C 249 31.51 -5.40 12.32
N LYS C 250 30.42 -6.11 12.66
CA LYS C 250 30.27 -6.63 14.01
C LYS C 250 31.28 -7.73 14.29
N THR C 251 31.59 -8.56 13.29
CA THR C 251 32.63 -9.57 13.46
C THR C 251 33.99 -8.90 13.72
N VAL C 252 34.31 -7.86 12.95
CA VAL C 252 35.57 -7.15 13.14
C VAL C 252 35.64 -6.55 14.54
N PHE C 253 34.53 -5.95 14.98
CA PHE C 253 34.48 -5.38 16.33
C PHE C 253 34.70 -6.45 17.39
N LEU C 254 34.06 -7.61 17.21
CA LEU C 254 34.22 -8.71 18.16
C LEU C 254 35.69 -9.11 18.26
N VAL C 255 36.34 -9.33 17.12
CA VAL C 255 37.73 -9.77 17.13
C VAL C 255 38.63 -8.71 17.77
N PHE C 256 38.41 -7.44 17.43
CA PHE C 256 39.24 -6.37 17.98
C PHE C 256 39.10 -6.29 19.50
N MET C 257 37.87 -6.34 20.00
CA MET C 257 37.65 -6.27 21.44
C MET C 257 38.27 -7.47 22.14
N PHE C 258 38.15 -8.66 21.55
CA PHE C 258 38.76 -9.84 22.16
C PHE C 258 40.27 -9.68 22.24
N ALA C 259 40.90 -9.18 21.17
CA ALA C 259 42.34 -9.01 21.20
C ALA C 259 42.77 -8.01 22.27
N VAL C 260 42.06 -6.89 22.37
CA VAL C 260 42.41 -5.87 23.37
C VAL C 260 42.27 -6.44 24.77
N SER C 261 41.17 -7.17 25.03
CA SER C 261 40.97 -7.76 26.35
C SER C 261 42.06 -8.78 26.67
N GLY C 262 42.46 -9.58 25.68
CA GLY C 262 43.54 -10.53 25.90
C GLY C 262 44.83 -9.84 26.27
N ILE C 263 45.17 -8.75 25.57
CA ILE C 263 46.37 -8.00 25.89
C ILE C 263 46.30 -7.46 27.32
N CYS C 264 45.14 -6.93 27.69
CA CYS C 264 44.97 -6.43 29.05
C CYS C 264 45.18 -7.53 30.08
N VAL C 265 44.61 -8.70 29.83
CA VAL C 265 44.76 -9.82 30.77
C VAL C 265 46.23 -10.22 30.89
N VAL C 266 46.93 -10.27 29.76
CA VAL C 266 48.34 -10.65 29.79
C VAL C 266 49.14 -9.66 30.63
N LEU C 267 48.89 -8.36 30.42
CA LEU C 267 49.63 -7.36 31.18
C LEU C 267 49.31 -7.45 32.67
N ASN C 268 48.04 -7.66 33.00
CA ASN C 268 47.67 -7.79 34.41
C ASN C 268 48.35 -8.99 35.06
N LEU C 269 48.39 -10.12 34.36
CA LEU C 269 49.07 -11.29 34.91
C LEU C 269 50.56 -11.04 35.08
N ALA C 270 51.18 -10.35 34.12
CA ALA C 270 52.60 -10.04 34.26
C ALA C 270 52.85 -9.17 35.47
N GLU C 271 52.02 -8.14 35.67
CA GLU C 271 52.19 -7.29 36.84
C GLU C 271 51.97 -8.06 38.13
N LEU C 272 50.98 -8.95 38.16
CA LEU C 272 50.74 -9.77 39.35
C LEU C 272 51.94 -10.64 39.66
N ASN C 273 52.53 -11.26 38.63
CA ASN C 273 53.68 -12.13 38.84
C ASN C 273 54.94 -11.35 39.17
N HIS C 274 55.00 -10.06 38.85
CA HIS C 274 56.19 -9.28 39.16
C HIS C 274 56.47 -9.27 40.66
N LEU C 275 55.42 -9.10 41.47
CA LEU C 275 55.57 -9.08 42.91
C LEU C 275 55.40 -10.48 43.49
N MET D 21 62.69 22.89 11.09
CA MET D 21 61.99 23.79 12.00
C MET D 21 60.54 23.98 11.56
N ILE D 22 60.37 24.50 10.34
CA ILE D 22 59.01 24.70 9.81
C ILE D 22 58.31 23.36 9.62
N GLY D 23 59.07 22.28 9.46
CA GLY D 23 58.45 20.98 9.24
C GLY D 23 57.55 20.56 10.39
N ARG D 24 58.01 20.78 11.62
CA ARG D 24 57.20 20.42 12.78
C ARG D 24 55.89 21.21 12.80
N ILE D 25 55.97 22.51 12.52
CA ILE D 25 54.77 23.35 12.51
C ILE D 25 53.80 22.87 11.44
N LEU D 26 54.32 22.58 10.24
CA LEU D 26 53.45 22.09 9.18
C LEU D 26 52.82 20.76 9.54
N LEU D 27 53.59 19.86 10.15
CA LEU D 27 53.04 18.55 10.54
C LEU D 27 51.92 18.71 11.56
N THR D 28 52.13 19.56 12.57
CA THR D 28 51.09 19.77 13.57
C THR D 28 49.85 20.39 12.94
N VAL D 29 50.04 21.38 12.07
CA VAL D 29 48.91 22.02 11.42
C VAL D 29 48.13 21.01 10.59
N VAL D 30 48.83 20.17 9.84
CA VAL D 30 48.16 19.17 9.00
C VAL D 30 47.39 18.18 9.86
N VAL D 31 47.99 17.73 10.96
CA VAL D 31 47.31 16.76 11.83
C VAL D 31 46.03 17.37 12.39
N ILE D 32 46.12 18.59 12.90
CA ILE D 32 44.93 19.23 13.48
C ILE D 32 43.88 19.46 12.42
N PHE D 33 44.29 19.88 11.22
CA PHE D 33 43.35 20.09 10.13
C PHE D 33 42.62 18.81 9.76
N ARG D 34 43.37 17.70 9.65
CA ARG D 34 42.75 16.43 9.33
C ARG D 34 41.76 16.01 10.41
N ILE D 35 42.14 16.16 11.68
CA ILE D 35 41.26 15.77 12.77
C ILE D 35 39.98 16.59 12.74
N LEU D 36 40.10 17.91 12.56
CA LEU D 36 38.92 18.76 12.53
C LEU D 36 38.01 18.42 11.35
N ILE D 37 38.60 18.21 10.17
CA ILE D 37 37.79 17.90 8.99
C ILE D 37 37.04 16.60 9.20
N VAL D 38 37.72 15.58 9.73
CA VAL D 38 37.05 14.30 9.96
C VAL D 38 35.93 14.46 10.98
N ALA D 39 36.20 15.19 12.07
CA ALA D 39 35.25 15.25 13.18
C ALA D 39 34.01 16.04 12.82
N ILE D 40 34.17 17.23 12.25
CA ILE D 40 33.05 18.16 12.12
C ILE D 40 32.05 17.71 11.06
N VAL D 41 32.53 17.36 9.86
CA VAL D 41 31.65 17.20 8.72
C VAL D 41 31.56 15.75 8.23
N GLY D 42 32.52 14.89 8.59
CA GLY D 42 32.55 13.54 8.05
C GLY D 42 31.37 12.68 8.44
N GLU D 43 30.84 12.86 9.64
CA GLU D 43 29.84 11.95 10.20
C GLU D 43 28.42 12.26 9.74
N THR D 44 28.26 13.07 8.69
CA THR D 44 26.94 13.39 8.15
C THR D 44 26.73 12.92 6.72
N VAL D 45 27.79 12.78 5.92
CA VAL D 45 27.64 12.26 4.57
C VAL D 45 27.16 10.81 4.60
N TYR D 46 27.68 10.03 5.53
CA TYR D 46 27.40 8.60 5.61
C TYR D 46 26.24 8.28 6.55
N ASP D 47 25.46 9.28 6.96
CA ASP D 47 24.38 9.04 7.91
C ASP D 47 23.33 8.11 7.33
N ASP D 48 22.93 8.32 6.07
CA ASP D 48 21.91 7.53 5.41
C ASP D 48 22.50 6.55 4.40
N GLU D 49 23.66 5.96 4.71
CA GLU D 49 24.32 5.08 3.77
C GLU D 49 23.44 3.89 3.40
N GLN D 50 22.81 3.26 4.40
CA GLN D 50 22.06 2.04 4.17
C GLN D 50 20.57 2.29 3.94
N THR D 51 20.04 3.40 4.43
CA THR D 51 18.62 3.68 4.25
C THR D 51 18.28 4.01 2.80
N MET D 52 19.23 4.59 2.06
CA MET D 52 19.01 4.99 0.68
C MET D 52 19.63 4.02 -0.31
N PHE D 53 20.06 2.84 0.15
CA PHE D 53 20.60 1.81 -0.72
C PHE D 53 19.45 0.93 -1.20
N VAL D 54 19.25 0.87 -2.50
CA VAL D 54 18.12 0.17 -3.10
C VAL D 54 18.61 -0.80 -4.16
N CYS D 55 18.00 -1.97 -4.21
CA CYS D 55 18.28 -2.98 -5.23
C CYS D 55 17.01 -3.30 -5.98
N ASN D 56 17.17 -3.74 -7.23
CA ASN D 56 16.04 -4.01 -8.12
C ASN D 56 15.65 -5.49 -7.97
N THR D 57 14.78 -5.77 -7.01
CA THR D 57 14.35 -7.14 -6.76
C THR D 57 13.16 -7.11 -5.81
N LEU D 58 12.54 -8.28 -5.63
CA LEU D 58 11.43 -8.46 -4.71
C LEU D 58 11.79 -9.41 -3.57
N GLN D 59 12.95 -10.04 -3.62
CA GLN D 59 13.34 -11.05 -2.65
C GLN D 59 13.69 -10.40 -1.32
N PRO D 60 13.05 -10.79 -0.21
CA PRO D 60 13.47 -10.26 1.09
C PRO D 60 14.89 -10.69 1.43
N GLY D 61 15.63 -9.78 2.07
CA GLY D 61 16.97 -10.07 2.52
C GLY D 61 18.07 -9.83 1.51
N CYS D 62 17.72 -9.45 0.27
CA CYS D 62 18.75 -9.18 -0.73
C CYS D 62 19.44 -7.85 -0.49
N ASN D 63 18.69 -6.86 0.02
CA ASN D 63 19.29 -5.55 0.27
C ASN D 63 20.39 -5.63 1.30
N GLN D 64 20.15 -6.34 2.41
CA GLN D 64 21.15 -6.43 3.47
C GLN D 64 22.41 -7.13 2.96
N ALA D 65 22.25 -8.26 2.28
CA ALA D 65 23.41 -8.99 1.79
C ALA D 65 24.20 -8.17 0.78
N CYS D 66 23.50 -7.50 -0.14
CA CYS D 66 24.19 -6.73 -1.16
C CYS D 66 24.89 -5.52 -0.58
N TYR D 67 24.27 -4.85 0.40
CA TYR D 67 24.93 -3.73 1.05
C TYR D 67 26.17 -4.20 1.82
N ASP D 68 26.07 -5.33 2.50
CA ASP D 68 27.22 -5.82 3.26
C ASP D 68 28.35 -6.24 2.34
N ARG D 69 28.02 -6.79 1.16
CA ARG D 69 29.07 -7.15 0.22
C ARG D 69 29.69 -5.93 -0.44
N ALA D 70 28.89 -4.90 -0.74
CA ALA D 70 29.43 -3.71 -1.39
C ALA D 70 30.33 -2.92 -0.44
N PHE D 71 29.89 -2.74 0.81
CA PHE D 71 30.58 -1.89 1.78
C PHE D 71 30.80 -2.68 3.06
N PRO D 72 31.82 -3.53 3.11
CA PRO D 72 32.08 -4.30 4.35
C PRO D 72 32.32 -3.41 5.55
N ILE D 73 33.11 -2.36 5.36
CA ILE D 73 33.43 -1.40 6.42
C ILE D 73 33.27 0.01 5.86
N SER D 74 32.64 0.88 6.63
CA SER D 74 32.44 2.25 6.20
C SER D 74 33.77 3.02 6.24
N HIS D 75 33.86 4.04 5.38
CA HIS D 75 35.09 4.83 5.31
C HIS D 75 35.36 5.57 6.60
N ILE D 76 34.30 6.13 7.20
CA ILE D 76 34.49 6.97 8.39
C ILE D 76 35.03 6.16 9.55
N ARG D 77 34.58 4.91 9.70
CA ARG D 77 35.11 4.04 10.75
C ARG D 77 36.60 3.84 10.57
N TYR D 78 37.03 3.54 9.35
CA TYR D 78 38.44 3.33 9.06
C TYR D 78 39.25 4.59 9.37
N TRP D 79 38.74 5.76 8.96
CA TRP D 79 39.48 6.99 9.17
C TRP D 79 39.58 7.33 10.66
N VAL D 80 38.50 7.10 11.42
CA VAL D 80 38.56 7.35 12.86
C VAL D 80 39.58 6.42 13.51
N PHE D 81 39.57 5.15 13.14
CA PHE D 81 40.53 4.22 13.72
C PHE D 81 41.95 4.63 13.38
N GLN D 82 42.19 5.04 12.14
CA GLN D 82 43.53 5.48 11.74
C GLN D 82 43.97 6.71 12.54
N ILE D 83 43.06 7.67 12.70
CA ILE D 83 43.39 8.89 13.43
C ILE D 83 43.77 8.55 14.86
N ILE D 84 42.99 7.68 15.51
CA ILE D 84 43.28 7.36 16.90
C ILE D 84 44.57 6.55 17.01
N MET D 85 44.83 5.66 16.05
CA MET D 85 46.00 4.78 16.14
C MET D 85 47.29 5.53 15.88
N VAL D 86 47.30 6.52 14.98
CA VAL D 86 48.54 7.20 14.63
C VAL D 86 49.02 8.19 15.67
N CYS D 87 48.33 8.30 16.81
CA CYS D 87 48.71 9.23 17.86
C CYS D 87 48.99 8.56 19.21
N THR D 88 49.30 7.26 19.20
CA THR D 88 49.60 6.55 20.44
C THR D 88 51.01 6.83 20.94
N PRO D 89 52.01 6.86 20.06
CA PRO D 89 53.39 7.08 20.55
C PRO D 89 53.56 8.38 21.31
N SER D 90 52.85 9.45 20.90
CA SER D 90 52.92 10.69 21.65
C SER D 90 52.40 10.51 23.07
N LEU D 91 51.28 9.79 23.22
CA LEU D 91 50.74 9.53 24.55
C LEU D 91 51.72 8.70 25.38
N CYS D 92 52.35 7.70 24.77
CA CYS D 92 53.33 6.89 25.51
C CYS D 92 54.49 7.75 25.98
N PHE D 93 55.01 8.62 25.11
CA PHE D 93 56.12 9.49 25.48
C PHE D 93 55.72 10.44 26.59
N ILE D 94 54.51 11.01 26.51
CA ILE D 94 54.06 11.94 27.53
C ILE D 94 53.94 11.22 28.87
N THR D 95 53.39 10.01 28.87
CA THR D 95 53.23 9.26 30.11
C THR D 95 54.60 8.93 30.70
N TYR D 96 55.56 8.52 29.86
CA TYR D 96 56.90 8.23 30.37
C TYR D 96 57.54 9.47 30.97
N SER D 97 57.38 10.62 30.30
CA SER D 97 57.94 11.86 30.81
C SER D 97 57.32 12.23 32.15
N VAL D 98 56.00 12.08 32.27
CA VAL D 98 55.32 12.40 33.52
C VAL D 98 55.83 11.48 34.64
N HIS D 99 55.97 10.18 34.35
CA HIS D 99 56.50 9.28 35.36
C HIS D 99 57.93 9.64 35.75
N GLN D 100 58.75 10.02 34.78
CA GLN D 100 60.13 10.42 35.05
C GLN D 100 60.17 11.54 36.09
N SER D 196 66.92 10.19 24.48
CA SER D 196 66.74 10.47 23.07
C SER D 196 66.38 9.21 22.29
N ARG D 197 66.64 8.05 22.91
CA ARG D 197 66.29 6.78 22.27
C ARG D 197 64.79 6.69 22.04
N PHE D 198 63.99 7.07 23.03
CA PHE D 198 62.54 7.03 22.89
C PHE D 198 62.09 7.85 21.69
N TYR D 199 62.73 9.00 21.46
CA TYR D 199 62.37 9.84 20.32
C TYR D 199 62.55 9.08 19.01
N ILE D 200 63.70 8.42 18.84
CA ILE D 200 63.97 7.69 17.61
C ILE D 200 62.96 6.56 17.44
N ILE D 201 62.74 5.80 18.52
CA ILE D 201 61.82 4.66 18.43
C ILE D 201 60.42 5.11 18.05
N GLN D 202 59.93 6.18 18.70
CA GLN D 202 58.58 6.65 18.40
C GLN D 202 58.48 7.22 16.99
N VAL D 203 59.52 7.89 16.51
CA VAL D 203 59.50 8.39 15.13
C VAL D 203 59.41 7.24 14.15
N VAL D 204 60.20 6.19 14.37
CA VAL D 204 60.16 5.03 13.48
C VAL D 204 58.78 4.38 13.51
N PHE D 205 58.22 4.23 14.71
CA PHE D 205 56.91 3.60 14.83
C PHE D 205 55.85 4.43 14.11
N ARG D 206 55.89 5.75 14.27
CA ARG D 206 54.92 6.61 13.60
C ARG D 206 55.03 6.49 12.09
N ASN D 207 56.26 6.51 11.57
CA ASN D 207 56.44 6.38 10.13
C ASN D 207 55.86 5.06 9.61
N ALA D 208 56.18 3.97 10.30
CA ALA D 208 55.67 2.67 9.89
C ALA D 208 54.15 2.63 9.92
N LEU D 209 53.55 3.17 10.99
CA LEU D 209 52.10 3.15 11.11
C LEU D 209 51.45 3.93 9.97
N GLU D 210 51.98 5.13 9.68
CA GLU D 210 51.39 5.95 8.63
C GLU D 210 51.49 5.26 7.27
N ILE D 211 52.67 4.71 6.95
CA ILE D 211 52.83 4.04 5.67
C ILE D 211 51.88 2.86 5.55
N GLY D 212 51.80 2.05 6.60
CA GLY D 212 50.91 0.90 6.56
C GLY D 212 49.47 1.29 6.38
N PHE D 213 49.02 2.33 7.09
CA PHE D 213 47.63 2.76 6.96
C PHE D 213 47.33 3.30 5.57
N LEU D 214 48.27 4.06 4.99
CA LEU D 214 48.06 4.55 3.64
C LEU D 214 47.92 3.40 2.64
N VAL D 215 48.84 2.43 2.70
CA VAL D 215 48.77 1.30 1.78
C VAL D 215 47.49 0.50 1.99
N GLY D 216 47.09 0.33 3.24
CA GLY D 216 45.86 -0.40 3.53
C GLY D 216 44.63 0.30 2.97
N GLN D 217 44.56 1.62 3.12
CA GLN D 217 43.45 2.36 2.54
C GLN D 217 43.42 2.18 1.03
N TYR D 218 44.57 2.31 0.38
CA TYR D 218 44.59 2.14 -1.07
C TYR D 218 44.09 0.76 -1.48
N PHE D 219 44.58 -0.28 -0.81
CA PHE D 219 44.18 -1.64 -1.18
C PHE D 219 42.73 -1.94 -0.84
N LEU D 220 42.17 -1.24 0.16
CA LEU D 220 40.79 -1.53 0.56
C LEU D 220 39.78 -0.82 -0.33
N TYR D 221 39.95 0.48 -0.56
CA TYR D 221 38.90 1.28 -1.18
C TYR D 221 39.17 1.70 -2.60
N GLY D 222 40.39 2.08 -2.94
CA GLY D 222 40.69 2.54 -4.29
C GLY D 222 40.65 4.05 -4.42
N PHE D 223 40.12 4.54 -5.55
CA PHE D 223 40.11 5.98 -5.82
C PHE D 223 38.73 6.51 -6.19
N SER D 224 37.73 5.66 -6.35
CA SER D 224 36.41 6.14 -6.75
C SER D 224 35.34 5.21 -6.20
N VAL D 225 34.13 5.76 -6.08
CA VAL D 225 32.96 5.01 -5.62
C VAL D 225 31.95 4.96 -6.78
N PRO D 226 31.79 3.82 -7.45
CA PRO D 226 30.84 3.78 -8.57
C PRO D 226 29.39 3.87 -8.11
N GLY D 227 28.54 4.32 -9.04
CA GLY D 227 27.13 4.47 -8.73
C GLY D 227 26.30 3.23 -8.93
N LEU D 228 26.88 2.16 -9.46
CA LEU D 228 26.19 0.91 -9.68
C LEU D 228 26.99 -0.25 -9.11
N TYR D 229 26.29 -1.28 -8.65
CA TYR D 229 26.90 -2.48 -8.12
C TYR D 229 26.17 -3.71 -8.66
N GLU D 230 26.93 -4.77 -8.92
CA GLU D 230 26.38 -6.05 -9.36
C GLU D 230 26.52 -7.05 -8.23
N CYS D 231 25.38 -7.61 -7.81
CA CYS D 231 25.31 -8.42 -6.60
C CYS D 231 24.82 -9.82 -6.95
N ASN D 232 25.55 -10.84 -6.51
CA ASN D 232 25.22 -12.23 -6.79
C ASN D 232 25.40 -13.08 -5.54
N ARG D 233 24.90 -12.57 -4.41
CA ARG D 233 24.99 -13.26 -3.13
C ARG D 233 23.61 -13.77 -2.71
N TYR D 234 23.59 -14.96 -2.11
CA TYR D 234 22.36 -15.52 -1.58
C TYR D 234 21.78 -14.56 -0.55
N PRO D 235 20.45 -14.36 -0.51
CA PRO D 235 19.39 -15.04 -1.27
C PRO D 235 19.08 -14.43 -2.64
N CYS D 236 19.85 -13.44 -3.08
CA CYS D 236 19.58 -12.82 -4.38
C CYS D 236 19.74 -13.86 -5.49
N ILE D 237 18.76 -13.90 -6.39
CA ILE D 237 18.75 -14.90 -7.46
C ILE D 237 19.59 -14.39 -8.62
N LYS D 238 20.50 -15.24 -9.11
CA LYS D 238 21.46 -14.85 -10.13
C LYS D 238 22.09 -13.51 -9.76
N GLU D 239 22.25 -12.61 -10.72
CA GLU D 239 22.90 -11.32 -10.50
C GLU D 239 21.87 -10.20 -10.60
N VAL D 240 21.89 -9.31 -9.61
CA VAL D 240 20.98 -8.17 -9.56
C VAL D 240 21.81 -6.89 -9.58
N GLU D 241 21.11 -5.77 -9.67
CA GLU D 241 21.74 -4.45 -9.73
C GLU D 241 21.26 -3.60 -8.56
N CYS D 242 22.21 -2.93 -7.91
CA CYS D 242 21.92 -2.06 -6.78
C CYS D 242 22.51 -0.68 -7.03
N TYR D 243 21.92 0.32 -6.37
CA TYR D 243 22.24 1.72 -6.64
C TYR D 243 22.73 2.39 -5.37
N VAL D 244 23.87 3.08 -5.48
CA VAL D 244 24.54 3.69 -4.34
C VAL D 244 24.07 5.12 -4.18
N SER D 245 24.26 5.67 -2.98
CA SER D 245 23.84 7.02 -2.65
C SER D 245 25.07 7.92 -2.45
N ARG D 246 25.05 9.07 -3.09
CA ARG D 246 26.12 10.07 -2.97
C ARG D 246 27.49 9.52 -3.36
N PRO D 247 27.69 9.14 -4.63
CA PRO D 247 29.03 8.69 -5.04
C PRO D 247 30.04 9.83 -5.14
N THR D 248 29.62 11.01 -5.59
CA THR D 248 30.57 12.08 -5.87
C THR D 248 31.18 12.64 -4.60
N GLU D 249 30.36 12.88 -3.58
CA GLU D 249 30.89 13.40 -2.31
C GLU D 249 31.89 12.41 -1.71
N LYS D 250 31.57 11.11 -1.77
CA LYS D 250 32.45 10.11 -1.18
C LYS D 250 33.75 9.99 -1.98
N THR D 251 33.68 10.14 -3.30
CA THR D 251 34.90 10.15 -4.11
C THR D 251 35.78 11.35 -3.73
N VAL D 252 35.17 12.52 -3.57
CA VAL D 252 35.93 13.71 -3.20
C VAL D 252 36.58 13.51 -1.83
N PHE D 253 35.84 12.94 -0.90
CA PHE D 253 36.39 12.67 0.43
C PHE D 253 37.57 11.71 0.34
N LEU D 254 37.43 10.65 -0.47
CA LEU D 254 38.50 9.68 -0.64
C LEU D 254 39.77 10.37 -1.13
N VAL D 255 39.64 11.18 -2.19
CA VAL D 255 40.80 11.84 -2.77
C VAL D 255 41.44 12.79 -1.76
N PHE D 256 40.61 13.57 -1.06
CA PHE D 256 41.15 14.53 -0.09
C PHE D 256 41.92 13.82 1.03
N MET D 257 41.33 12.75 1.57
CA MET D 257 42.02 12.02 2.64
C MET D 257 43.31 11.41 2.14
N PHE D 258 43.31 10.85 0.93
CA PHE D 258 44.53 10.29 0.38
C PHE D 258 45.62 11.37 0.25
N ALA D 259 45.25 12.54 -0.24
CA ALA D 259 46.24 13.61 -0.39
C ALA D 259 46.82 14.03 0.96
N VAL D 260 45.95 14.19 1.97
CA VAL D 260 46.42 14.60 3.29
C VAL D 260 47.37 13.56 3.86
N SER D 261 46.99 12.28 3.74
CA SER D 261 47.85 11.21 4.26
C SER D 261 49.19 11.17 3.54
N GLY D 262 49.18 11.40 2.22
CA GLY D 262 50.44 11.44 1.49
C GLY D 262 51.34 12.57 1.96
N ILE D 263 50.76 13.75 2.20
CA ILE D 263 51.55 14.86 2.70
C ILE D 263 52.14 14.51 4.07
N CYS D 264 51.33 13.90 4.94
CA CYS D 264 51.83 13.51 6.24
C CYS D 264 52.99 12.53 6.12
N VAL D 265 52.87 11.54 5.23
CA VAL D 265 53.94 10.57 5.05
C VAL D 265 55.21 11.25 4.56
N VAL D 266 55.06 12.18 3.61
CA VAL D 266 56.24 12.88 3.09
C VAL D 266 56.94 13.65 4.20
N LEU D 267 56.17 14.36 5.02
CA LEU D 267 56.77 15.13 6.10
C LEU D 267 57.46 14.22 7.12
N ASN D 268 56.83 13.09 7.44
CA ASN D 268 57.44 12.16 8.38
C ASN D 268 58.75 11.60 7.84
N LEU D 269 58.78 11.25 6.55
CA LEU D 269 60.02 10.75 5.96
C LEU D 269 61.10 11.83 5.96
N ALA D 270 60.73 13.07 5.67
CA ALA D 270 61.71 14.15 5.70
C ALA D 270 62.30 14.30 7.10
N GLU D 271 61.44 14.29 8.13
CA GLU D 271 61.94 14.41 9.49
C GLU D 271 62.83 13.24 9.85
N LEU D 272 62.46 12.02 9.44
CA LEU D 272 63.29 10.85 9.72
C LEU D 272 64.66 10.99 9.07
N ASN D 273 64.70 11.46 7.82
CA ASN D 273 65.97 11.60 7.13
C ASN D 273 66.78 12.79 7.64
N HIS D 274 66.16 13.74 8.33
CA HIS D 274 66.92 14.87 8.86
C HIS D 274 67.99 14.41 9.82
N LEU D 275 67.66 13.47 10.70
CA LEU D 275 68.62 12.95 11.67
C LEU D 275 69.35 11.73 11.10
N MET E 21 43.15 50.86 11.30
CA MET E 21 42.87 50.54 12.69
C MET E 21 41.50 49.88 12.80
N ILE E 22 40.46 50.60 12.39
CA ILE E 22 39.11 50.05 12.43
C ILE E 22 38.98 48.86 11.49
N GLY E 23 39.82 48.78 10.47
CA GLY E 23 39.72 47.68 9.53
C GLY E 23 39.92 46.32 10.18
N ARG E 24 40.89 46.22 11.09
CA ARG E 24 41.12 44.96 11.78
C ARG E 24 39.91 44.56 12.61
N ILE E 25 39.32 45.52 13.33
CA ILE E 25 38.15 45.23 14.15
C ILE E 25 37.00 44.76 13.27
N LEU E 26 36.76 45.45 12.16
CA LEU E 26 35.69 45.04 11.26
C LEU E 26 35.94 43.66 10.68
N LEU E 27 37.19 43.35 10.31
CA LEU E 27 37.50 42.04 9.76
C LEU E 27 37.23 40.94 10.79
N THR E 28 37.68 41.15 12.03
CA THR E 28 37.45 40.16 13.06
C THR E 28 35.96 39.97 13.32
N VAL E 29 35.21 41.08 13.39
CA VAL E 29 33.79 40.98 13.63
C VAL E 29 33.10 40.21 12.51
N VAL E 30 33.48 40.50 11.26
CA VAL E 30 32.86 39.82 10.12
C VAL E 30 33.17 38.33 10.15
N VAL E 31 34.42 37.98 10.47
CA VAL E 31 34.80 36.57 10.50
C VAL E 31 34.00 35.84 11.57
N ILE E 32 33.91 36.41 12.77
CA ILE E 32 33.18 35.75 13.84
C ILE E 32 31.71 35.65 13.49
N PHE E 33 31.14 36.70 12.90
CA PHE E 33 29.73 36.67 12.49
C PHE E 33 29.47 35.57 11.48
N ARG E 34 30.35 35.44 10.48
CA ARG E 34 30.18 34.40 9.48
C ARG E 34 30.25 33.02 10.12
N ILE E 35 31.24 32.81 11.00
CA ILE E 35 31.39 31.52 11.64
C ILE E 35 30.15 31.17 12.46
N LEU E 36 29.65 32.13 13.24
CA LEU E 36 28.47 31.87 14.06
C LEU E 36 27.25 31.57 13.19
N ILE E 37 27.04 32.35 12.14
CA ILE E 37 25.89 32.13 11.27
C ILE E 37 25.94 30.75 10.64
N VAL E 38 27.12 30.36 10.14
CA VAL E 38 27.23 29.04 9.53
C VAL E 38 26.99 27.94 10.56
N ALA E 39 27.56 28.09 11.76
CA ALA E 39 27.51 27.01 12.74
C ALA E 39 26.11 26.82 13.31
N ILE E 40 25.46 27.89 13.73
CA ILE E 40 24.23 27.75 14.52
C ILE E 40 23.06 27.29 13.68
N VAL E 41 22.82 27.92 12.52
CA VAL E 41 21.56 27.72 11.80
C VAL E 41 21.75 27.00 10.47
N GLY E 42 22.96 26.98 9.92
CA GLY E 42 23.16 26.41 8.59
C GLY E 42 22.85 24.93 8.48
N GLU E 43 23.13 24.16 9.53
CA GLU E 43 23.08 22.71 9.46
C GLU E 43 21.66 22.15 9.65
N THR E 44 20.64 22.99 9.54
CA THR E 44 19.25 22.53 9.66
C THR E 44 18.43 22.72 8.40
N VAL E 45 18.76 23.70 7.55
CA VAL E 45 18.04 23.87 6.29
C VAL E 45 18.25 22.66 5.39
N TYR E 46 19.47 22.13 5.36
CA TYR E 46 19.84 21.05 4.46
C TYR E 46 19.68 19.67 5.10
N ASP E 47 18.99 19.57 6.24
CA ASP E 47 18.87 18.29 6.93
C ASP E 47 18.11 17.28 6.08
N ASP E 48 17.01 17.69 5.46
CA ASP E 48 16.17 16.81 4.65
C ASP E 48 16.36 17.05 3.16
N GLU E 49 17.59 17.33 2.73
CA GLU E 49 17.82 17.66 1.33
C GLU E 49 17.41 16.52 0.41
N GLN E 50 17.78 15.28 0.76
CA GLN E 50 17.55 14.14 -0.10
C GLN E 50 16.26 13.40 0.21
N THR E 51 15.76 13.51 1.44
CA THR E 51 14.53 12.80 1.80
C THR E 51 13.31 13.41 1.11
N MET E 52 13.33 14.71 0.84
CA MET E 52 12.22 15.41 0.22
C MET E 52 12.44 15.66 -1.26
N PHE E 53 13.45 15.04 -1.86
CA PHE E 53 13.69 15.16 -3.30
C PHE E 53 12.92 14.06 -4.02
N VAL E 54 12.02 14.47 -4.91
CA VAL E 54 11.10 13.55 -5.57
C VAL E 54 11.19 13.75 -7.08
N CYS E 55 11.15 12.66 -7.82
CA CYS E 55 11.12 12.68 -9.28
C CYS E 55 9.88 11.96 -9.77
N ASN E 56 9.42 12.34 -10.96
CA ASN E 56 8.17 11.82 -11.53
C ASN E 56 8.52 10.61 -12.40
N THR E 57 8.57 9.44 -11.77
CA THR E 57 8.92 8.21 -12.48
C THR E 57 8.62 7.01 -11.58
N LEU E 58 8.70 5.82 -12.17
CA LEU E 58 8.52 4.57 -11.45
C LEU E 58 9.80 3.74 -11.42
N GLN E 59 10.84 4.15 -12.13
CA GLN E 59 12.06 3.38 -12.26
C GLN E 59 12.86 3.43 -10.96
N PRO E 60 13.19 2.29 -10.36
CA PRO E 60 14.08 2.32 -9.19
C PRO E 60 15.45 2.87 -9.55
N GLY E 61 16.03 3.62 -8.62
CA GLY E 61 17.36 4.15 -8.78
C GLY E 61 17.46 5.47 -9.52
N CYS E 62 16.34 6.00 -10.01
CA CYS E 62 16.39 7.28 -10.71
C CYS E 62 16.54 8.44 -9.74
N ASN E 63 15.94 8.32 -8.55
CA ASN E 63 16.04 9.40 -7.57
C ASN E 63 17.47 9.64 -7.14
N GLN E 64 18.21 8.57 -6.84
CA GLN E 64 19.60 8.72 -6.39
C GLN E 64 20.45 9.37 -7.48
N ALA E 65 20.35 8.87 -8.71
CA ALA E 65 21.16 9.42 -9.79
C ALA E 65 20.82 10.88 -10.05
N CYS E 66 19.54 11.22 -10.06
CA CYS E 66 19.15 12.59 -10.36
C CYS E 66 19.55 13.54 -9.23
N TYR E 67 19.43 13.10 -7.97
CA TYR E 67 19.88 13.93 -6.87
C TYR E 67 21.39 14.14 -6.93
N ASP E 68 22.15 13.09 -7.25
CA ASP E 68 23.60 13.24 -7.30
C ASP E 68 24.02 14.14 -8.45
N ARG E 69 23.28 14.10 -9.57
CA ARG E 69 23.61 14.99 -10.68
C ARG E 69 23.22 16.43 -10.38
N ALA E 70 22.09 16.65 -9.70
CA ALA E 70 21.66 18.00 -9.41
C ALA E 70 22.58 18.67 -8.38
N PHE E 71 22.93 17.95 -7.31
CA PHE E 71 23.69 18.50 -6.19
C PHE E 71 24.90 17.61 -5.92
N PRO E 72 25.98 17.75 -6.70
CA PRO E 72 27.17 16.92 -6.45
C PRO E 72 27.73 17.11 -5.06
N ILE E 73 27.80 18.35 -4.59
CA ILE E 73 28.31 18.68 -3.26
C ILE E 73 27.34 19.67 -2.62
N SER E 74 27.02 19.44 -1.35
CA SER E 74 26.12 20.32 -0.63
C SER E 74 26.82 21.65 -0.32
N HIS E 75 26.00 22.71 -0.21
CA HIS E 75 26.55 24.04 0.06
C HIS E 75 27.24 24.10 1.42
N ILE E 76 26.63 23.47 2.43
CA ILE E 76 27.16 23.59 3.79
C ILE E 76 28.53 22.95 3.89
N ARG E 77 28.76 21.83 3.19
CA ARG E 77 30.07 21.20 3.19
C ARG E 77 31.12 22.16 2.63
N TYR E 78 30.81 22.79 1.50
CA TYR E 78 31.73 23.74 0.88
C TYR E 78 32.03 24.90 1.82
N TRP E 79 30.99 25.45 2.46
CA TRP E 79 31.20 26.59 3.34
C TRP E 79 32.03 26.21 4.57
N VAL E 80 31.79 25.03 5.13
CA VAL E 80 32.59 24.59 6.28
C VAL E 80 34.05 24.43 5.88
N PHE E 81 34.29 23.81 4.72
CA PHE E 81 35.66 23.64 4.25
C PHE E 81 36.33 24.98 4.04
N GLN E 82 35.62 25.93 3.44
CA GLN E 82 36.19 27.26 3.21
C GLN E 82 36.51 27.95 4.53
N ILE E 83 35.61 27.86 5.50
CA ILE E 83 35.83 28.50 6.80
C ILE E 83 37.07 27.92 7.46
N ILE E 84 37.22 26.60 7.44
CA ILE E 84 38.37 25.98 8.09
C ILE E 84 39.66 26.32 7.33
N MET E 85 39.60 26.38 6.00
CA MET E 85 40.80 26.58 5.22
C MET E 85 41.32 28.01 5.31
N VAL E 86 40.42 29.00 5.40
CA VAL E 86 40.85 30.40 5.39
C VAL E 86 41.45 30.86 6.71
N CYS E 87 41.60 29.97 7.69
CA CYS E 87 42.15 30.33 9.00
C CYS E 87 43.39 29.52 9.37
N THR E 88 44.08 28.95 8.39
CA THR E 88 45.29 28.17 8.67
C THR E 88 46.50 29.07 8.92
N PRO E 89 46.69 30.14 8.15
CA PRO E 89 47.88 30.99 8.36
C PRO E 89 47.98 31.55 9.77
N SER E 90 46.84 31.90 10.39
CA SER E 90 46.88 32.37 11.76
C SER E 90 47.41 31.30 12.70
N LEU E 91 46.96 30.05 12.51
CA LEU E 91 47.46 28.95 13.33
C LEU E 91 48.96 28.75 13.12
N CYS E 92 49.41 28.84 11.88
CA CYS E 92 50.85 28.68 11.61
C CYS E 92 51.65 29.76 12.31
N PHE E 93 51.18 31.01 12.22
CA PHE E 93 51.87 32.12 12.87
C PHE E 93 51.90 31.93 14.38
N ILE E 94 50.77 31.52 14.96
CA ILE E 94 50.72 31.32 16.41
C ILE E 94 51.69 30.23 16.83
N THR E 95 51.73 29.13 16.08
CA THR E 95 52.64 28.04 16.41
C THR E 95 54.09 28.49 16.32
N TYR E 96 54.43 29.24 15.27
CA TYR E 96 55.80 29.75 15.14
C TYR E 96 56.15 30.66 16.31
N SER E 97 55.22 31.54 16.69
CA SER E 97 55.47 32.44 17.80
C SER E 97 55.68 31.67 19.10
N VAL E 98 54.86 30.64 19.34
CA VAL E 98 55.01 29.85 20.55
C VAL E 98 56.36 29.14 20.55
N HIS E 99 56.76 28.58 19.42
CA HIS E 99 58.08 27.95 19.34
C HIS E 99 59.21 28.95 19.58
N GLN E 100 59.09 30.15 19.03
CA GLN E 100 60.09 31.19 19.23
C GLN E 100 60.32 31.44 20.71
N SER E 196 58.78 40.18 10.55
CA SER E 196 57.71 40.85 9.83
C SER E 196 57.46 40.18 8.48
N ARG E 197 58.43 39.39 8.02
CA ARG E 197 58.27 38.67 6.77
C ARG E 197 57.09 37.71 6.83
N PHE E 198 56.96 36.98 7.95
CA PHE E 198 55.85 36.04 8.10
C PHE E 198 54.52 36.76 7.96
N TYR E 199 54.42 37.98 8.49
CA TYR E 199 53.18 38.75 8.38
C TYR E 199 52.81 38.98 6.92
N ILE E 200 53.78 39.42 6.12
CA ILE E 200 53.51 39.70 4.70
C ILE E 200 53.10 38.41 3.99
N ILE E 201 53.85 37.33 4.24
CA ILE E 201 53.57 36.08 3.55
C ILE E 201 52.17 35.58 3.88
N GLN E 202 51.81 35.62 5.17
CA GLN E 202 50.49 35.12 5.57
C GLN E 202 49.38 36.02 5.05
N VAL E 203 49.60 37.33 4.98
CA VAL E 203 48.58 38.21 4.41
C VAL E 203 48.35 37.88 2.94
N VAL E 204 49.44 37.68 2.20
CA VAL E 204 49.31 37.34 0.77
C VAL E 204 48.58 36.02 0.62
N PHE E 205 48.95 35.02 1.42
CA PHE E 205 48.29 33.71 1.34
C PHE E 205 46.81 33.82 1.64
N ARG E 206 46.45 34.58 2.68
CA ARG E 206 45.04 34.75 3.02
C ARG E 206 44.27 35.41 1.89
N ASN E 207 44.83 36.46 1.30
CA ASN E 207 44.15 37.14 0.19
C ASN E 207 43.92 36.18 -0.96
N ALA E 208 44.96 35.41 -1.34
CA ALA E 208 44.83 34.48 -2.44
C ALA E 208 43.77 33.42 -2.14
N LEU E 209 43.77 32.88 -0.92
CA LEU E 209 42.81 31.86 -0.56
C LEU E 209 41.39 32.40 -0.65
N GLU E 210 41.14 33.60 -0.11
CA GLU E 210 39.80 34.15 -0.12
C GLU E 210 39.33 34.40 -1.54
N ILE E 211 40.18 34.98 -2.40
CA ILE E 211 39.78 35.26 -3.77
C ILE E 211 39.46 33.95 -4.49
N GLY E 212 40.33 32.94 -4.34
CA GLY E 212 40.09 31.68 -5.00
C GLY E 212 38.80 31.03 -4.56
N PHE E 213 38.52 31.04 -3.26
CA PHE E 213 37.29 30.43 -2.77
C PHE E 213 36.06 31.17 -3.28
N LEU E 214 36.11 32.50 -3.31
CA LEU E 214 34.97 33.25 -3.84
C LEU E 214 34.70 32.89 -5.30
N VAL E 215 35.76 32.90 -6.13
CA VAL E 215 35.58 32.57 -7.54
C VAL E 215 35.07 31.15 -7.70
N GLY E 216 35.59 30.22 -6.90
CA GLY E 216 35.15 28.84 -6.98
C GLY E 216 33.68 28.69 -6.63
N GLN E 217 33.24 29.37 -5.57
CA GLN E 217 31.82 29.34 -5.22
C GLN E 217 30.96 29.86 -6.36
N TYR E 218 31.36 30.98 -6.95
CA TYR E 218 30.58 31.53 -8.05
C TYR E 218 30.49 30.54 -9.21
N PHE E 219 31.62 29.94 -9.59
CA PHE E 219 31.60 29.02 -10.72
C PHE E 219 30.88 27.72 -10.40
N LEU E 220 30.82 27.33 -9.12
CA LEU E 220 30.16 26.07 -8.78
C LEU E 220 28.66 26.21 -8.68
N TYR E 221 28.16 27.20 -7.95
CA TYR E 221 26.75 27.25 -7.61
C TYR E 221 25.94 28.31 -8.33
N GLY E 222 26.49 29.51 -8.52
CA GLY E 222 25.73 30.56 -9.18
C GLY E 222 25.07 31.50 -8.19
N PHE E 223 23.84 31.94 -8.50
CA PHE E 223 23.15 32.92 -7.68
C PHE E 223 21.74 32.49 -7.27
N SER E 224 21.24 31.36 -7.78
CA SER E 224 19.88 30.95 -7.45
C SER E 224 19.78 29.44 -7.52
N VAL E 225 18.78 28.91 -6.81
CA VAL E 225 18.48 27.48 -6.81
C VAL E 225 17.10 27.28 -7.42
N PRO E 226 16.99 26.77 -8.65
CA PRO E 226 15.68 26.59 -9.26
C PRO E 226 14.87 25.48 -8.59
N GLY E 227 13.55 25.59 -8.73
CA GLY E 227 12.65 24.61 -8.14
C GLY E 227 12.40 23.39 -8.99
N LEU E 228 12.90 23.36 -10.22
CA LEU E 228 12.73 22.23 -11.11
C LEU E 228 14.07 21.83 -11.71
N TYR E 229 14.21 20.54 -11.99
CA TYR E 229 15.41 19.99 -12.60
C TYR E 229 15.01 18.99 -13.68
N GLU E 230 15.79 18.97 -14.76
CA GLU E 230 15.60 18.03 -15.86
C GLU E 230 16.74 17.02 -15.83
N CYS E 231 16.39 15.75 -15.71
CA CYS E 231 17.35 14.67 -15.46
C CYS E 231 17.30 13.66 -16.58
N ASN E 232 18.46 13.34 -17.14
CA ASN E 232 18.56 12.41 -18.27
C ASN E 232 19.74 11.46 -18.05
N ARG E 233 19.87 10.94 -16.82
CA ARG E 233 20.95 10.02 -16.47
C ARG E 233 20.40 8.62 -16.27
N TYR E 234 21.18 7.63 -16.70
CA TYR E 234 20.80 6.24 -16.49
C TYR E 234 20.64 5.98 -15.00
N PRO E 235 19.64 5.20 -14.56
CA PRO E 235 18.68 4.40 -15.34
C PRO E 235 17.43 5.17 -15.78
N CYS E 236 17.35 6.48 -15.54
CA CYS E 236 16.17 7.23 -15.93
C CYS E 236 16.00 7.19 -17.44
N ILE E 237 14.78 6.91 -17.89
CA ILE E 237 14.50 6.77 -19.32
C ILE E 237 14.24 8.13 -19.92
N LYS E 238 14.91 8.45 -21.02
CA LYS E 238 14.84 9.77 -21.63
C LYS E 238 15.03 10.83 -20.56
N GLU E 239 14.24 11.90 -20.61
CA GLU E 239 14.37 13.02 -19.68
C GLU E 239 13.16 13.05 -18.75
N VAL E 240 13.43 13.17 -17.44
CA VAL E 240 12.40 13.23 -16.42
C VAL E 240 12.51 14.56 -15.70
N GLU E 241 11.54 14.82 -14.83
CA GLU E 241 11.47 16.05 -14.06
C GLU E 241 11.51 15.74 -12.57
N CYS E 242 12.32 16.49 -11.83
CA CYS E 242 12.47 16.33 -10.40
C CYS E 242 12.24 17.67 -9.72
N TYR E 243 11.84 17.60 -8.44
CA TYR E 243 11.40 18.77 -7.70
C TYR E 243 12.26 18.95 -6.45
N VAL E 244 12.76 20.17 -6.26
CA VAL E 244 13.70 20.49 -5.20
C VAL E 244 12.92 20.98 -3.98
N SER E 245 13.56 20.91 -2.81
CA SER E 245 12.97 21.31 -1.56
C SER E 245 13.64 22.58 -1.02
N ARG E 246 12.82 23.55 -0.65
CA ARG E 246 13.29 24.81 -0.07
C ARG E 246 14.25 25.57 -1.00
N PRO E 247 13.77 26.02 -2.16
CA PRO E 247 14.67 26.82 -3.02
C PRO E 247 14.91 28.23 -2.49
N THR E 248 13.90 28.86 -1.88
CA THR E 248 14.03 30.26 -1.50
C THR E 248 15.02 30.45 -0.36
N GLU E 249 14.95 29.60 0.67
CA GLU E 249 15.89 29.72 1.78
C GLU E 249 17.32 29.53 1.30
N LYS E 250 17.53 28.55 0.41
CA LYS E 250 18.88 28.29 -0.09
C LYS E 250 19.38 29.43 -0.97
N THR E 251 18.50 30.04 -1.74
CA THR E 251 18.89 31.21 -2.52
C THR E 251 19.31 32.37 -1.60
N VAL E 252 18.53 32.60 -0.54
CA VAL E 252 18.86 33.66 0.41
C VAL E 252 20.21 33.38 1.06
N PHE E 253 20.44 32.13 1.45
CA PHE E 253 21.72 31.76 2.04
C PHE E 253 22.87 32.00 1.07
N LEU E 254 22.68 31.62 -0.20
CA LEU E 254 23.70 31.84 -1.21
C LEU E 254 24.06 33.31 -1.31
N VAL E 255 23.05 34.17 -1.44
CA VAL E 255 23.30 35.60 -1.60
C VAL E 255 24.00 36.16 -0.36
N PHE E 256 23.55 35.77 0.83
CA PHE E 256 24.15 36.28 2.06
C PHE E 256 25.62 35.89 2.17
N MET E 257 25.92 34.62 1.89
CA MET E 257 27.30 34.17 1.97
C MET E 257 28.17 34.88 0.94
N PHE E 258 27.65 35.07 -0.27
CA PHE E 258 28.42 35.79 -1.29
C PHE E 258 28.72 37.21 -0.83
N ALA E 259 27.73 37.89 -0.26
CA ALA E 259 27.96 39.26 0.20
C ALA E 259 29.02 39.31 1.30
N VAL E 260 28.94 38.39 2.26
CA VAL E 260 29.90 38.39 3.36
C VAL E 260 31.31 38.13 2.82
N SER E 261 31.44 37.16 1.90
CA SER E 261 32.75 36.86 1.34
C SER E 261 33.30 38.05 0.55
N GLY E 262 32.43 38.75 -0.18
CA GLY E 262 32.88 39.94 -0.90
C GLY E 262 33.39 41.01 0.05
N ILE E 263 32.68 41.24 1.16
CA ILE E 263 33.14 42.21 2.13
C ILE E 263 34.50 41.82 2.69
N CYS E 264 34.66 40.52 3.01
CA CYS E 264 35.93 40.04 3.52
C CYS E 264 37.05 40.29 2.51
N VAL E 265 36.80 40.01 1.23
CA VAL E 265 37.83 40.20 0.21
C VAL E 265 38.20 41.67 0.11
N VAL E 266 37.19 42.55 0.15
CA VAL E 266 37.46 43.99 0.06
C VAL E 266 38.34 44.44 1.22
N LEU E 267 38.01 43.99 2.43
CA LEU E 267 38.81 44.39 3.58
C LEU E 267 40.23 43.86 3.49
N ASN E 268 40.39 42.61 3.05
CA ASN E 268 41.73 42.04 2.90
C ASN E 268 42.54 42.83 1.88
N LEU E 269 41.93 43.19 0.75
CA LEU E 269 42.66 43.98 -0.25
C LEU E 269 43.04 45.34 0.30
N ALA E 270 42.14 45.97 1.06
CA ALA E 270 42.47 47.26 1.65
C ALA E 270 43.66 47.14 2.59
N GLU E 271 43.66 46.12 3.44
CA GLU E 271 44.78 45.93 4.36
C GLU E 271 46.08 45.66 3.60
N LEU E 272 46.00 44.86 2.53
CA LEU E 272 47.19 44.58 1.73
C LEU E 272 47.74 45.87 1.11
N ASN E 273 46.85 46.72 0.59
CA ASN E 273 47.30 47.96 -0.03
C ASN E 273 47.76 48.99 0.98
N HIS E 274 47.37 48.84 2.26
CA HIS E 274 47.81 49.80 3.27
C HIS E 274 49.33 49.82 3.39
N LEU E 275 49.95 48.65 3.38
CA LEU E 275 51.40 48.56 3.47
C LEU E 275 52.04 48.56 2.08
N MET F 21 19.01 54.63 35.09
CA MET F 21 19.75 53.63 35.87
C MET F 21 19.08 52.27 35.75
N ILE F 22 17.82 52.19 36.18
CA ILE F 22 17.07 50.94 36.10
C ILE F 22 16.86 50.53 34.64
N GLY F 23 16.89 51.50 33.72
CA GLY F 23 16.66 51.18 32.32
C GLY F 23 17.69 50.21 31.77
N ARG F 24 18.96 50.40 32.12
CA ARG F 24 20.00 49.50 31.65
C ARG F 24 19.77 48.08 32.17
N ILE F 25 19.42 47.96 33.45
CA ILE F 25 19.17 46.65 34.04
C ILE F 25 18.00 45.97 33.33
N LEU F 26 16.92 46.70 33.12
CA LEU F 26 15.76 46.14 32.43
C LEU F 26 16.11 45.71 31.01
N LEU F 27 16.90 46.53 30.30
CA LEU F 27 17.28 46.19 28.93
C LEU F 27 18.10 44.90 28.90
N THR F 28 19.07 44.78 29.81
CA THR F 28 19.89 43.57 29.85
C THR F 28 19.04 42.36 30.19
N VAL F 29 18.14 42.50 31.17
CA VAL F 29 17.29 41.38 31.55
C VAL F 29 16.42 40.95 30.38
N VAL F 30 15.84 41.92 29.66
CA VAL F 30 14.97 41.59 28.53
C VAL F 30 15.77 40.88 27.43
N VAL F 31 16.97 41.38 27.15
CA VAL F 31 17.78 40.76 26.10
C VAL F 31 18.11 39.32 26.46
N ILE F 32 18.54 39.09 27.70
CA ILE F 32 18.90 37.73 28.11
C ILE F 32 17.67 36.83 28.09
N PHE F 33 16.52 37.35 28.54
CA PHE F 33 15.29 36.57 28.53
C PHE F 33 14.90 36.17 27.11
N ARG F 34 14.98 37.11 26.17
CA ARG F 34 14.66 36.81 24.79
C ARG F 34 15.60 35.75 24.23
N ILE F 35 16.90 35.89 24.50
CA ILE F 35 17.87 34.93 23.97
C ILE F 35 17.58 33.54 24.52
N LEU F 36 17.34 33.44 25.84
CA LEU F 36 17.08 32.14 26.44
C LEU F 36 15.80 31.53 25.88
N ILE F 37 14.73 32.32 25.76
CA ILE F 37 13.47 31.80 25.25
C ILE F 37 13.64 31.27 23.84
N VAL F 38 14.33 32.03 22.99
CA VAL F 38 14.54 31.59 21.61
C VAL F 38 15.37 30.30 21.58
N ALA F 39 16.44 30.25 22.38
CA ALA F 39 17.38 29.15 22.29
C ALA F 39 16.79 27.84 22.82
N ILE F 40 16.17 27.88 24.00
CA ILE F 40 15.81 26.63 24.68
C ILE F 40 14.64 25.93 24.01
N VAL F 41 13.55 26.65 23.72
CA VAL F 41 12.31 26.01 23.35
C VAL F 41 11.91 26.28 21.89
N GLY F 42 12.47 27.31 21.26
CA GLY F 42 12.03 27.69 19.93
C GLY F 42 12.28 26.64 18.86
N GLU F 43 13.38 25.89 18.97
CA GLU F 43 13.83 25.00 17.91
C GLU F 43 13.14 23.64 17.92
N THR F 44 12.03 23.51 18.64
CA THR F 44 11.27 22.26 18.68
C THR F 44 9.86 22.38 18.12
N VAL F 45 9.25 23.56 18.16
CA VAL F 45 7.93 23.73 17.59
C VAL F 45 7.98 23.54 16.07
N TYR F 46 9.03 24.03 15.43
CA TYR F 46 9.16 24.01 13.98
C TYR F 46 9.93 22.80 13.48
N ASP F 47 10.14 21.79 14.32
CA ASP F 47 10.94 20.63 13.90
C ASP F 47 10.27 19.89 12.76
N ASP F 48 8.95 19.67 12.85
CA ASP F 48 8.20 18.93 11.84
C ASP F 48 7.36 19.85 10.96
N GLU F 49 7.87 21.03 10.63
CA GLU F 49 7.10 22.00 9.86
C GLU F 49 6.69 21.43 8.51
N GLN F 50 7.61 20.77 7.80
CA GLN F 50 7.36 20.30 6.45
C GLN F 50 6.88 18.86 6.40
N THR F 51 7.21 18.05 7.41
CA THR F 51 6.80 16.65 7.39
C THR F 51 5.30 16.50 7.59
N MET F 52 4.68 17.42 8.33
CA MET F 52 3.25 17.37 8.62
C MET F 52 2.44 18.31 7.76
N PHE F 53 3.03 18.87 6.71
CA PHE F 53 2.31 19.73 5.78
C PHE F 53 1.74 18.87 4.66
N VAL F 54 0.42 18.90 4.52
CA VAL F 54 -0.30 18.02 3.61
C VAL F 54 -1.21 18.86 2.71
N CYS F 55 -1.27 18.50 1.43
CA CYS F 55 -2.16 19.12 0.47
C CYS F 55 -3.08 18.07 -0.12
N ASN F 56 -4.26 18.51 -0.56
CA ASN F 56 -5.29 17.61 -1.08
C ASN F 56 -5.12 17.49 -2.59
N THR F 57 -4.28 16.54 -3.01
CA THR F 57 -4.00 16.34 -4.42
C THR F 57 -3.24 15.03 -4.59
N LEU F 58 -3.10 14.62 -5.86
CA LEU F 58 -2.34 13.43 -6.22
C LEU F 58 -1.10 13.76 -7.04
N GLN F 59 -0.93 15.02 -7.44
CA GLN F 59 0.16 15.43 -8.32
C GLN F 59 1.48 15.42 -7.56
N PRO F 60 2.49 14.70 -8.02
CA PRO F 60 3.81 14.81 -7.39
C PRO F 60 4.38 16.21 -7.52
N GLY F 61 5.07 16.64 -6.46
CA GLY F 61 5.74 17.92 -6.46
C GLY F 61 4.89 19.10 -6.05
N CYS F 62 3.60 18.90 -5.80
CA CYS F 62 2.75 20.00 -5.36
C CYS F 62 3.01 20.38 -3.92
N ASN F 63 3.33 19.39 -3.07
CA ASN F 63 3.58 19.68 -1.66
C ASN F 63 4.78 20.60 -1.49
N GLN F 64 5.87 20.32 -2.19
CA GLN F 64 7.08 21.13 -2.05
C GLN F 64 6.81 22.56 -2.50
N ALA F 65 6.20 22.74 -3.66
CA ALA F 65 5.94 24.07 -4.17
C ALA F 65 5.01 24.85 -3.24
N CYS F 66 3.95 24.19 -2.76
CA CYS F 66 2.99 24.89 -1.91
C CYS F 66 3.60 25.24 -0.56
N TYR F 67 4.42 24.35 0.00
CA TYR F 67 5.09 24.68 1.25
C TYR F 67 6.06 25.84 1.07
N ASP F 68 6.80 25.85 -0.04
CA ASP F 68 7.76 26.93 -0.26
C ASP F 68 7.05 28.25 -0.49
N ARG F 69 5.88 28.23 -1.12
CA ARG F 69 5.13 29.46 -1.32
C ARG F 69 4.49 29.95 -0.02
N ALA F 70 4.01 29.03 0.82
CA ALA F 70 3.37 29.43 2.07
C ALA F 70 4.39 30.00 3.05
N PHE F 71 5.54 29.34 3.19
CA PHE F 71 6.55 29.69 4.19
C PHE F 71 7.90 29.83 3.51
N PRO F 72 8.17 30.98 2.87
CA PRO F 72 9.47 31.17 2.21
C PRO F 72 10.63 31.06 3.17
N ILE F 73 10.50 31.64 4.36
CA ILE F 73 11.53 31.60 5.39
C ILE F 73 10.86 31.28 6.72
N SER F 74 11.47 30.37 7.47
CA SER F 74 10.93 30.00 8.77
C SER F 74 11.11 31.13 9.78
N HIS F 75 10.21 31.17 10.77
CA HIS F 75 10.28 32.22 11.78
C HIS F 75 11.55 32.13 12.61
N ILE F 76 11.94 30.91 12.97
CA ILE F 76 13.08 30.73 13.88
C ILE F 76 14.37 31.22 13.22
N ARG F 77 14.53 31.00 11.91
CA ARG F 77 15.70 31.50 11.20
C ARG F 77 15.76 33.02 11.29
N TYR F 78 14.64 33.69 11.03
CA TYR F 78 14.60 35.15 11.11
C TYR F 78 14.93 35.64 12.50
N TRP F 79 14.37 34.99 13.53
CA TRP F 79 14.62 35.44 14.90
C TRP F 79 16.08 35.23 15.29
N VAL F 80 16.68 34.11 14.88
CA VAL F 80 18.09 33.89 15.19
C VAL F 80 18.96 34.94 14.52
N PHE F 81 18.67 35.23 13.25
CA PHE F 81 19.44 36.24 12.54
C PHE F 81 19.31 37.60 13.22
N GLN F 82 18.09 37.96 13.62
CA GLN F 82 17.88 39.23 14.29
C GLN F 82 18.64 39.29 15.61
N ILE F 83 18.60 38.21 16.39
CA ILE F 83 19.29 38.18 17.67
C ILE F 83 20.78 38.38 17.46
N ILE F 84 21.36 37.68 16.48
CA ILE F 84 22.80 37.79 16.26
C ILE F 84 23.15 39.19 15.74
N MET F 85 22.30 39.75 14.89
CA MET F 85 22.63 41.03 14.25
C MET F 85 22.53 42.19 15.23
N VAL F 86 21.57 42.15 16.17
CA VAL F 86 21.37 43.29 17.06
C VAL F 86 22.40 43.40 18.17
N CYS F 87 23.42 42.53 18.17
CA CYS F 87 24.45 42.55 19.21
C CYS F 87 25.86 42.72 18.64
N THR F 88 25.99 43.27 17.43
CA THR F 88 27.30 43.50 16.83
C THR F 88 27.99 44.72 17.41
N PRO F 89 27.28 45.84 17.60
CA PRO F 89 27.95 47.05 18.10
C PRO F 89 28.65 46.84 19.43
N SER F 90 28.07 46.03 20.33
CA SER F 90 28.74 45.74 21.59
C SER F 90 30.06 45.04 21.36
N LEU F 91 30.09 44.07 20.43
CA LEU F 91 31.33 43.38 20.12
C LEU F 91 32.36 44.34 19.54
N CYS F 92 31.93 45.25 18.66
CA CYS F 92 32.85 46.22 18.08
C CYS F 92 33.43 47.11 19.17
N PHE F 93 32.59 47.58 20.09
CA PHE F 93 33.07 48.44 21.17
C PHE F 93 34.05 47.69 22.06
N ILE F 94 33.75 46.43 22.39
CA ILE F 94 34.63 45.65 23.24
C ILE F 94 35.98 45.45 22.56
N THR F 95 35.96 45.14 21.26
CA THR F 95 37.22 44.95 20.55
C THR F 95 38.03 46.23 20.51
N TYR F 96 37.38 47.36 20.26
CA TYR F 96 38.10 48.64 20.26
C TYR F 96 38.71 48.92 21.62
N SER F 97 37.94 48.66 22.70
CA SER F 97 38.46 48.90 24.04
C SER F 97 39.66 48.00 24.33
N VAL F 98 39.59 46.73 23.92
CA VAL F 98 40.70 45.82 24.15
C VAL F 98 41.94 46.29 23.39
N HIS F 99 41.76 46.72 22.14
CA HIS F 99 42.89 47.25 21.38
C HIS F 99 43.47 48.50 22.03
N GLN F 100 42.61 49.38 22.53
CA GLN F 100 43.06 50.59 23.20
C GLN F 100 44.02 50.26 24.34
N SER F 196 33.70 58.93 23.93
CA SER F 196 32.25 58.93 24.13
C SER F 196 31.52 58.95 22.79
N ARG F 197 32.24 59.32 21.73
CA ARG F 197 31.64 59.33 20.40
C ARG F 197 31.19 57.92 20.00
N PHE F 198 32.03 56.92 20.26
CA PHE F 198 31.66 55.54 19.93
C PHE F 198 30.36 55.14 20.60
N TYR F 199 30.15 55.59 21.84
CA TYR F 199 28.92 55.27 22.56
C TYR F 199 27.71 55.80 21.80
N ILE F 200 27.76 57.06 21.38
CA ILE F 200 26.62 57.65 20.67
C ILE F 200 26.39 56.93 19.36
N ILE F 201 27.47 56.66 18.61
CA ILE F 201 27.31 56.03 17.31
C ILE F 201 26.69 54.64 17.47
N GLN F 202 27.19 53.85 18.43
CA GLN F 202 26.66 52.51 18.62
C GLN F 202 25.22 52.53 19.11
N VAL F 203 24.85 53.50 19.96
CA VAL F 203 23.47 53.61 20.40
C VAL F 203 22.55 53.88 19.21
N VAL F 204 22.96 54.82 18.35
CA VAL F 204 22.15 55.15 17.17
C VAL F 204 22.02 53.93 16.27
N PHE F 205 23.12 53.22 16.05
CA PHE F 205 23.08 52.04 15.18
C PHE F 205 22.16 50.97 15.77
N ARG F 206 22.24 50.74 17.07
CA ARG F 206 21.37 49.74 17.71
C ARG F 206 19.90 50.13 17.56
N ASN F 207 19.57 51.40 17.79
CA ASN F 207 18.19 51.83 17.65
C ASN F 207 17.69 51.60 16.23
N ALA F 208 18.49 52.00 15.24
CA ALA F 208 18.08 51.83 13.85
C ALA F 208 17.89 50.35 13.52
N LEU F 209 18.81 49.50 13.97
CA LEU F 209 18.70 48.07 13.67
C LEU F 209 17.44 47.49 14.28
N GLU F 210 17.15 47.81 15.54
CA GLU F 210 15.97 47.26 16.19
C GLU F 210 14.69 47.72 15.49
N ILE F 211 14.60 49.01 15.17
CA ILE F 211 13.39 49.50 14.50
C ILE F 211 13.21 48.81 13.15
N GLY F 212 14.29 48.72 12.37
CA GLY F 212 14.20 48.08 11.07
C GLY F 212 13.76 46.63 11.17
N PHE F 213 14.32 45.89 12.12
CA PHE F 213 13.96 44.48 12.26
C PHE F 213 12.51 44.33 12.69
N LEU F 214 12.03 45.18 13.59
CA LEU F 214 10.62 45.11 13.99
C LEU F 214 9.70 45.35 12.80
N VAL F 215 9.97 46.41 12.03
CA VAL F 215 9.11 46.71 10.89
C VAL F 215 9.18 45.58 9.86
N GLY F 216 10.38 45.03 9.64
CA GLY F 216 10.51 43.93 8.70
C GLY F 216 9.72 42.70 9.13
N GLN F 217 9.78 42.36 10.41
CA GLN F 217 8.98 41.23 10.91
C GLN F 217 7.50 41.48 10.67
N TYR F 218 7.03 42.69 10.99
CA TYR F 218 5.61 42.97 10.78
C TYR F 218 5.23 42.81 9.32
N PHE F 219 6.03 43.37 8.41
CA PHE F 219 5.69 43.30 7.00
C PHE F 219 5.83 41.89 6.44
N LEU F 220 6.68 41.06 7.04
CA LEU F 220 6.90 39.71 6.51
C LEU F 220 5.81 38.74 6.97
N TYR F 221 5.52 38.70 8.27
CA TYR F 221 4.70 37.63 8.82
C TYR F 221 3.30 38.05 9.24
N GLY F 222 3.14 39.23 9.85
CA GLY F 222 1.82 39.64 10.30
C GLY F 222 1.59 39.33 11.76
N PHE F 223 0.36 38.91 12.11
CA PHE F 223 0.00 38.68 13.50
C PHE F 223 -0.61 37.30 13.75
N SER F 224 -0.87 36.51 12.71
CA SER F 224 -1.50 35.21 12.91
C SER F 224 -1.05 34.26 11.81
N VAL F 225 -1.16 32.97 12.10
CA VAL F 225 -0.84 31.90 11.16
C VAL F 225 -2.12 31.13 10.87
N PRO F 226 -2.75 31.28 9.71
CA PRO F 226 -3.99 30.56 9.43
C PRO F 226 -3.75 29.06 9.25
N GLY F 227 -4.83 28.30 9.49
CA GLY F 227 -4.76 26.85 9.38
C GLY F 227 -4.99 26.32 7.99
N LEU F 228 -5.36 27.17 7.04
CA LEU F 228 -5.59 26.77 5.67
C LEU F 228 -4.84 27.68 4.71
N TYR F 229 -4.43 27.11 3.58
CA TYR F 229 -3.72 27.85 2.54
C TYR F 229 -4.29 27.46 1.18
N GLU F 230 -4.37 28.43 0.28
CA GLU F 230 -4.81 28.21 -1.09
C GLU F 230 -3.60 28.35 -2.01
N CYS F 231 -3.31 27.29 -2.77
CA CYS F 231 -2.09 27.17 -3.54
C CYS F 231 -2.41 27.01 -5.01
N ASN F 232 -1.79 27.84 -5.85
CA ASN F 232 -2.04 27.83 -7.29
C ASN F 232 -0.72 27.95 -8.04
N ARG F 233 0.29 27.19 -7.62
CA ARG F 233 1.61 27.20 -8.23
C ARG F 233 1.84 25.90 -8.98
N TYR F 234 2.51 26.01 -10.12
CA TYR F 234 2.87 24.83 -10.89
C TYR F 234 3.75 23.92 -10.03
N PRO F 235 3.57 22.58 -10.10
CA PRO F 235 2.70 21.80 -10.99
C PRO F 235 1.27 21.63 -10.51
N CYS F 236 0.88 22.25 -9.40
CA CYS F 236 -0.48 22.09 -8.90
C CYS F 236 -1.48 22.62 -9.92
N ILE F 237 -2.52 21.83 -10.18
CA ILE F 237 -3.51 22.17 -11.19
C ILE F 237 -4.56 23.09 -10.57
N LYS F 238 -4.84 24.20 -11.24
CA LYS F 238 -5.74 25.22 -10.71
C LYS F 238 -5.36 25.53 -9.27
N GLU F 239 -6.35 25.67 -8.38
CA GLU F 239 -6.11 26.02 -6.99
C GLU F 239 -6.43 24.83 -6.09
N VAL F 240 -5.52 24.51 -5.18
CA VAL F 240 -5.68 23.42 -4.24
C VAL F 240 -5.66 23.98 -2.83
N GLU F 241 -5.93 23.10 -1.86
CA GLU F 241 -5.98 23.48 -0.45
C GLU F 241 -4.96 22.67 0.33
N CYS F 242 -4.21 23.35 1.19
CA CYS F 242 -3.20 22.72 2.03
C CYS F 242 -3.44 23.07 3.48
N TYR F 243 -2.96 22.21 4.38
CA TYR F 243 -3.26 22.30 5.80
C TYR F 243 -1.98 22.44 6.60
N VAL F 244 -1.95 23.43 7.49
CA VAL F 244 -0.77 23.79 8.26
C VAL F 244 -0.77 23.03 9.58
N SER F 245 0.40 22.91 10.19
CA SER F 245 0.57 22.20 11.46
C SER F 245 0.91 23.19 12.57
N ARG F 246 0.18 23.08 13.68
CA ARG F 246 0.40 23.89 14.87
C ARG F 246 0.26 25.39 14.58
N PRO F 247 -0.93 25.86 14.21
CA PRO F 247 -1.10 27.31 14.02
C PRO F 247 -1.12 28.09 15.32
N THR F 248 -1.71 27.53 16.39
CA THR F 248 -1.91 28.30 17.61
C THR F 248 -0.60 28.58 18.32
N GLU F 249 0.27 27.57 18.44
CA GLU F 249 1.56 27.79 19.09
C GLU F 249 2.38 28.84 18.34
N LYS F 250 2.36 28.78 17.01
CA LYS F 250 3.13 29.73 16.21
C LYS F 250 2.55 31.13 16.33
N THR F 251 1.22 31.26 16.41
CA THR F 251 0.63 32.56 16.64
C THR F 251 1.04 33.14 17.99
N VAL F 252 1.03 32.29 19.03
CA VAL F 252 1.44 32.75 20.35
C VAL F 252 2.89 33.20 20.33
N PHE F 253 3.75 32.43 19.66
CA PHE F 253 5.15 32.80 19.55
C PHE F 253 5.31 34.14 18.83
N LEU F 254 4.56 34.33 17.74
CA LEU F 254 4.63 35.59 17.01
C LEU F 254 4.27 36.76 17.91
N VAL F 255 3.17 36.65 18.63
CA VAL F 255 2.72 37.75 19.48
C VAL F 255 3.75 38.03 20.58
N PHE F 256 4.27 36.96 21.20
CA PHE F 256 5.25 37.14 22.28
C PHE F 256 6.51 37.84 21.78
N MET F 257 7.03 37.40 20.64
CA MET F 257 8.23 38.02 20.10
C MET F 257 7.98 39.47 19.73
N PHE F 258 6.82 39.77 19.15
CA PHE F 258 6.50 41.15 18.82
C PHE F 258 6.48 42.02 20.07
N ALA F 259 5.86 41.52 21.15
CA ALA F 259 5.78 42.29 22.38
C ALA F 259 7.18 42.56 22.94
N VAL F 260 8.03 41.53 22.97
CA VAL F 260 9.37 41.70 23.51
C VAL F 260 10.16 42.71 22.69
N SER F 261 10.05 42.62 21.35
CA SER F 261 10.78 43.55 20.49
C SER F 261 10.27 44.97 20.70
N GLY F 262 8.95 45.14 20.87
CA GLY F 262 8.42 46.46 21.13
C GLY F 262 8.95 47.05 22.43
N ILE F 263 9.02 46.23 23.48
CA ILE F 263 9.57 46.70 24.75
C ILE F 263 11.02 47.12 24.57
N CYS F 264 11.80 46.31 23.84
CA CYS F 264 13.19 46.65 23.59
C CYS F 264 13.31 47.99 22.86
N VAL F 265 12.48 48.20 21.84
CA VAL F 265 12.52 49.45 21.09
C VAL F 265 12.20 50.63 21.99
N VAL F 266 11.18 50.48 22.84
CA VAL F 266 10.79 51.56 23.73
C VAL F 266 11.94 51.92 24.66
N LEU F 267 12.59 50.90 25.24
CA LEU F 267 13.70 51.17 26.14
C LEU F 267 14.86 51.84 25.42
N ASN F 268 15.16 51.39 24.21
CA ASN F 268 16.25 52.00 23.44
C ASN F 268 15.94 53.46 23.14
N LEU F 269 14.70 53.76 22.76
CA LEU F 269 14.34 55.15 22.49
C LEU F 269 14.43 56.00 23.75
N ALA F 270 14.01 55.45 24.89
CA ALA F 270 14.12 56.19 26.15
C ALA F 270 15.58 56.51 26.47
N GLU F 271 16.46 55.52 26.31
CA GLU F 271 17.87 55.75 26.57
C GLU F 271 18.45 56.78 25.61
N LEU F 272 18.07 56.72 24.33
CA LEU F 272 18.54 57.69 23.37
C LEU F 272 18.11 59.10 23.76
N ASN F 273 16.84 59.25 24.17
CA ASN F 273 16.34 60.57 24.53
C ASN F 273 16.89 61.05 25.87
N HIS F 274 17.42 60.16 26.70
CA HIS F 274 17.98 60.59 27.98
C HIS F 274 19.13 61.57 27.77
N LEU F 275 20.00 61.27 26.82
CA LEU F 275 21.14 62.15 26.53
C LEU F 275 20.77 63.17 25.46
N MET G 21 14.39 30.43 58.68
CA MET G 21 15.74 29.99 58.36
C MET G 21 15.70 28.76 57.45
N ILE G 22 15.07 27.69 57.94
CA ILE G 22 14.96 26.47 57.14
C ILE G 22 14.08 26.71 55.92
N GLY G 23 13.20 27.72 55.97
CA GLY G 23 12.33 27.98 54.83
C GLY G 23 13.10 28.32 53.56
N ARG G 24 14.14 29.14 53.69
CA ARG G 24 14.95 29.49 52.52
C ARG G 24 15.61 28.25 51.92
N ILE G 25 16.16 27.38 52.77
CA ILE G 25 16.81 26.17 52.30
C ILE G 25 15.81 25.29 51.56
N LEU G 26 14.62 25.10 52.16
CA LEU G 26 13.61 24.28 51.51
C LEU G 26 13.16 24.89 50.19
N LEU G 27 13.00 26.21 50.12
CA LEU G 27 12.60 26.85 48.88
C LEU G 27 13.64 26.63 47.79
N THR G 28 14.92 26.82 48.13
CA THR G 28 15.97 26.61 47.14
C THR G 28 16.01 25.17 46.67
N VAL G 29 15.89 24.23 47.61
CA VAL G 29 15.92 22.81 47.26
C VAL G 29 14.75 22.49 46.33
N VAL G 30 13.56 23.00 46.63
CA VAL G 30 12.38 22.71 45.81
C VAL G 30 12.57 23.29 44.41
N VAL G 31 13.09 24.52 44.32
CA VAL G 31 13.27 25.15 43.02
C VAL G 31 14.25 24.34 42.18
N ILE G 32 15.38 23.94 42.76
CA ILE G 32 16.38 23.18 42.01
C ILE G 32 15.81 21.83 41.61
N PHE G 33 15.07 21.18 42.51
CA PHE G 33 14.47 19.89 42.20
C PHE G 33 13.49 20.01 41.03
N ARG G 34 12.65 21.03 41.04
CA ARG G 34 11.70 21.24 39.95
C ARG G 34 12.43 21.47 38.63
N ILE G 35 13.47 22.31 38.67
CA ILE G 35 14.21 22.60 37.43
C ILE G 35 14.85 21.33 36.88
N LEU G 36 15.48 20.54 37.75
CA LEU G 36 16.12 19.31 37.30
C LEU G 36 15.10 18.33 36.73
N ILE G 37 13.98 18.15 37.42
CA ILE G 37 12.97 17.21 36.96
C ILE G 37 12.43 17.62 35.59
N VAL G 38 12.16 18.92 35.41
CA VAL G 38 11.65 19.38 34.13
C VAL G 38 12.71 19.19 33.04
N ALA G 39 13.96 19.52 33.33
CA ALA G 39 14.99 19.51 32.30
C ALA G 39 15.35 18.10 31.86
N ILE G 40 15.60 17.19 32.80
CA ILE G 40 16.19 15.91 32.45
C ILE G 40 15.22 15.00 31.73
N VAL G 41 14.01 14.82 32.26
CA VAL G 41 13.12 13.77 31.80
C VAL G 41 11.88 14.30 31.08
N GLY G 42 11.52 15.57 31.27
CA GLY G 42 10.28 16.09 30.72
C GLY G 42 10.22 16.08 29.20
N GLU G 43 11.34 16.32 28.53
CA GLU G 43 11.37 16.55 27.09
C GLU G 43 11.37 15.26 26.28
N THR G 44 11.05 14.13 26.90
CA THR G 44 10.99 12.85 26.18
C THR G 44 9.61 12.23 26.18
N VAL G 45 8.75 12.51 27.16
CA VAL G 45 7.40 11.98 27.14
C VAL G 45 6.61 12.55 25.97
N TYR G 46 6.81 13.83 25.68
CA TYR G 46 6.05 14.54 24.66
C TYR G 46 6.74 14.54 23.30
N ASP G 47 7.77 13.71 23.12
CA ASP G 47 8.52 13.72 21.87
C ASP G 47 7.63 13.32 20.69
N ASP G 48 6.83 12.27 20.86
CA ASP G 48 5.96 11.75 19.81
C ASP G 48 4.50 12.13 20.03
N GLU G 49 4.24 13.34 20.53
CA GLU G 49 2.87 13.74 20.84
C GLU G 49 1.98 13.70 19.61
N GLN G 50 2.47 14.23 18.48
CA GLN G 50 1.65 14.37 17.29
C GLN G 50 1.82 13.20 16.32
N THR G 51 2.94 12.50 16.37
CA THR G 51 3.15 11.38 15.45
C THR G 51 2.25 10.20 15.78
N MET G 52 1.90 10.02 17.05
CA MET G 52 1.08 8.91 17.49
C MET G 52 -0.37 9.31 17.74
N PHE G 53 -0.77 10.50 17.31
CA PHE G 53 -2.14 10.96 17.42
C PHE G 53 -2.91 10.52 16.18
N VAL G 54 -3.95 9.72 16.36
CA VAL G 54 -4.69 9.12 15.25
C VAL G 54 -6.17 9.40 15.42
N CYS G 55 -6.83 9.69 14.31
CA CYS G 55 -8.28 9.90 14.27
C CYS G 55 -8.91 8.91 13.31
N ASN G 56 -10.17 8.58 13.56
CA ASN G 56 -10.89 7.58 12.78
C ASN G 56 -11.61 8.28 11.63
N THR G 57 -10.91 8.44 10.51
CA THR G 57 -11.47 9.13 9.35
C THR G 57 -10.55 8.92 8.16
N LEU G 58 -11.05 9.31 6.99
CA LEU G 58 -10.28 9.25 5.74
C LEU G 58 -10.01 10.64 5.18
N GLN G 59 -10.58 11.69 5.77
CA GLN G 59 -10.47 13.05 5.24
C GLN G 59 -9.07 13.59 5.50
N PRO G 60 -8.35 14.04 4.46
CA PRO G 60 -7.06 14.70 4.71
C PRO G 60 -7.25 15.98 5.50
N GLY G 61 -6.29 16.25 6.39
CA GLY G 61 -6.27 17.47 7.16
C GLY G 61 -7.08 17.44 8.44
N CYS G 62 -7.77 16.33 8.73
CA CYS G 62 -8.53 16.25 9.97
C CYS G 62 -7.63 16.02 11.17
N ASN G 63 -6.54 15.27 10.98
CA ASN G 63 -5.63 15.00 12.09
C ASN G 63 -5.01 16.28 12.62
N GLN G 64 -4.53 17.15 11.72
CA GLN G 64 -3.88 18.39 12.16
C GLN G 64 -4.86 19.27 12.93
N ALA G 65 -6.05 19.47 12.38
CA ALA G 65 -7.04 20.32 13.03
C ALA G 65 -7.43 19.76 14.39
N CYS G 66 -7.67 18.45 14.47
CA CYS G 66 -8.11 17.86 15.72
C CYS G 66 -7.00 17.89 16.77
N TYR G 67 -5.75 17.66 16.36
CA TYR G 67 -4.65 17.76 17.31
C TYR G 67 -4.49 19.19 17.80
N ASP G 68 -4.62 20.17 16.91
CA ASP G 68 -4.46 21.57 17.33
C ASP G 68 -5.59 21.98 18.26
N ARG G 69 -6.80 21.47 18.05
CA ARG G 69 -7.90 21.79 18.94
C ARG G 69 -7.76 21.10 20.29
N ALA G 70 -7.28 19.85 20.30
CA ALA G 70 -7.15 19.13 21.56
C ALA G 70 -6.04 19.73 22.42
N PHE G 71 -4.89 20.03 21.82
CA PHE G 71 -3.70 20.49 22.54
C PHE G 71 -3.19 21.78 21.92
N PRO G 72 -3.80 22.91 22.25
CA PRO G 72 -3.32 24.18 21.68
C PRO G 72 -1.87 24.47 22.01
N ILE G 73 -1.49 24.24 23.26
CA ILE G 73 -0.12 24.45 23.74
C ILE G 73 0.31 23.22 24.53
N SER G 74 1.52 22.75 24.29
CA SER G 74 2.04 21.60 25.01
C SER G 74 2.36 21.97 26.46
N HIS G 75 2.28 20.97 27.34
CA HIS G 75 2.54 21.20 28.75
C HIS G 75 3.97 21.63 29.00
N ILE G 76 4.92 21.00 28.30
CA ILE G 76 6.33 21.27 28.56
C ILE G 76 6.69 22.70 28.21
N ARG G 77 6.11 23.24 27.13
CA ARG G 77 6.35 24.64 26.78
C ARG G 77 5.90 25.56 27.89
N TYR G 78 4.69 25.33 28.42
CA TYR G 78 4.17 26.15 29.51
C TYR G 78 5.06 26.05 30.74
N TRP G 79 5.50 24.85 31.09
CA TRP G 79 6.32 24.69 32.28
C TRP G 79 7.68 25.37 32.12
N VAL G 80 8.28 25.27 30.93
CA VAL G 80 9.56 25.94 30.69
C VAL G 80 9.39 27.44 30.81
N PHE G 81 8.32 27.99 30.21
CA PHE G 81 8.09 29.42 30.29
C PHE G 81 7.90 29.86 31.74
N GLN G 82 7.13 29.08 32.51
CA GLN G 82 6.91 29.41 33.91
C GLN G 82 8.21 29.39 34.69
N ILE G 83 9.04 28.37 34.46
CA ILE G 83 10.31 28.26 35.17
C ILE G 83 11.19 29.47 34.88
N ILE G 84 11.28 29.86 33.60
CA ILE G 84 12.13 30.98 33.25
C ILE G 84 11.57 32.28 33.81
N MET G 85 10.24 32.43 33.81
CA MET G 85 9.63 33.69 34.22
C MET G 85 9.71 33.90 35.73
N VAL G 86 9.60 32.83 36.52
CA VAL G 86 9.57 32.99 37.97
C VAL G 86 10.92 33.27 38.59
N CYS G 87 11.97 33.43 37.77
CA CYS G 87 13.32 33.68 38.29
C CYS G 87 13.93 34.97 37.75
N THR G 88 13.12 35.92 37.29
CA THR G 88 13.61 37.18 36.78
C THR G 88 14.00 38.14 37.91
N PRO G 89 13.18 38.25 38.97
CA PRO G 89 13.53 39.20 40.03
C PRO G 89 14.89 38.97 40.65
N SER G 90 15.30 37.71 40.79
CA SER G 90 16.63 37.42 41.31
C SER G 90 17.71 37.98 40.39
N LEU G 91 17.54 37.82 39.07
CA LEU G 91 18.50 38.38 38.13
C LEU G 91 18.54 39.90 38.22
N CYS G 92 17.37 40.53 38.34
CA CYS G 92 17.34 41.98 38.46
C CYS G 92 18.07 42.44 39.70
N PHE G 93 17.84 41.77 40.83
CA PHE G 93 18.50 42.13 42.08
C PHE G 93 20.02 41.94 41.96
N ILE G 94 20.45 40.85 41.34
CA ILE G 94 21.88 40.59 41.20
C ILE G 94 22.51 41.67 40.33
N THR G 95 21.85 42.03 39.23
CA THR G 95 22.39 43.07 38.36
C THR G 95 22.50 44.40 39.08
N TYR G 96 21.45 44.76 39.84
CA TYR G 96 21.51 46.00 40.60
C TYR G 96 22.64 45.98 41.61
N SER G 97 22.82 44.86 42.30
CA SER G 97 23.91 44.76 43.28
C SER G 97 25.26 44.89 42.60
N VAL G 98 25.43 44.26 41.44
CA VAL G 98 26.71 44.35 40.73
C VAL G 98 26.97 45.80 40.31
N HIS G 99 25.95 46.48 39.80
CA HIS G 99 26.12 47.88 39.42
C HIS G 99 26.46 48.73 40.64
N GLN G 100 25.81 48.49 41.78
CA GLN G 100 26.08 49.23 43.00
C GLN G 100 27.57 49.17 43.34
N SER G 196 16.75 47.69 51.25
CA SER G 196 15.83 46.64 51.67
C SER G 196 14.51 46.74 50.92
N ARG G 197 14.25 47.91 50.31
CA ARG G 197 13.04 48.09 49.54
C ARG G 197 12.99 47.12 48.36
N PHE G 198 14.11 46.96 47.66
CA PHE G 198 14.16 46.02 46.54
C PHE G 198 13.77 44.63 46.97
N TYR G 199 14.20 44.22 48.17
CA TYR G 199 13.85 42.88 48.67
C TYR G 199 12.33 42.73 48.77
N ILE G 200 11.66 43.70 49.37
CA ILE G 200 10.21 43.61 49.53
C ILE G 200 9.53 43.59 48.18
N ILE G 201 9.95 44.47 47.28
CA ILE G 201 9.31 44.54 45.96
C ILE G 201 9.47 43.23 45.21
N GLN G 202 10.68 42.66 45.22
CA GLN G 202 10.91 41.42 44.49
C GLN G 202 10.15 40.26 45.13
N VAL G 203 10.03 40.24 46.47
CA VAL G 203 9.27 39.18 47.11
C VAL G 203 7.80 39.26 46.68
N VAL G 204 7.24 40.47 46.68
CA VAL G 204 5.85 40.64 46.27
C VAL G 204 5.66 40.20 44.82
N PHE G 205 6.59 40.61 43.95
CA PHE G 205 6.48 40.24 42.54
C PHE G 205 6.55 38.73 42.36
N ARG G 206 7.46 38.07 43.08
CA ARG G 206 7.58 36.61 42.97
C ARG G 206 6.31 35.93 43.43
N ASN G 207 5.74 36.37 44.55
CA ASN G 207 4.50 35.77 45.04
C ASN G 207 3.38 35.92 44.02
N ALA G 208 3.23 37.13 43.47
CA ALA G 208 2.17 37.35 42.48
C ALA G 208 2.38 36.48 41.25
N LEU G 209 3.62 36.39 40.76
CA LEU G 209 3.90 35.57 39.58
C LEU G 209 3.56 34.11 39.83
N GLU G 210 3.98 33.57 40.97
CA GLU G 210 3.72 32.17 41.26
C GLU G 210 2.22 31.89 41.36
N ILE G 211 1.49 32.76 42.07
CA ILE G 211 0.05 32.53 42.20
C ILE G 211 -0.63 32.59 40.83
N GLY G 212 -0.28 33.59 40.03
CA GLY G 212 -0.89 33.71 38.72
C GLY G 212 -0.61 32.51 37.84
N PHE G 213 0.63 32.01 37.85
CA PHE G 213 0.97 30.86 37.02
C PHE G 213 0.24 29.61 37.49
N LEU G 214 0.12 29.41 38.80
CA LEU G 214 -0.63 28.26 39.29
C LEU G 214 -2.09 28.31 38.84
N VAL G 215 -2.74 29.46 39.02
CA VAL G 215 -4.14 29.57 38.62
C VAL G 215 -4.28 29.38 37.12
N GLY G 216 -3.35 29.93 36.34
CA GLY G 216 -3.40 29.77 34.90
C GLY G 216 -3.28 28.32 34.48
N GLN G 217 -2.34 27.58 35.10
CA GLN G 217 -2.21 26.16 34.79
C GLN G 217 -3.50 25.43 35.10
N TYR G 218 -4.09 25.70 36.26
CA TYR G 218 -5.34 25.02 36.60
C TYR G 218 -6.42 25.30 35.57
N PHE G 219 -6.59 26.56 35.19
CA PHE G 219 -7.65 26.92 34.25
C PHE G 219 -7.36 26.40 32.85
N LEU G 220 -6.09 26.21 32.50
CA LEU G 220 -5.76 25.76 31.15
C LEU G 220 -5.90 24.25 30.99
N TYR G 221 -5.33 23.46 31.89
CA TYR G 221 -5.20 22.03 31.67
C TYR G 221 -6.11 21.17 32.53
N GLY G 222 -6.29 21.51 33.80
CA GLY G 222 -7.12 20.68 34.66
C GLY G 222 -6.31 19.70 35.49
N PHE G 223 -6.83 18.48 35.67
CA PHE G 223 -6.19 17.49 36.53
C PHE G 223 -5.97 16.15 35.84
N SER G 224 -6.48 15.95 34.62
CA SER G 224 -6.34 14.66 33.96
C SER G 224 -6.32 14.85 32.46
N VAL G 225 -5.75 13.87 31.77
CA VAL G 225 -5.69 13.85 30.31
C VAL G 225 -6.50 12.66 29.82
N PRO G 226 -7.69 12.85 29.26
CA PRO G 226 -8.48 11.70 28.81
C PRO G 226 -7.87 11.03 27.59
N GLY G 227 -8.21 9.75 27.43
CA GLY G 227 -7.71 8.97 26.31
C GLY G 227 -8.50 9.08 25.03
N LEU G 228 -9.64 9.77 25.06
CA LEU G 228 -10.47 9.96 23.90
C LEU G 228 -10.83 11.43 23.74
N TYR G 229 -10.99 11.86 22.49
CA TYR G 229 -11.37 13.22 22.17
C TYR G 229 -12.44 13.21 21.09
N GLU G 230 -13.39 14.14 21.17
CA GLU G 230 -14.44 14.31 20.17
C GLU G 230 -14.17 15.59 19.41
N CYS G 231 -14.02 15.48 18.09
CA CYS G 231 -13.55 16.56 17.24
C CYS G 231 -14.60 16.89 16.19
N ASN G 232 -14.96 18.17 16.09
CA ASN G 232 -15.98 18.63 15.16
C ASN G 232 -15.52 19.91 14.47
N ARG G 233 -14.28 19.93 14.02
CA ARG G 233 -13.69 21.08 13.35
C ARG G 233 -13.49 20.79 11.87
N TYR G 234 -13.73 21.79 11.04
CA TYR G 234 -13.49 21.65 9.61
C TYR G 234 -12.02 21.31 9.38
N PRO G 235 -11.70 20.41 8.42
CA PRO G 235 -12.56 19.76 7.44
C PRO G 235 -13.23 18.48 7.93
N CYS G 236 -13.09 18.11 9.19
CA CYS G 236 -13.71 16.89 9.69
C CYS G 236 -15.22 16.98 9.57
N ILE G 237 -15.83 15.93 9.04
CA ILE G 237 -17.27 15.92 8.79
C ILE G 237 -17.99 15.50 10.07
N LYS G 238 -19.00 16.28 10.46
CA LYS G 238 -19.70 16.06 11.72
C LYS G 238 -18.69 15.87 12.84
N GLU G 239 -18.93 14.91 13.74
CA GLU G 239 -18.06 14.67 14.88
C GLU G 239 -17.32 13.35 14.71
N VAL G 240 -16.01 13.37 14.92
CA VAL G 240 -15.16 12.19 14.81
C VAL G 240 -14.52 11.93 16.17
N GLU G 241 -13.83 10.80 16.26
CA GLU G 241 -13.16 10.39 17.49
C GLU G 241 -11.67 10.24 17.24
N CYS G 242 -10.87 10.77 18.16
CA CYS G 242 -9.42 10.70 18.08
C CYS G 242 -8.86 10.12 19.37
N TYR G 243 -7.67 9.54 19.27
CA TYR G 243 -7.08 8.77 20.36
C TYR G 243 -5.74 9.36 20.75
N VAL G 244 -5.55 9.59 22.05
CA VAL G 244 -4.38 10.26 22.59
C VAL G 244 -3.33 9.23 22.95
N SER G 245 -2.08 9.67 23.05
CA SER G 245 -0.95 8.81 23.36
C SER G 245 -0.41 9.14 24.76
N ARG G 246 -0.22 8.11 25.57
CA ARG G 246 0.33 8.24 26.92
C ARG G 246 -0.48 9.17 27.81
N PRO G 247 -1.73 8.81 28.12
CA PRO G 247 -2.50 9.67 29.05
C PRO G 247 -2.03 9.55 30.49
N THR G 248 -1.62 8.36 30.93
CA THR G 248 -1.31 8.15 32.35
C THR G 248 -0.06 8.90 32.77
N GLU G 249 1.00 8.82 31.96
CA GLU G 249 2.24 9.52 32.30
C GLU G 249 1.99 11.03 32.37
N LYS G 250 1.22 11.56 31.44
CA LYS G 250 0.95 12.99 31.41
C LYS G 250 0.08 13.40 32.60
N THR G 251 -0.87 12.56 33.00
CA THR G 251 -1.64 12.85 34.21
C THR G 251 -0.75 12.88 35.44
N VAL G 252 0.17 11.92 35.55
CA VAL G 252 1.08 11.89 36.70
C VAL G 252 1.94 13.14 36.71
N PHE G 253 2.44 13.54 35.54
CA PHE G 253 3.25 14.75 35.44
C PHE G 253 2.45 15.97 35.88
N LEU G 254 1.19 16.07 35.42
CA LEU G 254 0.35 17.18 35.80
C LEU G 254 0.20 17.27 37.31
N VAL G 255 -0.13 16.15 37.94
CA VAL G 255 -0.35 16.15 39.39
C VAL G 255 0.94 16.52 40.12
N PHE G 256 2.07 15.96 39.69
CA PHE G 256 3.34 16.25 40.36
C PHE G 256 3.70 17.72 40.26
N MET G 257 3.56 18.31 39.06
CA MET G 257 3.87 19.71 38.90
C MET G 257 2.94 20.59 39.72
N PHE G 258 1.65 20.24 39.77
CA PHE G 258 0.73 21.02 40.59
C PHE G 258 1.13 20.97 42.06
N ALA G 259 1.51 19.79 42.56
CA ALA G 259 1.90 19.68 43.95
C ALA G 259 3.14 20.52 44.25
N VAL G 260 4.13 20.46 43.36
CA VAL G 260 5.36 21.22 43.59
C VAL G 260 5.06 22.72 43.60
N SER G 261 4.24 23.17 42.64
CA SER G 261 3.90 24.59 42.58
C SER G 261 3.14 25.02 43.83
N GLY G 262 2.23 24.17 44.32
CA GLY G 262 1.52 24.50 45.54
C GLY G 262 2.45 24.65 46.73
N ILE G 263 3.43 23.74 46.85
CA ILE G 263 4.40 23.84 47.94
C ILE G 263 5.19 25.14 47.82
N CYS G 264 5.60 25.48 46.60
CA CYS G 264 6.33 26.73 46.40
C CYS G 264 5.50 27.93 46.82
N VAL G 265 4.22 27.94 46.45
CA VAL G 265 3.35 29.06 46.80
C VAL G 265 3.21 29.16 48.32
N VAL G 266 3.05 28.02 48.99
CA VAL G 266 2.90 28.03 50.44
C VAL G 266 4.14 28.61 51.09
N LEU G 267 5.32 28.18 50.64
CA LEU G 267 6.56 28.68 51.22
C LEU G 267 6.72 30.18 50.97
N ASN G 268 6.38 30.64 49.77
CA ASN G 268 6.48 32.06 49.47
C ASN G 268 5.54 32.87 50.37
N LEU G 269 4.31 32.39 50.56
CA LEU G 269 3.39 33.11 51.43
C LEU G 269 3.89 33.14 52.87
N ALA G 270 4.47 32.02 53.34
CA ALA G 270 5.01 32.00 54.69
C ALA G 270 6.13 33.03 54.84
N GLU G 271 7.03 33.08 53.86
CA GLU G 271 8.12 34.06 53.92
C GLU G 271 7.59 35.48 53.89
N LEU G 272 6.58 35.73 53.05
CA LEU G 272 5.99 37.07 52.99
C LEU G 272 5.39 37.46 54.34
N ASN G 273 4.68 36.52 54.97
CA ASN G 273 4.05 36.83 56.26
C ASN G 273 5.05 36.91 57.39
N HIS G 274 6.26 36.35 57.22
CA HIS G 274 7.26 36.43 58.28
C HIS G 274 7.60 37.89 58.61
N LEU G 275 7.77 38.71 57.57
CA LEU G 275 8.10 40.12 57.77
C LEU G 275 6.82 40.95 57.85
N MET H 21 -59.62 -30.85 -8.40
CA MET H 21 -59.45 -30.39 -9.77
C MET H 21 -58.54 -29.16 -9.81
N ILE H 22 -58.98 -28.10 -9.13
CA ILE H 22 -58.18 -26.87 -9.07
C ILE H 22 -56.86 -27.12 -8.35
N GLY H 23 -56.82 -28.12 -7.48
CA GLY H 23 -55.60 -28.39 -6.74
C GLY H 23 -54.42 -28.70 -7.63
N ARG H 24 -54.64 -29.51 -8.67
CA ARG H 24 -53.56 -29.85 -9.59
C ARG H 24 -53.04 -28.60 -10.30
N ILE H 25 -53.96 -27.73 -10.75
CA ILE H 25 -53.56 -26.52 -11.44
C ILE H 25 -52.74 -25.63 -10.51
N LEU H 26 -53.20 -25.47 -9.27
CA LEU H 26 -52.47 -24.64 -8.31
C LEU H 26 -51.09 -25.24 -8.02
N LEU H 27 -51.00 -26.56 -7.88
CA LEU H 27 -49.71 -27.20 -7.61
C LEU H 27 -48.74 -26.96 -8.76
N THR H 28 -49.21 -27.14 -10.00
CA THR H 28 -48.34 -26.91 -11.16
C THR H 28 -47.89 -25.47 -11.23
N VAL H 29 -48.83 -24.53 -11.00
CA VAL H 29 -48.47 -23.12 -11.04
C VAL H 29 -47.44 -22.79 -9.98
N VAL H 30 -47.62 -23.31 -8.77
CA VAL H 30 -46.67 -23.03 -7.69
C VAL H 30 -45.30 -23.59 -8.02
N VAL H 31 -45.26 -24.82 -8.56
CA VAL H 31 -43.97 -25.43 -8.89
C VAL H 31 -43.24 -24.61 -9.94
N ILE H 32 -43.95 -24.22 -11.00
CA ILE H 32 -43.32 -23.43 -12.06
C ILE H 32 -42.87 -22.08 -11.53
N PHE H 33 -43.69 -21.45 -10.69
CA PHE H 33 -43.33 -20.15 -10.10
C PHE H 33 -42.06 -20.27 -9.27
N ARG H 34 -41.97 -21.31 -8.44
CA ARG H 34 -40.79 -21.51 -7.61
C ARG H 34 -39.55 -21.72 -8.48
N ILE H 35 -39.69 -22.56 -9.52
CA ILE H 35 -38.54 -22.82 -10.39
C ILE H 35 -38.07 -21.54 -11.06
N LEU H 36 -39.00 -20.76 -11.60
CA LEU H 36 -38.63 -19.52 -12.28
C LEU H 36 -37.97 -18.54 -11.31
N ILE H 37 -38.54 -18.38 -10.11
CA ILE H 37 -37.98 -17.45 -9.15
C ILE H 37 -36.56 -17.85 -8.77
N VAL H 38 -36.34 -19.14 -8.52
CA VAL H 38 -35.00 -19.59 -8.17
C VAL H 38 -34.03 -19.38 -9.32
N ALA H 39 -34.46 -19.71 -10.54
CA ALA H 39 -33.54 -19.68 -11.68
C ALA H 39 -33.15 -18.27 -12.07
N ILE H 40 -34.12 -17.36 -12.21
CA ILE H 40 -33.85 -16.07 -12.83
C ILE H 40 -33.04 -15.16 -11.92
N VAL H 41 -33.44 -15.00 -10.66
CA VAL H 41 -32.90 -13.96 -9.82
C VAL H 41 -32.04 -14.48 -8.66
N GLY H 42 -32.19 -15.76 -8.29
CA GLY H 42 -31.50 -16.28 -7.12
C GLY H 42 -29.99 -16.26 -7.22
N GLU H 43 -29.44 -16.49 -8.42
CA GLU H 43 -28.01 -16.70 -8.59
C GLU H 43 -27.21 -15.40 -8.68
N THR H 44 -27.80 -14.28 -8.28
CA THR H 44 -27.09 -13.00 -8.28
C THR H 44 -26.94 -12.38 -6.90
N VAL H 45 -27.82 -12.68 -5.96
CA VAL H 45 -27.68 -12.17 -4.60
C VAL H 45 -26.43 -12.74 -3.95
N TYR H 46 -26.14 -14.01 -4.19
CA TYR H 46 -25.04 -14.72 -3.55
C TYR H 46 -23.76 -14.70 -4.38
N ASP H 47 -23.70 -13.86 -5.42
CA ASP H 47 -22.53 -13.85 -6.29
C ASP H 47 -21.27 -13.44 -5.53
N ASP H 48 -21.36 -12.40 -4.70
CA ASP H 48 -20.23 -11.88 -3.94
C ASP H 48 -20.29 -12.28 -2.47
N GLU H 49 -20.75 -13.49 -2.17
CA GLU H 49 -20.92 -13.90 -0.78
C GLU H 49 -19.59 -13.87 -0.03
N GLN H 50 -18.53 -14.38 -0.64
CA GLN H 50 -17.25 -14.51 0.05
C GLN H 50 -16.31 -13.34 -0.21
N THR H 51 -16.49 -12.62 -1.31
CA THR H 51 -15.60 -11.49 -1.61
C THR H 51 -15.85 -10.32 -0.66
N MET H 52 -17.08 -10.16 -0.18
CA MET H 52 -17.43 -9.06 0.69
C MET H 52 -17.52 -9.48 2.15
N PHE H 53 -17.04 -10.67 2.50
CA PHE H 53 -17.00 -11.13 3.87
C PHE H 53 -15.69 -10.69 4.50
N VAL H 54 -15.77 -9.90 5.56
CA VAL H 54 -14.60 -9.30 6.18
C VAL H 54 -14.61 -9.60 7.68
N CYS H 55 -13.42 -9.89 8.22
CA CYS H 55 -13.24 -10.10 9.65
C CYS H 55 -12.22 -9.10 10.18
N ASN H 56 -12.33 -8.79 11.47
CA ASN H 56 -11.49 -7.78 12.10
C ASN H 56 -10.27 -8.48 12.70
N THR H 57 -9.23 -8.63 11.88
CA THR H 57 -8.01 -9.31 12.31
C THR H 57 -6.92 -9.08 11.27
N LEU H 58 -5.70 -9.46 11.63
CA LEU H 58 -4.55 -9.39 10.74
C LEU H 58 -4.01 -10.77 10.40
N GLN H 59 -4.52 -11.83 11.02
CA GLN H 59 -4.00 -13.18 10.84
C GLN H 59 -4.39 -13.72 9.47
N PRO H 60 -3.43 -14.14 8.64
CA PRO H 60 -3.81 -14.80 7.38
C PRO H 60 -4.57 -16.09 7.63
N GLY H 61 -5.55 -16.36 6.77
CA GLY H 61 -6.31 -17.59 6.83
C GLY H 61 -7.50 -17.57 7.76
N CYS H 62 -7.73 -16.48 8.50
CA CYS H 62 -8.88 -16.41 9.39
C CYS H 62 -10.17 -16.19 8.62
N ASN H 63 -10.10 -15.42 7.52
CA ASN H 63 -11.30 -15.16 6.73
C ASN H 63 -11.89 -16.44 6.15
N GLN H 64 -11.04 -17.29 5.58
CA GLN H 64 -11.52 -18.53 4.97
C GLN H 64 -12.17 -19.42 6.02
N ALA H 65 -11.50 -19.63 7.14
CA ALA H 65 -12.04 -20.50 8.19
C ALA H 65 -13.36 -19.95 8.73
N CYS H 66 -13.42 -18.64 8.98
CA CYS H 66 -14.63 -18.07 9.55
C CYS H 66 -15.79 -18.10 8.56
N TYR H 67 -15.51 -17.85 7.28
CA TYR H 67 -16.57 -17.96 6.29
C TYR H 67 -17.07 -19.40 6.16
N ASP H 68 -16.16 -20.36 6.19
CA ASP H 68 -16.59 -21.76 6.07
C ASP H 68 -17.39 -22.20 7.29
N ARG H 69 -17.04 -21.68 8.47
CA ARG H 69 -17.81 -22.03 9.65
C ARG H 69 -19.17 -21.35 9.66
N ALA H 70 -19.25 -20.10 9.20
CA ALA H 70 -20.52 -19.39 9.20
C ALA H 70 -21.50 -19.98 8.19
N PHE H 71 -21.02 -20.27 6.98
CA PHE H 71 -21.86 -20.72 5.88
C PHE H 71 -21.28 -22.00 5.29
N PRO H 72 -21.53 -23.15 5.91
CA PRO H 72 -21.00 -24.42 5.37
C PRO H 72 -21.49 -24.69 3.96
N ILE H 73 -22.77 -24.46 3.71
CA ILE H 73 -23.39 -24.67 2.40
C ILE H 73 -24.23 -23.44 2.07
N SER H 74 -24.12 -22.96 0.84
CA SER H 74 -24.91 -21.81 0.41
C SER H 74 -26.38 -22.19 0.24
N HIS H 75 -27.25 -21.19 0.43
CA HIS H 75 -28.68 -21.45 0.31
C HIS H 75 -29.07 -21.87 -1.09
N ILE H 76 -28.48 -21.22 -2.10
CA ILE H 76 -28.89 -21.48 -3.48
C ILE H 76 -28.57 -22.90 -3.89
N ARG H 77 -27.44 -23.44 -3.43
CA ARG H 77 -27.09 -24.83 -3.72
C ARG H 77 -28.15 -25.76 -3.15
N TYR H 78 -28.54 -25.55 -1.90
CA TYR H 78 -29.56 -26.38 -1.27
C TYR H 78 -30.88 -26.30 -2.02
N TRP H 79 -31.29 -25.08 -2.41
CA TRP H 79 -32.56 -24.93 -3.11
C TRP H 79 -32.54 -25.60 -4.48
N VAL H 80 -31.42 -25.48 -5.20
CA VAL H 80 -31.31 -26.14 -6.50
C VAL H 80 -31.40 -27.65 -6.34
N PHE H 81 -30.68 -28.19 -5.35
CA PHE H 81 -30.74 -29.63 -5.11
C PHE H 81 -32.15 -30.08 -4.78
N GLN H 82 -32.84 -29.32 -3.93
CA GLN H 82 -34.21 -29.67 -3.56
C GLN H 82 -35.12 -29.64 -4.78
N ILE H 83 -34.99 -28.61 -5.61
CA ILE H 83 -35.83 -28.50 -6.80
C ILE H 83 -35.62 -29.69 -7.71
N ILE H 84 -34.36 -30.07 -7.94
CA ILE H 84 -34.09 -31.18 -8.84
C ILE H 84 -34.57 -32.50 -8.23
N MET H 85 -34.43 -32.66 -6.91
CA MET H 85 -34.76 -33.92 -6.28
C MET H 85 -36.27 -34.15 -6.20
N VAL H 86 -37.05 -33.08 -6.00
CA VAL H 86 -38.50 -33.26 -5.80
C VAL H 86 -39.25 -33.53 -7.10
N CYS H 87 -38.55 -33.67 -8.22
CA CYS H 87 -39.20 -33.91 -9.50
C CYS H 87 -38.72 -35.20 -10.19
N THR H 88 -38.17 -36.14 -9.43
CA THR H 88 -37.70 -37.40 -10.00
C THR H 88 -38.85 -38.37 -10.27
N PRO H 89 -39.82 -38.50 -9.35
CA PRO H 89 -40.91 -39.47 -9.58
C PRO H 89 -41.67 -39.22 -10.88
N SER H 90 -41.87 -37.95 -11.25
CA SER H 90 -42.52 -37.67 -12.53
C SER H 90 -41.73 -38.21 -13.70
N LEU H 91 -40.40 -38.03 -13.66
CA LEU H 91 -39.55 -38.57 -14.72
C LEU H 91 -39.64 -40.09 -14.77
N CYS H 92 -39.62 -40.74 -13.60
CA CYS H 92 -39.72 -42.19 -13.57
C CYS H 92 -41.04 -42.65 -14.17
N PHE H 93 -42.14 -42.00 -13.81
CA PHE H 93 -43.44 -42.37 -14.35
C PHE H 93 -43.49 -42.17 -15.85
N ILE H 94 -42.94 -41.05 -16.34
CA ILE H 94 -42.94 -40.79 -17.78
C ILE H 94 -42.13 -41.85 -18.52
N THR H 95 -40.97 -42.21 -17.97
CA THR H 95 -40.14 -43.23 -18.61
C THR H 95 -40.87 -44.57 -18.64
N TYR H 96 -41.52 -44.94 -17.54
CA TYR H 96 -42.26 -46.21 -17.53
C TYR H 96 -43.38 -46.18 -18.55
N SER H 97 -44.11 -45.06 -18.64
CA SER H 97 -45.19 -44.95 -19.62
C SER H 97 -44.66 -45.07 -21.04
N VAL H 98 -43.52 -44.43 -21.33
CA VAL H 98 -42.95 -44.50 -22.67
C VAL H 98 -42.56 -45.94 -22.98
N HIS H 99 -41.93 -46.62 -22.02
CA HIS H 99 -41.57 -48.02 -22.25
C HIS H 99 -42.81 -48.88 -22.46
N GLN H 100 -43.86 -48.65 -21.71
CA GLN H 100 -45.10 -49.41 -21.86
C GLN H 100 -45.61 -49.33 -23.29
N SER H 196 -52.34 -48.02 -11.69
CA SER H 196 -52.67 -46.98 -10.71
C SER H 196 -51.78 -47.09 -9.47
N ARG H 197 -51.14 -48.25 -9.30
CA ARG H 197 -50.24 -48.44 -8.18
C ARG H 197 -49.08 -47.45 -8.24
N PHE H 198 -48.50 -47.28 -9.43
CA PHE H 198 -47.39 -46.34 -9.58
C PHE H 198 -47.79 -44.94 -9.14
N TYR H 199 -49.03 -44.54 -9.44
CA TYR H 199 -49.51 -43.22 -9.02
C TYR H 199 -49.45 -43.07 -7.51
N ILE H 200 -49.97 -44.06 -6.78
CA ILE H 200 -49.98 -43.98 -5.32
C ILE H 200 -48.55 -43.95 -4.78
N ILE H 201 -47.69 -44.82 -5.32
CA ILE H 201 -46.32 -44.90 -4.81
C ILE H 201 -45.60 -43.57 -5.04
N GLN H 202 -45.74 -43.00 -6.24
CA GLN H 202 -45.05 -41.74 -6.52
C GLN H 202 -45.62 -40.59 -5.70
N VAL H 203 -46.93 -40.58 -5.45
CA VAL H 203 -47.50 -39.53 -4.59
C VAL H 203 -46.92 -39.62 -3.19
N VAL H 204 -46.85 -40.84 -2.64
CA VAL H 204 -46.29 -41.01 -1.30
C VAL H 204 -44.84 -40.56 -1.27
N PHE H 205 -44.07 -40.96 -2.28
CA PHE H 205 -42.65 -40.57 -2.32
C PHE H 205 -42.49 -39.06 -2.40
N ARG H 206 -43.31 -38.40 -3.23
CA ARG H 206 -43.23 -36.94 -3.34
C ARG H 206 -43.55 -36.27 -2.01
N ASN H 207 -44.61 -36.74 -1.33
CA ASN H 207 -44.97 -36.15 -0.05
C ASN H 207 -43.83 -36.30 0.95
N ALA H 208 -43.25 -37.49 1.04
CA ALA H 208 -42.16 -37.72 1.98
C ALA H 208 -40.97 -36.84 1.65
N LEU H 209 -40.61 -36.73 0.37
CA LEU H 209 -39.47 -35.91 -0.02
C LEU H 209 -39.70 -34.45 0.35
N GLU H 210 -40.89 -33.91 0.06
CA GLU H 210 -41.15 -32.52 0.36
C GLU H 210 -41.09 -32.26 1.87
N ILE H 211 -41.71 -33.13 2.66
CA ILE H 211 -41.70 -32.93 4.11
C ILE H 211 -40.27 -32.97 4.64
N GLY H 212 -39.50 -33.96 4.19
CA GLY H 212 -38.13 -34.07 4.65
C GLY H 212 -37.29 -32.86 4.30
N PHE H 213 -37.44 -32.35 3.07
CA PHE H 213 -36.66 -31.19 2.66
C PHE H 213 -37.06 -29.95 3.46
N LEU H 214 -38.36 -29.77 3.71
CA LEU H 214 -38.78 -28.63 4.51
C LEU H 214 -38.17 -28.68 5.91
N VAL H 215 -38.27 -29.84 6.57
CA VAL H 215 -37.73 -29.96 7.92
C VAL H 215 -36.21 -29.75 7.91
N GLY H 216 -35.54 -30.29 6.89
CA GLY H 216 -34.10 -30.11 6.81
C GLY H 216 -33.70 -28.66 6.63
N GLN H 217 -34.42 -27.92 5.78
CA GLN H 217 -34.15 -26.51 5.63
C GLN H 217 -34.32 -25.78 6.95
N TYR H 218 -35.41 -26.06 7.66
CA TYR H 218 -35.62 -25.40 8.94
C TYR H 218 -34.49 -25.68 9.91
N PHE H 219 -34.08 -26.94 10.02
CA PHE H 219 -33.02 -27.29 10.97
C PHE H 219 -31.66 -26.76 10.55
N LEU H 220 -31.45 -26.55 9.24
CA LEU H 220 -30.14 -26.09 8.78
C LEU H 220 -29.98 -24.59 8.92
N TYR H 221 -30.95 -23.81 8.45
CA TYR H 221 -30.76 -22.37 8.31
C TYR H 221 -31.53 -21.52 9.31
N GLY H 222 -32.76 -21.87 9.63
CA GLY H 222 -33.55 -21.06 10.55
C GLY H 222 -34.46 -20.08 9.84
N PHE H 223 -34.60 -18.87 10.39
CA PHE H 223 -35.52 -17.88 9.85
C PHE H 223 -34.88 -16.53 9.58
N SER H 224 -33.61 -16.32 9.95
CA SER H 224 -32.98 -15.02 9.75
C SER H 224 -31.48 -15.21 9.58
N VAL H 225 -30.87 -14.21 8.94
CA VAL H 225 -29.43 -14.18 8.73
C VAL H 225 -28.86 -12.98 9.49
N PRO H 226 -28.18 -13.18 10.62
CA PRO H 226 -27.66 -12.03 11.36
C PRO H 226 -26.51 -11.34 10.64
N GLY H 227 -26.32 -10.06 10.98
CA GLY H 227 -25.27 -9.27 10.36
C GLY H 227 -23.92 -9.39 11.01
N LEU H 228 -23.83 -10.08 12.13
CA LEU H 228 -22.58 -10.27 12.84
C LEU H 228 -22.37 -11.74 13.17
N TYR H 229 -21.10 -12.16 13.19
CA TYR H 229 -20.73 -13.52 13.54
C TYR H 229 -19.53 -13.50 14.48
N GLU H 230 -19.52 -14.44 15.42
CA GLU H 230 -18.42 -14.61 16.36
C GLU H 230 -17.67 -15.89 15.99
N CYS H 231 -16.38 -15.77 15.71
CA CYS H 231 -15.57 -16.83 15.14
C CYS H 231 -14.42 -17.16 16.07
N ASN H 232 -14.27 -18.44 16.41
CA ASN H 232 -13.22 -18.89 17.32
C ASN H 232 -12.58 -20.16 16.78
N ARG H 233 -12.27 -20.18 15.49
CA ARG H 233 -11.65 -21.31 14.83
C ARG H 233 -10.20 -21.00 14.48
N TYR H 234 -9.34 -22.00 14.61
CA TYR H 234 -7.95 -21.85 14.23
C TYR H 234 -7.88 -21.50 12.74
N PRO H 235 -6.97 -20.59 12.33
CA PRO H 235 -5.90 -19.93 13.09
C PRO H 235 -6.33 -18.65 13.83
N CYS H 236 -7.61 -18.31 13.82
CA CYS H 236 -8.05 -17.09 14.50
C CYS H 236 -7.76 -17.19 15.99
N ILE H 237 -7.18 -16.15 16.55
CA ILE H 237 -6.79 -16.14 17.96
C ILE H 237 -7.98 -15.74 18.81
N LYS H 238 -8.26 -16.53 19.84
CA LYS H 238 -9.44 -16.33 20.68
C LYS H 238 -10.66 -16.14 19.79
N GLU H 239 -11.54 -15.19 20.13
CA GLU H 239 -12.77 -14.96 19.39
C GLU H 239 -12.69 -13.63 18.65
N VAL H 240 -13.03 -13.64 17.37
CA VAL H 240 -13.03 -12.46 16.53
C VAL H 240 -14.44 -12.20 16.04
N GLU H 241 -14.62 -11.07 15.36
CA GLU H 241 -15.91 -10.66 14.84
C GLU H 241 -15.83 -10.49 13.33
N CYS H 242 -16.83 -11.02 12.63
CA CYS H 242 -16.90 -10.95 11.18
C CYS H 242 -18.24 -10.37 10.76
N TYR H 243 -18.27 -9.78 9.57
CA TYR H 243 -19.43 -9.01 9.11
C TYR H 243 -19.95 -9.60 7.81
N VAL H 244 -21.26 -9.84 7.76
CA VAL H 244 -21.91 -10.50 6.64
C VAL H 244 -22.39 -9.46 5.64
N SER H 245 -22.62 -9.90 4.41
CA SER H 245 -23.06 -9.03 3.32
C SER H 245 -24.50 -9.37 2.94
N ARG H 246 -25.33 -8.34 2.84
CA ARG H 246 -26.72 -8.48 2.44
C ARG H 246 -27.52 -9.43 3.33
N PRO H 247 -27.71 -9.09 4.61
CA PRO H 247 -28.54 -9.95 5.46
C PRO H 247 -30.03 -9.85 5.14
N THR H 248 -30.52 -8.66 4.79
CA THR H 248 -31.96 -8.47 4.65
C THR H 248 -32.51 -9.20 3.43
N GLU H 249 -31.81 -9.10 2.30
CA GLU H 249 -32.28 -9.80 1.09
C GLU H 249 -32.31 -11.31 1.33
N LYS H 250 -31.28 -11.84 2.01
CA LYS H 250 -31.23 -13.27 2.26
C LYS H 250 -32.32 -13.70 3.23
N THR H 251 -32.62 -12.88 4.23
CA THR H 251 -33.73 -13.18 5.13
C THR H 251 -35.05 -13.22 4.36
N VAL H 252 -35.27 -12.25 3.48
CA VAL H 252 -36.50 -12.21 2.70
C VAL H 252 -36.60 -13.46 1.82
N PHE H 253 -35.48 -13.85 1.20
CA PHE H 253 -35.46 -15.05 0.37
C PHE H 253 -35.80 -16.28 1.21
N LEU H 254 -35.21 -16.38 2.40
CA LEU H 254 -35.49 -17.51 3.29
C LEU H 254 -36.98 -17.61 3.59
N VAL H 255 -37.58 -16.50 3.99
CA VAL H 255 -39.00 -16.51 4.35
C VAL H 255 -39.86 -16.89 3.15
N PHE H 256 -39.55 -16.31 1.98
CA PHE H 256 -40.34 -16.59 0.79
C PHE H 256 -40.28 -18.06 0.41
N MET H 257 -39.07 -18.64 0.43
CA MET H 257 -38.92 -20.05 0.07
C MET H 257 -39.65 -20.93 1.08
N PHE H 258 -39.56 -20.60 2.36
CA PHE H 258 -40.26 -21.38 3.38
C PHE H 258 -41.76 -21.34 3.13
N ALA H 259 -42.31 -20.18 2.82
CA ALA H 259 -43.75 -20.07 2.58
C ALA H 259 -44.16 -20.90 1.37
N VAL H 260 -43.39 -20.82 0.28
CA VAL H 260 -43.74 -21.58 -0.92
C VAL H 260 -43.69 -23.07 -0.64
N SER H 261 -42.66 -23.52 0.07
CA SER H 261 -42.55 -24.95 0.39
C SER H 261 -43.71 -25.40 1.28
N GLY H 262 -44.11 -24.56 2.23
CA GLY H 262 -45.25 -24.91 3.07
C GLY H 262 -46.52 -25.06 2.26
N ILE H 263 -46.75 -24.14 1.32
CA ILE H 263 -47.93 -24.24 0.47
C ILE H 263 -47.90 -25.53 -0.34
N CYS H 264 -46.72 -25.86 -0.88
CA CYS H 264 -46.58 -27.10 -1.65
C CYS H 264 -46.91 -28.31 -0.78
N VAL H 265 -46.41 -28.33 0.46
CA VAL H 265 -46.66 -29.47 1.35
C VAL H 265 -48.14 -29.58 1.64
N VAL H 266 -48.80 -28.44 1.89
CA VAL H 266 -50.23 -28.47 2.19
C VAL H 266 -51.01 -29.04 1.02
N LEU H 267 -50.68 -28.60 -0.20
CA LEU H 267 -51.39 -29.10 -1.37
C LEU H 267 -51.15 -30.59 -1.57
N ASN H 268 -49.90 -31.04 -1.37
CA ASN H 268 -49.61 -32.46 -1.51
C ASN H 268 -50.39 -33.28 -0.50
N LEU H 269 -50.46 -32.82 0.75
CA LEU H 269 -51.23 -33.55 1.76
C LEU H 269 -52.71 -33.59 1.41
N ALA H 270 -53.25 -32.48 0.90
CA ALA H 270 -54.65 -32.46 0.50
C ALA H 270 -54.91 -33.48 -0.61
N GLU H 271 -54.03 -33.51 -1.62
CA GLU H 271 -54.20 -34.48 -2.69
C GLU H 271 -54.09 -35.91 -2.18
N LEU H 272 -53.15 -36.17 -1.26
CA LEU H 272 -53.02 -37.50 -0.70
C LEU H 272 -54.29 -37.91 0.04
N ASN H 273 -54.86 -36.99 0.82
CA ASN H 273 -56.07 -37.31 1.58
C ASN H 273 -57.30 -37.40 0.69
N HIS H 274 -57.26 -36.83 -0.52
CA HIS H 274 -58.42 -36.90 -1.40
C HIS H 274 -58.76 -38.36 -1.71
N LEU H 275 -57.75 -39.18 -2.00
CA LEU H 275 -57.97 -40.58 -2.31
C LEU H 275 -57.90 -41.43 -1.05
N MET I 21 -61.71 -2.72 -27.58
CA MET I 21 -61.02 -3.48 -28.60
C MET I 21 -59.53 -3.09 -28.64
N ILE I 22 -59.27 -1.81 -28.89
CA ILE I 22 -57.89 -1.33 -28.92
C ILE I 22 -57.25 -1.44 -27.54
N GLY I 23 -58.06 -1.46 -26.48
CA GLY I 23 -57.51 -1.53 -25.14
C GLY I 23 -56.70 -2.79 -24.91
N ARG I 24 -57.20 -3.93 -25.39
CA ARG I 24 -56.46 -5.19 -25.24
C ARG I 24 -55.12 -5.12 -25.95
N ILE I 25 -55.11 -4.58 -27.17
CA ILE I 25 -53.87 -4.47 -27.94
C ILE I 25 -52.88 -3.58 -27.20
N LEU I 26 -53.34 -2.44 -26.71
CA LEU I 26 -52.45 -1.54 -25.98
C LEU I 26 -51.93 -2.19 -24.71
N LEU I 27 -52.77 -2.92 -23.99
CA LEU I 27 -52.32 -3.60 -22.76
C LEU I 27 -51.24 -4.62 -23.08
N THR I 28 -51.45 -5.44 -24.12
CA THR I 28 -50.45 -6.43 -24.48
C THR I 28 -49.14 -5.77 -24.90
N VAL I 29 -49.23 -4.70 -25.70
CA VAL I 29 -48.03 -4.01 -26.14
C VAL I 29 -47.28 -3.44 -24.95
N VAL I 30 -48.00 -2.83 -24.01
CA VAL I 30 -47.34 -2.25 -22.83
C VAL I 30 -46.67 -3.33 -22.00
N VAL I 31 -47.35 -4.46 -21.81
CA VAL I 31 -46.77 -5.54 -21.00
C VAL I 31 -45.49 -6.05 -21.64
N ILE I 32 -45.52 -6.30 -22.95
CA ILE I 32 -44.34 -6.81 -23.64
C ILE I 32 -43.21 -5.79 -23.60
N PHE I 33 -43.55 -4.51 -23.79
CA PHE I 33 -42.55 -3.44 -23.74
C PHE I 33 -41.88 -3.38 -22.37
N ARG I 34 -42.67 -3.45 -21.31
CA ARG I 34 -42.13 -3.43 -19.95
C ARG I 34 -41.21 -4.62 -19.73
N ILE I 35 -41.65 -5.81 -20.15
CA ILE I 35 -40.83 -7.01 -19.94
C ILE I 35 -39.51 -6.88 -20.66
N LEU I 36 -39.55 -6.45 -21.93
CA LEU I 36 -38.32 -6.32 -22.70
C LEU I 36 -37.38 -5.28 -22.09
N ILE I 37 -37.93 -4.13 -21.68
CA ILE I 37 -37.09 -3.09 -21.11
C ILE I 37 -36.41 -3.59 -19.83
N VAL I 38 -37.17 -4.27 -18.97
CA VAL I 38 -36.59 -4.79 -17.74
C VAL I 38 -35.52 -5.83 -18.04
N ALA I 39 -35.79 -6.73 -18.99
CA ALA I 39 -34.89 -7.86 -19.22
C ALA I 39 -33.59 -7.42 -19.87
N ILE I 40 -33.66 -6.62 -20.93
CA ILE I 40 -32.48 -6.37 -21.75
C ILE I 40 -31.47 -5.48 -21.05
N VAL I 41 -31.90 -4.35 -20.50
CA VAL I 41 -30.98 -3.31 -20.07
C VAL I 41 -30.95 -3.13 -18.55
N GLY I 42 -31.98 -3.59 -17.83
CA GLY I 42 -32.06 -3.33 -16.40
C GLY I 42 -30.95 -3.95 -15.58
N GLU I 43 -30.46 -5.12 -15.97
CA GLU I 43 -29.55 -5.91 -15.14
C GLU I 43 -28.09 -5.47 -15.29
N THR I 44 -27.84 -4.30 -15.87
CA THR I 44 -26.48 -3.78 -16.01
C THR I 44 -26.23 -2.48 -15.25
N VAL I 45 -27.26 -1.67 -15.00
CA VAL I 45 -27.08 -0.46 -14.22
C VAL I 45 -26.68 -0.80 -12.79
N TYR I 46 -27.29 -1.84 -12.22
CA TYR I 46 -27.09 -2.22 -10.83
C TYR I 46 -26.00 -3.26 -10.65
N ASP I 47 -25.18 -3.52 -11.68
CA ASP I 47 -24.17 -4.56 -11.58
C ASP I 47 -23.14 -4.24 -10.50
N ASP I 48 -22.68 -2.99 -10.44
CA ASP I 48 -21.67 -2.56 -9.48
C ASP I 48 -22.27 -1.73 -8.34
N GLU I 49 -23.46 -2.08 -7.89
CA GLU I 49 -24.14 -1.28 -6.87
C GLU I 49 -23.32 -1.21 -5.59
N GLN I 50 -22.77 -2.35 -5.14
CA GLN I 50 -22.07 -2.41 -3.87
C GLN I 50 -20.57 -2.22 -4.00
N THR I 51 -20.00 -2.51 -5.16
CA THR I 51 -18.55 -2.37 -5.33
C THR I 51 -18.13 -0.90 -5.34
N MET I 52 -19.00 -0.01 -5.81
CA MET I 52 -18.70 1.41 -5.91
C MET I 52 -19.33 2.22 -4.79
N PHE I 53 -19.84 1.57 -3.76
CA PHE I 53 -20.40 2.25 -2.60
C PHE I 53 -19.29 2.47 -1.58
N VAL I 54 -19.03 3.74 -1.26
CA VAL I 54 -17.91 4.11 -0.41
C VAL I 54 -18.41 4.99 0.74
N CYS I 55 -17.87 4.77 1.92
CA CYS I 55 -18.15 5.57 3.10
C CYS I 55 -16.87 6.18 3.63
N ASN I 56 -16.99 7.32 4.29
CA ASN I 56 -15.84 8.08 4.79
C ASN I 56 -15.55 7.63 6.22
N THR I 57 -14.74 6.58 6.35
CA THR I 57 -14.40 6.03 7.66
C THR I 57 -13.26 5.03 7.49
N LEU I 58 -12.72 4.61 8.64
CA LEU I 58 -11.66 3.60 8.68
C LEU I 58 -12.13 2.32 9.36
N GLN I 59 -13.32 2.31 9.94
CA GLN I 59 -13.82 1.18 10.71
C GLN I 59 -14.19 0.03 9.79
N PRO I 60 -13.62 -1.17 9.98
CA PRO I 60 -14.08 -2.32 9.18
C PRO I 60 -15.54 -2.65 9.47
N GLY I 61 -16.25 -3.05 8.42
CA GLY I 61 -17.63 -3.48 8.55
C GLY I 61 -18.66 -2.37 8.47
N CYS I 62 -18.23 -1.11 8.36
CA CYS I 62 -19.19 -0.02 8.25
C CYS I 62 -19.81 0.05 6.86
N ASN I 63 -19.04 -0.30 5.83
CA ASN I 63 -19.56 -0.25 4.47
C ASN I 63 -20.71 -1.22 4.29
N GLN I 64 -20.57 -2.45 4.77
CA GLN I 64 -21.63 -3.45 4.61
C GLN I 64 -22.90 -3.01 5.32
N ALA I 65 -22.77 -2.58 6.58
CA ALA I 65 -23.95 -2.18 7.34
C ALA I 65 -24.63 -0.98 6.70
N CYS I 66 -23.86 0.01 6.26
CA CYS I 66 -24.46 1.21 5.69
C CYS I 66 -25.12 0.91 4.34
N TYR I 67 -24.50 0.06 3.53
CA TYR I 67 -25.12 -0.33 2.27
C TYR I 67 -26.42 -1.10 2.51
N ASP I 68 -26.42 -2.00 3.49
CA ASP I 68 -27.63 -2.77 3.76
C ASP I 68 -28.74 -1.88 4.30
N ARG I 69 -28.38 -0.86 5.08
CA ARG I 69 -29.41 0.05 5.59
C ARG I 69 -29.93 0.97 4.49
N ALA I 70 -29.06 1.43 3.58
CA ALA I 70 -29.50 2.32 2.53
C ALA I 70 -30.39 1.60 1.52
N PHE I 71 -30.01 0.40 1.11
CA PHE I 71 -30.68 -0.35 0.05
C PHE I 71 -31.01 -1.75 0.55
N PRO I 72 -32.08 -1.91 1.33
CA PRO I 72 -32.43 -3.25 1.83
C PRO I 72 -32.70 -4.24 0.71
N ILE I 73 -33.41 -3.81 -0.33
CA ILE I 73 -33.73 -4.64 -1.49
C ILE I 73 -33.46 -3.81 -2.74
N SER I 74 -32.81 -4.43 -3.73
CA SER I 74 -32.52 -3.76 -4.98
C SER I 74 -33.79 -3.56 -5.80
N HIS I 75 -33.78 -2.51 -6.63
CA HIS I 75 -34.97 -2.22 -7.44
C HIS I 75 -35.25 -3.33 -8.44
N ILE I 76 -34.20 -3.86 -9.06
CA ILE I 76 -34.38 -4.85 -10.13
C ILE I 76 -35.02 -6.11 -9.59
N ARG I 77 -34.65 -6.53 -8.38
CA ARG I 77 -35.28 -7.70 -7.76
C ARG I 77 -36.78 -7.48 -7.60
N TYR I 78 -37.16 -6.31 -7.08
CA TYR I 78 -38.57 -5.99 -6.89
C TYR I 78 -39.31 -6.00 -8.22
N TRP I 79 -38.72 -5.39 -9.25
CA TRP I 79 -39.39 -5.32 -10.54
C TRP I 79 -39.55 -6.70 -11.17
N VAL I 80 -38.53 -7.55 -11.05
CA VAL I 80 -38.63 -8.91 -11.59
C VAL I 80 -39.74 -9.68 -10.87
N PHE I 81 -39.79 -9.56 -9.53
CA PHE I 81 -40.82 -10.25 -8.78
C PHE I 81 -42.20 -9.77 -9.19
N GLN I 82 -42.37 -8.45 -9.36
CA GLN I 82 -43.65 -7.90 -9.77
C GLN I 82 -44.04 -8.41 -11.15
N ILE I 83 -43.10 -8.43 -12.08
CA ILE I 83 -43.39 -8.89 -13.43
C ILE I 83 -43.85 -10.34 -13.41
N ILE I 84 -43.16 -11.19 -12.65
CA ILE I 84 -43.53 -12.60 -12.62
C ILE I 84 -44.87 -12.78 -11.92
N MET I 85 -45.14 -12.00 -10.87
CA MET I 85 -46.35 -12.20 -10.08
C MET I 85 -47.59 -11.72 -10.81
N VAL I 86 -47.49 -10.65 -11.61
CA VAL I 86 -48.68 -10.09 -12.26
C VAL I 86 -49.14 -10.89 -13.47
N CYS I 87 -48.52 -12.03 -13.76
CA CYS I 87 -48.88 -12.85 -14.90
C CYS I 87 -49.27 -14.28 -14.53
N THR I 88 -49.65 -14.51 -13.27
CA THR I 88 -50.05 -15.85 -12.83
C THR I 88 -51.46 -16.20 -13.28
N PRO I 89 -52.43 -15.27 -13.18
CA PRO I 89 -53.80 -15.63 -13.56
C PRO I 89 -53.93 -16.12 -14.99
N SER I 90 -53.15 -15.55 -15.92
CA SER I 90 -53.18 -16.02 -17.29
C SER I 90 -52.74 -17.48 -17.38
N LEU I 91 -51.68 -17.83 -16.64
CA LEU I 91 -51.21 -19.22 -16.62
C LEU I 91 -52.27 -20.14 -16.04
N CYS I 92 -52.94 -19.71 -14.97
CA CYS I 92 -53.99 -20.53 -14.37
C CYS I 92 -55.12 -20.75 -15.35
N PHE I 93 -55.54 -19.69 -16.05
CA PHE I 93 -56.62 -19.82 -17.03
C PHE I 93 -56.22 -20.75 -18.17
N ILE I 94 -54.97 -20.62 -18.65
CA ILE I 94 -54.52 -21.48 -19.74
C ILE I 94 -54.50 -22.94 -19.31
N THR I 95 -54.01 -23.20 -18.09
CA THR I 95 -53.98 -24.57 -17.58
C THR I 95 -55.39 -25.13 -17.46
N TYR I 96 -56.32 -24.35 -16.93
CA TYR I 96 -57.69 -24.81 -16.81
C TYR I 96 -58.29 -25.12 -18.18
N SER I 97 -58.04 -24.24 -19.16
CA SER I 97 -58.55 -24.47 -20.50
C SER I 97 -57.97 -25.74 -21.10
N VAL I 98 -56.67 -25.97 -20.91
CA VAL I 98 -56.04 -27.17 -21.45
C VAL I 98 -56.65 -28.42 -20.81
N HIS I 99 -56.84 -28.38 -19.48
CA HIS I 99 -57.48 -29.51 -18.81
C HIS I 99 -58.90 -29.74 -19.31
N GLN I 100 -59.65 -28.67 -19.53
CA GLN I 100 -61.02 -28.77 -20.04
C GLN I 100 -61.05 -29.57 -21.35
N SER I 196 -67.30 -18.09 -18.02
CA SER I 196 -67.04 -16.65 -18.02
C SER I 196 -66.72 -16.17 -16.60
N ARG I 197 -67.07 -16.98 -15.60
CA ARG I 197 -66.76 -16.63 -14.22
C ARG I 197 -65.27 -16.51 -14.00
N PHE I 198 -64.49 -17.45 -14.55
CA PHE I 198 -63.04 -17.40 -14.41
C PHE I 198 -62.48 -16.10 -14.95
N TYR I 199 -63.04 -15.61 -16.06
CA TYR I 199 -62.59 -14.35 -16.64
C TYR I 199 -62.75 -13.21 -15.64
N ILE I 200 -63.93 -13.10 -15.02
CA ILE I 200 -64.17 -12.02 -14.07
C ILE I 200 -63.23 -12.13 -12.88
N ILE I 201 -63.09 -13.36 -12.35
CA ILE I 201 -62.25 -13.55 -11.16
C ILE I 201 -60.81 -13.17 -11.47
N GLN I 202 -60.29 -13.62 -12.61
CA GLN I 202 -58.90 -13.32 -12.94
C GLN I 202 -58.70 -11.83 -13.22
N VAL I 203 -59.69 -11.16 -13.82
CA VAL I 203 -59.57 -9.72 -14.05
C VAL I 203 -59.49 -8.99 -12.71
N VAL I 204 -60.36 -9.37 -11.77
CA VAL I 204 -60.34 -8.73 -10.45
C VAL I 204 -59.00 -8.96 -9.77
N PHE I 205 -58.51 -10.20 -9.82
CA PHE I 205 -57.24 -10.52 -9.18
C PHE I 205 -56.10 -9.71 -9.79
N ARG I 206 -56.08 -9.60 -11.13
CA ARG I 206 -55.03 -8.84 -11.79
C ARG I 206 -55.07 -7.37 -11.37
N ASN I 207 -56.28 -6.78 -11.34
CA ASN I 207 -56.40 -5.39 -10.93
C ASN I 207 -55.86 -5.19 -9.51
N ALA I 208 -56.28 -6.06 -8.59
CA ALA I 208 -55.83 -5.93 -7.21
C ALA I 208 -54.32 -6.07 -7.11
N LEU I 209 -53.74 -7.04 -7.82
CA LEU I 209 -52.29 -7.24 -7.77
C LEU I 209 -51.55 -6.01 -8.28
N GLU I 210 -52.00 -5.46 -9.41
CA GLU I 210 -51.32 -4.30 -9.98
C GLU I 210 -51.39 -3.10 -9.04
N ILE I 211 -52.58 -2.84 -8.47
CA ILE I 211 -52.72 -1.69 -7.58
C ILE I 211 -51.83 -1.88 -6.35
N GLY I 212 -51.84 -3.08 -5.77
CA GLY I 212 -51.02 -3.31 -4.59
C GLY I 212 -49.54 -3.13 -4.87
N PHE I 213 -49.08 -3.66 -6.01
CA PHE I 213 -47.66 -3.52 -6.33
C PHE I 213 -47.27 -2.07 -6.57
N LEU I 214 -48.13 -1.30 -7.24
CA LEU I 214 -47.83 0.11 -7.45
C LEU I 214 -47.72 0.85 -6.11
N VAL I 215 -48.69 0.65 -5.23
CA VAL I 215 -48.65 1.34 -3.94
C VAL I 215 -47.42 0.90 -3.13
N GLY I 216 -47.10 -0.40 -3.19
CA GLY I 216 -45.92 -0.88 -2.47
C GLY I 216 -44.63 -0.27 -2.99
N GLN I 217 -44.49 -0.16 -4.32
CA GLN I 217 -43.31 0.49 -4.88
C GLN I 217 -43.21 1.93 -4.40
N TYR I 218 -44.32 2.67 -4.43
CA TYR I 218 -44.30 4.04 -3.98
C TYR I 218 -43.85 4.14 -2.53
N PHE I 219 -44.43 3.31 -1.66
CA PHE I 219 -44.10 3.38 -0.24
C PHE I 219 -42.68 2.91 0.05
N LEU I 220 -42.13 2.02 -0.80
CA LEU I 220 -40.79 1.50 -0.54
C LEU I 220 -39.70 2.46 -1.01
N TYR I 221 -39.78 2.94 -2.24
CA TYR I 221 -38.66 3.64 -2.85
C TYR I 221 -38.84 5.14 -2.99
N GLY I 222 -40.03 5.62 -3.35
CA GLY I 222 -40.22 7.04 -3.55
C GLY I 222 -40.09 7.47 -5.00
N PHE I 223 -39.48 8.63 -5.23
CA PHE I 223 -39.38 9.19 -6.58
C PHE I 223 -37.96 9.58 -6.97
N SER I 224 -36.99 9.50 -6.05
CA SER I 224 -35.64 9.92 -6.38
C SER I 224 -34.64 9.13 -5.53
N VAL I 225 -33.41 9.05 -6.03
CA VAL I 225 -32.31 8.40 -5.34
C VAL I 225 -31.26 9.46 -5.00
N PRO I 226 -31.12 9.88 -3.75
CA PRO I 226 -30.13 10.90 -3.43
C PRO I 226 -28.70 10.39 -3.55
N GLY I 227 -27.78 11.34 -3.77
CA GLY I 227 -26.38 11.00 -3.91
C GLY I 227 -25.62 10.89 -2.61
N LEU I 228 -26.24 11.23 -1.49
CA LEU I 228 -25.60 11.15 -0.19
C LEU I 228 -26.50 10.42 0.80
N TYR I 229 -25.88 9.73 1.74
CA TYR I 229 -26.58 9.01 2.78
C TYR I 229 -25.90 9.25 4.12
N GLU I 230 -26.70 9.34 5.18
CA GLU I 230 -26.21 9.50 6.55
C GLU I 230 -26.46 8.19 7.29
N CYS I 231 -25.39 7.60 7.81
CA CYS I 231 -25.41 6.25 8.37
C CYS I 231 -24.99 6.29 9.83
N ASN I 232 -25.79 5.70 10.70
CA ASN I 232 -25.54 5.69 12.14
C ASN I 232 -25.82 4.30 12.71
N ARG I 233 -25.34 3.27 12.01
CA ARG I 233 -25.53 1.88 12.43
C ARG I 233 -24.22 1.30 12.92
N TYR I 234 -24.30 0.47 13.95
CA TYR I 234 -23.11 -0.22 14.45
C TYR I 234 -22.53 -1.08 13.34
N PRO I 235 -21.19 -1.15 13.19
CA PRO I 235 -20.14 -0.61 14.05
C PRO I 235 -19.74 0.83 13.75
N CYS I 236 -20.42 1.51 12.83
CA CYS I 236 -20.06 2.88 12.51
C CYS I 236 -20.22 3.77 13.73
N ILE I 237 -19.21 4.59 14.00
CA ILE I 237 -19.20 5.45 15.19
C ILE I 237 -19.96 6.73 14.89
N LYS I 238 -20.89 7.08 15.76
CA LYS I 238 -21.78 8.23 15.54
C LYS I 238 -22.35 8.16 14.13
N GLU I 239 -22.41 9.29 13.43
CA GLU I 239 -23.00 9.37 12.10
C GLU I 239 -21.90 9.62 11.07
N VAL I 240 -21.91 8.83 10.00
CA VAL I 240 -20.94 8.95 8.91
C VAL I 240 -21.69 9.27 7.64
N GLU I 241 -20.93 9.55 6.58
CA GLU I 241 -21.47 9.89 5.27
C GLU I 241 -21.00 8.89 4.23
N CYS I 242 -21.94 8.44 3.40
CA CYS I 242 -21.65 7.48 2.34
C CYS I 242 -22.15 8.04 1.01
N TYR I 243 -21.54 7.56 -0.07
CA TYR I 243 -21.76 8.12 -1.41
C TYR I 243 -22.28 7.03 -2.33
N VAL I 244 -23.37 7.34 -3.04
CA VAL I 244 -24.05 6.38 -3.90
C VAL I 244 -23.51 6.48 -5.31
N SER I 245 -23.72 5.43 -6.09
CA SER I 245 -23.24 5.35 -7.47
C SER I 245 -24.42 5.40 -8.45
N ARG I 246 -24.31 6.26 -9.44
CA ARG I 246 -25.32 6.41 -10.48
C ARG I 246 -26.71 6.75 -9.94
N PRO I 247 -26.87 7.93 -9.32
CA PRO I 247 -28.21 8.32 -8.87
C PRO I 247 -29.15 8.70 -10.01
N THR I 248 -28.63 9.35 -11.06
CA THR I 248 -29.50 9.89 -12.09
C THR I 248 -30.15 8.79 -12.92
N GLU I 249 -29.37 7.79 -13.32
CA GLU I 249 -29.93 6.69 -14.10
C GLU I 249 -31.00 5.96 -13.31
N LYS I 250 -30.75 5.74 -12.01
CA LYS I 250 -31.72 5.03 -11.19
C LYS I 250 -32.98 5.86 -10.98
N THR I 251 -32.84 7.17 -10.85
CA THR I 251 -34.02 8.03 -10.76
C THR I 251 -34.85 7.96 -12.05
N VAL I 252 -34.18 7.99 -13.20
CA VAL I 252 -34.88 7.91 -14.47
C VAL I 252 -35.62 6.58 -14.58
N PHE I 253 -34.94 5.49 -14.18
CA PHE I 253 -35.57 4.17 -14.20
C PHE I 253 -36.80 4.14 -13.29
N LEU I 254 -36.68 4.72 -12.10
CA LEU I 254 -37.81 4.75 -11.17
C LEU I 254 -39.00 5.45 -11.81
N VAL I 255 -38.78 6.64 -12.38
CA VAL I 255 -39.87 7.40 -12.95
C VAL I 255 -40.50 6.64 -14.13
N PHE I 256 -39.66 6.05 -14.98
CA PHE I 256 -40.18 5.33 -16.14
C PHE I 256 -41.04 4.14 -15.71
N MET I 257 -40.55 3.36 -14.74
CA MET I 257 -41.33 2.21 -14.28
C MET I 257 -42.64 2.65 -13.64
N PHE I 258 -42.60 3.73 -12.86
CA PHE I 258 -43.83 4.23 -12.25
C PHE I 258 -44.84 4.63 -13.32
N ALA I 259 -44.38 5.32 -14.37
CA ALA I 259 -45.30 5.74 -15.43
C ALA I 259 -45.91 4.53 -16.12
N VAL I 260 -45.10 3.53 -16.45
CA VAL I 260 -45.60 2.34 -17.14
C VAL I 260 -46.63 1.63 -16.27
N SER I 261 -46.33 1.47 -14.98
CA SER I 261 -47.27 0.81 -14.08
C SER I 261 -48.57 1.58 -13.97
N GLY I 262 -48.49 2.91 -13.91
CA GLY I 262 -49.71 3.71 -13.87
C GLY I 262 -50.56 3.52 -15.11
N ILE I 263 -49.93 3.49 -16.29
CA ILE I 263 -50.67 3.26 -17.52
C ILE I 263 -51.35 1.89 -17.48
N CYS I 264 -50.62 0.87 -17.01
CA CYS I 264 -51.20 -0.46 -16.91
C CYS I 264 -52.41 -0.46 -15.99
N VAL I 265 -52.31 0.21 -14.84
CA VAL I 265 -53.42 0.25 -13.90
C VAL I 265 -54.62 0.95 -14.52
N VAL I 266 -54.38 2.04 -15.24
CA VAL I 266 -55.49 2.76 -15.87
C VAL I 266 -56.19 1.87 -16.88
N LEU I 267 -55.42 1.16 -17.71
CA LEU I 267 -56.04 0.29 -18.70
C LEU I 267 -56.82 -0.84 -18.04
N ASN I 268 -56.26 -1.43 -16.98
CA ASN I 268 -56.97 -2.49 -16.28
C ASN I 268 -58.29 -1.99 -15.70
N LEU I 269 -58.28 -0.80 -15.09
CA LEU I 269 -59.52 -0.25 -14.55
C LEU I 269 -60.53 0.02 -15.64
N ALA I 270 -60.07 0.53 -16.79
CA ALA I 270 -60.99 0.78 -17.91
C ALA I 270 -61.63 -0.53 -18.36
N GLU I 271 -60.83 -1.58 -18.51
CA GLU I 271 -61.38 -2.87 -18.92
C GLU I 271 -62.35 -3.41 -17.89
N LEU I 272 -62.03 -3.26 -16.59
CA LEU I 272 -62.95 -3.71 -15.56
C LEU I 272 -64.27 -2.98 -15.63
N ASN I 273 -64.23 -1.66 -15.83
CA ASN I 273 -65.46 -0.87 -15.90
C ASN I 273 -66.22 -1.10 -17.19
N HIS I 274 -65.58 -1.62 -18.24
CA HIS I 274 -66.29 -1.87 -19.48
C HIS I 274 -67.44 -2.85 -19.27
N LEU I 275 -67.20 -3.91 -18.51
CA LEU I 275 -68.23 -4.91 -18.24
C LEU I 275 -69.00 -4.54 -16.98
N MET J 21 -40.63 1.47 -54.07
CA MET J 21 -40.43 0.02 -54.02
C MET J 21 -39.11 -0.31 -53.33
N ILE J 22 -38.01 0.19 -53.91
CA ILE J 22 -36.70 -0.05 -53.32
C ILE J 22 -36.59 0.63 -51.95
N GLY J 23 -37.39 1.67 -51.71
CA GLY J 23 -37.30 2.37 -50.44
C GLY J 23 -37.61 1.47 -49.25
N ARG J 24 -38.64 0.63 -49.38
CA ARG J 24 -38.97 -0.29 -48.29
C ARG J 24 -37.83 -1.26 -48.01
N ILE J 25 -37.22 -1.80 -49.07
CA ILE J 25 -36.11 -2.73 -48.90
C ILE J 25 -34.94 -2.03 -48.21
N LEU J 26 -34.60 -0.82 -48.65
CA LEU J 26 -33.52 -0.08 -48.01
C LEU J 26 -33.83 0.23 -46.55
N LEU J 27 -35.07 0.61 -46.24
CA LEU J 27 -35.43 0.90 -44.86
C LEU J 27 -35.28 -0.33 -43.98
N THR J 28 -35.77 -1.49 -44.46
CA THR J 28 -35.64 -2.70 -43.68
C THR J 28 -34.19 -3.08 -43.48
N VAL J 29 -33.38 -2.97 -44.54
CA VAL J 29 -31.97 -3.32 -44.43
C VAL J 29 -31.28 -2.41 -43.42
N VAL J 30 -31.58 -1.10 -43.47
CA VAL J 30 -30.95 -0.16 -42.54
C VAL J 30 -31.36 -0.47 -41.11
N VAL J 31 -32.63 -0.77 -40.89
CA VAL J 31 -33.09 -1.06 -39.53
C VAL J 31 -32.39 -2.29 -38.99
N ILE J 32 -32.32 -3.35 -39.78
CA ILE J 32 -31.68 -4.58 -39.32
C ILE J 32 -30.20 -4.35 -39.08
N PHE J 33 -29.54 -3.59 -39.96
CA PHE J 33 -28.13 -3.28 -39.80
C PHE J 33 -27.88 -2.52 -38.50
N ARG J 34 -28.71 -1.52 -38.21
CA ARG J 34 -28.56 -0.75 -36.98
C ARG J 34 -28.74 -1.65 -35.77
N ILE J 35 -29.78 -2.51 -35.79
CA ILE J 35 -30.03 -3.37 -34.65
C ILE J 35 -28.85 -4.30 -34.42
N LEU J 36 -28.34 -4.92 -35.49
CA LEU J 36 -27.21 -5.84 -35.34
C LEU J 36 -25.98 -5.12 -34.82
N ILE J 37 -25.67 -3.94 -35.37
CA ILE J 37 -24.49 -3.20 -34.93
C ILE J 37 -24.60 -2.86 -33.45
N VAL J 38 -25.77 -2.38 -33.02
CA VAL J 38 -25.93 -2.03 -31.62
C VAL J 38 -25.80 -3.26 -30.73
N ALA J 39 -26.41 -4.38 -31.14
CA ALA J 39 -26.48 -5.55 -30.28
C ALA J 39 -25.12 -6.23 -30.14
N ILE J 40 -24.42 -6.47 -31.25
CA ILE J 40 -23.25 -7.34 -31.21
C ILE J 40 -22.07 -6.67 -30.52
N VAL J 41 -21.73 -5.44 -30.91
CA VAL J 41 -20.46 -4.84 -30.52
C VAL J 41 -20.62 -3.66 -29.55
N GLY J 42 -21.81 -3.06 -29.47
CA GLY J 42 -21.97 -1.86 -28.66
C GLY J 42 -21.76 -2.06 -27.18
N GLU J 43 -22.12 -3.22 -26.64
CA GLU J 43 -22.15 -3.45 -25.20
C GLU J 43 -20.78 -3.83 -24.63
N THR J 44 -19.70 -3.62 -25.38
CA THR J 44 -18.35 -3.90 -24.89
C THR J 44 -17.46 -2.68 -24.79
N VAL J 45 -17.70 -1.63 -25.58
CA VAL J 45 -16.91 -0.42 -25.48
C VAL J 45 -17.15 0.25 -24.12
N TYR J 46 -18.39 0.24 -23.64
CA TYR J 46 -18.77 0.93 -22.42
C TYR J 46 -18.72 0.03 -21.20
N ASP J 47 -18.11 -1.15 -21.30
CA ASP J 47 -18.09 -2.09 -20.17
C ASP J 47 -17.35 -1.50 -18.98
N ASP J 48 -16.20 -0.87 -19.20
CA ASP J 48 -15.38 -0.30 -18.15
C ASP J 48 -15.48 1.22 -18.10
N GLU J 49 -16.67 1.77 -18.34
CA GLU J 49 -16.82 3.22 -18.40
C GLU J 49 -16.43 3.86 -17.07
N GLN J 50 -16.89 3.29 -15.95
CA GLN J 50 -16.68 3.90 -14.64
C GLN J 50 -15.45 3.37 -13.93
N THR J 51 -15.00 2.16 -14.26
CA THR J 51 -13.83 1.61 -13.58
C THR J 51 -12.55 2.33 -13.97
N MET J 52 -12.49 2.85 -15.19
CA MET J 52 -11.30 3.53 -15.70
C MET J 52 -11.43 5.04 -15.67
N PHE J 53 -12.45 5.56 -14.99
CA PHE J 53 -12.62 7.00 -14.82
C PHE J 53 -11.88 7.45 -13.57
N VAL J 54 -10.92 8.35 -13.75
CA VAL J 54 -10.02 8.76 -12.67
C VAL J 54 -10.02 10.28 -12.58
N CYS J 55 -10.02 10.79 -11.34
CA CYS J 55 -9.92 12.22 -11.08
C CYS J 55 -8.69 12.49 -10.22
N ASN J 56 -8.15 13.70 -10.34
CA ASN J 56 -6.92 14.08 -9.65
C ASN J 56 -7.29 14.71 -8.31
N THR J 57 -7.45 13.87 -7.28
CA THR J 57 -7.82 14.35 -5.96
C THR J 57 -7.64 13.21 -4.97
N LEU J 58 -7.76 13.56 -3.68
CA LEU J 58 -7.69 12.59 -2.59
C LEU J 58 -9.01 12.47 -1.84
N GLN J 59 -9.98 13.32 -2.15
CA GLN J 59 -11.25 13.37 -1.43
C GLN J 59 -12.10 12.14 -1.77
N PRO J 60 -12.53 11.35 -0.80
CA PRO J 60 -13.47 10.26 -1.10
C PRO J 60 -14.79 10.81 -1.63
N GLY J 61 -15.36 10.07 -2.59
CA GLY J 61 -16.66 10.41 -3.13
C GLY J 61 -16.65 11.40 -4.27
N CYS J 62 -15.47 11.93 -4.65
CA CYS J 62 -15.42 12.87 -5.76
C CYS J 62 -15.54 12.15 -7.10
N ASN J 63 -15.02 10.93 -7.19
CA ASN J 63 -15.09 10.18 -8.45
C ASN J 63 -16.53 9.89 -8.83
N GLN J 64 -17.34 9.44 -7.88
CA GLN J 64 -18.73 9.10 -8.18
C GLN J 64 -19.49 10.34 -8.64
N ALA J 65 -19.37 11.45 -7.90
CA ALA J 65 -20.09 12.66 -8.26
C ALA J 65 -19.66 13.17 -9.62
N CYS J 66 -18.35 13.18 -9.89
CA CYS J 66 -17.87 13.72 -11.16
C CYS J 66 -18.27 12.83 -12.32
N TYR J 67 -18.24 11.51 -12.14
CA TYR J 67 -18.70 10.62 -13.20
C TYR J 67 -20.19 10.80 -13.47
N ASP J 68 -20.99 10.95 -12.41
CA ASP J 68 -22.42 11.12 -12.61
C ASP J 68 -22.73 12.44 -13.29
N ARG J 69 -21.95 13.49 -12.99
CA ARG J 69 -22.17 14.76 -13.65
C ARG J 69 -21.72 14.74 -15.10
N ALA J 70 -20.61 14.05 -15.40
CA ALA J 70 -20.12 14.01 -16.77
C ALA J 70 -21.04 13.19 -17.66
N PHE J 71 -21.48 12.02 -17.19
CA PHE J 71 -22.26 11.08 -17.99
C PHE J 71 -23.53 10.70 -17.23
N PRO J 72 -24.56 11.55 -17.26
CA PRO J 72 -25.81 11.22 -16.56
C PRO J 72 -26.43 9.92 -17.03
N ILE J 73 -26.44 9.72 -18.35
CA ILE J 73 -26.99 8.51 -18.97
C ILE J 73 -26.01 8.02 -20.02
N SER J 74 -25.76 6.71 -20.03
CA SER J 74 -24.85 6.13 -21.00
C SER J 74 -25.48 6.14 -22.40
N HIS J 75 -24.60 6.18 -23.41
CA HIS J 75 -25.09 6.21 -24.79
C HIS J 75 -25.84 4.94 -25.15
N ILE J 76 -25.32 3.79 -24.71
CA ILE J 76 -25.90 2.51 -25.12
C ILE J 76 -27.32 2.36 -24.58
N ARG J 77 -27.57 2.83 -23.36
CA ARG J 77 -28.91 2.79 -22.81
C ARG J 77 -29.87 3.59 -23.68
N TYR J 78 -29.48 4.81 -24.06
CA TYR J 78 -30.31 5.65 -24.91
C TYR J 78 -30.59 4.98 -26.25
N TRP J 79 -29.55 4.39 -26.86
CA TRP J 79 -29.73 3.77 -28.16
C TRP J 79 -30.64 2.55 -28.08
N VAL J 80 -30.50 1.75 -27.02
CA VAL J 80 -31.38 0.59 -26.86
C VAL J 80 -32.82 1.03 -26.69
N PHE J 81 -33.05 2.07 -25.86
CA PHE J 81 -34.40 2.56 -25.66
C PHE J 81 -34.98 3.07 -26.97
N GLN J 82 -34.19 3.81 -27.75
CA GLN J 82 -34.66 4.32 -29.03
C GLN J 82 -35.02 3.18 -29.98
N ILE J 83 -34.16 2.16 -30.05
CA ILE J 83 -34.41 1.04 -30.94
C ILE J 83 -35.71 0.35 -30.56
N ILE J 84 -35.93 0.12 -29.27
CA ILE J 84 -37.14 -0.58 -28.86
C ILE J 84 -38.37 0.30 -29.10
N MET J 85 -38.25 1.61 -28.88
CA MET J 85 -39.40 2.49 -28.98
C MET J 85 -39.83 2.72 -30.42
N VAL J 86 -38.89 2.76 -31.37
CA VAL J 86 -39.24 3.08 -32.76
C VAL J 86 -39.87 1.91 -33.50
N CYS J 87 -40.12 0.78 -32.83
CA CYS J 87 -40.70 -0.39 -33.47
C CYS J 87 -42.01 -0.84 -32.82
N THR J 88 -42.69 0.04 -32.09
CA THR J 88 -43.95 -0.31 -31.44
C THR J 88 -45.11 -0.31 -32.43
N PRO J 89 -45.21 0.67 -33.33
CA PRO J 89 -46.36 0.69 -34.26
C PRO J 89 -46.48 -0.57 -35.09
N SER J 90 -45.37 -1.17 -35.50
CA SER J 90 -45.43 -2.42 -36.25
C SER J 90 -46.07 -3.52 -35.41
N LEU J 91 -45.68 -3.60 -34.13
CA LEU J 91 -46.29 -4.59 -33.24
C LEU J 91 -47.78 -4.34 -33.07
N CYS J 92 -48.17 -3.08 -32.92
CA CYS J 92 -49.59 -2.78 -32.78
C CYS J 92 -50.37 -3.19 -34.02
N PHE J 93 -49.82 -2.89 -35.21
CA PHE J 93 -50.48 -3.26 -36.45
C PHE J 93 -50.59 -4.78 -36.58
N ILE J 94 -49.52 -5.50 -36.23
CA ILE J 94 -49.54 -6.96 -36.33
C ILE J 94 -50.60 -7.53 -35.38
N THR J 95 -50.67 -7.01 -34.16
CA THR J 95 -51.65 -7.50 -33.21
C THR J 95 -53.07 -7.23 -33.70
N TYR J 96 -53.32 -6.04 -34.24
CA TYR J 96 -54.64 -5.73 -34.77
C TYR J 96 -54.99 -6.67 -35.92
N SER J 97 -54.04 -6.92 -36.82
CA SER J 97 -54.29 -7.82 -37.93
C SER J 97 -54.61 -9.23 -37.44
N VAL J 98 -53.86 -9.71 -36.44
CA VAL J 98 -54.10 -11.04 -35.90
C VAL J 98 -55.50 -11.11 -35.28
N HIS J 99 -55.87 -10.09 -34.53
CA HIS J 99 -57.23 -10.07 -33.95
C HIS J 99 -58.29 -10.04 -35.03
N GLN J 100 -58.08 -9.27 -36.10
CA GLN J 100 -59.03 -9.19 -37.21
C GLN J 100 -59.32 -10.58 -37.76
N SER J 196 -56.80 0.99 -44.20
CA SER J 196 -55.65 1.77 -44.67
C SER J 196 -55.38 2.94 -43.73
N ARG J 197 -56.37 3.29 -42.91
CA ARG J 197 -56.19 4.37 -41.94
C ARG J 197 -55.08 4.04 -40.97
N PHE J 198 -55.04 2.81 -40.46
CA PHE J 198 -54.00 2.40 -39.53
C PHE J 198 -52.62 2.60 -40.14
N TYR J 199 -52.48 2.32 -41.43
CA TYR J 199 -51.20 2.51 -42.10
C TYR J 199 -50.74 3.96 -42.02
N ILE J 200 -51.65 4.90 -42.34
CA ILE J 200 -51.29 6.31 -42.32
C ILE J 200 -50.93 6.74 -40.90
N ILE J 201 -51.75 6.33 -39.92
CA ILE J 201 -51.50 6.74 -38.54
C ILE J 201 -50.16 6.23 -38.06
N GLN J 202 -49.86 4.95 -38.34
CA GLN J 202 -48.59 4.39 -37.86
C GLN J 202 -47.40 5.02 -38.59
N VAL J 203 -47.55 5.36 -39.87
CA VAL J 203 -46.45 6.03 -40.58
C VAL J 203 -46.17 7.38 -39.94
N VAL J 204 -47.23 8.14 -39.65
CA VAL J 204 -47.05 9.45 -39.03
C VAL J 204 -46.39 9.30 -37.67
N PHE J 205 -46.85 8.34 -36.87
CA PHE J 205 -46.27 8.13 -35.55
C PHE J 205 -44.80 7.77 -35.64
N ARG J 206 -44.45 6.88 -36.57
CA ARG J 206 -43.05 6.49 -36.73
C ARG J 206 -42.19 7.69 -37.12
N ASN J 207 -42.66 8.50 -38.06
CA ASN J 207 -41.90 9.68 -38.47
C ASN J 207 -41.67 10.61 -37.29
N ALA J 208 -42.73 10.89 -36.51
CA ALA J 208 -42.59 11.78 -35.37
C ALA J 208 -41.62 11.22 -34.35
N LEU J 209 -41.71 9.91 -34.06
CA LEU J 209 -40.82 9.30 -33.09
C LEU J 209 -39.37 9.41 -33.53
N GLU J 210 -39.09 9.10 -34.79
CA GLU J 210 -37.72 9.15 -35.28
C GLU J 210 -37.16 10.57 -35.21
N ILE J 211 -37.93 11.56 -35.65
CA ILE J 211 -37.45 12.93 -35.63
C ILE J 211 -37.19 13.38 -34.19
N GLY J 212 -38.12 13.07 -33.28
CA GLY J 212 -37.92 13.45 -31.90
C GLY J 212 -36.69 12.82 -31.28
N PHE J 213 -36.47 11.54 -31.55
CA PHE J 213 -35.30 10.86 -30.99
C PHE J 213 -34.00 11.43 -31.55
N LEU J 214 -33.97 11.74 -32.85
CA LEU J 214 -32.77 12.34 -33.43
C LEU J 214 -32.46 13.68 -32.77
N VAL J 215 -33.46 14.54 -32.66
CA VAL J 215 -33.24 15.86 -32.05
C VAL J 215 -32.80 15.71 -30.60
N GLY J 216 -33.42 14.77 -29.88
CA GLY J 216 -33.05 14.55 -28.49
C GLY J 216 -31.61 14.09 -28.35
N GLN J 217 -31.18 13.16 -29.20
CA GLN J 217 -29.79 12.72 -29.17
C GLN J 217 -28.86 13.90 -29.41
N TYR J 218 -29.16 14.72 -30.41
CA TYR J 218 -28.29 15.86 -30.69
C TYR J 218 -28.20 16.79 -29.49
N PHE J 219 -29.35 17.12 -28.88
CA PHE J 219 -29.34 18.04 -27.75
C PHE J 219 -28.70 17.43 -26.51
N LEU J 220 -28.72 16.10 -26.38
CA LEU J 220 -28.16 15.48 -25.18
C LEU J 220 -26.65 15.32 -25.26
N TYR J 221 -26.14 14.78 -26.36
CA TYR J 221 -24.74 14.36 -26.41
C TYR J 221 -23.84 15.23 -27.27
N GLY J 222 -24.31 15.69 -28.43
CA GLY J 222 -23.46 16.49 -29.29
C GLY J 222 -22.79 15.68 -30.38
N PHE J 223 -21.53 15.99 -30.68
CA PHE J 223 -20.82 15.33 -31.78
C PHE J 223 -19.46 14.77 -31.37
N SER J 224 -19.00 15.02 -30.15
CA SER J 224 -17.69 14.54 -29.74
C SER J 224 -17.67 14.30 -28.24
N VAL J 225 -16.74 13.46 -27.82
CA VAL J 225 -16.52 13.14 -26.40
C VAL J 225 -15.13 13.63 -26.02
N PRO J 226 -14.99 14.72 -25.27
CA PRO J 226 -13.66 15.21 -24.92
C PRO J 226 -12.95 14.29 -23.92
N GLY J 227 -11.62 14.37 -23.93
CA GLY J 227 -10.82 13.54 -23.06
C GLY J 227 -10.59 14.12 -21.68
N LEU J 228 -11.03 15.35 -21.43
CA LEU J 228 -10.89 16.00 -20.14
C LEU J 228 -12.22 16.58 -19.69
N TYR J 229 -12.42 16.60 -18.38
CA TYR J 229 -13.62 17.16 -17.77
C TYR J 229 -13.23 18.00 -16.56
N GLU J 230 -13.96 19.10 -16.36
CA GLU J 230 -13.77 19.98 -15.22
C GLU J 230 -14.96 19.82 -14.29
N CYS J 231 -14.69 19.43 -13.04
CA CYS J 231 -15.72 19.02 -12.10
C CYS J 231 -15.67 19.92 -10.87
N ASN J 232 -16.82 20.48 -10.50
CA ASN J 232 -16.93 21.39 -9.36
C ASN J 232 -18.17 21.06 -8.54
N ARG J 233 -18.39 19.77 -8.28
CA ARG J 233 -19.53 19.30 -7.51
C ARG J 233 -19.07 18.80 -6.15
N TYR J 234 -19.88 19.07 -5.14
CA TYR J 234 -19.60 18.56 -3.79
C TYR J 234 -19.53 17.05 -3.83
N PRO J 235 -18.59 16.41 -3.10
CA PRO J 235 -17.64 16.96 -2.13
C PRO J 235 -16.34 17.47 -2.73
N CYS J 236 -16.19 17.48 -4.05
CA CYS J 236 -14.95 17.95 -4.65
C CYS J 236 -14.71 19.41 -4.31
N ILE J 237 -13.50 19.73 -3.88
CA ILE J 237 -13.15 21.08 -3.44
C ILE J 237 -12.78 21.92 -4.66
N LYS J 238 -13.39 23.10 -4.77
CA LYS J 238 -13.22 23.95 -5.93
C LYS J 238 -13.38 23.12 -7.21
N GLU J 239 -12.54 23.33 -8.20
CA GLU J 239 -12.65 22.65 -9.48
C GLU J 239 -11.48 21.68 -9.64
N VAL J 240 -11.81 20.44 -10.03
CA VAL J 240 -10.82 19.39 -10.25
C VAL J 240 -10.89 18.96 -11.70
N GLU J 241 -9.95 18.09 -12.08
CA GLU J 241 -9.85 17.58 -13.45
C GLU J 241 -9.97 16.07 -13.44
N CYS J 242 -10.78 15.55 -14.36
CA CYS J 242 -11.01 14.12 -14.49
C CYS J 242 -10.73 13.69 -15.93
N TYR J 243 -10.39 12.42 -16.10
CA TYR J 243 -9.91 11.89 -17.38
C TYR J 243 -10.82 10.76 -17.84
N VAL J 244 -11.26 10.85 -19.09
CA VAL J 244 -12.22 9.92 -19.67
C VAL J 244 -11.48 8.77 -20.35
N SER J 245 -12.19 7.66 -20.54
CA SER J 245 -11.63 6.47 -21.15
C SER J 245 -12.25 6.24 -22.54
N ARG J 246 -11.39 6.02 -23.53
CA ARG J 246 -11.82 5.72 -24.90
C ARG J 246 -12.69 6.84 -25.49
N PRO J 247 -12.13 8.04 -25.68
CA PRO J 247 -12.93 9.09 -26.34
C PRO J 247 -13.12 8.86 -27.83
N THR J 248 -12.11 8.33 -28.52
CA THR J 248 -12.17 8.24 -29.98
C THR J 248 -13.20 7.22 -30.44
N GLU J 249 -13.23 6.04 -29.81
CA GLU J 249 -14.21 5.03 -30.19
C GLU J 249 -15.63 5.55 -29.98
N LYS J 250 -15.86 6.24 -28.86
CA LYS J 250 -17.19 6.75 -28.56
C LYS J 250 -17.58 7.86 -29.52
N THR J 251 -16.62 8.70 -29.93
CA THR J 251 -16.92 9.70 -30.94
C THR J 251 -17.31 9.06 -32.27
N VAL J 252 -16.57 8.02 -32.66
CA VAL J 252 -16.88 7.32 -33.92
C VAL J 252 -18.27 6.71 -33.84
N PHE J 253 -18.60 6.10 -32.70
CA PHE J 253 -19.92 5.52 -32.51
C PHE J 253 -21.01 6.58 -32.62
N LEU J 254 -20.78 7.74 -31.98
CA LEU J 254 -21.75 8.83 -32.04
C LEU J 254 -22.01 9.24 -33.48
N VAL J 255 -20.94 9.47 -34.24
CA VAL J 255 -21.11 9.92 -35.62
C VAL J 255 -21.83 8.87 -36.45
N PHE J 256 -21.45 7.60 -36.29
CA PHE J 256 -22.08 6.53 -37.07
C PHE J 256 -23.57 6.43 -36.77
N MET J 257 -23.94 6.47 -35.48
CA MET J 257 -25.35 6.39 -35.12
C MET J 257 -26.12 7.58 -35.65
N PHE J 258 -25.54 8.78 -35.57
CA PHE J 258 -26.21 9.96 -36.11
C PHE J 258 -26.45 9.81 -37.61
N ALA J 259 -25.46 9.32 -38.35
CA ALA J 259 -25.62 9.15 -39.78
C ALA J 259 -26.73 8.16 -40.11
N VAL J 260 -26.75 7.02 -39.39
CA VAL J 260 -27.76 6.01 -39.65
C VAL J 260 -29.16 6.56 -39.36
N SER J 261 -29.29 7.28 -38.23
CA SER J 261 -30.59 7.86 -37.89
C SER J 261 -31.03 8.89 -38.92
N GLY J 262 -30.09 9.69 -39.42
CA GLY J 262 -30.45 10.65 -40.47
C GLY J 262 -30.93 9.97 -41.72
N ILE J 263 -30.27 8.88 -42.13
CA ILE J 263 -30.72 8.14 -43.31
C ILE J 263 -32.12 7.60 -43.09
N CYS J 264 -32.36 7.05 -41.90
CA CYS J 264 -33.69 6.52 -41.58
C CYS J 264 -34.75 7.62 -41.67
N VAL J 265 -34.45 8.80 -41.13
CA VAL J 265 -35.41 9.90 -41.17
C VAL J 265 -35.69 10.32 -42.61
N VAL J 266 -34.64 10.39 -43.43
CA VAL J 266 -34.82 10.78 -44.83
C VAL J 266 -35.73 9.78 -45.54
N LEU J 267 -35.48 8.49 -45.33
CA LEU J 267 -36.31 7.48 -45.99
C LEU J 267 -37.75 7.55 -45.52
N ASN J 268 -37.97 7.75 -44.21
CA ASN J 268 -39.32 7.86 -43.70
C ASN J 268 -40.04 9.06 -44.30
N LEU J 269 -39.36 10.21 -44.40
CA LEU J 269 -39.99 11.37 -45.00
C LEU J 269 -40.32 11.14 -46.47
N ALA J 270 -39.42 10.46 -47.19
CA ALA J 270 -39.70 10.16 -48.59
C ALA J 270 -40.94 9.28 -48.72
N GLU J 271 -41.03 8.25 -47.89
CA GLU J 271 -42.21 7.37 -47.93
C GLU J 271 -43.48 8.14 -47.58
N LEU J 272 -43.40 9.02 -46.58
CA LEU J 272 -44.57 9.82 -46.21
C LEU J 272 -45.01 10.71 -47.37
N ASN J 273 -44.05 11.33 -48.05
CA ASN J 273 -44.40 12.22 -49.16
C ASN J 273 -44.84 11.45 -50.40
N HIS J 274 -44.52 10.15 -50.50
CA HIS J 274 -44.95 9.38 -51.66
C HIS J 274 -46.48 9.36 -51.77
N LEU J 275 -47.16 9.17 -50.65
CA LEU J 275 -48.62 9.14 -50.64
C LEU J 275 -49.19 10.54 -50.40
N MET K 21 -15.37 -50.60 -42.19
CA MET K 21 -16.73 -50.29 -41.75
C MET K 21 -16.71 -49.65 -40.37
N ILE K 22 -16.17 -50.38 -39.39
CA ILE K 22 -16.08 -49.84 -38.04
C ILE K 22 -15.14 -48.64 -37.99
N GLY K 23 -14.21 -48.54 -38.94
CA GLY K 23 -13.27 -47.43 -38.93
C GLY K 23 -13.96 -46.08 -39.04
N ARG K 24 -14.97 -45.98 -39.92
CA ARG K 24 -15.69 -44.72 -40.06
C ARG K 24 -16.39 -44.34 -38.77
N ILE K 25 -17.03 -45.32 -38.11
CA ILE K 25 -17.73 -45.04 -36.86
C ILE K 25 -16.74 -44.57 -35.80
N LEU K 26 -15.60 -45.25 -35.69
CA LEU K 26 -14.60 -44.84 -34.71
C LEU K 26 -14.06 -43.45 -35.01
N LEU K 27 -13.82 -43.14 -36.28
CA LEU K 27 -13.32 -41.81 -36.64
C LEU K 27 -14.32 -40.73 -36.27
N THR K 28 -15.60 -40.95 -36.57
CA THR K 28 -16.62 -39.96 -36.23
C THR K 28 -16.72 -39.79 -34.72
N VAL K 29 -16.70 -40.90 -33.98
CA VAL K 29 -16.79 -40.82 -32.53
C VAL K 29 -15.60 -40.06 -31.96
N VAL K 30 -14.40 -40.33 -32.47
CA VAL K 30 -13.21 -39.63 -31.97
C VAL K 30 -13.28 -38.15 -32.27
N VAL K 31 -13.73 -37.79 -33.47
CA VAL K 31 -13.82 -36.38 -33.84
C VAL K 31 -14.79 -35.66 -32.92
N ILE K 32 -15.97 -36.24 -32.71
CA ILE K 32 -16.98 -35.60 -31.86
C ILE K 32 -16.47 -35.50 -30.42
N PHE K 33 -15.81 -36.56 -29.93
CA PHE K 33 -15.26 -36.54 -28.59
C PHE K 33 -14.23 -35.43 -28.42
N ARG K 34 -13.33 -35.29 -29.39
CA ARG K 34 -12.33 -34.23 -29.33
C ARG K 34 -12.98 -32.86 -29.32
N ILE K 35 -13.98 -32.66 -30.20
CA ILE K 35 -14.63 -31.36 -30.27
C ILE K 35 -15.31 -31.02 -28.95
N LEU K 36 -16.03 -32.00 -28.38
CA LEU K 36 -16.73 -31.76 -27.11
C LEU K 36 -15.74 -31.46 -25.99
N ILE K 37 -14.65 -32.24 -25.91
CA ILE K 37 -13.68 -32.02 -24.84
C ILE K 37 -13.07 -30.63 -24.95
N VAL K 38 -12.70 -30.23 -26.17
CA VAL K 38 -12.11 -28.90 -26.34
C VAL K 38 -13.12 -27.82 -25.98
N ALA K 39 -14.37 -27.97 -26.42
CA ALA K 39 -15.35 -26.89 -26.26
C ALA K 39 -15.77 -26.72 -24.81
N ILE K 40 -16.11 -27.80 -24.12
CA ILE K 40 -16.76 -27.69 -22.82
C ILE K 40 -15.80 -27.21 -21.73
N VAL K 41 -14.63 -27.83 -21.61
CA VAL K 41 -13.78 -27.65 -20.45
C VAL K 41 -12.49 -26.91 -20.77
N GLY K 42 -12.07 -26.87 -22.03
CA GLY K 42 -10.77 -26.30 -22.37
C GLY K 42 -10.64 -24.82 -22.06
N GLU K 43 -11.71 -24.06 -22.21
CA GLU K 43 -11.66 -22.60 -22.15
C GLU K 43 -11.70 -22.05 -20.72
N THR K 44 -11.48 -22.90 -19.72
CA THR K 44 -11.45 -22.46 -18.33
C THR K 44 -10.10 -22.65 -17.65
N VAL K 45 -9.29 -23.61 -18.08
CA VAL K 45 -7.96 -23.78 -17.49
C VAL K 45 -7.09 -22.57 -17.79
N TYR K 46 -7.20 -22.01 -19.00
CA TYR K 46 -6.36 -20.92 -19.44
C TYR K 46 -6.99 -19.55 -19.20
N ASP K 47 -8.05 -19.47 -18.41
CA ASP K 47 -8.73 -18.20 -18.20
C ASP K 47 -7.81 -17.18 -17.53
N ASP K 48 -7.08 -17.59 -16.50
CA ASP K 48 -6.19 -16.72 -15.75
C ASP K 48 -4.73 -16.95 -16.09
N GLU K 49 -4.42 -17.21 -17.36
CA GLU K 49 -3.06 -17.52 -17.75
C GLU K 49 -2.11 -16.37 -17.43
N GLN K 50 -2.51 -15.14 -17.75
CA GLN K 50 -1.63 -13.99 -17.60
C GLN K 50 -1.82 -13.26 -16.27
N THR K 51 -2.98 -13.39 -15.64
CA THR K 51 -3.22 -12.69 -14.38
C THR K 51 -2.39 -13.30 -13.24
N MET K 52 -2.12 -14.60 -13.31
CA MET K 52 -1.38 -15.30 -12.27
C MET K 52 0.07 -15.55 -12.65
N PHE K 53 0.56 -14.92 -13.70
CA PHE K 53 1.96 -15.01 -14.10
C PHE K 53 2.75 -13.92 -13.40
N VAL K 54 3.73 -14.32 -12.60
CA VAL K 54 4.48 -13.40 -11.76
C VAL K 54 5.97 -13.59 -12.00
N CYS K 55 6.71 -12.49 -12.03
CA CYS K 55 8.16 -12.50 -12.15
C CYS K 55 8.77 -11.79 -10.96
N ASN K 56 10.01 -12.16 -10.64
CA ASN K 56 10.70 -11.64 -9.46
C ASN K 56 11.52 -10.42 -9.88
N THR K 57 10.88 -9.25 -9.85
CA THR K 57 11.54 -8.01 -10.26
C THR K 57 10.65 -6.84 -9.86
N LEU K 58 11.23 -5.64 -9.99
CA LEU K 58 10.52 -4.39 -9.73
C LEU K 58 10.35 -3.55 -10.98
N GLN K 59 10.95 -3.95 -12.10
CA GLN K 59 10.95 -3.16 -13.33
C GLN K 59 9.57 -3.22 -13.98
N PRO K 60 8.93 -2.08 -14.24
CA PRO K 60 7.68 -2.12 -15.00
C PRO K 60 7.89 -2.65 -16.40
N GLY K 61 6.91 -3.41 -16.88
CA GLY K 61 6.93 -3.93 -18.24
C GLY K 61 7.67 -5.23 -18.42
N CYS K 62 8.29 -5.77 -17.37
CA CYS K 62 8.98 -7.05 -17.50
C CYS K 62 8.00 -8.21 -17.55
N ASN K 63 6.89 -8.11 -16.84
CA ASN K 63 5.91 -9.20 -16.83
C ASN K 63 5.33 -9.43 -18.22
N GLN K 64 4.95 -8.36 -18.91
CA GLN K 64 4.36 -8.50 -20.24
C GLN K 64 5.35 -9.13 -21.21
N ALA K 65 6.58 -8.62 -21.25
CA ALA K 65 7.58 -9.15 -22.16
C ALA K 65 7.88 -10.61 -21.87
N CYS K 66 8.03 -10.96 -20.59
CA CYS K 66 8.38 -12.33 -20.25
C CYS K 66 7.23 -13.29 -20.54
N TYR K 67 5.99 -12.86 -20.28
CA TYR K 67 4.85 -13.70 -20.63
C TYR K 67 4.74 -13.90 -22.13
N ASP K 68 4.97 -12.84 -22.91
CA ASP K 68 4.88 -12.97 -24.36
C ASP K 68 5.99 -13.86 -24.90
N ARG K 69 7.17 -13.82 -24.30
CA ARG K 69 8.25 -14.69 -24.75
C ARG K 69 7.99 -16.15 -24.34
N ALA K 70 7.45 -16.38 -23.15
CA ALA K 70 7.22 -17.74 -22.70
C ALA K 70 6.10 -18.40 -23.51
N PHE K 71 5.00 -17.69 -23.74
CA PHE K 71 3.81 -18.24 -24.38
C PHE K 71 3.41 -17.34 -25.54
N PRO K 72 4.06 -17.47 -26.70
CA PRO K 72 3.69 -16.64 -27.85
C PRO K 72 2.24 -16.83 -28.27
N ILE K 73 1.78 -18.07 -28.31
CA ILE K 73 0.41 -18.41 -28.67
C ILE K 73 -0.12 -19.41 -27.65
N SER K 74 -1.35 -19.20 -27.19
CA SER K 74 -1.97 -20.10 -26.24
C SER K 74 -2.33 -21.43 -26.90
N HIS K 75 -2.35 -22.49 -26.09
CA HIS K 75 -2.66 -23.81 -26.62
C HIS K 75 -4.08 -23.88 -27.16
N ILE K 76 -5.03 -23.27 -26.44
CA ILE K 76 -6.44 -23.39 -26.82
C ILE K 76 -6.69 -22.75 -28.18
N ARG K 77 -6.03 -21.62 -28.46
CA ARG K 77 -6.18 -20.98 -29.76
C ARG K 77 -5.72 -21.92 -30.87
N TYR K 78 -4.55 -22.55 -30.69
CA TYR K 78 -4.04 -23.48 -31.67
C TYR K 78 -4.99 -24.65 -31.88
N TRP K 79 -5.51 -25.21 -30.79
CA TRP K 79 -6.40 -26.36 -30.91
C TRP K 79 -7.71 -25.98 -31.61
N VAL K 80 -8.25 -24.81 -31.31
CA VAL K 80 -9.49 -24.37 -31.97
C VAL K 80 -9.24 -24.20 -33.46
N PHE K 81 -8.11 -23.57 -33.82
CA PHE K 81 -7.80 -23.38 -35.23
C PHE K 81 -7.66 -24.72 -35.93
N GLN K 82 -6.97 -25.68 -35.30
CA GLN K 82 -6.79 -26.99 -35.89
C GLN K 82 -8.13 -27.69 -36.09
N ILE K 83 -9.01 -27.61 -35.08
CA ILE K 83 -10.31 -28.26 -35.17
C ILE K 83 -11.11 -27.68 -36.34
N ILE K 84 -11.11 -26.35 -36.47
CA ILE K 84 -11.88 -25.73 -37.54
C ILE K 84 -11.27 -26.06 -38.90
N MET K 85 -9.94 -26.10 -38.98
CA MET K 85 -9.28 -26.28 -40.27
C MET K 85 -9.41 -27.71 -40.78
N VAL K 86 -9.41 -28.71 -39.88
CA VAL K 86 -9.43 -30.10 -40.33
C VAL K 86 -10.80 -30.57 -40.79
N CYS K 87 -11.79 -29.69 -40.83
CA CYS K 87 -13.15 -30.06 -41.24
C CYS K 87 -13.66 -29.25 -42.42
N THR K 88 -12.77 -28.66 -43.22
CA THR K 88 -13.17 -27.87 -44.39
C THR K 88 -13.56 -28.77 -45.56
N PRO K 89 -12.78 -29.83 -45.84
CA PRO K 89 -13.12 -30.66 -47.01
C PRO K 89 -14.52 -31.23 -46.97
N SER K 90 -15.01 -31.60 -45.78
CA SER K 90 -16.38 -32.09 -45.67
C SER K 90 -17.38 -31.02 -46.09
N LEU K 91 -17.15 -29.78 -45.65
CA LEU K 91 -18.03 -28.68 -46.05
C LEU K 91 -17.99 -28.47 -47.56
N CYS K 92 -16.79 -28.53 -48.15
CA CYS K 92 -16.68 -28.36 -49.60
C CYS K 92 -17.45 -29.44 -50.33
N PHE K 93 -17.30 -30.70 -49.88
CA PHE K 93 -18.01 -31.80 -50.52
C PHE K 93 -19.52 -31.64 -50.38
N ILE K 94 -19.99 -31.23 -49.20
CA ILE K 94 -21.43 -31.05 -48.99
C ILE K 94 -21.95 -29.96 -49.90
N THR K 95 -21.22 -28.84 -50.01
CA THR K 95 -21.66 -27.75 -50.87
C THR K 95 -21.72 -28.20 -52.32
N TYR K 96 -20.70 -28.93 -52.79
CA TYR K 96 -20.71 -29.42 -54.16
C TYR K 96 -21.90 -30.35 -54.38
N SER K 97 -22.17 -31.24 -53.44
CA SER K 97 -23.30 -32.15 -53.58
C SER K 97 -24.62 -31.38 -53.64
N VAL K 98 -24.76 -30.37 -52.79
CA VAL K 98 -26.00 -29.58 -52.81
C VAL K 98 -26.16 -28.86 -54.14
N HIS K 99 -25.08 -28.29 -54.66
CA HIS K 99 -25.14 -27.64 -55.97
C HIS K 99 -25.49 -28.63 -57.07
N GLN K 100 -24.92 -29.83 -57.02
CA GLN K 100 -25.21 -30.87 -58.00
C GLN K 100 -26.71 -31.13 -58.09
N SER K 196 -16.37 -39.79 -57.71
CA SER K 196 -15.53 -40.45 -56.72
C SER K 196 -14.17 -39.78 -56.61
N ARG K 197 -13.83 -38.98 -57.62
CA ARG K 197 -12.57 -38.24 -57.59
C ARG K 197 -12.52 -37.29 -56.39
N PHE K 198 -13.61 -36.58 -56.15
CA PHE K 198 -13.67 -35.65 -55.02
C PHE K 198 -13.38 -36.38 -53.71
N TYR K 199 -13.88 -37.61 -53.57
CA TYR K 199 -13.64 -38.38 -52.36
C TYR K 199 -12.14 -38.60 -52.15
N ILE K 200 -11.44 -39.03 -53.19
CA ILE K 200 -10.01 -39.29 -53.08
C ILE K 200 -9.26 -38.01 -52.74
N ILE K 201 -9.59 -36.92 -53.45
CA ILE K 201 -8.88 -35.66 -53.23
C ILE K 201 -9.09 -35.18 -51.80
N GLN K 202 -10.33 -35.23 -51.30
CA GLN K 202 -10.59 -34.75 -49.94
C GLN K 202 -9.93 -35.65 -48.90
N VAL K 203 -9.89 -36.96 -49.14
CA VAL K 203 -9.21 -37.85 -48.20
C VAL K 203 -7.72 -37.50 -48.12
N VAL K 204 -7.09 -37.29 -49.28
CA VAL K 204 -5.68 -36.94 -49.29
C VAL K 204 -5.45 -35.62 -48.57
N PHE K 205 -6.30 -34.63 -48.84
CA PHE K 205 -6.14 -33.33 -48.19
C PHE K 205 -6.29 -33.44 -46.68
N ARG K 206 -7.28 -34.22 -46.22
CA ARG K 206 -7.47 -34.40 -44.78
C ARG K 206 -6.26 -35.05 -44.14
N ASN K 207 -5.72 -36.09 -44.78
CA ASN K 207 -4.55 -36.77 -44.23
C ASN K 207 -3.38 -35.80 -44.11
N ALA K 208 -3.14 -35.03 -45.18
CA ALA K 208 -2.02 -34.08 -45.15
C ALA K 208 -2.22 -33.04 -44.06
N LEU K 209 -3.44 -32.51 -43.93
CA LEU K 209 -3.70 -31.49 -42.92
C LEU K 209 -3.46 -32.05 -41.52
N GLU K 210 -3.97 -33.25 -41.24
CA GLU K 210 -3.80 -33.82 -39.91
C GLU K 210 -2.33 -34.06 -39.59
N ILE K 211 -1.58 -34.62 -40.53
CA ILE K 211 -0.16 -34.89 -40.28
C ILE K 211 0.58 -33.58 -40.04
N GLY K 212 0.32 -32.56 -40.86
CA GLY K 212 1.00 -31.30 -40.69
C GLY K 212 0.69 -30.66 -39.34
N PHE K 213 -0.58 -30.69 -38.94
CA PHE K 213 -0.93 -30.09 -37.65
C PHE K 213 -0.30 -30.84 -36.49
N LEU K 214 -0.25 -32.17 -36.55
CA LEU K 214 0.40 -32.92 -35.48
C LEU K 214 1.88 -32.55 -35.37
N VAL K 215 2.58 -32.54 -36.50
CA VAL K 215 4.01 -32.21 -36.46
C VAL K 215 4.22 -30.79 -35.97
N GLY K 216 3.36 -29.86 -36.40
CA GLY K 216 3.47 -28.48 -35.95
C GLY K 216 3.26 -28.35 -34.46
N GLN K 217 2.28 -29.05 -33.91
CA GLN K 217 2.07 -29.02 -32.46
C GLN K 217 3.31 -29.54 -31.74
N TYR K 218 3.85 -30.65 -32.21
CA TYR K 218 5.04 -31.20 -31.55
C TYR K 218 6.19 -30.20 -31.57
N PHE K 219 6.44 -29.58 -32.72
CA PHE K 219 7.56 -28.66 -32.82
C PHE K 219 7.31 -27.36 -32.06
N LEU K 220 6.05 -26.98 -31.86
CA LEU K 220 5.76 -25.74 -31.17
C LEU K 220 5.83 -25.89 -29.65
N TYR K 221 5.15 -26.90 -29.10
CA TYR K 221 4.96 -26.95 -27.65
C TYR K 221 5.77 -28.02 -26.93
N GLY K 222 5.92 -29.21 -27.51
CA GLY K 222 6.66 -30.26 -26.84
C GLY K 222 5.76 -31.22 -26.08
N PHE K 223 6.20 -31.66 -24.90
CA PHE K 223 5.46 -32.65 -24.13
C PHE K 223 5.20 -32.24 -22.69
N SER K 224 5.74 -31.11 -22.24
CA SER K 224 5.56 -30.71 -20.84
C SER K 224 5.63 -29.20 -20.74
N VAL K 225 5.03 -28.68 -19.66
CA VAL K 225 5.04 -27.26 -19.35
C VAL K 225 5.80 -27.07 -18.04
N PRO K 226 7.03 -26.54 -18.06
CA PRO K 226 7.77 -26.37 -16.81
C PRO K 226 7.18 -25.28 -15.93
N GLY K 227 7.47 -25.39 -14.63
CA GLY K 227 6.96 -24.43 -13.67
C GLY K 227 7.82 -23.20 -13.50
N LEU K 228 8.99 -23.16 -14.12
CA LEU K 228 9.89 -22.02 -14.04
C LEU K 228 10.34 -21.61 -15.43
N TYR K 229 10.59 -20.31 -15.59
CA TYR K 229 11.07 -19.74 -16.83
C TYR K 229 12.17 -18.74 -16.56
N GLU K 230 13.17 -18.70 -17.43
CA GLU K 230 14.28 -17.76 -17.36
C GLU K 230 14.12 -16.74 -18.48
N CYS K 231 14.02 -15.47 -18.11
CA CYS K 231 13.66 -14.38 -19.02
C CYS K 231 14.78 -13.36 -19.08
N ASN K 232 15.21 -13.03 -20.29
CA ASN K 232 16.30 -12.09 -20.51
C ASN K 232 15.95 -11.13 -21.65
N ARG K 233 14.72 -10.61 -21.63
CA ARG K 233 14.24 -9.69 -22.66
C ARG K 233 14.10 -8.30 -22.08
N TYR K 234 14.43 -7.30 -22.89
CA TYR K 234 14.25 -5.91 -22.48
C TYR K 234 12.77 -5.67 -22.17
N PRO K 235 12.45 -4.90 -21.11
CA PRO K 235 13.32 -4.11 -20.23
C PRO K 235 13.89 -4.88 -19.05
N CYS K 236 13.67 -6.19 -18.95
CA CYS K 236 14.19 -6.94 -17.83
C CYS K 236 15.71 -6.89 -17.82
N ILE K 237 16.29 -6.62 -16.65
CA ILE K 237 17.73 -6.46 -16.52
C ILE K 237 18.37 -7.84 -16.34
N LYS K 238 19.40 -8.13 -17.13
CA LYS K 238 20.03 -9.44 -17.13
C LYS K 238 18.95 -10.51 -17.21
N GLU K 239 19.09 -11.59 -16.45
CA GLU K 239 18.16 -12.72 -16.49
C GLU K 239 17.36 -12.77 -15.19
N VAL K 240 16.04 -12.89 -15.32
CA VAL K 240 15.13 -12.97 -14.18
C VAL K 240 14.41 -14.31 -14.23
N GLU K 241 13.65 -14.58 -13.18
CA GLU K 241 12.90 -15.83 -13.04
C GLU K 241 11.41 -15.52 -12.92
N CYS K 242 10.61 -16.28 -13.66
CA CYS K 242 9.16 -16.13 -13.65
C CYS K 242 8.52 -17.48 -13.36
N TYR K 243 7.30 -17.42 -12.83
CA TYR K 243 6.61 -18.60 -12.32
C TYR K 243 5.28 -18.80 -13.04
N VAL K 244 5.05 -20.01 -13.53
CA VAL K 244 3.90 -20.34 -14.35
C VAL K 244 2.77 -20.83 -13.46
N SER K 245 1.54 -20.77 -13.98
CA SER K 245 0.36 -21.18 -13.26
C SER K 245 -0.23 -22.45 -13.87
N ARG K 246 -0.51 -23.44 -13.03
CA ARG K 246 -1.12 -24.69 -13.45
C ARG K 246 -0.29 -25.43 -14.51
N PRO K 247 0.91 -25.88 -14.17
CA PRO K 247 1.68 -26.67 -15.15
C PRO K 247 1.13 -28.08 -15.35
N THR K 248 0.64 -28.72 -14.29
CA THR K 248 0.26 -30.12 -14.39
C THR K 248 -0.97 -30.32 -15.26
N GLU K 249 -2.00 -29.48 -15.07
CA GLU K 249 -3.21 -29.60 -15.88
C GLU K 249 -2.88 -29.39 -17.36
N LYS K 250 -2.02 -28.41 -17.65
CA LYS K 250 -1.67 -28.13 -19.04
C LYS K 250 -0.85 -29.26 -19.64
N THR K 251 0.03 -29.88 -18.85
CA THR K 251 0.77 -31.03 -19.33
C THR K 251 -0.18 -32.19 -19.66
N VAL K 252 -1.15 -32.44 -18.78
CA VAL K 252 -2.11 -33.50 -19.02
C VAL K 252 -2.91 -33.22 -20.29
N PHE K 253 -3.33 -31.97 -20.47
CA PHE K 253 -4.06 -31.59 -21.68
C PHE K 253 -3.22 -31.82 -22.92
N LEU K 254 -1.94 -31.43 -22.86
CA LEU K 254 -1.04 -31.63 -23.99
C LEU K 254 -0.96 -33.10 -24.37
N VAL K 255 -0.73 -33.96 -23.38
CA VAL K 255 -0.58 -35.38 -23.66
C VAL K 255 -1.88 -35.95 -24.23
N PHE K 256 -3.02 -35.58 -23.65
CA PHE K 256 -4.31 -36.10 -24.12
C PHE K 256 -4.56 -35.69 -25.58
N MET K 257 -4.33 -34.42 -25.90
CA MET K 257 -4.56 -33.95 -27.26
C MET K 257 -3.62 -34.65 -28.23
N PHE K 258 -2.36 -34.83 -27.85
CA PHE K 258 -1.43 -35.53 -28.72
C PHE K 258 -1.90 -36.96 -28.99
N ALA K 259 -2.37 -37.66 -27.95
CA ALA K 259 -2.83 -39.03 -28.13
C ALA K 259 -4.03 -39.08 -29.08
N VAL K 260 -4.99 -38.17 -28.89
CA VAL K 260 -6.18 -38.17 -29.74
C VAL K 260 -5.80 -37.89 -31.18
N SER K 261 -4.91 -36.91 -31.40
CA SER K 261 -4.48 -36.60 -32.76
C SER K 261 -3.76 -37.78 -33.40
N GLY K 262 -2.92 -38.48 -32.63
CA GLY K 262 -2.25 -39.66 -33.16
C GLY K 262 -3.24 -40.73 -33.59
N ILE K 263 -4.26 -40.97 -32.76
CA ILE K 263 -5.28 -41.96 -33.12
C ILE K 263 -5.98 -41.55 -34.40
N CYS K 264 -6.31 -40.26 -34.52
CA CYS K 264 -6.96 -39.77 -35.73
C CYS K 264 -6.08 -40.00 -36.95
N VAL K 265 -4.78 -39.71 -36.84
CA VAL K 265 -3.87 -39.88 -37.96
C VAL K 265 -3.80 -41.36 -38.35
N VAL K 266 -3.73 -42.24 -37.36
CA VAL K 266 -3.65 -43.67 -37.65
C VAL K 266 -4.89 -44.13 -38.41
N LEU K 267 -6.07 -43.70 -37.95
CA LEU K 267 -7.31 -44.10 -38.62
C LEU K 267 -7.36 -43.55 -40.04
N ASN K 268 -6.95 -42.30 -40.23
CA ASN K 268 -6.95 -41.73 -41.57
C ASN K 268 -6.02 -42.49 -42.50
N LEU K 269 -4.82 -42.84 -42.02
CA LEU K 269 -3.89 -43.61 -42.85
C LEU K 269 -4.46 -44.98 -43.19
N ALA K 270 -5.13 -45.63 -42.22
CA ALA K 270 -5.74 -46.92 -42.49
C ALA K 270 -6.80 -46.81 -43.58
N GLU K 271 -7.65 -45.78 -43.48
CA GLU K 271 -8.68 -45.60 -44.48
C GLU K 271 -8.07 -45.31 -45.85
N LEU K 272 -7.01 -44.49 -45.89
CA LEU K 272 -6.34 -44.20 -47.15
C LEU K 272 -5.78 -45.48 -47.78
N ASN K 273 -5.15 -46.33 -46.96
CA ASN K 273 -4.57 -47.56 -47.47
C ASN K 273 -5.63 -48.60 -47.84
N HIS K 274 -6.84 -48.48 -47.32
CA HIS K 274 -7.89 -49.44 -47.65
C HIS K 274 -8.16 -49.45 -49.15
N LEU K 275 -8.23 -48.26 -49.76
CA LEU K 275 -8.48 -48.16 -51.20
C LEU K 275 -7.17 -48.14 -51.97
N MET L 21 -36.45 -54.79 -15.70
CA MET L 21 -37.30 -53.80 -16.35
C MET L 21 -37.14 -52.44 -15.68
N ILE L 22 -37.43 -52.38 -14.38
CA ILE L 22 -37.27 -51.12 -13.63
C ILE L 22 -35.81 -50.71 -13.58
N GLY L 23 -34.89 -51.67 -13.71
CA GLY L 23 -33.48 -51.33 -13.63
C GLY L 23 -33.05 -50.35 -14.69
N ARG L 24 -33.52 -50.54 -15.93
CA ARG L 24 -33.17 -49.62 -17.01
C ARG L 24 -33.68 -48.20 -16.70
N ILE L 25 -34.92 -48.10 -16.21
CA ILE L 25 -35.48 -46.80 -15.90
C ILE L 25 -34.67 -46.12 -14.80
N LEU L 26 -34.33 -46.87 -13.75
CA LEU L 26 -33.53 -46.30 -12.68
C LEU L 26 -32.16 -45.87 -13.17
N LEU L 27 -31.53 -46.66 -14.03
CA LEU L 27 -30.21 -46.31 -14.55
C LEU L 27 -30.28 -45.01 -15.36
N THR L 28 -31.28 -44.90 -16.24
CA THR L 28 -31.42 -43.68 -17.03
C THR L 28 -31.68 -42.48 -16.14
N VAL L 29 -32.55 -42.63 -15.14
CA VAL L 29 -32.85 -41.52 -14.24
C VAL L 29 -31.60 -41.09 -13.49
N VAL L 30 -30.81 -42.06 -13.01
CA VAL L 30 -29.60 -41.72 -12.26
C VAL L 30 -28.60 -41.00 -13.16
N VAL L 31 -28.44 -41.48 -14.39
CA VAL L 31 -27.49 -40.85 -15.31
C VAL L 31 -27.90 -39.41 -15.58
N ILE L 32 -29.17 -39.19 -15.88
CA ILE L 32 -29.63 -37.83 -16.17
C ILE L 32 -29.49 -36.93 -14.94
N PHE L 33 -29.82 -37.47 -13.77
CA PHE L 33 -29.68 -36.71 -12.52
C PHE L 33 -28.23 -36.30 -12.29
N ARG L 34 -27.30 -37.22 -12.48
CA ARG L 34 -25.89 -36.91 -12.30
C ARG L 34 -25.44 -35.84 -13.29
N ILE L 35 -25.85 -35.97 -14.56
CA ILE L 35 -25.43 -35.00 -15.56
C ILE L 35 -25.96 -33.61 -15.20
N LEU L 36 -27.25 -33.54 -14.82
CA LEU L 36 -27.83 -32.24 -14.48
C LEU L 36 -27.14 -31.63 -13.26
N ILE L 37 -26.90 -32.43 -12.23
CA ILE L 37 -26.27 -31.91 -11.01
C ILE L 37 -24.88 -31.37 -11.33
N VAL L 38 -24.11 -32.12 -12.12
CA VAL L 38 -22.77 -31.66 -12.46
C VAL L 38 -22.83 -30.38 -13.29
N ALA L 39 -23.75 -30.32 -14.26
CA ALA L 39 -23.77 -29.21 -15.20
C ALA L 39 -24.23 -27.92 -14.54
N ILE L 40 -25.34 -27.96 -13.80
CA ILE L 40 -25.99 -26.72 -13.36
C ILE L 40 -25.20 -26.02 -12.26
N VAL L 41 -24.79 -26.75 -11.22
CA VAL L 41 -24.29 -26.12 -10.01
C VAL L 41 -22.81 -26.38 -9.77
N GLY L 42 -22.23 -27.41 -10.40
CA GLY L 42 -20.85 -27.76 -10.11
C GLY L 42 -19.83 -26.71 -10.47
N GLU L 43 -20.06 -25.95 -11.54
CA GLU L 43 -19.06 -25.05 -12.10
C GLU L 43 -19.01 -23.70 -11.39
N THR L 44 -19.61 -23.58 -10.22
CA THR L 44 -19.58 -22.34 -9.45
C THR L 44 -18.88 -22.46 -8.10
N VAL L 45 -18.85 -23.65 -7.50
CA VAL L 45 -18.12 -23.82 -6.24
C VAL L 45 -16.63 -23.62 -6.45
N TYR L 46 -16.10 -24.10 -7.57
CA TYR L 46 -14.67 -24.06 -7.86
C TYR L 46 -14.26 -22.84 -8.66
N ASP L 47 -15.13 -21.84 -8.78
CA ASP L 47 -14.81 -20.67 -9.60
C ASP L 47 -13.60 -19.91 -9.04
N ASP L 48 -13.56 -19.71 -7.72
CA ASP L 48 -12.49 -18.97 -7.08
C ASP L 48 -11.51 -19.89 -6.34
N GLU L 49 -11.23 -21.06 -6.90
CA GLU L 49 -10.37 -22.03 -6.22
C GLU L 49 -8.99 -21.45 -5.95
N GLN L 50 -8.39 -20.78 -6.94
CA GLN L 50 -7.02 -20.30 -6.82
C GLN L 50 -6.93 -18.87 -6.34
N THR L 51 -7.98 -18.06 -6.55
CA THR L 51 -7.93 -16.66 -6.13
C THR L 51 -7.98 -16.53 -4.61
N MET L 52 -8.63 -17.46 -3.93
CA MET L 52 -8.77 -17.42 -2.49
C MET L 52 -7.82 -18.37 -1.77
N PHE L 53 -6.84 -18.91 -2.48
CA PHE L 53 -5.83 -19.76 -1.87
C PHE L 53 -4.66 -18.90 -1.41
N VAL L 54 -4.39 -18.93 -0.11
CA VAL L 54 -3.40 -18.05 0.51
C VAL L 54 -2.41 -18.89 1.31
N CYS L 55 -1.14 -18.52 1.24
CA CYS L 55 -0.08 -19.14 2.02
C CYS L 55 0.60 -18.09 2.88
N ASN L 56 1.17 -18.54 4.00
CA ASN L 56 1.79 -17.64 4.98
C ASN L 56 3.27 -17.51 4.65
N THR L 57 3.58 -16.55 3.78
CA THR L 57 4.96 -16.33 3.35
C THR L 57 5.03 -15.02 2.60
N LEU L 58 6.28 -14.59 2.32
CA LEU L 58 6.55 -13.39 1.54
C LEU L 58 7.24 -13.71 0.22
N GLN L 59 7.62 -14.95 0.00
CA GLN L 59 8.38 -15.35 -1.18
C GLN L 59 7.49 -15.34 -2.41
N PRO L 60 7.84 -14.60 -3.46
CA PRO L 60 7.07 -14.70 -4.71
C PRO L 60 7.15 -16.10 -5.30
N GLY L 61 6.03 -16.53 -5.88
CA GLY L 61 5.96 -17.81 -6.56
C GLY L 61 5.66 -19.00 -5.68
N CYS L 62 5.54 -18.81 -4.37
CA CYS L 62 5.21 -19.93 -3.49
C CYS L 62 3.74 -20.32 -3.60
N ASN L 63 2.87 -19.34 -3.81
CA ASN L 63 1.44 -19.63 -3.92
C ASN L 63 1.14 -20.55 -5.10
N GLN L 64 1.72 -20.24 -6.26
CA GLN L 64 1.47 -21.05 -7.45
C GLN L 64 1.94 -22.48 -7.25
N ALA L 65 3.18 -22.65 -6.76
CA ALA L 65 3.72 -23.98 -6.57
C ALA L 65 2.90 -24.78 -5.55
N CYS L 66 2.53 -24.13 -4.44
CA CYS L 66 1.79 -24.85 -3.40
C CYS L 66 0.39 -25.20 -3.87
N TYR L 67 -0.27 -24.31 -4.62
CA TYR L 67 -1.57 -24.65 -5.16
C TYR L 67 -1.49 -25.80 -6.16
N ASP L 68 -0.46 -25.79 -7.01
CA ASP L 68 -0.33 -26.86 -7.99
C ASP L 68 -0.03 -28.19 -7.33
N ARG L 69 0.73 -28.17 -6.23
CA ARG L 69 1.01 -29.40 -5.51
C ARG L 69 -0.22 -29.91 -4.75
N ALA L 70 -0.99 -29.00 -4.17
CA ALA L 70 -2.17 -29.42 -3.41
C ALA L 70 -3.25 -29.99 -4.32
N PHE L 71 -3.52 -29.32 -5.44
CA PHE L 71 -4.61 -29.67 -6.35
C PHE L 71 -4.07 -29.80 -7.76
N PRO L 72 -3.46 -30.94 -8.11
CA PRO L 72 -2.94 -31.11 -9.47
C PRO L 72 -4.02 -30.99 -10.52
N ILE L 73 -5.18 -31.61 -10.28
CA ILE L 73 -6.32 -31.55 -11.19
C ILE L 73 -7.57 -31.24 -10.38
N SER L 74 -8.39 -30.34 -10.90
CA SER L 74 -9.64 -29.99 -10.21
C SER L 74 -10.64 -31.12 -10.31
N HIS L 75 -11.53 -31.18 -9.30
CA HIS L 75 -12.53 -32.24 -9.27
C HIS L 75 -13.49 -32.15 -10.45
N ILE L 76 -13.90 -30.93 -10.79
CA ILE L 76 -14.92 -30.75 -11.83
C ILE L 76 -14.40 -31.22 -13.18
N ARG L 77 -13.13 -30.98 -13.47
CA ARG L 77 -12.54 -31.47 -14.72
C ARG L 77 -12.62 -32.99 -14.79
N TYR L 78 -12.24 -33.66 -13.70
CA TYR L 78 -12.29 -35.12 -13.66
C TYR L 78 -13.71 -35.62 -13.86
N TRP L 79 -14.69 -34.99 -13.18
CA TRP L 79 -16.06 -35.45 -13.29
C TRP L 79 -16.62 -35.24 -14.70
N VAL L 80 -16.28 -34.11 -15.33
CA VAL L 80 -16.74 -33.87 -16.70
C VAL L 80 -16.15 -34.91 -17.64
N PHE L 81 -14.85 -35.19 -17.49
CA PHE L 81 -14.22 -36.19 -18.34
C PHE L 81 -14.88 -37.56 -18.15
N GLN L 82 -15.14 -37.93 -16.90
CA GLN L 82 -15.78 -39.21 -16.62
C GLN L 82 -17.16 -39.28 -17.25
N ILE L 83 -17.94 -38.20 -17.12
CA ILE L 83 -19.29 -38.18 -17.67
C ILE L 83 -19.25 -38.37 -19.18
N ILE L 84 -18.33 -37.65 -19.85
CA ILE L 84 -18.26 -37.75 -21.31
C ILE L 84 -17.77 -39.14 -21.72
N MET L 85 -16.83 -39.70 -20.97
CA MET L 85 -16.22 -40.97 -21.37
C MET L 85 -17.18 -42.14 -21.18
N VAL L 86 -18.01 -42.12 -20.13
CA VAL L 86 -18.87 -43.26 -19.84
C VAL L 86 -20.07 -43.37 -20.76
N CYS L 87 -20.19 -42.50 -21.76
CA CYS L 87 -21.33 -42.52 -22.68
C CYS L 87 -20.92 -42.69 -24.14
N THR L 88 -19.73 -43.22 -24.40
CA THR L 88 -19.26 -43.42 -25.77
C THR L 88 -19.90 -44.65 -26.42
N PRO L 89 -19.99 -45.78 -25.69
CA PRO L 89 -20.56 -46.98 -26.32
C PRO L 89 -21.97 -46.78 -26.86
N SER L 90 -22.79 -45.98 -26.19
CA SER L 90 -24.13 -45.69 -26.71
C SER L 90 -24.04 -44.98 -28.06
N LEU L 91 -23.14 -44.00 -28.16
CA LEU L 91 -22.96 -43.30 -29.43
C LEU L 91 -22.49 -44.26 -30.53
N CYS L 92 -21.55 -45.15 -30.19
CA CYS L 92 -21.07 -46.11 -31.18
C CYS L 92 -22.21 -47.01 -31.66
N PHE L 93 -23.02 -47.50 -30.72
CA PHE L 93 -24.14 -48.36 -31.09
C PHE L 93 -25.14 -47.61 -31.97
N ILE L 94 -25.44 -46.36 -31.62
CA ILE L 94 -26.39 -45.57 -32.41
C ILE L 94 -25.86 -45.36 -33.81
N THR L 95 -24.56 -45.04 -33.93
CA THR L 95 -23.99 -44.82 -35.26
C THR L 95 -24.03 -46.10 -36.09
N TYR L 96 -23.71 -47.24 -35.47
CA TYR L 96 -23.77 -48.51 -36.19
C TYR L 96 -25.19 -48.79 -36.65
N SER L 97 -26.17 -48.55 -35.79
CA SER L 97 -27.56 -48.80 -36.15
C SER L 97 -27.98 -47.89 -37.30
N VAL L 98 -27.58 -46.62 -37.26
CA VAL L 98 -27.93 -45.70 -38.34
C VAL L 98 -27.31 -46.15 -39.66
N HIS L 99 -26.04 -46.57 -39.62
CA HIS L 99 -25.40 -47.08 -40.82
C HIS L 99 -26.10 -48.34 -41.34
N GLN L 100 -26.50 -49.23 -40.44
CA GLN L 100 -27.20 -50.44 -40.84
C GLN L 100 -28.43 -50.12 -41.67
N SER L 196 -26.87 -58.87 -31.53
CA SER L 196 -26.91 -58.88 -30.07
C SER L 196 -25.51 -58.90 -29.48
N ARG L 197 -24.52 -59.25 -30.32
CA ARG L 197 -23.13 -59.25 -29.86
C ARG L 197 -22.70 -57.84 -29.43
N PHE L 198 -23.06 -56.83 -30.23
CA PHE L 198 -22.70 -55.46 -29.90
C PHE L 198 -23.24 -55.08 -28.52
N TYR L 199 -24.45 -55.54 -28.19
CA TYR L 199 -25.02 -55.24 -26.89
C TYR L 199 -24.14 -55.76 -25.76
N ILE L 200 -23.73 -57.02 -25.87
CA ILE L 200 -22.89 -57.63 -24.82
C ILE L 200 -21.57 -56.88 -24.72
N ILE L 201 -20.94 -56.61 -25.86
CA ILE L 201 -19.64 -55.95 -25.84
C ILE L 201 -19.74 -54.58 -25.21
N GLN L 202 -20.76 -53.79 -25.58
CA GLN L 202 -20.90 -52.46 -25.03
C GLN L 202 -21.23 -52.50 -23.54
N VAL L 203 -22.03 -53.47 -23.10
CA VAL L 203 -22.32 -53.60 -21.67
C VAL L 203 -21.04 -53.87 -20.89
N VAL L 204 -20.21 -54.80 -21.40
CA VAL L 204 -18.96 -55.12 -20.72
C VAL L 204 -18.06 -53.89 -20.67
N PHE L 205 -17.95 -53.17 -21.79
CA PHE L 205 -17.11 -51.98 -21.83
C PHE L 205 -17.59 -50.93 -20.84
N ARG L 206 -18.91 -50.71 -20.77
CA ARG L 206 -19.45 -49.73 -19.84
C ARG L 206 -19.15 -50.12 -18.40
N ASN L 207 -19.34 -51.39 -18.05
CA ASN L 207 -19.05 -51.83 -16.70
C ASN L 207 -17.59 -51.60 -16.35
N ALA L 208 -16.68 -51.99 -17.26
CA ALA L 208 -15.25 -51.80 -17.00
C ALA L 208 -14.91 -50.33 -16.82
N LEU L 209 -15.47 -49.46 -17.69
CA LEU L 209 -15.18 -48.04 -17.59
C LEU L 209 -15.65 -47.47 -16.27
N GLU L 210 -16.86 -47.81 -15.85
CA GLU L 210 -17.39 -47.27 -14.61
C GLU L 210 -16.56 -47.73 -13.42
N ILE L 211 -16.21 -49.01 -13.36
CA ILE L 211 -15.42 -49.51 -12.24
C ILE L 211 -14.06 -48.83 -12.20
N GLY L 212 -13.41 -48.71 -13.36
CA GLY L 212 -12.11 -48.06 -13.39
C GLY L 212 -12.17 -46.62 -12.94
N PHE L 213 -13.18 -45.88 -13.39
CA PHE L 213 -13.30 -44.48 -13.00
C PHE L 213 -13.57 -44.34 -11.51
N LEU L 214 -14.42 -45.20 -10.94
CA LEU L 214 -14.66 -45.15 -9.51
C LEU L 214 -13.38 -45.38 -8.72
N VAL L 215 -12.64 -46.43 -9.07
CA VAL L 215 -11.40 -46.73 -8.35
C VAL L 215 -10.40 -45.59 -8.51
N GLY L 216 -10.31 -45.02 -9.71
CA GLY L 216 -9.40 -43.92 -9.94
C GLY L 216 -9.75 -42.70 -9.10
N GLN L 217 -11.04 -42.37 -9.01
CA GLN L 217 -11.46 -41.25 -8.16
C GLN L 217 -11.06 -41.51 -6.72
N TYR L 218 -11.32 -42.72 -6.22
CA TYR L 218 -10.96 -43.02 -4.84
C TYR L 218 -9.46 -42.85 -4.61
N PHE L 219 -8.64 -43.39 -5.50
CA PHE L 219 -7.20 -43.31 -5.32
C PHE L 219 -6.67 -41.89 -5.51
N LEU L 220 -7.36 -41.06 -6.28
CA LEU L 220 -6.88 -39.71 -6.53
C LEU L 220 -7.23 -38.76 -5.40
N TYR L 221 -8.49 -38.73 -4.97
CA TYR L 221 -8.95 -37.66 -4.09
C TYR L 221 -9.22 -38.10 -2.66
N GLY L 222 -9.80 -39.29 -2.44
CA GLY L 222 -10.10 -39.71 -1.10
C GLY L 222 -11.54 -39.42 -0.70
N PHE L 223 -11.76 -39.02 0.55
CA PHE L 223 -13.10 -38.80 1.07
C PHE L 223 -13.30 -37.43 1.71
N SER L 224 -12.24 -36.63 1.86
CA SER L 224 -12.38 -35.34 2.52
C SER L 224 -11.34 -34.37 1.98
N VAL L 225 -11.64 -33.09 2.12
CA VAL L 225 -10.75 -32.01 1.72
C VAL L 225 -10.32 -31.24 2.97
N PRO L 226 -9.10 -31.39 3.46
CA PRO L 226 -8.70 -30.68 4.68
C PRO L 226 -8.56 -29.17 4.44
N GLY L 227 -8.69 -28.43 5.54
CA GLY L 227 -8.60 -26.98 5.47
C GLY L 227 -7.20 -26.43 5.56
N LEU L 228 -6.21 -27.27 5.82
CA LEU L 228 -4.82 -26.86 5.91
C LEU L 228 -3.94 -27.76 5.06
N TYR L 229 -2.87 -27.18 4.53
CA TYR L 229 -1.90 -27.89 3.72
C TYR L 229 -0.49 -27.50 4.14
N GLU L 230 0.42 -28.47 4.11
CA GLU L 230 1.83 -28.24 4.40
C GLU L 230 2.62 -28.36 3.11
N CYS L 231 3.33 -27.30 2.75
CA CYS L 231 3.96 -27.16 1.45
C CYS L 231 5.47 -26.98 1.62
N ASN L 232 6.24 -27.80 0.91
CA ASN L 232 7.69 -27.78 0.99
C ASN L 232 8.31 -27.88 -0.39
N ARG L 233 7.77 -27.12 -1.34
CA ARG L 233 8.24 -27.11 -2.72
C ARG L 233 8.95 -25.80 -3.02
N TYR L 234 10.02 -25.89 -3.81
CA TYR L 234 10.74 -24.70 -4.23
C TYR L 234 9.78 -23.80 -5.01
N PRO L 235 9.85 -22.47 -4.82
CA PRO L 235 10.83 -21.68 -4.05
C PRO L 235 10.49 -21.52 -2.57
N CYS L 236 9.44 -22.16 -2.07
CA CYS L 236 9.08 -22.01 -0.67
C CYS L 236 10.21 -22.54 0.22
N ILE L 237 10.57 -21.75 1.23
CA ILE L 237 11.68 -22.09 2.10
C ILE L 237 11.18 -23.03 3.20
N LYS L 238 11.89 -24.14 3.40
CA LYS L 238 11.47 -25.17 4.34
C LYS L 238 9.99 -25.48 4.12
N GLU L 239 9.22 -25.64 5.19
CA GLU L 239 7.81 -26.00 5.10
C GLU L 239 6.94 -24.82 5.52
N VAL L 240 5.94 -24.50 4.72
CA VAL L 240 5.01 -23.42 4.98
C VAL L 240 3.61 -24.00 5.10
N GLU L 241 2.67 -23.13 5.49
CA GLU L 241 1.28 -23.52 5.68
C GLU L 241 0.39 -22.71 4.75
N CYS L 242 -0.55 -23.39 4.10
CA CYS L 242 -1.49 -22.76 3.18
C CYS L 242 -2.91 -23.13 3.58
N TYR L 243 -3.86 -22.27 3.20
CA TYR L 243 -5.24 -22.38 3.65
C TYR L 243 -6.17 -22.52 2.45
N VAL L 244 -7.05 -23.51 2.51
CA VAL L 244 -7.94 -23.87 1.42
C VAL L 244 -9.25 -23.12 1.57
N SER L 245 -9.99 -23.00 0.46
CA SER L 245 -11.27 -22.30 0.44
C SER L 245 -12.40 -23.29 0.22
N ARG L 246 -13.43 -23.20 1.05
CA ARG L 246 -14.63 -24.02 0.95
C ARG L 246 -14.31 -25.52 1.05
N PRO L 247 -13.82 -25.99 2.19
CA PRO L 247 -13.60 -27.44 2.32
C PRO L 247 -14.89 -28.23 2.47
N THR L 248 -15.89 -27.69 3.18
CA THR L 248 -17.08 -28.47 3.50
C THR L 248 -17.92 -28.75 2.27
N GLU L 249 -18.13 -27.74 1.42
CA GLU L 249 -18.92 -27.95 0.21
C GLU L 249 -18.24 -28.98 -0.69
N LYS L 250 -16.92 -28.91 -0.81
CA LYS L 250 -16.21 -29.85 -1.67
C LYS L 250 -16.24 -31.26 -1.10
N THR L 251 -16.18 -31.39 0.23
CA THR L 251 -16.33 -32.71 0.84
C THR L 251 -17.73 -33.29 0.56
N VAL L 252 -18.76 -32.46 0.68
CA VAL L 252 -20.11 -32.92 0.42
C VAL L 252 -20.25 -33.36 -1.04
N PHE L 253 -19.68 -32.58 -1.94
CA PHE L 253 -19.71 -32.93 -3.36
C PHE L 253 -19.00 -34.26 -3.61
N LEU L 254 -17.84 -34.45 -2.98
CA LEU L 254 -17.10 -35.70 -3.12
C LEU L 254 -17.95 -36.89 -2.70
N VAL L 255 -18.56 -36.80 -1.51
CA VAL L 255 -19.35 -37.91 -1.00
C VAL L 255 -20.55 -38.18 -1.91
N PHE L 256 -21.23 -37.12 -2.35
CA PHE L 256 -22.40 -37.30 -3.20
C PHE L 256 -22.03 -37.99 -4.52
N MET L 257 -20.95 -37.52 -5.15
CA MET L 257 -20.54 -38.13 -6.42
C MET L 257 -20.14 -39.58 -6.22
N PHE L 258 -19.43 -39.88 -5.13
CA PHE L 258 -19.06 -41.27 -4.86
C PHE L 258 -20.30 -42.14 -4.70
N ALA L 259 -21.29 -41.66 -3.97
CA ALA L 259 -22.51 -42.45 -3.78
C ALA L 259 -23.22 -42.71 -5.10
N VAL L 260 -23.34 -41.67 -5.94
CA VAL L 260 -24.02 -41.83 -7.23
C VAL L 260 -23.27 -42.83 -8.10
N SER L 261 -21.94 -42.72 -8.14
CA SER L 261 -21.16 -43.65 -8.95
C SER L 261 -21.30 -45.07 -8.44
N GLY L 262 -21.32 -45.26 -7.12
CA GLY L 262 -21.52 -46.59 -6.57
C GLY L 262 -22.86 -47.18 -6.97
N ILE L 263 -23.92 -46.37 -6.92
CA ILE L 263 -25.23 -46.84 -7.33
C ILE L 263 -25.21 -47.25 -8.80
N CYS L 264 -24.57 -46.43 -9.64
CA CYS L 264 -24.47 -46.75 -11.05
C CYS L 264 -23.74 -48.08 -11.27
N VAL L 265 -22.64 -48.29 -10.54
CA VAL L 265 -21.88 -49.53 -10.69
C VAL L 265 -22.73 -50.73 -10.27
N VAL L 266 -23.47 -50.58 -9.16
CA VAL L 266 -24.31 -51.69 -8.70
C VAL L 266 -25.36 -52.04 -9.75
N LEU L 267 -26.01 -51.02 -10.32
CA LEU L 267 -27.02 -51.29 -11.33
C LEU L 267 -26.42 -51.94 -12.57
N ASN L 268 -25.25 -51.48 -13.00
CA ASN L 268 -24.60 -52.08 -14.16
C ASN L 268 -24.25 -53.53 -13.90
N LEU L 269 -23.74 -53.84 -12.71
CA LEU L 269 -23.42 -55.23 -12.40
C LEU L 269 -24.68 -56.09 -12.37
N ALA L 270 -25.77 -55.56 -11.81
CA ALA L 270 -27.02 -56.32 -11.80
C ALA L 270 -27.49 -56.62 -13.22
N GLU L 271 -27.44 -55.62 -14.10
CA GLU L 271 -27.85 -55.84 -15.49
C GLU L 271 -26.95 -56.86 -16.17
N LEU L 272 -25.64 -56.78 -15.91
CA LEU L 272 -24.71 -57.75 -16.50
C LEU L 272 -25.04 -59.16 -16.04
N ASN L 273 -25.32 -59.32 -14.75
CA ASN L 273 -25.62 -60.65 -14.22
C ASN L 273 -27.00 -61.14 -14.63
N HIS L 274 -27.90 -60.25 -15.06
CA HIS L 274 -29.22 -60.69 -15.48
C HIS L 274 -29.13 -61.66 -16.66
N LEU L 275 -28.27 -61.35 -17.63
CA LEU L 275 -28.09 -62.21 -18.80
C LEU L 275 -26.99 -63.23 -18.54
C31 MC3 M . -1.42 0.52 37.89
C32 MC3 M . -2.25 1.75 38.14
C33 MC3 M . -1.91 3.02 37.38
C34 MC3 M . -0.55 3.63 37.62
C35 MC3 M . -0.42 4.43 38.86
C36 MC3 M . 0.96 4.97 38.86
C37 MC3 M . 1.39 5.50 40.18
C38 MC3 M . 2.82 5.92 39.97
C39 MC3 M . 3.57 6.46 41.16
C40 MC3 M . 4.85 6.91 40.53
C41 MC3 M . 5.89 7.55 41.40
C42 MC3 M . 7.07 7.88 40.49
C43 MC3 M . 6.54 8.49 39.22
C44 MC3 M . 7.52 9.17 38.32
C31 MC3 N . -0.19 -0.46 41.53
C32 MC3 N . 0.75 -0.36 42.70
C33 MC3 N . 1.39 1.00 42.64
C34 MC3 N . 2.25 1.27 43.83
C35 MC3 N . 3.07 2.50 43.58
C36 MC3 N . 3.88 2.87 44.80
C37 MC3 N . 4.91 3.89 44.40
C38 MC3 N . 5.83 4.24 45.52
C39 MC3 N . 6.64 5.32 44.93
C40 MC3 N . 7.55 6.01 45.93
C41 MC3 N . 7.04 6.27 47.33
C42 MC3 N . 8.09 6.89 48.21
C33 MC3 O . 14.89 -14.26 30.55
C34 MC3 O . 16.33 -14.33 31.06
C35 MC3 O . 16.53 -13.60 32.38
C36 MC3 O . 17.94 -13.72 32.91
C37 MC3 O . 18.19 -12.88 34.16
C38 MC3 O . 19.68 -12.67 34.45
C39 MC3 O . 19.95 -11.54 35.43
C40 MC3 O . 21.41 -11.12 35.45
C41 MC3 O . 21.72 -10.04 36.49
C42 MC3 O . 23.17 -9.58 36.45
C43 MC3 O . 23.51 -8.59 37.57
H331 MC3 O . 14.57 -15.16 30.38
H332 MC3 O . 14.33 -13.88 31.24
H341 MC3 O . 16.58 -15.25 31.15
H342 MC3 O . 16.92 -13.94 30.39
H351 MC3 O . 16.29 -12.67 32.28
H352 MC3 O . 15.90 -13.96 33.04
H361 MC3 O . 18.14 -14.64 33.10
H362 MC3 O . 18.57 -13.44 32.21
H371 MC3 O . 17.76 -12.03 34.07
H372 MC3 O . 17.77 -13.31 34.93
H381 MC3 O . 20.05 -13.50 34.81
H382 MC3 O . 20.14 -12.50 33.63
H391 MC3 O . 19.39 -10.78 35.20
H392 MC3 O . 19.68 -11.82 36.32
H401 MC3 O . 21.65 -10.79 34.57
H402 MC3 O . 21.97 -11.89 35.61
H411 MC3 O . 21.14 -9.28 36.34
H412 MC3 O . 21.50 -10.38 37.37
H421 MC3 O . 23.75 -10.36 36.52
H422 MC3 O . 23.36 -9.18 35.60
H431 MC3 O . 23.53 -7.70 37.20
H432 MC3 O . 22.80 -8.60 38.22
C32 MC3 P . 12.09 -14.93 34.11
C33 MC3 P . 12.29 -14.45 35.55
C34 MC3 P . 13.76 -14.13 35.83
C35 MC3 P . 14.00 -13.32 37.09
C36 MC3 P . 13.68 -13.99 38.40
C37 MC3 P . 14.76 -13.65 39.41
C38 MC3 P . 14.32 -13.70 40.87
C39 MC3 P . 15.40 -13.24 41.84
C40 MC3 P . 15.80 -11.83 41.54
C41 MC3 P . 16.34 -11.11 42.74
C42 MC3 P . 17.80 -11.38 43.00
C43 MC3 P . 18.34 -10.45 44.07
C31 MC3 Q . -4.57 3.44 42.17
C32 MC3 Q . -3.41 4.39 42.04
C33 MC3 Q . -3.07 5.16 43.31
C34 MC3 Q . -1.64 5.66 43.30
C35 MC3 Q . -1.24 6.33 44.60
C36 MC3 Q . 0.20 6.86 44.58
C37 MC3 Q . 0.64 7.47 45.90
C38 MC3 Q . 2.07 8.02 45.84
C39 MC3 Q . 2.50 8.75 47.10
C40 MC3 Q . 3.78 9.56 46.91
H321 MC3 Q . -3.60 5.01 41.32
H322 MC3 Q . -2.64 3.88 41.75
H331 MC3 Q . -3.69 5.91 43.42
H332 MC3 Q . -3.21 4.59 44.09
H341 MC3 Q . -1.53 6.29 42.57
H342 MC3 Q . -1.04 4.92 43.12
H351 MC3 Q . -1.34 5.71 45.34
H352 MC3 Q . -1.84 7.07 44.79
H361 MC3 Q . 0.80 6.12 44.36
H362 MC3 Q . 0.29 7.50 43.87
H371 MC3 Q . 0.04 8.20 46.14
H372 MC3 Q . 0.58 6.82 46.61
H381 MC3 Q . 2.68 7.28 45.68
H382 MC3 Q . 2.16 8.60 45.08
H391 MC3 Q . 1.78 9.35 47.38
H392 MC3 Q . 2.61 8.12 47.82
H401 MC3 Q . 4.25 9.61 47.76
H402 MC3 Q . 4.37 9.08 46.31
C1 ACD R . 22.15 15.74 41.74
C2 ACD R . 21.65 14.58 40.87
C3 ACD R . 21.65 14.83 39.38
C4 ACD R . 21.01 13.67 38.59
C5 ACD R . 21.95 13.01 37.65
C6 ACD R . 21.75 11.93 36.90
C7 ACD R . 20.50 11.09 36.83
C8 ACD R . 20.43 10.34 35.53
C9 ACD R . 20.52 10.84 34.29
C10 ACD R . 20.73 12.28 33.89
C11 ACD R . 22.15 12.52 33.47
C12 ACD R . 22.59 12.98 32.31
C13 ACD R . 21.77 13.38 31.12
C14 ACD R . 21.11 12.19 30.50
C15 ACD R . 21.46 11.52 29.40
C16 ACD R . 22.61 11.79 28.49
C17 ACD R . 23.55 10.58 28.37
C18 ACD R . 24.64 10.78 27.34
C19 ACD R . 25.44 9.51 27.05
C20 ACD R . 25.11 8.91 25.69
O1 ACD R . 22.77 16.67 41.18
O2 ACD R . 21.89 15.66 42.96
H21 ACD R . 20.75 14.35 41.17
H22 ACD R . 22.18 13.80 41.08
H31 ACD R . 22.55 14.97 39.06
H32 ACD R . 21.17 15.64 39.18
H41 ACD R . 20.25 14.02 38.09
H42 ACD R . 20.63 13.03 39.21
H5 ACD R . 22.80 13.41 37.58
H6 ACD R . 22.44 11.64 36.35
H71 ACD R . 19.71 11.65 36.91
H72 ACD R . 20.48 10.48 37.58
H8 ACD R . 20.30 9.43 35.62
H9 ACD R . 20.45 10.24 33.59
H101 ACD R . 20.50 12.87 34.62
H102 ACD R . 20.11 12.49 33.17
H11 ACD R . 22.78 12.31 34.12
H12 ACD R . 23.50 13.08 32.20
H131 ACD R . 22.31 13.83 30.46
H132 ACD R . 21.10 14.04 31.40
H14 ACD R . 20.35 11.88 30.97
H15 ACD R . 20.93 10.79 29.17
H161 ACD R . 22.32 12.06 27.61
H162 ACD R . 23.12 12.53 28.83
H171 ACD R . 23.02 9.80 28.14
H172 ACD R . 23.94 10.40 29.23
H181 ACD R . 25.25 11.47 27.63
H182 ACD R . 24.25 11.10 26.50
H191 ACD R . 25.25 8.86 27.75
H192 ACD R . 26.38 9.71 27.10
H201 ACD R . 25.62 8.11 25.52
H202 ACD R . 24.17 8.69 25.61
H203 ACD R . 25.31 9.53 24.97
C39 MC3 S . 17.80 -14.81 38.36
C40 MC3 S . 19.30 -14.90 38.54
C41 MC3 S . 19.71 -14.23 39.84
C42 MC3 S . 21.09 -13.66 39.77
C43 MC3 S . 21.17 -12.61 40.86
C44 MC3 S . 22.46 -11.84 40.88
C35 MC3 T . 13.41 15.39 52.27
C36 MC3 T . 12.91 16.34 53.35
C37 MC3 T . 13.96 16.71 54.39
C38 MC3 T . 13.31 17.61 55.44
C39 MC3 T . 14.14 17.81 56.71
C40 MC3 T . 13.52 18.88 57.60
C41 MC3 T . 14.14 18.95 58.99
C42 MC3 T . 15.57 19.44 58.96
C31 MC3 U . -5.53 7.93 -36.67
C32 MC3 U . -6.60 8.99 -36.59
C33 MC3 U . -7.79 8.75 -35.68
C34 MC3 U . -8.69 7.58 -36.00
C35 MC3 U . -9.67 7.82 -37.09
C36 MC3 U . -10.46 6.57 -37.19
C37 MC3 U . -11.25 6.47 -38.45
C38 MC3 U . -11.92 5.14 -38.37
C39 MC3 U . -12.76 4.71 -39.54
C40 MC3 U . -13.36 3.44 -39.03
C41 MC3 U . -14.31 2.69 -39.92
C42 MC3 U . -14.74 1.45 -39.14
C43 MC3 U . -15.06 1.86 -37.73
C44 MC3 U . -15.78 0.87 -36.87
C31 MC3 V . -5.34 7.18 -40.56
C32 MC3 V . -5.80 6.49 -41.81
C33 MC3 V . -7.23 6.09 -41.62
C34 MC3 V . -7.83 5.51 -42.85
C35 MC3 V . -9.16 4.90 -42.51
C36 MC3 V . -9.86 4.39 -43.75
C37 MC3 V . -11.00 3.50 -43.33
C38 MC3 V . -11.68 2.87 -44.49
C39 MC3 V . -12.81 2.17 -43.84
C40 MC3 V . -13.80 1.57 -44.83
C41 MC3 V . -14.14 2.35 -46.07
C42 MC3 V . -15.08 1.59 -46.97
C33 MC3 W . 6.51 -11.76 -34.31
C34 MC3 W . 6.22 -13.08 -35.03
C35 MC3 W . 5.30 -12.92 -36.22
C36 MC3 W . 5.04 -14.23 -36.96
C37 MC3 W . 4.01 -14.10 -38.08
C38 MC3 W . 3.47 -15.45 -38.52
C39 MC3 W . 2.18 -15.35 -39.32
C40 MC3 W . 1.47 -16.69 -39.47
C41 MC3 W . 0.22 -16.62 -40.34
C42 MC3 W . -0.51 -17.95 -40.44
C43 MC3 W . -1.70 -17.91 -41.40
H331 MC3 W . 7.47 -11.64 -34.26
H332 MC3 W . 6.17 -11.03 -34.84
H341 MC3 W . 7.06 -13.49 -35.32
H342 MC3 W . 5.83 -13.71 -34.39
H351 MC3 W . 4.45 -12.54 -35.93
H352 MC3 W . 5.68 -12.27 -36.84
H361 MC3 W . 5.88 -14.56 -37.33
H362 MC3 W . 4.75 -14.90 -36.33
H371 MC3 W . 3.28 -13.55 -37.77
H372 MC3 W . 4.41 -13.64 -38.83
H381 MC3 W . 4.14 -15.90 -39.06
H382 MC3 W . 3.33 -16.02 -37.75
H391 MC3 W . 1.58 -14.72 -38.89
H392 MC3 W . 2.37 -14.99 -40.21
H401 MC3 W . 1.22 -17.03 -38.59
H402 MC3 W . 2.08 -17.34 -39.84
H411 MC3 W . -0.38 -15.95 -39.99
H412 MC3 W . 0.47 -16.32 -41.23
H421 MC3 W . 0.10 -18.64 -40.71
H422 MC3 W . -0.83 -18.21 -39.56
H431 MC3 W . -2.53 -17.84 -40.90
H432 MC3 W . -1.64 -17.11 -41.95
C32 MC3 X . 7.24 -8.57 -37.52
C33 MC3 X . 6.53 -8.43 -38.85
C34 MC3 X . 5.88 -9.74 -39.29
C35 MC3 X . 4.86 -9.62 -40.42
C36 MC3 X . 5.40 -9.21 -41.76
C37 MC3 X . 4.72 -10.01 -42.84
C38 MC3 X . 4.64 -9.35 -44.21
C39 MC3 X . 3.85 -10.15 -45.22
C40 MC3 X . 2.43 -10.34 -44.75
C41 MC3 X . 1.46 -10.53 -45.88
C42 MC3 X . 1.39 -11.94 -46.38
C43 MC3 X . 0.23 -12.12 -47.34
C31 MC3 Y . -8.33 12.22 -39.91
C32 MC3 Y . -9.46 11.25 -39.77
C33 MC3 Y . -10.45 11.28 -40.93
C34 MC3 Y . -11.22 9.97 -41.04
C35 MC3 Y . -12.15 9.92 -42.26
C36 MC3 Y . -12.94 8.63 -42.34
C37 MC3 Y . -13.82 8.52 -43.58
C38 MC3 Y . -14.62 7.23 -43.63
C39 MC3 Y . -15.60 7.16 -44.79
C40 MC3 Y . -16.61 6.02 -44.65
H321 MC3 Y . -9.91 11.43 -38.94
H322 MC3 Y . -9.08 10.36 -39.68
H331 MC3 Y . -11.07 12.02 -40.82
H332 MC3 Y . -9.98 11.44 -41.77
H341 MC3 Y . -11.76 9.85 -40.24
H342 MC3 Y . -10.61 9.23 -41.07
H351 MC3 Y . -11.62 10.04 -43.06
H352 MC3 Y . -12.76 10.68 -42.22
H361 MC3 Y . -12.32 7.87 -42.33
H362 MC3 Y . -13.49 8.52 -41.55
H371 MC3 Y . -14.42 9.28 -43.61
H372 MC3 Y . -13.27 8.60 -44.38
H381 MC3 Y . -14.01 6.48 -43.68
H382 MC3 Y . -15.10 7.12 -42.80
H391 MC3 Y . -16.07 8.00 -44.87
H392 MC3 Y . -15.10 7.05 -45.62
H401 MC3 Y . -16.88 5.72 -45.53
H402 MC3 Y . -16.18 5.27 -44.23
C1 ACD Z . -25.60 -11.56 -41.13
C2 ACD Z . -24.25 -11.42 -40.41
C3 ACD Z . -24.27 -11.63 -38.91
C4 ACD Z . -22.92 -11.36 -38.25
C5 ACD Z . -22.34 -12.56 -37.57
C6 ACD Z . -21.14 -12.67 -37.00
C7 ACD Z . -20.06 -11.62 -36.90
C8 ACD Z . -19.15 -11.90 -35.74
C9 ACD Z . -19.47 -12.12 -34.47
C10 ACD Z . -20.84 -12.13 -33.86
C11 ACD Z . -21.31 -13.54 -33.62
C12 ACD Z . -21.69 -14.07 -32.46
C13 ACD Z . -21.74 -13.41 -31.11
C14 ACD Z . -20.36 -13.09 -30.62
C15 ACD Z . -19.64 -13.74 -29.72
C16 ACD Z . -20.00 -14.96 -28.94
C17 ACD Z . -19.00 -16.10 -29.16
C18 ACD Z . -19.27 -17.31 -28.27
C19 ACD Z . -18.16 -18.35 -28.31
C20 ACD Z . -17.32 -18.38 -27.04
O1 ACD Z . -26.54 -12.09 -40.50
O2 ACD Z . -25.64 -11.11 -42.30
H21 ACD Z . -23.88 -10.55 -40.61
H22 ACD Z . -23.63 -12.05 -40.82
H31 ACD Z . -24.55 -12.54 -38.71
H32 ACD Z . -24.94 -11.06 -38.51
H41 ACD Z . -23.04 -10.65 -37.58
H42 ACD Z . -22.31 -11.00 -38.91
H5 ACD Z . -22.88 -13.30 -37.55
H6 ACD Z . -20.92 -13.49 -36.62
H71 ACD Z . -20.46 -10.74 -36.78
H72 ACD Z . -19.58 -11.58 -37.73
H8 ACD Z . -18.24 -11.93 -35.97
H9 ACD Z . -18.78 -12.28 -33.87
H101 ACD Z . -21.48 -11.69 -34.44
H102 ACD Z . -20.83 -11.62 -33.04
H11 ACD Z . -21.32 -14.08 -34.38
H12 ACD Z . -21.95 -14.97 -32.46
H131 ACD Z . -22.18 -13.98 -30.47
H132 ACD Z . -22.28 -12.61 -31.18
H14 ACD Z . -19.97 -12.33 -31.03
H15 ACD Z . -18.78 -13.40 -29.53
H161 ACD Z . -20.07 -14.78 -27.99
H162 ACD Z . -20.87 -15.27 -29.22
H171 ACD Z . -18.10 -15.77 -28.99
H172 ACD Z . -19.03 -16.37 -30.09
H181 ACD Z . -20.11 -17.72 -28.53
H182 ACD Z . -19.39 -17.01 -27.35
H191 ACD Z . -17.59 -18.17 -29.08
H192 ACD Z . -18.55 -19.22 -28.47
H201 ACD Z . -16.62 -19.04 -27.10
H202 ACD Z . -16.91 -17.51 -26.88
H203 ACD Z . -17.86 -18.58 -26.27
C39 MC3 AA . 5.37 -13.35 -42.43
C40 MC3 AA . 5.12 -14.79 -42.84
C41 MC3 AA . 4.21 -14.84 -44.05
C42 MC3 AA . 3.38 -16.10 -44.08
C43 MC3 AA . 2.19 -15.80 -44.97
C44 MC3 AA . 1.19 -16.92 -45.05
C35 MC3 BA . -24.97 -1.36 -50.24
C36 MC3 BA . -25.94 -0.52 -51.05
C37 MC3 BA . -26.65 -1.29 -52.15
C38 MC3 BA . -27.54 -0.32 -52.93
C39 MC3 BA . -28.09 -0.87 -54.25
C40 MC3 BA . -29.12 0.08 -54.85
C41 MC3 BA . -29.51 -0.28 -56.28
C42 MC3 BA . -30.28 -1.59 -56.37
C31 MC3 CA . 21.23 -17.12 26.36
C32 MC3 CA . 20.34 -17.03 27.56
C33 MC3 CA . 19.67 -15.70 27.87
C34 MC3 CA . 20.56 -14.54 28.20
C35 MC3 CA . 21.09 -14.51 29.58
C36 MC3 CA . 21.89 -13.26 29.68
C37 MC3 CA . 22.78 -13.22 30.86
C38 MC3 CA . 23.52 -11.93 30.75
C39 MC3 CA . 24.57 -11.62 31.78
C40 MC3 CA . 24.95 -10.22 31.41
C41 MC3 CA . 25.97 -9.52 32.25
C42 MC3 CA . 26.16 -8.14 31.64
C43 MC3 CA . 24.81 -7.58 31.32
C44 MC3 CA . 24.73 -6.11 30.99
C31 MC3 DA . 24.63 -18.47 27.89
C32 MC3 DA . 25.95 -18.28 28.56
C33 MC3 DA . 25.89 -17.02 29.35
C34 MC3 DA . 27.11 -16.80 30.18
C35 MC3 DA . 27.09 -15.39 30.72
C36 MC3 DA . 28.26 -15.16 31.65
C37 MC3 DA . 28.39 -13.69 31.90
C38 MC3 DA . 29.58 -13.35 32.72
C39 MC3 DA . 29.42 -11.90 32.92
C40 MC3 DA . 30.41 -11.31 33.91
C41 MC3 DA . 30.78 -12.09 35.14
C42 MC3 DA . 31.83 -11.40 35.97
C33 MC3 EA . 34.00 -11.95 7.68
C34 MC3 EA . 35.36 -11.27 7.70
C35 MC3 EA . 36.02 -11.28 9.06
C36 MC3 EA . 37.40 -10.62 9.07
C37 MC3 EA . 38.01 -10.50 10.45
C38 MC3 EA . 39.17 -9.51 10.50
C39 MC3 EA . 39.53 -9.06 11.91
C40 MC3 EA . 40.43 -7.84 11.94
C41 MC3 EA . 40.87 -7.44 13.33
C42 MC3 EA . 41.73 -6.18 13.35
C43 MC3 EA . 42.27 -5.84 14.74
H331 MC3 EA . 33.99 -12.65 7.00
H332 MC3 EA . 33.87 -12.41 8.53
H341 MC3 EA . 35.94 -11.70 7.05
H342 MC3 EA . 35.26 -10.35 7.40
H351 MC3 EA . 35.45 -10.82 9.70
H352 MC3 EA . 36.10 -12.19 9.37
H361 MC3 EA . 37.99 -11.14 8.49
H362 MC3 EA . 37.33 -9.74 8.65
H371 MC3 EA . 37.33 -10.22 11.08
H372 MC3 EA . 38.32 -11.37 10.75
H381 MC3 EA . 39.95 -9.91 10.08
H382 MC3 EA . 38.95 -8.73 9.97
H391 MC3 EA . 38.72 -8.87 12.41
H392 MC3 EA . 39.96 -9.80 12.37
H401 MC3 EA . 39.97 -7.10 11.51
H402 MC3 EA . 41.22 -8.01 11.38
H411 MC3 EA . 40.09 -7.30 13.89
H412 MC3 EA . 41.36 -8.17 13.74
H421 MC3 EA . 42.47 -6.28 12.73
H422 MC3 EA . 41.21 -5.43 13.02
H431 MC3 EA . 41.73 -5.13 15.12
H432 MC3 EA . 42.15 -6.61 15.32
C32 MC3 FA . 34.34 -15.78 10.18
C33 MC3 FA . 35.17 -15.98 11.44
C34 MC3 FA . 36.27 -14.94 11.58
C35 MC3 FA . 36.90 -14.84 12.96
C36 MC3 FA . 37.69 -16.02 13.45
C37 MC3 FA . 38.93 -15.54 14.15
C38 MC3 FA . 39.50 -16.49 15.19
C39 MC3 FA . 40.68 -15.92 15.96
C40 MC3 FA . 40.27 -14.67 16.68
C41 MC3 FA . 41.12 -14.39 17.89
C42 MC3 FA . 42.41 -13.70 17.59
C43 MC3 FA . 43.09 -13.24 18.87
C31 MC3 GA . 20.43 -19.32 31.95
C32 MC3 GA . 20.84 -17.91 32.30
C33 MC3 GA . 21.55 -17.78 33.64
C34 MC3 GA . 22.39 -16.51 33.70
C35 MC3 GA . 23.21 -16.40 34.99
C36 MC3 GA . 24.03 -15.12 35.04
C37 MC3 GA . 24.90 -15.01 36.30
C38 MC3 GA . 25.70 -13.71 36.35
C39 MC3 GA . 26.47 -13.53 37.64
C40 MC3 GA . 26.99 -12.11 37.83
H321 MC3 GA . 20.04 -17.36 32.29
H322 MC3 GA . 21.40 -17.58 31.58
H331 MC3 GA . 20.90 -17.78 34.36
H332 MC3 GA . 22.12 -18.55 33.79
H341 MC3 GA . 21.81 -15.74 33.62
H342 MC3 GA . 22.99 -16.48 32.94
H351 MC3 GA . 23.80 -17.16 35.06
H352 MC3 GA . 22.61 -16.44 35.75
H361 MC3 GA . 24.60 -15.07 34.26
H362 MC3 GA . 23.43 -14.35 35.01
H371 MC3 GA . 24.34 -15.09 37.09
H372 MC3 GA . 25.51 -15.77 36.33
H381 MC3 GA . 26.30 -13.68 35.61
H382 MC3 GA . 25.08 -12.96 36.24
H391 MC3 GA . 25.91 -13.77 38.40
H392 MC3 GA . 27.22 -14.15 37.67
H401 MC3 GA . 27.81 -12.13 38.35
H402 MC3 GA . 27.23 -11.74 36.97
C1 ACD HA . 34.84 6.14 35.06
C2 ACD HA . 34.39 5.48 33.75
C3 ACD HA . 33.41 6.28 32.90
C4 ACD HA . 32.92 5.50 31.68
C5 ACD HA . 33.28 6.15 30.38
C6 ACD HA . 33.08 5.67 29.15
C7 ACD HA . 32.45 4.37 28.76
C8 ACD HA . 31.90 4.44 27.37
C9 ACD HA . 31.06 5.34 26.86
C10 ACD HA . 30.44 6.51 27.56
C11 ACD HA . 31.13 7.79 27.16
C12 ACD HA . 30.57 8.87 26.62
C13 ACD HA . 29.14 9.08 26.27
C14 ACD HA . 28.74 8.18 25.12
C15 ACD HA . 28.58 8.50 23.84
C16 ACD HA . 28.77 9.83 23.17
C17 ACD HA . 29.81 9.78 22.06
C18 ACD HA . 29.91 11.08 21.28
C19 ACD HA . 30.77 10.96 20.02
C20 ACD HA . 29.95 10.98 18.74
O1 ACD HA . 34.62 7.37 35.20
O2 ACD HA . 35.41 5.39 35.87
H21 ACD HA . 34.01 4.62 33.96
H22 ACD HA . 35.18 5.28 33.22
H31 ACD HA . 33.83 7.11 32.61
H32 ACD HA . 32.65 6.54 33.44
H41 ACD HA . 31.94 5.43 31.73
H42 ACD HA . 33.24 4.59 31.73
H5 ACD HA . 33.68 6.97 30.46
H6 ACD HA . 33.37 6.20 28.43
H71 ACD HA . 31.73 4.14 29.37
H72 ACD HA . 33.10 3.66 28.84
H8 ACD HA . 32.20 3.76 26.80
H9 ACD HA . 30.81 5.23 25.97
H101 ACD HA . 30.49 6.40 28.53
H102 ACD HA . 29.49 6.55 27.34
H11 ACD HA . 32.04 7.80 27.34
H12 ACD HA . 31.14 9.59 26.43
H131 ACD HA . 28.98 10.00 26.01
H132 ACD HA . 28.58 8.91 27.04
H14 ACD HA . 28.58 7.30 25.37
H15 ACD HA . 28.34 7.82 23.26
H161 ACD HA . 27.93 10.18 22.83
H162 ACD HA . 29.06 10.47 23.84
H171 ACD HA . 29.59 9.06 21.45
H172 ACD HA . 30.67 9.55 22.44
H181 ACD HA . 30.27 11.77 21.85
H182 ACD HA . 29.02 11.37 21.03
H191 ACD HA . 31.30 10.15 20.07
H192 ACD HA . 31.42 11.69 20.01
H201 ACD HA . 30.52 10.90 17.95
H202 ACD HA . 29.32 10.25 18.72
H203 ACD HA . 29.45 11.80 18.66
C39 MC3 IA . 40.92 -13.75 12.02
C40 MC3 IA . 42.14 -12.88 11.77
C41 MC3 IA . 42.95 -12.76 13.05
C42 MC3 IA . 43.69 -11.46 13.13
C43 MC3 IA . 44.00 -11.25 14.60
C44 MC3 IA . 44.68 -9.93 14.90
C35 MC3 JA . 34.93 -4.48 43.68
C36 MC3 JA . 34.86 -4.71 45.18
C37 MC3 JA . 36.09 -4.24 45.94
C38 MC3 JA . 35.92 -4.60 47.43
C39 MC3 JA . 37.19 -4.46 48.26
C40 MC3 JA . 36.89 -4.62 49.75
C41 MC3 JA . 38.12 -4.77 50.62
C42 MC3 JA . 38.96 -3.50 50.65
C31 MC3 KA . 37.11 -7.63 1.56
C32 MC3 KA . 37.15 -8.71 2.61
C33 MC3 KA . 36.37 -8.49 3.89
C34 MC3 KA . 36.78 -7.32 4.76
C35 MC3 KA . 37.96 -7.56 5.62
C36 MC3 KA . 38.14 -6.31 6.41
C37 MC3 KA . 39.47 -6.21 7.06
C38 MC3 KA . 39.46 -4.88 7.75
C39 MC3 KA . 40.71 -4.45 8.47
C40 MC3 KA . 40.25 -3.19 9.13
C41 MC3 KA . 41.22 -2.44 9.99
C42 MC3 KA . 40.49 -1.21 10.52
C43 MC3 KA . 39.13 -1.64 10.97
C44 MC3 KA . 38.34 -0.66 11.80
C31 MC3 LA . 40.96 -6.84 0.96
C32 MC3 LA . 42.24 -6.15 1.29
C33 MC3 LA . 42.19 -5.77 2.74
C34 MC3 LA . 43.49 -5.18 3.21
C35 MC3 LA . 43.28 -4.58 4.57
C36 MC3 LA . 44.58 -4.07 5.14
C37 MC3 LA . 44.28 -3.20 6.32
C38 MC3 LA . 45.49 -2.55 6.89
C39 MC3 LA . 44.97 -1.87 8.08
C40 MC3 LA . 46.04 -1.27 8.97
C41 MC3 LA . 47.34 -2.05 9.17
C42 MC3 LA . 48.32 -1.29 10.02
C33 MC3 MA . 33.33 12.13 -9.99
C34 MC3 MA . 34.06 13.46 -9.76
C35 MC3 MA . 35.35 13.30 -8.97
C36 MC3 MA . 36.10 14.61 -8.78
C37 MC3 MA . 37.32 14.48 -7.88
C38 MC3 MA . 37.82 15.84 -7.38
C39 MC3 MA . 38.75 15.74 -6.18
C40 MC3 MA . 38.95 17.07 -5.47
C41 MC3 MA . 39.96 17.00 -4.33
C42 MC3 MA . 40.12 18.32 -3.59
C43 MC3 MA . 41.20 18.28 -2.51
H331 MC3 MA . 33.17 12.02 -10.94
H332 MC3 MA . 33.90 11.40 -9.71
H341 MC3 MA . 34.26 13.86 -10.62
H342 MC3 MA . 33.47 14.07 -9.30
H351 MC3 MA . 35.15 12.91 -8.10
H352 MC3 MA . 35.93 12.66 -9.43
H361 MC3 MA . 36.37 14.94 -9.65
H362 MC3 MA . 35.49 15.27 -8.42
H371 MC3 MA . 37.10 13.93 -7.12
H372 MC3 MA . 38.04 14.04 -8.35
H381 MC3 MA . 38.27 16.30 -8.09
H382 MC3 MA . 37.05 16.40 -7.14
H391 MC3 MA . 38.38 15.09 -5.54
H392 MC3 MA . 39.60 15.39 -6.46
H401 MC3 MA . 38.10 17.39 -5.13
H402 MC3 MA . 39.25 17.73 -6.11
H411 MC3 MA . 39.68 16.32 -3.70
H412 MC3 MA . 40.81 16.71 -4.66
H421 MC3 MA . 40.33 19.01 -4.23
H422 MC3 MA . 39.27 18.56 -3.18
H431 MC3 MA . 40.78 18.19 -1.65
H432 MC3 MA . 41.74 17.48 -2.64
C32 MC3 NA . 36.47 8.97 -11.08
C33 MC3 NA . 37.88 8.84 -10.52
C34 MC3 NA . 38.37 10.15 -9.90
C35 MC3 NA . 39.59 10.03 -9.02
C36 MC3 NA . 40.88 9.63 -9.69
C37 MC3 NA . 42.02 10.45 -9.12
C38 MC3 NA . 43.39 9.79 -9.20
C39 MC3 NA . 44.48 10.60 -8.51
C40 MC3 NA . 44.15 10.77 -7.05
C41 MC3 NA . 45.38 10.97 -6.20
C42 MC3 NA . 45.88 12.38 -6.17
C43 MC3 NA . 46.95 12.56 -5.11
C31 MC3 OA . 40.66 -11.93 3.95
C32 MC3 OA . 40.65 -10.96 5.10
C33 MC3 OA . 41.91 -10.99 5.96
C34 MC3 OA . 42.08 -9.69 6.74
C35 MC3 OA . 43.39 -9.63 7.52
C36 MC3 OA . 43.54 -8.34 8.31
C37 MC3 OA . 44.87 -8.24 9.07
C38 MC3 OA . 44.99 -6.94 9.86
C39 MC3 OA . 46.25 -6.88 10.71
C40 MC3 OA . 46.21 -5.76 11.75
H321 MC3 OA . 39.86 -11.14 5.64
H322 MC3 OA . 40.51 -10.07 4.75
H331 MC3 OA . 41.86 -11.73 6.59
H332 MC3 OA . 42.68 -11.14 5.41
H341 MC3 OA . 41.33 -9.58 7.34
H342 MC3 OA . 42.05 -8.94 6.12
H351 MC3 OA . 44.13 -9.73 6.91
H352 MC3 OA . 43.43 -10.39 8.13
H361 MC3 OA . 43.46 -7.59 7.71
H362 MC3 OA . 42.81 -8.25 8.94
H371 MC3 OA . 44.96 -8.99 9.65
H372 MC3 OA . 45.60 -8.29 8.43
H381 MC3 OA . 44.98 -6.19 9.25
H382 MC3 OA . 44.22 -6.85 10.43
H391 MC3 OA . 46.38 -7.72 11.17
H392 MC3 OA . 47.02 -6.76 10.14
H401 MC3 OA . 47.11 -5.44 11.92
H402 MC3 OA . 45.73 -4.99 11.37
C1 ACD PA . 43.51 11.72 21.22
C2 ACD PA . 42.65 11.60 19.95
C3 ACD PA . 41.15 11.79 20.14
C4 ACD PA . 40.36 11.51 18.86
C5 ACD PA . 39.62 12.71 18.36
C6 ACD PA . 38.92 12.83 17.23
C7 ACD PA . 38.71 11.79 16.17
C8 ACD PA . 37.47 12.07 15.38
C9 ACD PA . 36.23 12.28 15.84
C10 ACD PA . 35.77 12.26 17.26
C11 ACD PA . 35.57 13.67 17.77
C12 ACD PA . 34.46 14.19 18.26
C13 ACD PA . 33.13 13.51 18.47
C14 ACD PA . 32.50 13.20 17.13
C15 ACD PA . 31.51 13.85 16.51
C16 ACD PA . 30.76 15.06 16.97
C17 ACD PA . 30.86 16.21 15.96
C18 ACD PA . 30.00 17.41 16.34
C19 ACD PA . 29.93 18.46 15.23
C20 ACD PA . 28.57 18.47 14.54
O1 ACD PA . 42.98 12.24 22.22
O2 ACD PA . 44.68 11.29 21.12
H21 ACD PA . 42.82 10.73 19.56
H22 ACD PA . 42.98 12.23 19.30
H31 ACD PA . 40.98 12.69 20.44
H32 ACD PA . 40.83 11.20 20.84
H41 ACD PA . 39.72 10.81 19.03
H42 ACD PA . 40.96 11.16 18.17
H5 ACD PA . 39.65 13.46 18.92
H6 ACD PA . 38.51 13.65 17.06
H71 ACD PA . 38.64 10.91 16.57
H72 ACD PA . 39.49 11.77 15.59
H8 ACD PA . 37.60 12.10 14.46
H9 ACD PA . 35.56 12.44 15.21
H101 ACD PA . 36.42 11.82 17.83
H102 ACD PA . 34.95 11.75 17.33
H11 ACD PA . 36.32 14.22 17.71
H12 ACD PA . 34.48 15.08 18.54
H131 ACD PA . 32.53 14.07 18.98
H132 ACD PA . 33.26 12.70 18.98
H14 ACD PA . 32.86 12.45 16.70
H15 ACD PA . 31.24 13.52 15.69
H161 ACD PA . 29.84 14.86 17.14
H162 ACD PA . 31.14 15.36 17.82
H171 ACD PA . 30.62 15.90 15.08
H172 ACD PA . 31.80 16.49 15.89
H181 ACD PA . 30.35 17.82 17.15
H182 ACD PA . 29.11 17.09 16.56
H191 ACD PA . 30.63 18.29 14.58
H192 ACD PA . 30.11 19.33 15.62
H201 ACD PA . 28.54 19.15 13.84
H202 ACD PA . 28.38 17.62 14.13
H203 ACD PA . 27.86 18.67 15.17
C39 MC3 QA . 41.52 13.78 -9.69
C40 MC3 QA . 41.94 15.23 -9.49
C41 MC3 QA . 43.23 15.29 -8.70
C42 MC3 QA . 43.34 16.53 -7.86
C43 MC3 QA . 44.36 16.23 -6.78
C44 MC3 QA . 44.53 17.35 -5.78
C35 MC3 RA . 52.57 1.61 19.53
C36 MC3 RA . 53.50 0.77 20.41
C37 MC3 RA . 54.67 1.55 21.00
C38 MC3 RA . 55.54 0.58 21.80
C39 MC3 RA . 56.91 1.14 22.21
C40 MC3 RA . 57.62 0.19 23.16
C41 MC3 RA . 59.08 0.55 23.40
C42 MC3 RA . 59.24 1.86 24.16
C31 MC3 SA . 30.36 19.49 -11.70
C32 MC3 SA . 31.40 18.41 -11.75
C33 MC3 SA . 31.52 17.46 -10.58
C34 MC3 SA . 31.90 18.06 -9.24
C35 MC3 SA . 33.35 18.34 -9.06
C36 MC3 SA . 33.48 18.86 -7.68
C37 MC3 SA . 34.78 19.53 -7.43
C38 MC3 SA . 34.70 20.02 -6.02
C39 MC3 SA . 35.85 20.81 -5.47
C40 MC3 SA . 35.46 20.98 -4.05
C41 MC3 SA . 36.40 21.70 -3.12
C42 MC3 SA . 35.73 21.73 -1.75
C43 MC3 SA . 35.17 20.36 -1.48
C44 MC3 SA . 34.74 20.07 -0.07
C31 MC3 TA . 32.47 22.79 -12.31
C32 MC3 TA . 33.33 23.92 -11.84
C33 MC3 TA . 34.02 23.49 -10.58
C34 MC3 TA . 35.00 24.51 -10.10
C35 MC3 TA . 35.44 24.13 -8.72
C36 MC3 TA . 36.52 25.07 -8.22
C37 MC3 TA . 36.70 24.88 -6.75
C38 MC3 TA . 37.66 25.83 -6.15
C39 MC3 TA . 37.74 25.37 -4.75
C40 MC3 TA . 38.83 26.06 -3.95
C41 MC3 TA . 40.15 26.37 -4.60
C42 MC3 TA . 41.08 27.12 -3.69
C33 MC3 UA . 13.55 33.93 -4.80
C34 MC3 UA . 13.73 35.11 -3.85
C35 MC3 UA . 15.18 35.54 -3.69
C36 MC3 UA . 15.35 36.75 -2.77
C37 MC3 UA . 16.80 37.09 -2.50
C38 MC3 UA . 16.96 38.02 -1.29
C39 MC3 UA . 18.38 38.06 -0.74
C40 MC3 UA . 18.45 38.70 0.64
C41 MC3 UA . 19.88 38.82 1.17
C42 MC3 UA . 19.95 39.41 2.57
C43 MC3 UA . 21.37 39.64 3.06
H331 MC3 UA . 12.92 34.16 -5.50
H332 MC3 UA . 14.40 33.74 -5.24
H341 MC3 UA . 13.20 35.86 -4.18
H342 MC3 UA . 13.36 34.89 -2.99
H351 MC3 UA . 15.69 34.80 -3.34
H352 MC3 UA . 15.56 35.73 -4.55
H361 MC3 UA . 14.91 37.51 -3.19
H362 MC3 UA . 14.88 36.58 -1.94
H371 MC3 UA . 17.30 36.28 -2.33
H372 MC3 UA . 17.20 37.51 -3.27
H381 MC3 UA . 16.69 38.92 -1.54
H382 MC3 UA . 16.35 37.75 -0.59
H391 MC3 UA . 18.73 37.15 -0.69
H392 MC3 UA . 18.96 38.53 -1.35
H401 MC3 UA . 17.92 38.18 1.26
H402 MC3 UA . 18.05 39.58 0.61
H411 MC3 UA . 20.30 37.95 1.17
H412 MC3 UA . 20.40 39.37 0.56
H421 MC3 UA . 19.45 40.25 2.59
H422 MC3 UA . 19.49 38.82 3.19
H431 MC3 UA . 21.62 38.93 3.67
H432 MC3 UA . 21.98 39.58 2.31
C32 MC3 VA . 16.32 34.58 -8.40
C33 MC3 VA . 17.71 35.20 -8.39
C34 MC3 VA . 17.94 36.06 -7.14
C35 MC3 VA . 19.40 36.41 -6.87
C36 MC3 VA . 20.07 37.32 -7.86
C37 MC3 VA . 20.92 38.33 -7.12
C38 MC3 VA . 22.10 38.89 -7.91
C39 MC3 VA . 22.99 39.80 -7.09
C40 MC3 VA . 23.57 39.05 -5.92
C41 MC3 VA . 24.87 39.62 -5.44
C42 MC3 VA . 24.72 40.80 -4.51
C43 MC3 VA . 26.06 41.16 -3.89
C31 MC3 WA . 35.90 18.22 -13.81
C32 MC3 WA . 36.21 18.29 -12.35
C33 MC3 WA . 37.63 18.74 -12.04
C34 MC3 WA . 37.74 19.30 -10.63
C35 MC3 WA . 39.12 19.88 -10.31
C36 MC3 WA . 39.22 20.42 -8.90
C37 MC3 WA . 40.58 21.04 -8.57
C38 MC3 WA . 40.67 21.56 -7.14
C39 MC3 WA . 42.06 22.06 -6.77
C40 MC3 WA . 42.23 22.26 -5.27
H321 MC3 WA . 36.04 17.42 -11.96
H322 MC3 WA . 35.57 18.89 -11.94
H331 MC3 WA . 38.24 18.00 -12.13
H332 MC3 WA . 37.92 19.41 -12.68
H341 MC3 WA . 37.52 18.61 -9.99
H342 MC3 WA . 37.07 20.01 -10.51
H351 MC3 WA . 39.34 20.58 -10.95
H352 MC3 WA . 39.79 19.18 -10.44
H361 MC3 WA . 38.53 21.08 -8.76
H362 MC3 WA . 39.04 19.71 -8.26
H371 MC3 WA . 41.28 20.38 -8.73
H372 MC3 WA . 40.76 21.76 -9.19
H381 MC3 WA . 40.02 22.26 -7.02
H382 MC3 WA . 40.41 20.84 -6.53
H391 MC3 WA . 42.73 21.44 -7.08
H392 MC3 WA . 42.22 22.90 -7.23
H401 MC3 WA . 42.86 22.98 -5.11
H402 MC3 WA . 41.39 22.57 -4.89
C1 ACD XA . 39.48 26.90 14.06
C2 ACD XA . 38.17 26.80 13.28
C3 ACD XA . 37.13 25.83 13.84
C4 ACD XA . 35.91 25.70 12.94
C5 ACD XA . 34.64 26.14 13.60
C6 ACD XA . 33.43 26.24 13.05
C7 ACD XA . 33.03 25.93 11.63
C8 ACD XA . 31.57 25.62 11.55
C9 ACD XA . 30.88 24.72 12.24
C10 ACD XA . 31.40 23.78 13.29
C11 ACD XA . 31.03 24.28 14.67
C12 ACD XA . 30.33 23.63 15.60
C13 ACD XA . 29.75 22.25 15.52
C14 ACD XA . 28.63 22.22 14.51
C15 ACD XA . 27.31 22.22 14.76
C16 ACD XA . 26.60 22.26 16.07
C17 ACD XA . 25.65 23.46 16.18
C18 ACD XA . 24.82 23.43 17.45
C19 ACD XA . 23.72 24.50 17.47
C20 ACD XA . 22.34 23.91 17.27
O1 ACD XA . 39.52 26.43 15.21
O2 ACD XA . 40.43 27.46 13.47
H21 ACD XA . 38.37 26.56 12.37
H22 ACD XA . 37.79 27.69 13.22
H31 ACD XA . 36.85 26.14 14.72
H32 ACD XA . 37.53 24.96 13.97
H41 ACD XA . 35.82 24.76 12.68
H42 ACD XA . 36.06 26.18 12.11
H5 ACD XA . 34.72 26.37 14.49
H6 ACD XA . 32.73 26.54 13.60
H71 ACD XA . 33.54 25.18 11.29
H72 ACD XA . 33.25 26.69 11.07
H8 ACD XA . 31.10 26.13 10.92
H9 ACD XA . 29.97 24.64 12.07
H101 ACD XA . 32.36 23.70 13.24
H102 ACD XA . 31.04 22.90 13.14
H11 ACD XA . 31.33 25.14 14.87
H12 ACD XA . 30.19 24.07 16.42
H131 ACD XA . 29.42 21.96 16.38
H132 ACD XA . 30.45 21.62 15.27
H14 ACD XA . 28.90 22.19 13.63
H15 ACD XA . 26.75 22.19 14.01
H161 ACD XA . 26.11 21.44 16.23
H162 ACD XA . 27.26 22.32 16.78
H171 ACD XA . 25.08 23.48 15.41
H172 ACD XA . 26.18 24.28 16.14
H181 ACD XA . 25.40 23.57 18.22
H182 ACD XA . 24.42 22.56 17.55
H191 ACD XA . 23.91 25.15 16.76
H192 ACD XA . 23.77 24.99 18.30
H201 ACD XA . 21.66 24.60 17.28
H202 ACD XA . 22.27 23.44 16.43
H203 ACD XA . 22.13 23.28 17.98
C39 MC3 YA . 19.00 40.26 -5.05
C40 MC3 YA . 18.89 41.32 -3.97
C41 MC3 YA . 20.27 41.89 -3.66
C42 MC3 YA . 20.39 42.34 -2.23
C43 MC3 YA . 21.86 42.38 -1.91
C44 MC3 YA . 22.17 42.72 -0.47
C35 MC3 ZA . 48.71 27.57 3.97
C36 MC3 ZA . 50.19 27.31 3.78
C37 MC3 ZA . 51.10 28.29 4.51
C38 MC3 ZA . 52.55 27.95 4.19
C39 MC3 ZA . 53.56 29.02 4.59
C40 MC3 ZA . 54.99 28.51 4.43
C41 MC3 ZA . 56.05 29.60 4.55
C42 MC3 ZA . 56.13 30.16 5.96
C31 MC3 AB . 7.70 37.14 -0.16
C32 MC3 AB . 8.82 37.21 -1.17
C33 MC3 AB . 9.95 36.20 -1.06
C34 MC3 AB . 10.79 36.23 0.19
C35 MC3 AB . 11.84 37.29 0.22
C36 MC3 AB . 12.56 37.09 1.50
C37 MC3 AB . 13.41 38.25 1.89
C38 MC3 AB . 13.99 37.88 3.20
C39 MC3 AB . 14.86 38.89 3.91
C40 MC3 AB . 15.36 38.11 5.07
C41 MC3 AB . 16.31 38.76 6.02
C42 MC3 AB . 16.64 37.75 7.11
C43 MC3 AB . 16.89 36.43 6.43
C44 MC3 AB . 17.53 35.35 7.26
C31 MC3 BB . 7.65 40.81 1.34
C32 MC3 BB . 8.13 41.86 2.28
C33 MC3 BB . 9.53 41.51 2.70
C34 MC3 BB . 10.15 42.57 3.55
C35 MC3 BB . 11.42 42.04 4.14
C36 MC3 BB . 12.14 43.11 4.92
C37 MC3 BB . 13.21 42.47 5.75
C38 MC3 BB . 13.91 43.43 6.64
C39 MC3 BB . 14.97 42.59 7.25
C40 MC3 BB . 15.97 43.39 8.07
C41 MC3 BB . 16.41 44.74 7.58
C42 MC3 BB . 17.35 45.42 8.54
C33 MC3 CB . -5.55 31.63 18.07
C34 MC3 CB . -5.31 32.06 19.51
C35 MC3 CB . -4.32 33.21 19.63
C36 MC3 CB . -4.11 33.66 21.08
C37 MC3 CB . -3.01 34.70 21.22
C38 MC3 CB . -2.53 34.86 22.66
C39 MC3 CB . -1.20 35.58 22.78
C40 MC3 CB . -0.56 35.42 24.16
C41 MC3 CB . 0.73 36.21 24.32
C42 MC3 CB . 1.39 36.01 25.68
C43 MC3 CB . 2.62 36.89 25.89
H331 MC3 CB . -6.51 31.66 17.88
H332 MC3 CB . -5.14 32.27 17.47
H341 MC3 CB . -6.14 32.30 19.92
H342 MC3 CB . -4.97 31.29 20.01
H351 MC3 CB . -3.47 32.95 19.24
H352 MC3 CB . -4.64 33.96 19.11
H361 MC3 CB . -4.94 33.99 21.42
H362 MC3 CB . -3.89 32.88 21.62
H371 MC3 CB . -2.26 34.48 20.66
H372 MC3 CB . -3.34 35.56 20.91
H381 MC3 CB . -3.20 35.32 23.18
H382 MC3 CB . -2.45 33.98 23.06
H391 MC3 CB . -0.59 35.25 22.11
H392 MC3 CB . -1.32 36.53 22.60
H401 MC3 CB . -0.38 34.48 24.31
H402 MC3 CB . -1.20 35.69 24.84
H411 MC3 CB . 1.35 35.97 23.62
H412 MC3 CB . 0.54 37.16 24.19
H421 MC3 CB . 0.74 36.17 26.38
H422 MC3 CB . 1.65 35.08 25.77
H431 MC3 CB . 3.41 36.35 25.75
H432 MC3 CB . 2.63 37.58 25.21
C32 MC3 DB . -5.94 35.44 15.55
C33 MC3 DB . -5.17 36.74 15.71
C34 MC3 DB . -4.57 36.87 17.11
C35 MC3 DB . -3.49 37.93 17.27
C36 MC3 DB . -3.94 39.37 17.10
C37 MC3 DB . -3.26 40.22 18.14
C38 MC3 DB . -3.09 41.69 17.77
C39 MC3 DB . -2.29 42.48 18.79
C40 MC3 DB . -0.91 41.89 18.95
C41 MC3 DB . 0.10 42.91 19.41
C42 MC3 DB . 0.11 43.11 20.90
C43 MC3 DB . 1.31 43.95 21.31
C31 MC3 EB . 10.90 40.99 -3.59
C32 MC3 EB . 11.97 40.61 -2.61
C33 MC3 EB . 13.00 41.68 -2.36
C34 MC3 EB . 13.71 41.49 -1.03
C35 MC3 EB . 14.68 42.62 -0.69
C36 MC3 EB . 15.39 42.39 0.64
C37 MC3 EB . 16.33 43.54 1.02
C38 MC3 EB . 17.05 43.29 2.34
C39 MC3 EB . 18.08 44.35 2.68
C40 MC3 EB . 19.01 43.93 3.81
H321 MC3 EB . 12.39 39.79 -2.93
H322 MC3 EB . 11.53 40.36 -1.78
H331 MC3 EB . 13.66 41.69 -3.08
H332 MC3 EB . 12.58 42.56 -2.38
H341 MC3 EB . 14.19 40.65 -1.04
H342 MC3 EB . 13.04 41.41 -0.32
H351 MC3 EB . 14.20 43.45 -0.67
H352 MC3 EB . 15.34 42.70 -1.40
H361 MC3 EB . 14.74 42.27 1.34
H362 MC3 EB . 15.90 41.57 0.60
H371 MC3 EB . 16.98 43.67 0.32
H372 MC3 EB . 15.82 44.36 1.08
H381 MC3 EB . 16.40 43.23 3.06
H382 MC3 EB . 17.49 42.42 2.31
H391 MC3 EB . 18.60 44.56 1.89
H392 MC3 EB . 17.63 45.17 2.93
H401 MC3 EB . 19.30 44.73 4.30
H402 MC3 EB . 18.53 43.39 4.45
C1 ACD FB . 26.80 36.49 20.75
C2 ACD FB . 25.43 35.89 20.40
C3 ACD FB . 25.37 34.38 20.31
C4 ACD FB . 24.00 33.87 19.84
C5 ACD FB . 23.32 33.01 20.85
C6 ACD FB . 22.10 32.49 20.79
C7 ACD FB . 21.09 32.67 19.70
C8 ACD FB . 20.10 31.53 19.70
C9 ACD FB . 20.35 30.22 19.67
C10 ACD FB . 21.69 29.55 19.63
C11 ACD FB . 22.05 29.01 20.98
C12 ACD FB . 22.35 27.74 21.28
C13 ACD FB . 22.38 26.56 20.38
C14 ACD FB . 20.99 26.22 19.89
C15 ACD FB . 20.19 25.25 20.31
C16 ACD FB . 20.44 24.22 21.37
C17 ACD FB . 19.39 24.27 22.48
C18 ACD FB . 19.55 23.14 23.49
C19 ACD FB . 18.39 23.05 24.47
C20 ACD FB . 17.49 21.85 24.21
O1 ACD FB . 27.68 35.73 21.19
O2 ACD FB . 26.92 37.73 20.54
H21 ACD FB . 25.12 36.29 19.57
H22 ACD FB . 24.80 36.20 21.07
H31 ACD FB . 25.59 33.99 21.17
H32 ACD FB . 26.06 34.07 19.70
H41 ACD FB . 24.13 33.36 19.02
H42 ACD FB . 23.45 34.63 19.59
H5 ACD FB . 23.83 32.80 21.61
H6 ACD FB . 21.81 31.97 21.51
H71 ACD FB . 21.53 32.69 18.83
H72 ACD FB . 20.64 33.51 19.80
H8 ACD FB . 19.20 31.80 19.73
H9 ACD FB . 19.62 29.64 19.68
H101 ACD FB . 22.37 30.17 19.33
H102 ACD FB . 21.66 28.84 18.96
H11 ACD FB . 22.07 29.64 21.66
H12 ACD FB . 22.56 27.55 22.18
H131 ACD FB . 22.76 25.78 20.82
H132 ACD FB . 22.96 26.74 19.62
H14 ACD FB . 20.68 26.78 19.21
H15 ACD FB . 19.36 25.18 19.91
H161 ACD FB . 20.49 23.32 21.00
H162 ACD FB . 21.32 24.38 21.77
H171 ACD FB . 18.52 24.22 22.09
H172 ACD FB . 19.45 25.13 22.93
H181 ACD FB . 20.38 23.27 23.99
H182 ACD FB . 19.65 22.30 23.02
H191 ACD FB . 17.86 23.86 24.43
H192 ACD FB . 18.73 23.00 25.38
H201 ACD FB . 16.75 21.81 24.83
H202 ACD FB . 17.12 21.88 23.31
H203 ACD FB . 17.99 21.02 24.28
C39 MC3 GB . -4.11 39.20 21.29
C40 MC3 GB . -3.95 39.30 22.80
C41 MC3 GB . -2.98 40.42 23.14
C42 MC3 GB . -2.21 40.16 24.41
C43 MC3 GB . -0.98 41.02 24.36
C44 MC3 GB . -0.04 40.82 25.51
C35 MC3 HB . 27.19 47.46 12.55
C36 MC3 HB . 28.24 48.36 11.94
C37 MC3 HB . 28.96 49.25 12.94
C38 MC3 HB . 29.94 50.15 12.20
C39 MC3 HB . 30.51 51.30 13.03
C40 MC3 HB . 31.63 52.02 12.27
C41 MC3 HB . 32.06 53.33 12.92
C42 MC3 HB . 32.76 53.10 14.26
C31 MC3 IB . -8.18 27.65 24.64
C32 MC3 IB . -8.00 28.88 23.78
C33 MC3 IB . -6.75 28.98 22.91
C34 MC3 IB . -5.42 29.01 23.62
C35 MC3 IB . -5.04 30.34 24.18
C36 MC3 IB . -3.69 30.14 24.77
C37 MC3 IB . -3.28 31.24 25.69
C38 MC3 IB . -1.95 30.83 26.20
C39 MC3 IB . -1.28 31.71 27.22
C40 MC3 IB . 0.05 31.07 27.35
C41 MC3 IB . 1.06 31.69 28.28
C42 MC3 IB . 2.31 30.82 28.24
C43 MC3 IB . 2.58 30.48 26.79
C44 MC3 IB . 3.92 29.90 26.46
C31 MC3 JB . -8.67 29.18 28.26
C32 MC3 JB . -8.16 29.73 29.56
C33 MC3 JB . -6.78 30.26 29.31
C34 MC3 JB . -6.23 30.95 30.51
C35 MC3 JB . -4.77 31.23 30.28
C36 MC3 JB . -4.17 32.01 31.43
C37 MC3 JB . -2.68 31.97 31.33
C38 MC3 JB . -2.01 32.64 32.48
C39 MC3 JB . -0.59 32.57 32.09
C40 MC3 JB . 0.34 33.36 33.01
C41 MC3 JB . -0.14 34.69 33.55
C42 MC3 JB . 0.86 35.30 34.49
C33 MC3 KB . -4.88 7.54 35.74
C34 MC3 KB . -4.01 7.34 36.97
C35 MC3 KB . -3.64 8.63 37.67
C36 MC3 KB . -2.80 8.43 38.92
C37 MC3 KB . -2.32 9.71 39.55
C38 MC3 KB . -1.18 9.51 40.54
C39 MC3 KB . -0.42 10.78 40.87
C40 MC3 KB . 0.92 10.52 41.56
C41 MC3 KB . 1.64 11.78 41.98
C42 MC3 KB . 3.00 11.51 42.62
C43 MC3 KB . 3.69 12.77 43.14
H331 MC3 KB . -5.69 7.00 35.82
H332 MC3 KB . -5.18 8.47 35.71
H341 MC3 KB . -4.45 6.75 37.59
H342 MC3 KB . -3.19 6.87 36.70
H351 MC3 KB . -3.18 9.21 37.06
H352 MC3 KB . -4.46 9.11 37.91
H361 MC3 KB . -3.32 7.92 39.57
H362 MC3 KB . -2.04 7.87 38.70
H371 MC3 KB . -2.03 10.33 38.86
H372 MC3 KB . -3.06 10.16 40.01
H381 MC3 KB . -1.53 9.12 41.35
H382 MC3 KB . -0.56 8.85 40.17
H391 MC3 KB . -0.25 11.29 40.05
H392 MC3 KB . -0.96 11.35 41.44
H401 MC3 KB . 1.49 9.99 40.96
H402 MC3 KB . 0.76 9.96 42.34
H411 MC3 KB . 1.77 12.35 41.21
H412 MC3 KB . 1.09 12.28 42.59
H421 MC3 KB . 2.88 10.88 43.34
H422 MC3 KB . 3.58 11.08 41.97
H431 MC3 KB . 4.37 13.04 42.52
H432 MC3 KB . 3.04 13.49 43.17
C32 MC3 LB . -8.05 10.69 36.80
C33 MC3 LB . -7.87 11.92 37.67
C34 MC3 LB . -6.66 11.78 38.60
C35 MC3 LB . -6.19 13.08 39.25
C36 MC3 LB . -7.13 13.71 40.24
C37 MC3 LB . -6.34 14.23 41.41
C38 MC3 LB . -6.97 15.39 42.16
C39 MC3 LB . -6.08 15.96 43.26
C40 MC3 LB . -4.79 16.46 42.68
C41 MC3 LB . -4.16 17.55 43.50
C42 MC3 LB . -3.35 17.03 44.66
C43 MC3 LB . -2.55 18.15 45.30
C31 MC3 MB . -9.33 33.60 24.40
C32 MC3 MB . -7.84 33.65 24.59
C33 MC3 MB . -7.35 34.90 25.31
C34 MC3 MB . -5.98 34.66 25.94
C35 MC3 MB . -5.50 35.85 26.77
C36 MC3 MB . -4.12 35.61 27.37
C37 MC3 MB . -3.63 36.75 28.26
C38 MC3 MB . -2.24 36.52 28.83
C39 MC3 MB . -1.70 37.70 29.61
C40 MC3 MB . -0.20 37.58 29.90
H321 MC3 MB . -7.43 33.58 23.71
H322 MC3 MB . -7.58 32.85 25.06
H331 MC3 MB . -7.30 35.64 24.70
H332 MC3 MB . -7.98 35.15 26.00
H341 MC3 MB . -5.33 34.48 25.24
H342 MC3 MB . -6.01 33.87 26.49
H351 MC3 MB . -6.13 36.02 27.48
H352 MC3 MB . -5.47 36.64 26.22
H361 MC3 MB . -4.13 34.79 27.90
H362 MC3 MB . -3.47 35.47 26.67
H371 MC3 MB . -3.64 37.58 27.75
H372 MC3 MB . -4.27 36.89 28.99
H381 MC3 MB . -2.27 35.73 29.41
H382 MC3 MB . -1.64 36.30 28.11
H391 MC3 MB . -1.86 38.52 29.12
H392 MC3 MB . -2.17 37.78 30.45
H401 MC3 MB . 0.00 38.04 30.73
H402 MC3 MB . 0.02 36.64 30.05
C1 ACD NB . 18.13 30.92 34.58
C2 ACD NB . 17.17 29.79 34.20
C3 ACD NB . 17.63 28.88 33.07
C4 ACD NB . 16.56 27.86 32.66
C5 ACD NB . 16.98 26.44 32.87
C6 ACD NB . 16.25 25.34 32.72
C7 ACD NB . 14.82 25.24 32.29
C8 ACD NB . 14.52 23.90 31.69
C9 ACD NB . 15.17 23.28 30.69
C10 ACD NB . 16.35 23.79 29.92
C11 ACD NB . 17.62 23.12 30.37
C12 ACD NB . 18.47 22.42 29.64
C13 ACD NB . 18.39 22.12 28.17
C14 ACD NB . 17.23 21.20 27.88
C15 ACD NB . 17.26 19.90 27.64
C16 ACD NB . 18.45 18.98 27.58
C17 ACD NB . 18.34 17.83 28.57
C18 ACD NB . 19.46 16.81 28.43
C19 ACD NB . 19.23 15.55 29.26
C20 ACD NB . 18.88 14.34 28.41
O1 ACD NB . 19.31 30.85 34.17
O2 ACD NB . 17.65 31.83 35.29
H21 ACD NB . 16.31 30.18 33.97
H22 ACD NB . 17.00 29.26 34.99
H31 ACD NB . 18.43 28.41 33.33
H32 ACD NB . 17.87 29.41 32.30
H41 ACD NB . 16.35 27.98 31.72
H42 ACD NB . 15.73 28.05 33.14
H5 ACD NB . 17.87 26.33 33.14
H6 ACD NB . 16.67 24.52 32.88
H71 ACD NB . 14.61 25.92 31.63
H72 ACD NB . 14.25 25.41 33.05
H8 ACD NB . 13.81 23.45 32.07
H9 ACD NB . 14.86 22.45 30.43
H101 ACD NB . 16.45 24.75 30.02
H102 ACD NB . 16.20 23.63 28.97
H11 ACD NB . 17.80 23.22 31.28
H12 ACD NB . 19.22 22.06 30.07
H131 ACD NB . 19.21 21.71 27.85
H132 ACD NB . 18.30 22.95 27.69
H14 ACD NB . 16.40 21.63 27.88
H15 ACD NB . 16.45 19.47 27.48
H161 ACD NB . 18.59 18.63 26.69
H162 ACD NB . 19.25 19.49 27.79
H171 ACD NB . 17.48 17.38 28.46
H172 ACD NB . 18.33 18.19 29.48
H181 ACD NB . 20.30 17.22 28.70
H182 ACD NB . 19.57 16.57 27.50
H191 ACD NB . 18.53 15.72 29.91
H192 ACD NB . 20.03 15.36 29.78
H201 ACD NB . 18.73 13.56 28.95
H202 ACD NB . 18.06 14.51 27.91
H203 ACD NB . 19.58 14.14 27.78
C39 MC3 OB . -4.72 11.67 42.99
C40 MC3 OB . -3.74 11.20 44.06
C41 MC3 OB . -3.25 12.36 44.88
C42 MC3 OB . -1.86 12.16 45.41
C43 MC3 OB . -1.31 13.53 45.74
C44 MC3 OB . 0.12 13.54 46.19
C35 MC3 PB . 9.55 41.36 36.70
C36 MC3 PB . 9.61 42.88 36.72
C37 MC3 PB . 10.39 43.45 37.89
C38 MC3 PB . 10.32 44.99 37.82
C39 MC3 PB . 10.81 45.69 39.08
C40 MC3 PB . 10.89 47.21 38.85
C41 MC3 PB . 11.11 48.00 40.13
C42 MC3 PB . 12.48 47.75 40.76
C31 MC3 QB . -23.40 -27.94 10.48
C32 MC3 QB . -22.56 -29.16 10.20
C33 MC3 QB . -21.83 -29.24 8.87
C34 MC3 QB . -22.68 -29.27 7.61
C35 MC3 QB . -23.27 -30.60 7.29
C36 MC3 QB . -23.99 -30.40 6.01
C37 MC3 QB . -24.94 -31.50 5.69
C38 MC3 QB . -25.59 -31.08 4.41
C39 MC3 QB . -26.67 -31.97 3.85
C40 MC3 QB . -26.95 -31.32 2.54
C41 MC3 QB . -27.97 -31.94 1.63
C42 MC3 QB . -28.07 -31.06 0.40
C43 MC3 QB . -26.66 -30.70 -0.02
C44 MC3 QB . -26.48 -30.11 -1.38
C31 MC3 RB . -26.94 -29.51 11.34
C32 MC3 RB . -28.28 -30.06 10.96
C33 MC3 RB . -28.18 -30.59 9.56
C34 MC3 RB . -29.43 -31.28 9.12
C35 MC3 RB . -29.35 -31.54 7.65
C36 MC3 RB . -30.55 -32.33 7.18
C37 MC3 RB . -30.61 -32.28 5.68
C38 MC3 RB . -31.81 -32.95 5.12
C39 MC3 RB . -31.58 -32.87 3.67
C40 MC3 RB . -32.58 -33.66 2.84
C41 MC3 RB . -33.05 -34.99 3.36
C42 MC3 RB . -34.09 -35.61 2.46
C33 MC3 SB . -34.97 -7.91 8.56
C34 MC3 SB . -36.28 -7.71 7.82
C35 MC3 SB . -37.01 -9.01 7.52
C36 MC3 SB . -38.33 -8.80 6.82
C37 MC3 SB . -39.00 -10.10 6.39
C38 MC3 SB . -40.11 -9.89 5.36
C39 MC3 SB . -40.51 -11.16 4.63
C40 MC3 SB . -41.33 -10.89 3.38
C41 MC3 SB . -41.82 -12.16 2.68
C42 MC3 SB . -42.60 -11.88 1.41
C43 MC3 SB . -43.19 -13.14 0.78
H331 MC3 SB . -34.96 -7.37 9.38
H332 MC3 SB . -34.89 -8.84 8.84
H341 MC3 SB . -36.85 -7.13 8.34
H342 MC3 SB . -36.10 -7.24 6.98
H351 MC3 SB . -36.44 -9.58 6.98
H352 MC3 SB . -37.15 -9.49 8.36
H361 MC3 SB . -38.93 -8.31 7.41
H362 MC3 SB . -38.20 -8.24 6.04
H371 MC3 SB . -38.34 -10.70 6.03
H372 MC3 SB . -39.38 -10.55 7.17
H381 MC3 SB . -40.88 -9.52 5.80
H382 MC3 SB . -39.82 -9.22 4.71
H391 MC3 SB . -39.71 -11.65 4.39
H392 MC3 SB . -41.00 -11.73 5.23
H401 MC3 SB . -40.81 -10.36 2.76
H402 MC3 SB . -42.10 -10.34 3.62
H411 MC3 SB . -41.06 -12.72 2.48
H412 MC3 SB . -42.37 -12.67 3.30
H421 MC3 SB . -43.31 -11.25 1.60
H422 MC3 SB . -42.03 -11.43 0.77
H431 MC3 SB . -42.63 -13.40 0.02
H432 MC3 SB . -43.13 -13.87 1.41
C32 MC3 TB . -35.65 -11.09 11.80
C33 MC3 TB . -36.54 -12.33 11.70
C34 MC3 TB . -37.57 -12.19 10.59
C35 MC3 TB . -38.26 -13.48 10.18
C36 MC3 TB . -39.14 -14.13 11.21
C37 MC3 TB . -40.39 -14.67 10.54
C38 MC3 TB . -41.06 -15.83 11.24
C39 MC3 TB . -42.24 -16.41 10.47
C40 MC3 TB . -41.79 -16.89 9.12
C41 MC3 TB . -42.67 -17.98 8.57
C42 MC3 TB . -43.91 -17.46 7.88
C43 MC3 TB . -44.62 -18.59 7.15
C31 MC3 UB . -23.00 -33.90 11.55
C32 MC3 UB . -23.34 -33.94 10.09
C33 MC3 UB . -24.10 -35.19 9.66
C34 MC3 UB . -24.87 -34.94 8.36
C35 MC3 UB . -25.74 -36.14 7.96
C36 MC3 UB . -26.49 -35.90 6.66
C37 MC3 UB . -27.41 -37.05 6.26
C38 MC3 UB . -28.13 -36.80 4.94
C39 MC3 UB . -28.96 -37.98 4.46
C40 MC3 UB . -29.40 -37.85 3.01
H321 MC3 UB . -22.51 -33.86 9.58
H322 MC3 UB . -23.85 -33.14 9.87
H331 MC3 UB . -23.48 -35.92 9.54
H332 MC3 UB . -24.72 -35.45 10.36
H341 MC3 UB . -24.24 -34.75 7.65
H342 MC3 UB . -25.43 -34.16 8.46
H351 MC3 UB . -26.38 -36.32 8.67
H352 MC3 UB . -25.18 -36.93 7.88
H361 MC3 UB . -27.01 -35.09 6.73
H362 MC3 UB . -25.85 -35.74 5.94
H371 MC3 UB . -26.89 -37.86 6.20
H372 MC3 UB . -28.07 -37.19 6.96
H381 MC3 UB . -28.70 -36.02 5.03
H382 MC3 UB . -27.47 -36.57 4.26
H391 MC3 UB . -28.45 -38.80 4.57
H392 MC3 UB . -29.74 -38.08 5.03
H401 MC3 UB . -30.24 -38.32 2.89
H402 MC3 UB . -29.58 -36.92 2.81
C1 ACD VB . -36.05 -31.08 -14.66
C2 ACD VB . -35.58 -29.96 -13.73
C3 ACD VB . -34.52 -29.04 -14.30
C4 ACD VB . -34.00 -28.03 -13.27
C5 ACD VB . -34.26 -26.60 -13.67
C6 ACD VB . -34.04 -25.50 -12.94
C7 ACD VB . -33.46 -25.42 -11.56
C8 ACD VB . -32.85 -24.07 -11.32
C9 ACD VB . -31.93 -23.44 -12.06
C10 ACD VB . -31.28 -23.93 -13.32
C11 ACD VB . -31.88 -23.26 -14.52
C12 ACD VB . -31.24 -22.54 -15.45
C13 ACD VB . -29.78 -22.22 -15.51
C14 ACD VB . -29.38 -21.32 -14.39
C15 ACD VB . -29.14 -20.00 -14.43
C16 ACD VB . -29.22 -19.09 -15.62
C17 ACD VB . -30.21 -17.94 -15.38
C18 ACD VB . -30.20 -16.91 -16.50
C19 ACD VB . -31.00 -15.66 -16.18
C20 ACD VB . -30.13 -14.44 -15.90
O1 ACD VB . -35.76 -31.00 -15.88
O2 ACD VB . -36.69 -32.00 -14.12
H21 ACD VB . -35.26 -30.36 -12.91
H22 ACD VB . -36.35 -29.44 -13.47
H31 ACD VB . -34.86 -28.56 -15.07
H32 ACD VB . -33.77 -29.55 -14.63
H41 ACD VB . -33.04 -28.14 -13.17
H42 ACD VB . -34.39 -28.22 -12.41
H5 ACD VB . -34.63 -26.48 -14.50
H6 ACD VB . -34.26 -24.68 -13.32
H71 ACD VB . -32.79 -26.10 -11.42
H72 ACD VB . -34.16 -25.59 -10.91
H8 ACD VB . -33.16 -23.63 -10.56
H9 ACD VB . -31.64 -22.60 -11.78
H101 ACD VB . -31.39 -24.89 -13.41
H102 ACD VB . -30.33 -23.76 -13.26
H11 ACD VB . -32.80 -23.36 -14.61
H12 ACD VB . -31.75 -22.17 -16.14
H131 ACD VB . -29.54 -21.81 -16.36
H132 ACD VB . -29.27 -23.06 -15.48
H14 ACD VB . -29.28 -21.74 -13.57
H15 ACD VB . -28.90 -19.59 -13.64
H161 ACD VB . -28.35 -18.72 -15.84
H162 ACD VB . -29.50 -19.59 -16.39
H171 ACD VB . -30.00 -17.50 -14.54
H172 ACD VB . -31.10 -18.30 -15.28
H181 ACD VB . -30.54 -17.32 -17.32
H182 ACD VB . -29.28 -16.66 -16.70
H191 ACD VB . -31.57 -15.84 -15.42
H192 ACD VB . -31.60 -15.47 -16.92
H201 ACD VB . -30.66 -13.67 -15.69
H202 ACD VB . -29.54 -14.61 -15.15
H203 ACD VB . -29.57 -14.23 -16.67
C39 MC3 WB . -42.16 -12.11 9.13
C40 MC3 WB . -43.32 -11.63 8.27
C41 MC3 WB . -44.19 -12.81 7.86
C42 MC3 WB . -44.85 -12.58 6.53
C43 MC3 WB . -45.22 -13.97 6.02
C44 MC3 WB . -45.84 -13.96 4.64
C35 MC3 XB . -37.16 -41.62 -6.00
C36 MC3 XB . -37.17 -43.13 -6.08
C37 MC3 XB . -38.41 -43.72 -6.74
C38 MC3 XB . -38.33 -45.24 -6.68
C39 MC3 XB . -39.63 -45.97 -7.03
C40 MC3 XB . -39.40 -47.47 -7.16
C41 MC3 XB . -40.69 -48.28 -7.25
C42 MC3 XB . -41.44 -48.02 -8.54
C31 MC3 YB . -37.53 -0.88 5.40
C32 MC3 YB . -37.67 -2.12 6.24
C33 MC3 YB . -36.95 -3.39 5.81
C34 MC3 YB . -37.32 -3.98 4.48
C35 MC3 YB . -38.56 -4.80 4.48
C36 MC3 YB . -38.70 -5.32 3.09
C37 MC3 YB . -40.05 -5.86 2.80
C38 MC3 YB . -39.99 -6.28 1.37
C39 MC3 YB . -41.25 -6.81 0.74
C40 MC3 YB . -40.75 -7.24 -0.61
C41 MC3 YB . -41.71 -7.87 -1.56
C42 MC3 YB . -40.95 -8.19 -2.83
C43 MC3 YB . -39.62 -8.80 -2.44
C44 MC3 YB . -38.83 -9.46 -3.52
C31 MC3 ZB . -41.29 0.07 4.57
C32 MC3 ZB . -42.54 -0.04 3.77
C33 MC3 ZB . -42.54 -1.39 3.11
C34 MC3 ZB . -43.81 -1.66 2.37
C35 MC3 ZB . -43.64 -2.89 1.53
C36 MC3 ZB . -44.93 -3.26 0.85
C37 MC3 ZB . -44.64 -4.27 -0.23
C38 MC3 ZB . -45.84 -4.62 -1.03
C39 MC3 ZB . -45.33 -5.68 -1.91
C40 MC3 ZB . -46.41 -6.38 -2.72
C41 MC3 ZB . -47.75 -6.65 -2.07
C42 MC3 ZB . -48.72 -7.28 -3.03
C33 MC3 AC . -32.07 14.10 -11.46
C34 MC3 AC . -32.73 14.18 -12.83
C35 MC3 AC . -34.06 13.44 -12.88
C36 MC3 AC . -34.74 13.56 -14.24
C37 MC3 AC . -36.00 12.72 -14.36
C38 MC3 AC . -36.44 12.52 -15.81
C39 MC3 AC . -37.44 11.38 -15.99
C40 MC3 AC . -37.61 10.97 -17.45
C41 MC3 AC . -38.66 9.89 -17.65
C42 MC3 AC . -38.78 9.44 -19.11
C43 MC3 AC . -39.91 8.44 -19.33
H331 MC3 AC . -31.87 15.00 -11.14
H332 MC3 AC . -32.69 13.70 -10.82
H341 MC3 AC . -32.86 15.10 -13.06
H342 MC3 AC . -32.13 13.80 -13.49
H351 MC3 AC . -33.93 12.51 -12.67
H352 MC3 AC . -34.65 13.79 -12.20
H361 MC3 AC . -34.95 14.49 -14.41
H362 MC3 AC . -34.11 13.30 -14.93
H371 MC3 AC . -35.85 11.86 -13.95
H372 MC3 AC . -36.72 13.14 -13.87
H381 MC3 AC . -36.84 13.35 -16.14
H382 MC3 AC . -35.67 12.36 -16.37
H391 MC3 AC . -37.14 10.62 -15.47
H392 MC3 AC . -38.30 11.64 -15.63
H401 MC3 AC . -36.75 10.65 -17.78
H402 MC3 AC . -37.83 11.75 -17.98
H411 MC3 AC . -38.44 9.12 -17.10
H412 MC3 AC . -39.51 10.21 -17.34
H421 MC3 AC . -38.91 10.22 -19.67
H422 MC3 AC . -37.94 9.04 -19.38
H431 MC3 AC . -39.54 7.55 -19.40
H432 MC3 AC . -40.49 8.44 -18.56
C32 MC3 BC . -35.32 14.71 -8.28
C33 MC3 BC . -36.77 14.23 -8.34
C34 MC3 BC . -37.20 13.91 -9.76
C35 MC3 BC . -38.47 13.08 -9.88
C36 MC3 BC . -39.75 13.74 -9.41
C37 MC3 BC . -40.86 13.40 -10.39
C38 MC3 BC . -42.27 13.43 -9.80
C39 MC3 BC . -43.34 12.98 -10.78
C40 MC3 BC . -43.08 11.57 -11.21
C41 MC3 BC . -44.32 10.85 -11.64
C42 MC3 BC . -44.74 11.13 -13.06
C43 MC3 BC . -45.85 10.19 -13.49
C31 MC3 CC . -41.42 -3.88 8.96
C32 MC3 CC . -41.41 -4.81 7.78
C33 MC3 CC . -42.70 -5.59 7.58
C34 MC3 CC . -42.84 -6.07 6.15
C35 MC3 CC . -44.17 -6.76 5.88
C36 MC3 CC . -44.29 -7.27 4.44
C37 MC3 CC . -45.65 -7.90 4.13
C38 MC3 CC . -45.74 -8.42 2.70
C39 MC3 CC . -47.02 -9.18 2.40
C40 MC3 CC . -46.96 -9.97 1.10
H321 MC3 CC . -40.66 -5.43 7.90
H322 MC3 CC . -41.20 -4.29 6.99
H331 MC3 CC . -42.73 -6.34 8.19
H332 MC3 CC . -43.46 -5.03 7.81
H341 MC3 CC . -42.11 -6.69 5.95
H342 MC3 CC . -42.73 -5.33 5.54
H351 MC3 CC . -44.90 -6.14 6.06
H352 MC3 CC . -44.29 -7.50 6.49
H361 MC3 CC . -44.14 -6.53 3.83
H362 MC3 CC . -43.59 -7.91 4.27
H371 MC3 CC . -45.81 -8.63 4.75
H372 MC3 CC . -46.36 -7.25 4.28
H381 MC3 CC . -45.65 -7.68 2.09
H382 MC3 CC . -44.98 -9.01 2.53
H391 MC3 CC . -47.23 -9.78 3.14
H392 MC3 CC . -47.76 -8.54 2.37
H401 MC3 CC . -47.86 -10.02 0.73
H402 MC3 CC . -46.43 -9.47 0.46
C1 ACD DC . -43.71 -15.94 -17.77
C2 ACD DC . -42.81 -14.77 -17.35
C3 ACD DC . -41.31 -15.01 -17.50
C4 ACD DC . -40.48 -13.85 -16.94
C5 ACD DC . -39.64 -13.17 -17.99
C6 ACD DC . -38.89 -12.08 -17.84
C7 ACD DC . -38.69 -11.27 -16.60
C8 ACD DC . -37.39 -10.51 -16.66
C9 ACD DC . -36.17 -10.98 -16.89
C10 ACD DC . -35.78 -12.41 -17.15
C11 ACD DC . -35.52 -12.64 -18.61
C12 ACD DC . -34.41 -13.10 -19.17
C13 ACD DC . -33.13 -13.50 -18.48
C14 ACD DC . -32.46 -12.29 -17.88
C15 ACD DC . -31.41 -11.61 -18.34
C16 ACD DC . -30.61 -11.86 -19.59
C17 ACD DC . -30.60 -10.64 -20.51
C18 ACD DC . -29.68 -10.82 -21.72
C19 ACD DC . -29.49 -9.55 -22.52
C20 ACD DC . -28.11 -8.93 -22.34
O1 ACD DC . -43.20 -16.85 -18.45
O2 ACD DC . -44.90 -15.87 -17.38
H21 ACD DC . -43.01 -14.55 -16.43
H22 ACD DC . -43.07 -13.99 -17.86
H31 ACD DC . -41.10 -15.14 -18.44
H32 ACD DC . -41.06 -15.84 -17.06
H41 ACD DC . -39.89 -14.20 -16.26
H42 ACD DC . -41.06 -13.22 -16.50
H5 ACD DC . -39.65 -13.57 -18.82
H6 ACD DC . -38.42 -11.78 -18.59
H71 ACD DC . -38.68 -11.83 -15.81
H72 ACD DC . -39.44 -10.66 -16.49
H8 ACD DC . -37.48 -9.59 -16.51
H9 ACD DC . -35.46 -10.38 -16.89
H101 ACD DC . -36.48 -13.02 -16.85
H102 ACD DC . -35.00 -12.63 -16.62
H11 ACD DC . -36.23 -12.43 -19.17
H12 ACD DC . -34.39 -13.18 -20.10
H131 ACD DC . -32.52 -13.92 -19.10
H132 ACD DC . -33.33 -14.15 -17.81
H14 ACD DC . -32.84 -12.00 -17.08
H15 ACD DC . -31.12 -10.89 -17.85
H161 ACD DC . -29.70 -12.12 -19.38
H162 ACD DC . -31.01 -12.61 -20.06
H171 ACD DC . -30.32 -9.87 -20.02
H172 ACD DC . -31.51 -10.47 -20.82
H181 ACD DC . -30.05 -11.52 -22.30
H182 ACD DC . -28.82 -11.15 -21.42
H191 ACD DC . -30.17 -8.90 -22.26
H192 ACD DC . -29.65 -9.74 -23.46
H201 ACD DC . -28.01 -8.12 -22.86
H202 ACD DC . -27.95 -8.72 -21.41
H203 ACD DC . -27.42 -9.55 -22.63
C39 MC3 EC . -40.15 14.60 -13.51
C40 MC3 EC . -40.49 14.70 -14.99
C41 MC3 EC . -41.82 14.03 -15.27
C42 MC3 EC . -41.89 13.46 -16.65
C43 MC3 EC . -42.97 12.40 -16.62
C44 MC3 EC . -43.13 11.64 -17.92
C35 MC3 FC . -53.26 -15.76 -7.96
C36 MC3 FC . -54.26 -16.73 -7.36
C37 MC3 FC . -55.41 -17.10 -8.29
C38 MC3 FC . -56.38 -18.02 -7.54
C39 MC3 FC . -57.73 -18.22 -8.25
C40 MC3 FC . -58.54 -19.31 -7.54
C41 MC3 FC . -59.99 -19.38 -8.00
C42 MC3 FC . -60.11 -19.86 -9.44
C31 MC3 GC . -28.59 17.05 -18.17
C32 MC3 GC . -29.69 16.95 -17.15
C33 MC3 GC . -29.93 15.61 -16.46
C34 MC3 GC . -30.33 14.45 -17.33
C35 MC3 GC . -31.76 14.41 -17.71
C36 MC3 GC . -31.94 13.17 -18.51
C37 MC3 GC . -33.21 13.13 -19.27
C38 MC3 GC . -33.16 11.84 -20.03
C39 MC3 GC . -34.30 11.53 -20.96
C40 MC3 GC . -33.96 10.14 -21.40
C41 MC3 GC . -34.88 9.43 -22.33
C42 MC3 GC . -34.29 8.06 -22.60
C43 MC3 GC . -33.82 7.49 -21.30
C44 MC3 GC . -33.48 6.03 -21.27
C31 MC3 HC . -30.48 18.42 -21.38
C32 MC3 HC . -31.30 18.24 -22.62
C33 MC3 HC . -32.06 16.95 -22.49
C34 MC3 HC . -33.02 16.74 -23.61
C35 MC3 HC . -33.54 15.34 -23.56
C36 MC3 HC . -34.59 15.10 -24.61
C37 MC3 HC . -34.83 13.63 -24.74
C38 MC3 HC . -35.78 13.29 -25.83
C39 MC3 HC . -35.95 11.84 -25.66
C40 MC3 HC . -37.03 11.24 -26.55
C41 MC3 HC . -38.29 12.03 -26.79
C42 MC3 HC . -39.23 11.33 -27.74
C33 MC3 IC . -11.33 12.16 -32.89
C34 MC3 IC . -11.48 11.49 -34.24
C35 MC3 IC . -12.91 11.49 -34.76
C36 MC3 IC . -13.06 10.85 -36.14
C37 MC3 IC . -14.50 10.72 -36.60
C38 MC3 IC . -14.66 9.74 -37.76
C39 MC3 IC . -16.09 9.28 -37.97
C40 MC3 IC . -16.20 8.06 -38.87
C41 MC3 IC . -17.64 7.65 -39.17
C42 MC3 IC . -17.74 6.40 -40.02
C43 MC3 IC . -19.17 6.05 -40.42
H331 MC3 IC . -10.66 12.86 -32.95
H332 MC3 IC . -12.16 12.61 -32.66
H341 MC3 IC . -10.91 11.93 -34.89
H342 MC3 IC . -11.16 10.58 -34.18
H351 MC3 IC . -13.48 11.03 -34.12
H352 MC3 IC . -13.23 12.40 -34.80
H361 MC3 IC . -12.56 11.37 -36.79
H362 MC3 IC . -12.64 9.97 -36.12
H371 MC3 IC . -15.05 10.43 -35.86
H372 MC3 IC . -14.83 11.59 -36.87
H381 MC3 IC . -14.33 10.15 -38.57
H382 MC3 IC . -14.10 8.96 -37.60
H391 MC3 IC . -16.50 9.08 -37.11
H392 MC3 IC . -16.61 10.01 -38.35
H401 MC3 IC . -15.73 7.32 -38.47
H402 MC3 IC . -15.74 8.25 -39.70
H411 MC3 IC . -18.11 7.51 -38.33
H412 MC3 IC . -18.10 8.38 -39.60
H421 MC3 IC . -17.20 6.52 -40.83
H422 MC3 IC . -17.35 5.66 -39.55
H431 MC3 IC . -19.49 5.33 -39.86
H432 MC3 IC . -19.74 6.81 -40.23
C32 MC3 JC . -13.89 15.97 -32.94
C33 MC3 JC . -15.23 16.17 -33.62
C34 MC3 JC . -15.47 15.13 -34.71
C35 MC3 JC . -16.91 15.01 -35.19
C36 MC3 JC . -17.49 16.21 -35.91
C37 MC3 JC . -18.31 15.73 -37.07
C38 MC3 JC . -19.42 16.68 -37.52
C39 MC3 JC . -20.30 16.11 -38.62
C40 MC3 JC . -20.96 14.85 -38.16
C41 MC3 JC . -22.26 14.57 -38.86
C42 MC3 JC . -22.09 13.89 -40.19
C43 MC3 JC . -23.42 13.42 -40.73
C31 MC3 KC . -34.08 19.19 -16.77
C32 MC3 KC . -34.47 17.79 -17.14
C33 MC3 KC . -35.87 17.65 -17.72
C34 MC3 KC . -36.02 16.39 -18.56
C35 MC3 KC . -37.38 16.28 -19.23
C36 MC3 KC . -37.52 15.00 -20.05
C37 MC3 KC . -38.85 14.89 -20.79
C38 MC3 KC . -38.98 13.59 -21.58
C39 MC3 KC . -40.35 13.40 -22.22
C40 MC3 KC . -40.57 11.98 -22.73
H321 MC3 KC . -34.37 17.22 -16.36
H322 MC3 KC . -33.82 17.46 -17.78
H331 MC3 KC . -36.53 17.63 -16.99
H332 MC3 KC . -36.09 18.43 -18.26
H341 MC3 KC . -35.87 15.61 -18.00
H342 MC3 KC . -35.32 16.37 -19.23
H351 MC3 KC . -37.52 17.04 -19.81
H352 MC3 KC . -38.07 16.30 -18.56
H361 MC3 KC . -36.79 14.95 -20.70
H362 MC3 KC . -37.40 14.23 -19.47
H371 MC3 KC . -39.57 14.95 -20.15
H372 MC3 KC . -38.95 15.64 -21.39
H381 MC3 KC . -38.30 13.57 -22.27
H382 MC3 KC . -38.79 12.84 -21.00
H391 MC3 KC . -41.04 13.63 -21.59
H392 MC3 KC . -40.44 14.02 -22.96
H401 MC3 KC . -41.18 12.01 -23.49
H402 MC3 KC . -39.73 11.62 -23.07
C1 ACD LC . -38.49 -6.18 -31.00
C2 ACD LC . -37.14 -5.51 -30.69
C3 ACD LC . -36.19 -6.31 -29.80
C4 ACD LC . -34.94 -5.52 -29.43
C5 ACD LC . -33.67 -6.15 -29.94
C6 ACD LC . -32.43 -5.67 -29.87
C7 ACD LC . -31.99 -4.36 -29.26
C8 ACD LC . -30.54 -4.43 -28.87
C9 ACD LC . -29.94 -5.33 -28.10
C10 ACD LC . -30.57 -6.52 -27.42
C11 ACD LC . -30.24 -7.78 -28.16
C12 ACD LC . -29.62 -8.86 -27.68
C13 ACD LC . -29.12 -9.08 -26.28
C14 ACD LC . -27.94 -8.17 -26.00
C15 ACD LC . -26.65 -8.48 -25.99
C16 ACD LC . -26.00 -9.80 -26.25
C17 ACD LC . -25.00 -9.73 -27.40
C18 ACD LC . -24.22 -11.02 -27.60
C19 ACD LC . -23.07 -10.89 -28.58
C20 ACD LC . -21.71 -10.90 -27.91
O1 ACD LC . -38.60 -7.40 -30.76
O2 ACD LC . -39.37 -5.43 -31.47
H21 ACD LC . -37.32 -4.65 -30.28
H22 ACD LC . -36.70 -5.31 -31.53
H31 ACD LC . -35.95 -7.12 -30.26
H32 ACD LC . -36.65 -6.57 -28.99
H41 ACD LC . -34.88 -5.46 -28.47
H42 ACD LC . -35.02 -4.61 -29.75
H5 ACD LC . -33.79 -6.97 -30.34
H6 ACD LC . -31.75 -6.18 -30.23
H71 ACD LC . -32.53 -4.15 -28.49
H72 ACD LC . -32.15 -3.65 -29.90
H8 ACD LC . -30.02 -3.74 -29.22
H9 ACD LC . -29.03 -5.23 -27.94
H101 ACD LC . -31.53 -6.41 -27.37
H102 ACD LC . -30.25 -6.56 -26.50
H11 ACD LC . -30.50 -7.79 -29.05
H12 ACD LC . -29.49 -9.57 -28.26
H131 ACD LC . -28.84 -10.00 -26.16
H132 ACD LC . -29.84 -8.92 -25.65
H14 ACD LC . -28.19 -7.29 -25.81
H15 ACD LC . -26.07 -7.79 -25.79
H161 ACD LC . -25.56 -10.15 -25.46
H162 ACD LC . -26.69 -10.45 -26.48
H171 ACD LC . -24.38 -9.01 -27.24
H172 ACD LC . -25.47 -9.50 -28.22
H181 ACD LC . -24.83 -11.72 -27.91
H182 ACD LC . -23.88 -11.32 -26.74
H191 ACD LC . -23.18 -10.07 -29.09
H192 ACD LC . -23.12 -11.61 -29.24
H201 ACD LC . -20.99 -10.81 -28.55
H202 ACD LC . -21.63 -10.17 -27.28
H203 ACD LC . -21.57 -11.73 -27.43
C39 MC3 MC . -16.38 13.98 -39.29
C40 MC3 MC . -16.27 13.12 -40.54
C41 MC3 MC . -17.62 13.00 -41.22
C42 MC3 MC . -17.77 11.70 -41.96
C43 MC3 MC . -19.26 11.48 -42.12
C44 MC3 MC . -19.62 10.17 -42.77
C35 MC3 NC . -47.17 4.37 -30.07
C36 MC3 NC . -48.66 4.58 -29.85
C37 MC3 NC . -49.53 4.12 -31.00
C38 MC3 NC . -50.99 4.45 -30.67
C39 MC3 NC . -51.96 4.33 -31.85
C40 MC3 NC . -53.41 4.47 -31.38
C41 MC3 NC . -54.40 4.62 -32.53
C42 MC3 NC . -54.52 3.36 -33.36
C31 MC3 OC . 8.59 -19.13 -31.61
C32 MC3 OC . 8.52 -18.04 -32.64
C33 MC3 OC . 7.33 -17.10 -32.62
C34 MC3 OC . 5.97 -17.71 -32.86
C35 MC3 OC . 5.63 -17.98 -34.28
C36 MC3 OC . 4.25 -18.51 -34.28
C37 MC3 OC . 3.87 -19.17 -35.56
C38 MC3 OC . 2.49 -19.67 -35.32
C39 MC3 OC . 1.83 -20.45 -36.42
C40 MC3 OC . 0.45 -20.64 -35.88
C41 MC3 OC . -0.56 -21.36 -36.72
C42 MC3 OC . -1.86 -21.42 -35.92
C43 MC3 OC . -2.08 -20.05 -35.31
C44 MC3 OC . -3.43 -19.77 -34.73
C31 MC3 PC . 9.00 -22.41 -33.79
C32 MC3 PC . 8.45 -23.54 -34.62
C33 MC3 PC . 7.13 -23.11 -35.16
C34 MC3 PC . 6.55 -24.12 -36.10
C35 MC3 PC . 5.12 -23.76 -36.39
C36 MC3 PC . 4.52 -24.70 -37.42
C37 MC3 PC . 3.03 -24.51 -37.43
C38 MC3 PC . 2.36 -25.46 -38.34
C39 MC3 PC . 0.95 -25.02 -38.26
C40 MC3 PC . 0.03 -25.71 -39.27
C41 MC3 PC . 0.56 -25.99 -40.65
C42 MC3 PC . -0.44 -26.74 -41.49
C33 MC3 QC . 3.62 -33.77 -14.30
C34 MC3 QC . 2.67 -34.97 -14.38
C35 MC3 QC . 2.36 -35.37 -15.81
C36 MC3 QC . 1.45 -36.59 -15.89
C37 MC3 QC . 1.01 -36.92 -17.31
C38 MC3 QC . -0.20 -37.86 -17.35
C39 MC3 QC . -0.89 -37.89 -18.70
C40 MC3 QC . -2.27 -38.55 -18.64
C41 MC3 QC . -2.94 -38.66 -20.00
C42 MC3 QC . -4.34 -39.26 -19.93
C43 MC3 QC . -4.97 -39.49 -21.30
H331 MC3 QC . 4.39 -34.01 -13.74
H332 MC3 QC . 3.97 -33.58 -15.18
H341 MC3 QC . 3.06 -35.71 -13.90
H342 MC3 QC . 1.85 -34.75 -13.92
H351 MC3 QC . 1.95 -34.63 -16.28
H352 MC3 QC . 3.18 -35.56 -16.28
H361 MC3 QC . 1.91 -37.35 -15.51
H362 MC3 QC . 0.66 -36.44 -15.34
H371 MC3 QC . 0.79 -36.11 -17.79
H372 MC3 QC . 1.75 -37.33 -17.79
H381 MC3 QC . 0.10 -38.76 -17.12
H382 MC3 QC . -0.83 -37.61 -16.67
H391 MC3 QC . -0.98 -36.99 -19.04
H392 MC3 QC . -0.35 -38.37 -19.34
H401 MC3 QC . -2.83 -38.04 -18.04
H402 MC3 QC . -2.19 -39.43 -18.24
H411 MC3 QC . -2.99 -37.79 -20.42
H412 MC3 QC . -2.39 -39.20 -20.59
H421 MC3 QC . -4.30 -40.11 -19.44
H422 MC3 QC . -4.91 -38.68 -19.41
H431 MC3 QC . -5.61 -38.78 -21.47
H432 MC3 QC . -4.29 -39.41 -21.98
C32 MC3 RC . 6.91 -34.37 -17.44
C33 MC3 RC . 6.77 -34.98 -18.82
C34 MC3 RC . 5.50 -35.84 -18.93
C35 MC3 RC . 5.08 -36.19 -20.35
C36 MC3 RC . 6.00 -37.08 -21.13
C37 MC3 RC . 5.19 -38.08 -21.91
C38 MC3 RC . 5.85 -38.62 -23.16
C39 MC3 RC . 4.95 -39.54 -23.98
C40 MC3 RC . 3.71 -38.80 -24.41
C41 MC3 RC . 3.11 -39.36 -25.67
C42 MC3 RC . 2.22 -40.55 -25.44
C43 MC3 RC . 1.45 -40.90 -26.70
C31 MC3 SC . 10.10 -17.80 -37.33
C32 MC3 SC . 8.60 -17.88 -37.48
C33 MC3 SC . 8.15 -18.31 -38.87
C34 MC3 SC . 6.73 -18.90 -38.83
C35 MC3 SC . 6.29 -19.45 -40.17
C36 MC3 SC . 4.87 -20.01 -40.14
C37 MC3 SC . 4.41 -20.62 -41.45
C38 MC3 SC . 2.99 -21.15 -41.39
C39 MC3 SC . 2.47 -21.65 -42.74
C40 MC3 SC . 0.96 -21.86 -42.74
H321 MC3 SC . 8.23 -17.01 -37.27
H322 MC3 SC . 8.27 -18.48 -36.81
H331 MC3 SC . 8.17 -17.57 -39.47
H332 MC3 SC . 8.76 -18.97 -39.22
H341 MC3 SC . 6.12 -18.21 -38.54
H342 MC3 SC . 6.70 -19.60 -38.17
H351 MC3 SC . 6.90 -20.14 -40.46
H352 MC3 SC . 6.33 -18.75 -40.84
H361 MC3 SC . 4.81 -20.68 -39.43
H362 MC3 SC . 4.25 -19.31 -39.88
H371 MC3 SC . 4.49 -19.95 -42.16
H372 MC3 SC . 5.01 -21.34 -41.70
H381 MC3 SC . 2.94 -21.86 -40.75
H382 MC3 SC . 2.40 -20.44 -41.07
H391 MC3 SC . 2.71 -21.01 -43.43
H392 MC3 SC . 2.91 -22.49 -42.97
H401 MC3 SC . 0.74 -22.57 -43.37
H402 MC3 SC . 0.67 -22.18 -41.87
C1 ACD TC . -17.93 -26.70 -38.02
C2 ACD TC . -17.02 -26.61 -36.80
C3 ACD TC . -17.47 -25.65 -35.70
C4 ACD TC . -16.44 -25.52 -34.58
C5 ACD TC . -16.96 -25.98 -33.25
C6 ACD TC . -16.29 -26.08 -32.11
C7 ACD TC . -14.85 -25.77 -31.86
C8 ACD TC . -14.60 -25.46 -30.41
C9 ACD TC . -15.23 -24.58 -29.63
C10 ACD TC . -16.35 -23.65 -30.04
C11 ACD TC . -17.67 -24.15 -29.53
C12 ACD TC . -18.52 -23.52 -28.74
C13 ACD TC . -18.39 -22.15 -28.15
C14 ACD TC . -17.28 -22.11 -27.13
C15 ACD TC . -17.37 -22.13 -25.81
C16 ACD TC . -18.61 -22.18 -24.96
C17 ACD TC . -18.60 -23.39 -24.02
C18 ACD TC . -19.78 -23.39 -23.06
C19 ACD TC . -19.67 -24.46 -21.98
C20 ACD TC . -19.33 -23.89 -20.61
O1 ACD TC . -19.08 -26.24 -37.93
O2 ACD TC . -17.43 -27.24 -39.03
H21 ACD TC . -16.13 -26.36 -37.10
H22 ACD TC . -16.91 -27.50 -36.43
H31 ACD TC . -18.31 -25.96 -35.34
H32 ACD TC . -17.65 -24.78 -36.09
H41 ACD TC . -16.19 -24.59 -34.50
H42 ACD TC . -15.63 -26.00 -34.82
H5 ACD TC . -17.86 -26.21 -33.23
H6 ACD TC . -16.76 -26.39 -31.36
H71 ACD TC . -14.57 -25.00 -32.39
H72 ACD TC . -14.30 -26.52 -32.15
H8 ACD TC . -13.93 -25.97 -30.02
H9 ACD TC . -14.96 -24.50 -28.76
H101 ACD TC . -16.39 -23.55 -31.00
H102 ACD TC . -16.16 -22.76 -29.68
H11 ACD TC . -17.89 -25.01 -29.82
H12 ACD TC . -19.31 -23.97 -28.51
H131 ACD TC . -19.22 -21.87 -27.72
H132 ACD TC . -18.23 -21.51 -28.86
H14 ACD TC . -16.42 -22.08 -27.51
H15 ACD TC . -16.57 -22.10 -25.33
H161 ACD TC . -18.72 -21.37 -24.45
H162 ACD TC . -19.38 -22.24 -25.55
H171 ACD TC . -17.77 -23.41 -23.52
H172 ACD TC . -18.62 -24.21 -24.55
H181 ACD TC . -20.61 -23.52 -23.55
H182 ACD TC . -19.85 -22.52 -22.64
H191 ACD TC . -18.99 -25.10 -22.23
H192 ACD TC . -20.50 -24.96 -21.93
H201 ACD TC . -19.27 -24.58 -19.93
H202 ACD TC . -18.50 -23.40 -20.63
H203 ACD TC . -20.02 -23.26 -20.32
C39 MC3 UC . 3.35 -40.05 -19.80
C40 MC3 UC . 2.30 -41.12 -19.59
C41 MC3 UC . 1.85 -41.68 -20.93
C42 MC3 UC . 0.41 -42.15 -20.89
C43 MC3 UC . -0.07 -42.17 -22.33
C44 MC3 UC . -1.52 -42.53 -22.49
C35 MC3 VC . -8.86 -27.21 -48.27
C36 MC3 VC . -8.84 -26.92 -49.76
C37 MC3 VC . -9.64 -27.91 -50.59
C38 MC3 VC . -9.49 -27.55 -52.08
C39 MC3 VC . -9.98 -28.62 -53.04
C40 MC3 VC . -9.97 -28.09 -54.48
C41 MC3 VC . -10.21 -29.18 -55.53
C42 MC3 VC . -11.62 -29.75 -55.46
C31 MC3 WC . -0.35 -37.07 -8.02
C32 MC3 WC . 0.54 -37.12 -9.24
C33 MC3 WC . 0.31 -36.10 -10.35
C34 MC3 WC . -1.03 -36.14 -11.05
C35 MC3 WC . -1.16 -37.19 -12.09
C36 MC3 WC . -2.51 -37.00 -12.67
C37 MC3 WC . -2.97 -38.16 -13.49
C38 MC3 WC . -4.35 -37.79 -13.93
C39 MC3 WC . -5.13 -38.80 -14.72
C40 MC3 WC . -6.34 -38.02 -15.09
C41 MC3 WC . -7.39 -38.68 -15.95
C42 MC3 WC . -8.52 -37.67 -16.14
C43 MC3 WC . -7.88 -36.34 -16.46
C44 MC3 WC . -8.78 -35.26 -16.99
C31 MC3 XC . -1.80 -40.75 -7.84
C32 MC3 XC . -2.79 -41.81 -8.23
C33 MC3 XC . -3.34 -41.46 -9.57
C34 MC3 XC . -4.25 -42.52 -10.11
C35 MC3 XC . -4.97 -41.98 -11.31
C36 MC3 XC . -5.82 -43.05 -11.96
C37 MC3 XC . -6.76 -42.40 -12.92
C38 MC3 XC . -7.71 -43.37 -13.53
C39 MC3 XC . -8.43 -42.54 -14.51
C40 MC3 XC . -9.36 -43.33 -15.43
C41 MC3 XC . -8.90 -44.67 -15.93
C42 MC3 XC . -9.95 -45.35 -16.77
C33 MC3 YC . -17.11 -31.84 7.13
C34 MC3 YC . -18.58 -32.28 7.04
C35 MC3 YC . -18.79 -33.42 6.06
C36 MC3 YC . -20.24 -33.88 6.00
C37 MC3 YC . -20.50 -34.93 4.93
C38 MC3 YC . -21.98 -35.08 4.59
C39 MC3 YC . -22.23 -35.80 3.27
C40 MC3 YC . -23.67 -35.64 2.78
C41 MC3 YC . -23.96 -36.43 1.51
C42 MC3 YC . -25.38 -36.23 1.00
C43 MC3 YC . -25.71 -37.10 -0.21
H331 MC3 YC . -16.83 -31.88 8.07
H332 MC3 YC . -16.56 -32.48 6.66
H341 MC3 YC . -18.89 -32.54 7.92
H342 MC3 YC . -19.11 -31.52 6.77
H351 MC3 YC . -18.50 -33.15 5.18
H352 MC3 YC . -18.23 -34.17 6.31
H361 MC3 YC . -20.50 -34.24 6.86
H362 MC3 YC . -20.81 -33.11 5.84
H371 MC3 YC . -20.01 -34.69 4.12
H372 MC3 YC . -20.15 -35.79 5.21
H381 MC3 YC . -22.42 -35.57 5.31
H382 MC3 YC . -22.40 -34.21 4.57
H391 MC3 YC . -21.62 -35.45 2.60
H392 MC3 YC . -22.02 -36.74 3.37
H401 MC3 YC . -23.85 -34.70 2.63
H402 MC3 YC . -24.28 -35.93 3.48
H411 MC3 YC . -23.33 -36.17 0.83
H412 MC3 YC . -23.81 -37.37 1.67
H421 MC3 YC . -26.01 -36.41 1.71
H422 MC3 YC . -25.50 -35.30 0.76
H431 MC3 YC . -25.67 -36.56 -1.01
H432 MC3 YC . -25.03 -37.78 -0.31
C32 MC3 ZC . -14.53 -35.63 7.22
C33 MC3 ZC . -14.77 -36.92 6.46
C34 MC3 ZC . -16.22 -37.06 6.01
C35 MC3 ZC . -16.48 -38.12 4.95
C36 MC3 ZC . -16.26 -39.55 5.37
C37 MC3 ZC . -17.36 -40.41 4.78
C38 MC3 ZC . -17.00 -41.87 4.56
C39 MC3 ZC . -18.10 -42.67 3.87
C40 MC3 ZC . -18.39 -42.08 2.52
C41 MC3 ZC . -18.96 -43.08 1.55
C42 MC3 ZC . -20.44 -43.30 1.70
C43 MC3 ZC . -20.97 -44.13 0.55
C31 MC3 AD . 2.76 -40.87 -11.59
C32 MC3 AD . 1.66 -40.48 -12.55
C33 MC3 AD . 1.32 -41.55 -13.57
C34 MC3 AD . -0.08 -41.36 -14.13
C35 MC3 AD . -0.51 -42.48 -15.06
C36 MC3 AD . -1.91 -42.27 -15.64
C37 MC3 AD . -2.38 -43.41 -16.53
C38 MC3 AD . -3.77 -43.16 -17.11
C39 MC3 AD . -4.21 -44.22 -18.11
C40 MC3 AD . -5.44 -43.81 -18.91
H321 MC3 AD . 1.93 -39.66 -13.00
H322 MC3 AD . 0.89 -40.24 -12.02
H331 MC3 AD . 1.96 -41.54 -14.30
H332 MC3 AD . 1.39 -42.43 -13.15
H341 MC3 AD . -0.13 -40.51 -14.60
H342 MC3 AD . -0.72 -41.30 -13.40
H351 MC3 AD . -0.48 -43.32 -14.59
H352 MC3 AD . 0.12 -42.55 -15.80
H361 MC3 AD . -2.53 -42.16 -14.90
H362 MC3 AD . -1.93 -41.44 -16.13
H371 MC3 AD . -1.74 -43.53 -17.26
H372 MC3 AD . -2.38 -44.24 -16.03
H381 MC3 AD . -4.41 -43.12 -16.38
H382 MC3 AD . -3.79 -42.29 -17.54
H391 MC3 AD . -3.48 -44.42 -18.71
H392 MC3 AD . -4.41 -45.05 -17.64
H401 MC3 AD . -5.94 -44.60 -19.16
H402 MC3 AD . -6.02 -43.28 -18.35
C1 ACD BD . -23.15 -36.47 -24.79
C2 ACD BD . -22.68 -35.88 -23.46
C3 ACD BD . -22.59 -34.35 -23.40
C4 ACD BD . -21.98 -33.85 -22.09
C5 ACD BD . -22.92 -33.00 -21.30
C6 ACD BD . -22.74 -32.50 -20.07
C7 ACD BD . -21.54 -32.67 -19.19
C8 ACD BD . -21.45 -31.54 -18.19
C9 ACD BD . -21.46 -30.23 -18.43
C10 ACD BD . -21.56 -29.54 -19.77
C11 ACD BD . -22.95 -29.01 -19.98
C12 ACD BD . -23.30 -27.75 -20.22
C13 ACD BD . -22.40 -26.56 -20.35
C14 ACD BD . -21.78 -26.23 -19.02
C15 ACD BD . -22.12 -25.26 -18.16
C16 ACD BD . -23.21 -24.24 -18.30
C17 ACD BD . -24.20 -24.31 -17.13
C18 ACD BD . -25.24 -23.19 -17.17
C19 ACD BD . -26.09 -23.12 -15.91
C20 ACD BD . -25.74 -21.92 -15.04
O1 ACD BD . -23.69 -35.70 -25.62
O2 ACD BD . -22.96 -37.69 -24.95
H21 ACD BD . -21.81 -36.26 -23.25
H22 ACD BD . -23.28 -36.18 -22.76
H31 ACD BD . -23.47 -33.97 -23.52
H32 ACD BD . -22.05 -34.04 -24.15
H41 ACD BD . -21.19 -33.33 -22.29
H42 ACD BD . -21.67 -34.61 -21.56
H5 ACD BD . -23.73 -32.80 -21.72
H6 ACD BD . -23.42 -31.98 -19.71
H71 ACD BD . -20.73 -32.69 -19.71
H72 ACD BD . -21.59 -33.52 -18.74
H8 ACD BD . -21.38 -31.82 -17.31
H9 ACD BD . -21.39 -29.66 -17.71
H101 ACD BD . -21.34 -30.16 -20.48
H102 ACD BD . -20.90 -28.83 -19.80
H11 ACD BD . -23.62 -29.65 -19.94
H12 ACD BD . -24.21 -27.58 -20.34
H131 ACD BD . -22.89 -25.79 -20.66
H132 ACD BD . -21.72 -26.73 -21.01
H14 ACD BD . -21.07 -26.78 -18.77
H15 ACD BD . -21.63 -25.20 -17.38
H161 ACD BD . -22.85 -23.34 -18.37
H162 ACD BD . -23.70 -24.41 -19.13
H171 ACD BD . -23.72 -24.27 -16.30
H172 ACD BD . -24.65 -25.17 -17.15
H181 ACD BD . -25.82 -23.32 -17.95
H182 ACD BD . -24.79 -22.35 -17.31
H191 ACD BD . -25.98 -23.94 -15.41
H192 ACD BD . -27.02 -23.08 -16.16
H201 ACD BD . -26.28 -21.89 -14.24
H202 ACD BD . -24.81 -21.95 -14.76
H203 ACD BD . -25.87 -21.09 -15.51
C39 MC3 CD . -20.41 -39.44 5.98
C40 MC3 CD . -21.93 -39.54 5.97
C41 MC3 CD . -22.36 -40.66 5.03
C42 MC3 CD . -23.70 -40.39 4.42
C43 MC3 CD . -23.77 -41.24 3.17
C44 MC3 CD . -25.03 -41.05 2.35
C35 MC3 DD . -14.96 -47.34 -26.15
C36 MC3 DD . -14.45 -48.23 -27.27
C37 MC3 DD . -15.53 -49.12 -27.88
C38 MC3 DD . -14.88 -50.01 -28.95
C39 MC3 DD . -15.75 -51.17 -29.44
C40 MC3 DD . -15.11 -51.86 -30.64
C41 MC3 DD . -15.79 -53.17 -31.01
C42 MC3 DD . -17.20 -52.97 -31.55
#